data_7P78
#
_entry.id   7P78
#
_cell.length_a   1.00
_cell.length_b   1.00
_cell.length_c   1.00
_cell.angle_alpha   90.00
_cell.angle_beta   90.00
_cell.angle_gamma   90.00
#
_symmetry.space_group_name_H-M   'P 1'
#
loop_
_entity.id
_entity.type
_entity.pdbx_description
1 polymer 'Spike glycoprotein'
2 polymer sybody#15
3 polymer sybody#68
4 branched 2-acetamido-2-deoxy-beta-D-glucopyranose-(1-4)-2-acetamido-2-deoxy-beta-D-glucopyranose
5 branched beta-D-mannopyranose-(1-4)-2-acetamido-2-deoxy-beta-D-glucopyranose-(1-4)-2-acetamido-2-deoxy-beta-D-glucopyranose
6 branched 2-acetamido-2-deoxy-beta-D-glucopyranose-(1-4)-2-acetamido-2-deoxy-beta-D-glucopyranose-(5-4)-2-acetamido-2-deoxy-beta-D-glucopyranose
7 non-polymer 2-acetamido-2-deoxy-beta-D-glucopyranose
#
loop_
_entity_poly.entity_id
_entity_poly.type
_entity_poly.pdbx_seq_one_letter_code
_entity_poly.pdbx_strand_id
1 'polypeptide(L)'
;MFVFLVLLPLVSSQCVNLTTRTQLPPAYTNSFTRGVYYPDKVFRSSVLHSTQDLFLPFFSNVTWFHAIHVSGTNGTKRFD
NPVLPFNDGVYFASTEKSNIIRGWIFGTTLDSKTQSLLIVNNATNVVIKVCEFQFCNDPFLGVYYHKNNKSWMESEFRVY
SSANNCTFEYVSQPFLMDLEGKQGNFKNLREFVFKNIDGYFKIYSKHTPINLVRDLPQGFSALEPLVDLPIGINITRFQT
LLALHRSYLTPGDSSSGWTAGAAAYYVGYLQPRTFLLKYNENGTITDAVDCALDPLSETKCTLKSFTVEKGIYQTSNFRV
QPTESIVRFPNITNLCPFGEVFNATRFASVYAWNRKRISNCVADYSVLYNSASFSTFKCYGVSPTKLNDLCFTNVYADSF
VIRGDEVRQIAPGQTGKIADYNYKLPDDFTGCVIAWNSNNLDSKVGGNYNYLYRLFRKSNLKPFERDISTEIYQAGSTPC
NGVEGFNCYFPLQSYGFQPTNGVGYQPYRVVVLSFELLHAPATVCGPKKSTNLVKNKCVNFNFNGLTGTGVLTESNKKFL
PFQQFGRDIADTTDAVRDPQTLEILDITPCSFGGVSVITPGTNTSNQVAVLYQDVNCTEVPVAIHADQLTPTWRVYSTGS
NVFQTRAGCLIGAEHVNNSYECDIPIGAGICASYQTQTNSPGSASSVASQSIIAYTMSLGAENSVAYSNNSIAIPTNFTI
SVTTEILPVSMTKTSVDCTMYICGDSTECSNLLLQYGSFCTQLNRALTGIAVEQDKNTQEVFAQVKQIYKTPPIKDFGGF
NFSQILPDPSKPSKRSFIEDLLFNKVTLADAGFIKQYGDCLGDIAARDLICAQKFNGLTVLPPLLTDEMIAQYTSALLAG
TITSGWTFGAGAALQIPFAMQMAYRFNGIGVTQNVLYENQKLIANQFNSAIGKIQDSLSSTASALGKLQDVVNQNAQALN
TLVKQLSSNFGAISSVLNDILSRLDPPEAEVQIDRLITGRLQSLQTYVTQQLIRAAEIRASANLAATKMSECVLGQSKRV
DFCGKGYHLMSFPQSAPHGVVFLHVTYVPAQEKNFTTAPAICHDGKAHFPREGVFVSNGTHWFVTQRNFYEPQIITTDNT
FVSGNCDVVIGIVNNTVYDPLQPELDSFKEELDKYFKNHTSPDVDLGDISGINASVVNIQKEIDRLNEVAKNLNESLIDL
QELGKYEQGSGYIPEAPRDGQAYVRKDGEWVLLSTFLGRSLEVLFQGPGHHHHHHHHSAWSHPQFEKGGGSGGGGSGGSA
WSHPQFEK
;
C,E,A
2 'polypeptide(L)'
;QVQLVESGGGLVQAGGSLRLSCAASGFPVKNFEMEWYRKAPGKEREWVAAIQSGGVETYYADSVKGRFTISRDNAKNTVY
LQMNSLKPEDTAVYYCFVYVGRSYIGQGTQVTVS
;
B,D,H
3 'polypeptide(L)'
;QVQLVESGGGSVQAGGSLRLSCAASGSISSITYLGWFRQAPGKEREGVAALITVNGHTYYADSVKGRFTVSLDNAKNTVY
LQMNSLKPEDTALYYCAAAAWGYAWPLHQDDYWYWGQGTQVTVS
;
W,Y
#
# COMPACT_ATOMS: atom_id res chain seq x y z
N PRO A 26 15.31 -29.97 -48.21
CA PRO A 26 16.69 -30.44 -48.40
C PRO A 26 17.69 -29.30 -48.57
N ALA A 27 18.97 -29.60 -48.32
CA ALA A 27 20.13 -28.70 -48.50
C ALA A 27 19.99 -27.42 -47.68
N TYR A 28 19.98 -27.59 -46.35
CA TYR A 28 19.85 -26.46 -45.44
C TYR A 28 21.23 -25.90 -45.08
N THR A 29 21.22 -24.68 -44.55
CA THR A 29 22.45 -23.96 -44.24
C THR A 29 22.28 -23.37 -42.84
N ASN A 30 23.38 -23.25 -42.11
CA ASN A 30 23.39 -22.65 -40.78
C ASN A 30 23.48 -21.13 -40.91
N SER A 31 23.40 -20.45 -39.77
CA SER A 31 23.47 -19.00 -39.70
C SER A 31 24.53 -18.60 -38.68
N PHE A 32 25.73 -18.26 -39.17
CA PHE A 32 26.87 -17.93 -38.32
C PHE A 32 26.81 -16.44 -37.97
N THR A 33 26.13 -16.17 -36.84
CA THR A 33 25.99 -14.85 -36.18
C THR A 33 25.41 -13.79 -37.12
N ARG A 34 24.45 -14.22 -37.93
CA ARG A 34 24.02 -13.47 -39.10
C ARG A 34 22.57 -13.04 -38.92
N GLY A 35 22.24 -11.84 -39.41
CA GLY A 35 20.86 -11.43 -39.47
C GLY A 35 20.36 -10.51 -38.37
N VAL A 36 21.06 -9.39 -38.16
CA VAL A 36 20.63 -8.35 -37.25
C VAL A 36 20.53 -7.02 -38.00
N TYR A 37 19.46 -6.27 -37.72
CA TYR A 37 19.24 -4.94 -38.26
C TYR A 37 19.20 -3.92 -37.13
N TYR A 38 19.02 -2.66 -37.51
CA TYR A 38 19.00 -1.58 -36.55
C TYR A 38 17.59 -1.49 -35.97
N PRO A 39 17.42 -1.49 -34.64
CA PRO A 39 16.07 -1.64 -34.08
C PRO A 39 15.24 -0.38 -33.99
N ASP A 40 15.85 0.80 -34.00
CA ASP A 40 15.11 2.01 -33.71
C ASP A 40 15.67 3.15 -34.56
N LYS A 41 15.36 4.38 -34.16
CA LYS A 41 15.75 5.58 -34.88
C LYS A 41 16.31 6.67 -33.97
N VAL A 42 16.80 6.30 -32.79
CA VAL A 42 17.39 7.26 -31.86
C VAL A 42 18.89 7.04 -31.82
N PHE A 43 19.64 8.13 -31.99
CA PHE A 43 21.10 8.11 -31.99
C PHE A 43 21.62 8.17 -30.57
N ARG A 44 22.26 7.09 -30.12
CA ARG A 44 22.92 7.05 -28.83
C ARG A 44 24.37 6.69 -29.05
N SER A 45 25.26 7.26 -28.24
CA SER A 45 26.70 7.09 -28.42
C SER A 45 27.29 6.41 -27.20
N SER A 46 28.05 5.33 -27.45
CA SER A 46 28.87 4.57 -26.48
C SER A 46 28.04 4.03 -25.31
N VAL A 47 27.11 3.14 -25.66
CA VAL A 47 26.18 2.59 -24.68
C VAL A 47 25.92 1.13 -25.02
N LEU A 48 25.80 0.31 -23.98
CA LEU A 48 25.25 -1.03 -24.09
C LEU A 48 23.79 -0.98 -23.68
N HIS A 49 22.91 -1.48 -24.55
CA HIS A 49 21.48 -1.33 -24.37
C HIS A 49 20.78 -2.67 -24.60
N SER A 50 19.65 -2.87 -23.93
CA SER A 50 18.88 -4.10 -24.02
C SER A 50 17.57 -3.81 -24.73
N THR A 51 17.23 -4.63 -25.72
CA THR A 51 16.05 -4.44 -26.55
C THR A 51 15.49 -5.82 -26.89
N GLN A 52 14.16 -5.93 -26.92
CA GLN A 52 13.48 -7.16 -27.32
C GLN A 52 12.81 -6.91 -28.66
N ASP A 53 13.29 -7.58 -29.71
CA ASP A 53 12.73 -7.39 -31.04
C ASP A 53 12.87 -8.70 -31.82
N LEU A 54 12.55 -8.63 -33.11
CA LEU A 54 12.33 -9.80 -33.96
C LEU A 54 13.57 -10.06 -34.80
N PHE A 55 14.31 -11.14 -34.50
CA PHE A 55 15.53 -11.47 -35.24
C PHE A 55 15.68 -12.97 -35.42
N LEU A 56 16.77 -13.36 -36.10
CA LEU A 56 16.97 -14.73 -36.56
C LEU A 56 17.52 -15.57 -35.41
N PRO A 57 17.12 -16.83 -35.25
CA PRO A 57 17.86 -17.73 -34.35
C PRO A 57 19.25 -18.04 -34.88
N PHE A 58 20.20 -18.13 -33.95
CA PHE A 58 21.58 -18.35 -34.34
C PHE A 58 21.81 -19.84 -34.60
N PHE A 59 22.58 -20.12 -35.66
CA PHE A 59 22.80 -21.46 -36.25
C PHE A 59 21.48 -22.14 -36.63
N SER A 60 20.52 -21.37 -37.14
CA SER A 60 19.25 -21.94 -37.55
C SER A 60 19.36 -22.55 -38.94
N ASN A 61 18.54 -23.56 -39.18
CA ASN A 61 18.55 -24.31 -40.43
C ASN A 61 17.73 -23.55 -41.47
N VAL A 62 18.39 -22.62 -42.18
CA VAL A 62 17.77 -21.87 -43.25
C VAL A 62 18.18 -22.51 -44.57
N THR A 63 17.42 -22.25 -45.63
CA THR A 63 17.46 -23.11 -46.80
C THR A 63 18.35 -22.57 -47.90
N TRP A 64 18.66 -23.44 -48.87
CA TRP A 64 19.46 -23.11 -50.03
C TRP A 64 18.87 -23.81 -51.24
N PHE A 65 18.75 -23.10 -52.36
CA PHE A 65 18.27 -23.68 -53.61
C PHE A 65 19.17 -23.24 -54.76
N HIS A 66 18.89 -23.80 -55.94
CA HIS A 66 19.62 -23.44 -57.15
C HIS A 66 18.78 -22.56 -58.07
N PHE A 79 14.64 -23.51 -63.04
CA PHE A 79 15.14 -24.71 -62.37
C PHE A 79 14.43 -24.92 -61.03
N ASP A 80 14.62 -23.98 -60.11
CA ASP A 80 14.02 -24.05 -58.79
C ASP A 80 13.33 -22.73 -58.48
N ASN A 81 12.01 -22.78 -58.26
CA ASN A 81 11.24 -21.60 -57.87
C ASN A 81 10.14 -21.99 -56.89
N PRO A 82 10.42 -22.11 -55.59
CA PRO A 82 9.43 -22.62 -54.65
C PRO A 82 8.55 -21.50 -54.09
N VAL A 83 7.53 -21.92 -53.34
CA VAL A 83 6.69 -21.03 -52.55
C VAL A 83 6.84 -21.44 -51.08
N LEU A 84 7.04 -20.46 -50.21
CA LEU A 84 7.36 -20.68 -48.82
C LEU A 84 6.66 -19.66 -47.92
N PRO A 85 6.27 -20.04 -46.71
CA PRO A 85 5.46 -19.14 -45.88
C PRO A 85 6.25 -17.99 -45.28
N PHE A 86 5.51 -17.08 -44.64
CA PHE A 86 6.03 -15.79 -44.18
C PHE A 86 6.70 -15.90 -42.81
N ASN A 87 5.98 -16.48 -41.85
CA ASN A 87 6.43 -16.78 -40.47
C ASN A 87 6.85 -15.51 -39.73
N ASP A 88 6.02 -14.47 -39.87
CA ASP A 88 5.98 -13.24 -39.10
C ASP A 88 7.21 -12.33 -39.25
N GLY A 89 8.12 -12.62 -40.17
CA GLY A 89 9.30 -11.81 -40.37
C GLY A 89 10.32 -12.55 -41.21
N VAL A 90 10.92 -11.83 -42.15
CA VAL A 90 11.79 -12.42 -43.16
C VAL A 90 13.12 -11.67 -43.17
N TYR A 91 14.22 -12.40 -43.04
CA TYR A 91 15.53 -11.86 -43.36
C TYR A 91 16.08 -12.62 -44.57
N PHE A 92 16.40 -11.89 -45.64
CA PHE A 92 16.75 -12.47 -46.93
C PHE A 92 18.21 -12.20 -47.26
N ALA A 93 18.85 -13.15 -47.94
CA ALA A 93 20.19 -12.97 -48.48
C ALA A 93 20.27 -13.52 -49.91
N SER A 94 21.25 -13.04 -50.67
CA SER A 94 21.48 -13.55 -52.01
C SER A 94 22.95 -13.39 -52.36
N THR A 95 23.53 -14.46 -52.91
CA THR A 95 24.92 -14.46 -53.39
C THR A 95 24.93 -14.67 -54.88
N GLU A 96 25.55 -13.75 -55.62
CA GLU A 96 25.57 -13.82 -57.07
C GLU A 96 26.92 -13.39 -57.63
N LYS A 97 27.21 -13.91 -58.83
CA LYS A 97 28.19 -13.32 -59.73
C LYS A 97 27.52 -12.43 -60.77
N SER A 98 26.48 -12.91 -61.43
CA SER A 98 25.67 -12.13 -62.35
C SER A 98 24.25 -12.02 -61.80
N ASN A 99 23.55 -10.98 -62.24
CA ASN A 99 22.22 -10.67 -61.72
C ASN A 99 21.16 -11.64 -62.27
N ILE A 100 20.77 -12.62 -61.47
CA ILE A 100 19.81 -13.62 -61.91
C ILE A 100 18.43 -13.38 -61.30
N ILE A 101 18.34 -13.24 -59.98
CA ILE A 101 17.04 -13.06 -59.35
C ILE A 101 16.62 -11.60 -59.49
N ARG A 102 15.39 -11.39 -59.94
CA ARG A 102 14.87 -10.05 -60.21
C ARG A 102 13.92 -9.57 -59.12
N GLY A 103 12.83 -10.28 -58.91
CA GLY A 103 11.76 -9.78 -58.07
C GLY A 103 10.98 -10.89 -57.42
N TRP A 104 9.85 -10.52 -56.83
CA TRP A 104 9.06 -11.44 -56.04
C TRP A 104 7.59 -11.10 -56.21
N ILE A 105 6.74 -12.05 -55.84
CA ILE A 105 5.30 -11.83 -55.76
C ILE A 105 4.90 -11.95 -54.29
N PHE A 106 4.55 -10.84 -53.67
CA PHE A 106 4.13 -10.81 -52.27
C PHE A 106 2.61 -10.85 -52.21
N GLY A 107 2.06 -11.82 -51.50
CA GLY A 107 0.62 -11.93 -51.42
C GLY A 107 0.18 -13.11 -50.57
N THR A 108 -1.14 -13.20 -50.42
CA THR A 108 -1.76 -14.20 -49.53
C THR A 108 -2.24 -15.43 -50.29
N THR A 109 -3.10 -15.26 -51.29
CA THR A 109 -3.66 -16.39 -52.01
C THR A 109 -3.22 -16.48 -53.47
N LEU A 110 -2.49 -15.46 -53.97
CA LEU A 110 -1.84 -15.41 -55.29
C LEU A 110 -2.86 -15.49 -56.44
N ASP A 111 -4.10 -15.05 -56.19
CA ASP A 111 -5.19 -15.22 -57.12
C ASP A 111 -5.97 -13.92 -57.25
N SER A 112 -7.16 -14.01 -57.86
CA SER A 112 -7.98 -12.85 -58.17
C SER A 112 -9.00 -12.54 -57.08
N LYS A 113 -8.70 -12.85 -55.82
CA LYS A 113 -9.56 -12.50 -54.71
C LYS A 113 -8.86 -11.70 -53.62
N THR A 114 -7.57 -11.90 -53.40
CA THR A 114 -6.82 -11.16 -52.40
C THR A 114 -5.72 -10.37 -53.09
N GLN A 115 -5.58 -9.11 -52.69
CA GLN A 115 -4.66 -8.18 -53.35
C GLN A 115 -3.21 -8.53 -53.03
N SER A 116 -2.34 -8.32 -54.01
CA SER A 116 -0.96 -8.77 -53.94
C SER A 116 -0.02 -7.60 -54.19
N LEU A 117 1.11 -7.61 -53.50
CA LEU A 117 2.15 -6.60 -53.65
C LEU A 117 3.23 -7.15 -54.57
N LEU A 118 3.77 -6.29 -55.43
CA LEU A 118 4.73 -6.75 -56.42
C LEU A 118 5.86 -5.74 -56.56
N ILE A 119 7.09 -6.23 -56.39
CA ILE A 119 8.30 -5.45 -56.60
C ILE A 119 9.20 -6.24 -57.55
N VAL A 120 9.47 -5.66 -58.73
CA VAL A 120 10.32 -6.30 -59.71
C VAL A 120 11.47 -5.36 -60.06
N ASN A 121 12.70 -5.86 -59.89
CA ASN A 121 13.91 -5.15 -60.28
C ASN A 121 14.24 -5.48 -61.72
N ASN A 122 14.68 -4.47 -62.47
CA ASN A 122 15.18 -4.66 -63.82
C ASN A 122 16.35 -3.69 -64.02
N ALA A 123 16.65 -3.37 -65.29
CA ALA A 123 17.89 -2.73 -65.71
C ALA A 123 18.14 -1.34 -65.15
N THR A 124 17.13 -0.46 -65.14
CA THR A 124 17.38 0.93 -64.81
C THR A 124 16.61 1.41 -63.58
N ASN A 125 15.67 0.64 -63.06
CA ASN A 125 14.85 1.09 -61.95
C ASN A 125 14.31 -0.11 -61.19
N VAL A 126 13.44 0.17 -60.23
CA VAL A 126 12.54 -0.83 -59.64
C VAL A 126 11.14 -0.27 -59.69
N VAL A 127 10.14 -1.16 -59.70
CA VAL A 127 8.74 -0.78 -59.77
C VAL A 127 8.05 -1.37 -58.55
N ILE A 128 7.43 -0.51 -57.73
CA ILE A 128 6.73 -0.94 -56.52
C ILE A 128 5.26 -0.61 -56.69
N LYS A 129 4.42 -1.65 -56.78
CA LYS A 129 2.98 -1.47 -56.80
C LYS A 129 2.33 -2.49 -55.87
N VAL A 130 1.11 -2.20 -55.43
CA VAL A 130 0.20 -3.19 -54.86
C VAL A 130 -1.13 -3.11 -55.61
N CYS A 131 -1.58 -4.25 -56.13
CA CYS A 131 -2.76 -4.34 -57.00
C CYS A 131 -3.42 -5.69 -56.76
N GLU A 132 -4.29 -6.09 -57.70
CA GLU A 132 -4.89 -7.42 -57.75
C GLU A 132 -4.37 -8.12 -58.99
N PHE A 133 -3.90 -9.36 -58.83
CA PHE A 133 -3.16 -10.05 -59.88
C PHE A 133 -3.70 -11.44 -60.13
N GLN A 134 -3.11 -12.10 -61.12
CA GLN A 134 -3.38 -13.49 -61.47
C GLN A 134 -2.08 -14.09 -61.99
N PHE A 135 -1.46 -14.95 -61.18
CA PHE A 135 -0.16 -15.52 -61.54
C PHE A 135 -0.32 -16.73 -62.45
N CYS A 136 0.72 -16.99 -63.24
CA CYS A 136 0.74 -18.18 -64.08
C CYS A 136 1.21 -19.38 -63.26
N ASN A 137 1.21 -20.56 -63.90
CA ASN A 137 1.60 -21.79 -63.21
C ASN A 137 3.10 -21.84 -62.94
N ASP A 138 3.92 -21.41 -63.90
CA ASP A 138 5.37 -21.34 -63.73
C ASP A 138 5.84 -19.94 -64.13
N PRO A 139 5.81 -18.98 -63.20
CA PRO A 139 6.21 -17.61 -63.55
C PRO A 139 7.72 -17.47 -63.63
N PHE A 140 8.18 -16.89 -64.73
CA PHE A 140 9.60 -16.68 -64.98
C PHE A 140 9.75 -15.46 -65.87
N LEU A 141 10.95 -14.88 -65.87
CA LEU A 141 11.25 -13.72 -66.71
C LEU A 141 12.51 -13.96 -67.52
N MET A 153 15.55 -12.91 -76.25
CA MET A 153 16.62 -13.42 -75.40
C MET A 153 16.97 -12.41 -74.32
N GLU A 154 16.96 -11.13 -74.68
CA GLU A 154 17.29 -10.04 -73.77
C GLU A 154 16.07 -9.55 -73.00
N SER A 155 14.89 -10.08 -73.29
CA SER A 155 13.67 -9.67 -72.60
C SER A 155 12.69 -10.83 -72.60
N GLU A 156 12.05 -11.06 -71.45
CA GLU A 156 11.07 -12.11 -71.29
C GLU A 156 10.13 -11.71 -70.17
N PHE A 157 8.82 -11.76 -70.45
CA PHE A 157 7.83 -11.30 -69.47
C PHE A 157 6.57 -12.15 -69.65
N ARG A 158 6.44 -13.18 -68.81
CA ARG A 158 5.26 -14.03 -68.78
C ARG A 158 4.88 -14.36 -67.34
N VAL A 159 4.98 -13.37 -66.46
CA VAL A 159 4.71 -13.59 -65.04
C VAL A 159 3.22 -13.36 -64.70
N TYR A 160 2.55 -12.44 -65.39
CA TYR A 160 1.12 -12.25 -65.16
C TYR A 160 0.45 -11.79 -66.44
N SER A 161 -0.88 -11.91 -66.45
CA SER A 161 -1.74 -11.10 -67.31
C SER A 161 -2.97 -10.72 -66.48
N SER A 162 -2.82 -9.64 -65.70
CA SER A 162 -3.87 -9.09 -64.82
C SER A 162 -3.45 -7.72 -64.32
N ALA A 163 -4.31 -6.70 -64.51
CA ALA A 163 -3.95 -5.35 -64.10
C ALA A 163 -5.11 -4.63 -63.43
N ASN A 164 -5.99 -5.39 -62.77
CA ASN A 164 -7.17 -4.78 -62.15
C ASN A 164 -6.87 -4.36 -60.72
N ASN A 165 -7.57 -3.29 -60.28
CA ASN A 165 -7.73 -2.87 -58.88
C ASN A 165 -6.41 -2.48 -58.20
N CYS A 166 -5.72 -1.50 -58.78
CA CYS A 166 -4.46 -1.05 -58.21
C CYS A 166 -4.70 0.00 -57.13
N THR A 167 -3.80 0.04 -56.15
CA THR A 167 -3.99 0.91 -54.99
C THR A 167 -2.85 1.90 -54.80
N PHE A 168 -1.61 1.45 -54.97
CA PHE A 168 -0.44 2.27 -54.69
C PHE A 168 0.61 2.01 -55.76
N GLU A 169 1.41 3.04 -56.07
CA GLU A 169 2.49 2.93 -57.03
C GLU A 169 3.63 3.85 -56.62
N TYR A 170 4.85 3.36 -56.78
CA TYR A 170 6.05 4.11 -56.41
C TYR A 170 7.24 3.56 -57.18
N VAL A 171 8.12 4.45 -57.65
CA VAL A 171 9.31 4.09 -58.41
C VAL A 171 10.54 4.53 -57.63
N SER A 172 11.47 3.60 -57.44
CA SER A 172 12.72 3.86 -56.73
C SER A 172 13.88 3.44 -57.62
N GLN A 173 15.08 3.43 -57.04
CA GLN A 173 16.30 3.09 -57.77
C GLN A 173 16.98 1.90 -57.13
N PRO A 174 17.60 0.99 -57.90
CA PRO A 174 18.28 -0.17 -57.31
C PRO A 174 19.62 0.19 -56.69
N PHE A 186 31.23 -16.27 -57.99
CA PHE A 186 30.33 -15.55 -57.09
C PHE A 186 31.07 -14.37 -56.47
N LYS A 187 30.55 -13.15 -56.68
CA LYS A 187 31.27 -11.97 -56.22
C LYS A 187 30.43 -11.04 -55.35
N ASN A 188 29.14 -10.91 -55.63
CA ASN A 188 28.28 -9.96 -54.95
C ASN A 188 27.42 -10.68 -53.92
N LEU A 189 27.21 -10.04 -52.77
CA LEU A 189 26.42 -10.60 -51.69
C LEU A 189 25.49 -9.53 -51.12
N ARG A 190 24.18 -9.73 -51.31
CA ARG A 190 23.17 -8.75 -50.93
C ARG A 190 22.31 -9.31 -49.82
N GLU A 191 22.05 -8.49 -48.79
CA GLU A 191 21.23 -8.88 -47.66
C GLU A 191 20.11 -7.87 -47.45
N PHE A 192 18.89 -8.37 -47.21
CA PHE A 192 17.70 -7.54 -47.05
C PHE A 192 16.89 -8.04 -45.86
N VAL A 193 16.05 -7.16 -45.32
CA VAL A 193 15.05 -7.53 -44.33
C VAL A 193 13.71 -6.97 -44.79
N PHE A 194 12.70 -7.82 -44.91
CA PHE A 194 11.31 -7.38 -45.05
C PHE A 194 10.48 -7.96 -43.92
N LYS A 195 9.83 -7.09 -43.15
CA LYS A 195 9.02 -7.51 -42.03
C LYS A 195 7.74 -6.71 -42.00
N ASN A 196 6.76 -7.18 -41.24
CA ASN A 196 5.47 -6.50 -41.13
C ASN A 196 4.98 -6.52 -39.69
N ILE A 197 5.14 -5.40 -39.00
CA ILE A 197 4.62 -5.21 -37.65
C ILE A 197 3.68 -4.01 -37.67
N ASP A 198 2.43 -4.24 -37.23
CA ASP A 198 1.35 -3.24 -37.11
C ASP A 198 1.05 -2.56 -38.45
N GLY A 199 1.06 -3.35 -39.52
CA GLY A 199 0.67 -2.88 -40.83
C GLY A 199 1.70 -2.05 -41.57
N TYR A 200 2.98 -2.19 -41.24
CA TYR A 200 4.05 -1.44 -41.87
C TYR A 200 5.08 -2.38 -42.46
N PHE A 201 5.35 -2.24 -43.76
CA PHE A 201 6.35 -3.07 -44.43
C PHE A 201 7.66 -2.29 -44.45
N LYS A 202 8.53 -2.60 -43.48
CA LYS A 202 9.78 -1.88 -43.30
C LYS A 202 10.91 -2.66 -43.94
N ILE A 203 11.79 -1.95 -44.65
CA ILE A 203 12.85 -2.54 -45.45
C ILE A 203 14.19 -2.11 -44.88
N TYR A 204 15.07 -3.09 -44.64
CA TYR A 204 16.40 -2.87 -44.10
C TYR A 204 17.38 -3.64 -44.97
N SER A 205 18.47 -3.00 -45.39
CA SER A 205 19.33 -3.65 -46.38
C SER A 205 20.79 -3.25 -46.19
N LYS A 206 21.66 -4.04 -46.81
CA LYS A 206 23.12 -3.91 -46.78
C LYS A 206 23.72 -4.79 -47.86
N HIS A 207 24.67 -4.23 -48.63
CA HIS A 207 25.45 -4.98 -49.61
C HIS A 207 26.89 -5.14 -49.13
N THR A 208 27.53 -6.22 -49.58
CA THR A 208 28.91 -6.56 -49.21
C THR A 208 29.51 -7.46 -50.28
N PRO A 209 30.84 -7.44 -50.46
CA PRO A 209 31.46 -8.43 -51.35
C PRO A 209 31.93 -9.69 -50.63
N ILE A 210 31.80 -10.84 -51.28
CA ILE A 210 32.33 -12.10 -50.77
C ILE A 210 32.69 -12.97 -51.98
N ASN A 211 33.55 -13.96 -51.73
CA ASN A 211 34.01 -14.82 -52.84
C ASN A 211 34.24 -16.26 -52.34
N LEU A 212 33.19 -17.07 -52.44
CA LEU A 212 33.19 -18.52 -52.29
C LEU A 212 31.88 -19.03 -52.89
N VAL A 213 31.91 -20.27 -53.37
CA VAL A 213 30.79 -20.81 -54.14
C VAL A 213 30.19 -22.02 -53.45
N ARG A 214 30.32 -22.10 -52.13
CA ARG A 214 29.85 -23.25 -51.37
C ARG A 214 28.53 -22.96 -50.65
N ASP A 215 28.49 -21.93 -49.83
CA ASP A 215 27.35 -21.67 -48.94
C ASP A 215 27.37 -20.18 -48.58
N LEU A 216 26.65 -19.82 -47.53
CA LEU A 216 26.76 -18.48 -46.99
C LEU A 216 28.11 -18.31 -46.30
N PRO A 217 28.83 -17.22 -46.58
CA PRO A 217 30.12 -17.00 -45.90
C PRO A 217 29.92 -16.53 -44.46
N GLN A 218 31.01 -16.61 -43.71
CA GLN A 218 31.04 -16.29 -42.29
C GLN A 218 31.17 -14.78 -42.08
N GLY A 219 31.03 -14.36 -40.82
CA GLY A 219 31.21 -12.98 -40.45
C GLY A 219 29.95 -12.33 -39.87
N PHE A 220 30.13 -11.09 -39.43
CA PHE A 220 29.07 -10.27 -38.87
C PHE A 220 28.69 -9.17 -39.85
N SER A 221 27.41 -8.81 -39.86
CA SER A 221 26.89 -7.76 -40.72
C SER A 221 25.62 -7.17 -40.11
N ALA A 222 25.64 -5.87 -39.85
CA ALA A 222 24.45 -5.14 -39.40
C ALA A 222 23.77 -4.49 -40.59
N LEU A 223 22.45 -4.33 -40.49
CA LEU A 223 21.64 -3.81 -41.60
C LEU A 223 20.95 -2.52 -41.16
N GLU A 224 20.87 -1.56 -42.07
CA GLU A 224 20.44 -0.16 -41.94
C GLU A 224 19.06 0.03 -42.56
N PRO A 225 18.19 0.85 -41.95
CA PRO A 225 16.85 1.05 -42.52
C PRO A 225 16.87 1.98 -43.73
N LEU A 226 16.14 1.57 -44.77
CA LEU A 226 16.03 2.36 -45.98
C LEU A 226 14.59 2.80 -46.27
N VAL A 227 13.66 1.86 -46.41
CA VAL A 227 12.37 2.10 -47.05
C VAL A 227 11.27 1.66 -46.09
N ASP A 228 10.23 2.50 -45.98
CA ASP A 228 9.04 2.17 -45.18
C ASP A 228 7.79 2.39 -46.02
N LEU A 229 6.80 1.49 -45.87
CA LEU A 229 5.47 1.60 -46.48
C LEU A 229 4.37 1.32 -45.46
N PRO A 230 3.37 2.22 -45.34
CA PRO A 230 2.14 1.90 -44.59
C PRO A 230 1.01 1.33 -45.47
N ILE A 231 1.19 0.09 -45.92
CA ILE A 231 0.12 -0.55 -46.69
C ILE A 231 -0.94 -1.13 -45.77
N GLY A 232 -0.53 -2.04 -44.88
CA GLY A 232 -1.46 -2.57 -43.89
C GLY A 232 -2.36 -3.71 -44.34
N ILE A 233 -1.82 -4.67 -45.10
CA ILE A 233 -2.58 -5.87 -45.46
C ILE A 233 -1.98 -7.06 -44.74
N ASN A 234 -2.61 -8.23 -44.86
CA ASN A 234 -2.04 -9.46 -44.34
C ASN A 234 -1.26 -10.19 -45.44
N ILE A 235 -0.22 -10.90 -45.02
CA ILE A 235 0.61 -11.65 -45.95
C ILE A 235 1.05 -12.94 -45.27
N THR A 236 0.82 -14.06 -45.95
CA THR A 236 1.22 -15.37 -45.45
C THR A 236 2.23 -16.08 -46.31
N ARG A 237 2.30 -15.81 -47.62
CA ARG A 237 3.23 -16.49 -48.52
C ARG A 237 3.98 -15.45 -49.34
N PHE A 238 4.94 -15.94 -50.13
CA PHE A 238 5.46 -15.23 -51.30
C PHE A 238 6.16 -16.23 -52.22
N GLN A 239 6.60 -15.73 -53.38
CA GLN A 239 7.21 -16.56 -54.41
C GLN A 239 8.37 -15.79 -55.02
N THR A 240 9.35 -16.51 -55.56
CA THR A 240 10.52 -15.92 -56.19
C THR A 240 10.37 -15.84 -57.70
N LEU A 241 11.26 -15.06 -58.34
CA LEU A 241 11.29 -14.91 -59.78
C LEU A 241 12.72 -14.90 -60.29
N LEU A 242 13.00 -15.71 -61.30
CA LEU A 242 14.29 -15.80 -61.96
C LEU A 242 14.13 -15.49 -63.45
N ALA A 243 15.23 -15.66 -64.19
CA ALA A 243 15.22 -15.44 -65.63
C ALA A 243 14.53 -16.59 -66.35
N GLY A 261 22.76 -21.49 -66.41
CA GLY A 261 23.10 -20.50 -65.41
C GLY A 261 22.18 -20.53 -64.21
N ALA A 262 22.77 -20.64 -63.02
CA ALA A 262 22.02 -20.71 -61.79
C ALA A 262 22.68 -19.83 -60.74
N ALA A 263 21.89 -19.43 -59.74
CA ALA A 263 22.38 -18.57 -58.67
C ALA A 263 21.76 -19.00 -57.34
N ALA A 264 22.39 -18.57 -56.25
CA ALA A 264 22.00 -18.98 -54.91
C ALA A 264 21.24 -17.86 -54.22
N TYR A 265 20.33 -18.24 -53.32
CA TYR A 265 19.44 -17.32 -52.63
C TYR A 265 18.96 -17.92 -51.31
N TYR A 266 19.07 -17.13 -50.24
CA TYR A 266 18.89 -17.59 -48.88
C TYR A 266 17.87 -16.74 -48.14
N VAL A 267 16.97 -17.40 -47.42
CA VAL A 267 15.85 -16.74 -46.78
C VAL A 267 15.76 -17.25 -45.35
N GLY A 268 15.34 -16.39 -44.43
CA GLY A 268 15.27 -16.75 -43.03
C GLY A 268 13.86 -16.64 -42.50
N TYR A 269 13.71 -17.00 -41.24
CA TYR A 269 12.46 -16.82 -40.51
C TYR A 269 12.81 -16.23 -39.15
N LEU A 270 12.06 -15.22 -38.73
CA LEU A 270 12.47 -14.37 -37.63
C LEU A 270 11.61 -14.63 -36.39
N GLN A 271 12.17 -14.34 -35.22
CA GLN A 271 11.58 -14.73 -33.95
C GLN A 271 11.89 -13.69 -32.89
N PRO A 272 10.95 -13.39 -31.99
CA PRO A 272 11.24 -12.43 -30.91
C PRO A 272 12.10 -13.03 -29.81
N ARG A 273 13.28 -12.43 -29.60
CA ARG A 273 14.14 -12.72 -28.46
C ARG A 273 14.65 -11.39 -27.91
N THR A 274 15.43 -11.46 -26.83
CA THR A 274 15.95 -10.28 -26.15
C THR A 274 17.41 -10.10 -26.55
N PHE A 275 17.76 -8.92 -27.03
CA PHE A 275 19.07 -8.68 -27.63
C PHE A 275 19.84 -7.56 -26.93
N LEU A 276 21.16 -7.71 -27.00
CA LEU A 276 22.13 -6.73 -26.52
C LEU A 276 22.72 -6.03 -27.72
N LEU A 277 22.94 -4.72 -27.61
CA LEU A 277 23.47 -3.96 -28.73
C LEU A 277 24.51 -2.95 -28.27
N LYS A 278 25.60 -2.89 -29.02
CA LYS A 278 26.79 -2.13 -28.66
C LYS A 278 26.94 -0.95 -29.62
N TYR A 279 26.51 0.23 -29.19
CA TYR A 279 26.67 1.45 -29.95
C TYR A 279 28.09 1.98 -29.76
N ASN A 280 28.72 2.42 -30.84
CA ASN A 280 30.07 2.97 -30.75
C ASN A 280 29.96 4.49 -30.63
N GLU A 281 31.10 5.18 -30.81
CA GLU A 281 31.10 6.64 -30.74
C GLU A 281 30.39 7.27 -31.93
N ASN A 282 30.49 6.65 -33.11
CA ASN A 282 29.80 7.13 -34.29
C ASN A 282 28.34 6.70 -34.35
N GLY A 283 27.94 5.72 -33.54
CA GLY A 283 26.56 5.29 -33.49
C GLY A 283 26.20 4.09 -34.32
N THR A 284 27.10 3.13 -34.46
CA THR A 284 26.86 1.93 -35.26
C THR A 284 26.99 0.71 -34.37
N ILE A 285 26.17 -0.30 -34.63
CA ILE A 285 26.20 -1.54 -33.85
C ILE A 285 27.43 -2.34 -34.29
N THR A 286 28.28 -2.68 -33.31
CA THR A 286 29.49 -3.42 -33.61
C THR A 286 29.36 -4.93 -33.42
N ASP A 287 28.70 -5.38 -32.35
CA ASP A 287 28.46 -6.80 -32.15
C ASP A 287 27.19 -6.96 -31.33
N ALA A 288 26.47 -8.04 -31.60
CA ALA A 288 25.17 -8.28 -31.01
C ALA A 288 24.86 -9.77 -31.02
N VAL A 289 24.62 -10.31 -29.84
CA VAL A 289 24.14 -11.68 -29.66
C VAL A 289 22.88 -11.64 -28.82
N ASP A 290 22.23 -12.78 -28.68
CA ASP A 290 20.93 -12.88 -28.01
C ASP A 290 21.14 -13.01 -26.51
N CYS A 291 20.04 -13.12 -25.77
CA CYS A 291 20.09 -13.50 -24.37
C CYS A 291 19.72 -14.96 -24.14
N ALA A 292 19.61 -15.77 -25.21
CA ALA A 292 19.16 -17.14 -25.04
C ALA A 292 19.92 -18.13 -25.92
N LEU A 293 21.16 -17.82 -26.32
CA LEU A 293 21.95 -18.78 -27.07
C LEU A 293 22.73 -19.70 -26.12
N ASP A 294 23.22 -19.13 -25.02
CA ASP A 294 23.91 -19.84 -23.97
C ASP A 294 23.79 -19.01 -22.69
N PRO A 295 23.91 -19.62 -21.49
CA PRO A 295 23.76 -18.80 -20.27
C PRO A 295 24.94 -17.90 -19.99
N LEU A 296 26.06 -18.08 -20.69
CA LEU A 296 27.12 -17.07 -20.71
C LEU A 296 26.61 -15.76 -21.31
N SER A 297 25.82 -15.84 -22.38
CA SER A 297 25.23 -14.63 -22.94
C SER A 297 24.11 -14.09 -22.06
N GLU A 298 23.49 -14.95 -21.25
CA GLU A 298 22.47 -14.48 -20.32
C GLU A 298 23.10 -13.69 -19.18
N THR A 299 24.23 -14.18 -18.64
CA THR A 299 24.98 -13.42 -17.65
C THR A 299 25.61 -12.17 -18.26
N LYS A 300 25.96 -12.24 -19.54
CA LYS A 300 26.44 -11.08 -20.28
C LYS A 300 25.33 -10.05 -20.47
N CYS A 301 24.09 -10.50 -20.63
CA CYS A 301 22.94 -9.61 -20.75
C CYS A 301 22.63 -8.94 -19.42
N THR A 302 22.67 -9.70 -18.32
CA THR A 302 22.35 -9.13 -17.02
C THR A 302 23.47 -8.25 -16.47
N LEU A 303 24.73 -8.63 -16.66
CA LEU A 303 25.86 -7.88 -16.13
C LEU A 303 26.19 -6.64 -16.96
N LYS A 304 25.73 -6.60 -18.22
CA LYS A 304 25.91 -5.53 -19.20
C LYS A 304 27.40 -5.25 -19.44
N SER A 305 28.06 -6.21 -20.07
CA SER A 305 29.46 -6.10 -20.42
C SER A 305 29.73 -6.98 -21.63
N PHE A 306 30.99 -6.98 -22.06
CA PHE A 306 31.52 -8.01 -22.97
C PHE A 306 32.53 -8.91 -22.30
N THR A 307 33.05 -8.52 -21.15
CA THR A 307 33.91 -9.39 -20.36
C THR A 307 33.22 -9.70 -19.04
N VAL A 308 33.08 -10.98 -18.75
CA VAL A 308 32.55 -11.44 -17.47
C VAL A 308 33.75 -11.81 -16.62
N GLU A 309 33.54 -11.87 -15.31
CA GLU A 309 34.65 -12.06 -14.40
C GLU A 309 34.65 -13.45 -13.79
N LYS A 310 35.59 -13.67 -12.88
CA LYS A 310 35.64 -14.96 -12.20
C LYS A 310 34.66 -14.96 -11.05
N GLY A 311 33.69 -15.86 -11.14
CA GLY A 311 32.54 -15.87 -10.26
C GLY A 311 31.44 -16.69 -10.91
N ILE A 312 30.31 -16.86 -10.22
CA ILE A 312 29.22 -17.66 -10.75
C ILE A 312 27.90 -17.07 -10.30
N TYR A 313 26.99 -16.87 -11.26
CA TYR A 313 25.76 -16.13 -11.08
C TYR A 313 24.56 -16.99 -11.45
N GLN A 314 23.48 -16.83 -10.70
CA GLN A 314 22.15 -17.21 -11.14
C GLN A 314 21.40 -15.94 -11.54
N THR A 315 20.76 -15.96 -12.71
CA THR A 315 20.06 -14.77 -13.21
C THR A 315 18.54 -14.83 -13.08
N SER A 316 17.94 -16.01 -13.20
CA SER A 316 16.49 -16.13 -13.10
C SER A 316 16.16 -17.44 -12.41
N ASN A 317 14.87 -17.79 -12.41
CA ASN A 317 14.38 -18.91 -11.63
C ASN A 317 13.56 -19.85 -12.52
N PHE A 318 13.77 -21.16 -12.32
CA PHE A 318 12.91 -22.16 -12.95
C PHE A 318 11.99 -22.78 -11.92
N ARG A 319 11.03 -23.55 -12.44
CA ARG A 319 9.87 -24.04 -11.70
C ARG A 319 9.16 -25.07 -12.55
N VAL A 320 8.78 -26.22 -11.97
CA VAL A 320 8.06 -27.20 -12.78
C VAL A 320 6.59 -26.79 -12.91
N GLN A 321 6.04 -27.01 -14.09
CA GLN A 321 4.66 -26.62 -14.29
C GLN A 321 3.76 -27.85 -14.32
N PRO A 322 2.55 -27.77 -13.76
CA PRO A 322 1.65 -28.92 -13.80
C PRO A 322 1.07 -29.15 -15.18
N THR A 323 0.75 -30.41 -15.47
CA THR A 323 0.32 -30.81 -16.80
C THR A 323 -1.12 -31.32 -16.84
N GLU A 324 -1.44 -32.35 -16.05
CA GLU A 324 -2.68 -33.08 -16.29
C GLU A 324 -3.90 -32.45 -15.62
N SER A 325 -3.70 -31.80 -14.47
CA SER A 325 -4.70 -30.98 -13.75
C SER A 325 -5.95 -31.78 -13.37
N ILE A 326 -5.78 -32.73 -12.44
CA ILE A 326 -6.81 -33.69 -12.07
C ILE A 326 -7.97 -33.03 -11.32
N VAL A 327 -9.11 -33.72 -11.29
CA VAL A 327 -10.36 -33.21 -10.71
C VAL A 327 -10.89 -34.26 -9.76
N ARG A 328 -11.15 -33.87 -8.51
CA ARG A 328 -11.73 -34.77 -7.52
C ARG A 328 -13.03 -34.18 -7.00
N PHE A 329 -14.07 -35.01 -6.96
CA PHE A 329 -15.39 -34.71 -6.46
C PHE A 329 -15.81 -35.88 -5.57
N PRO A 330 -16.77 -35.68 -4.67
CA PRO A 330 -17.23 -36.81 -3.84
C PRO A 330 -18.10 -37.80 -4.61
N ASN A 331 -18.67 -38.74 -3.84
CA ASN A 331 -19.66 -39.72 -4.24
C ASN A 331 -21.08 -39.12 -4.33
N ILE A 332 -21.15 -37.87 -3.85
CA ILE A 332 -22.19 -36.84 -3.91
C ILE A 332 -23.42 -37.19 -3.03
N THR A 333 -23.86 -38.47 -3.02
CA THR A 333 -24.67 -39.20 -2.04
C THR A 333 -25.84 -38.46 -1.38
N ASN A 334 -26.53 -37.59 -2.13
CA ASN A 334 -27.68 -36.89 -1.58
C ASN A 334 -28.99 -37.55 -2.01
N LEU A 335 -29.06 -38.00 -3.27
CA LEU A 335 -29.94 -39.07 -3.76
C LEU A 335 -31.43 -38.75 -3.59
N CYS A 336 -31.89 -37.81 -4.43
CA CYS A 336 -33.26 -37.33 -4.65
C CYS A 336 -34.28 -38.46 -4.75
N PRO A 337 -35.53 -38.28 -4.26
CA PRO A 337 -36.60 -39.27 -4.44
C PRO A 337 -37.25 -39.28 -5.83
N PHE A 338 -36.46 -39.61 -6.86
CA PHE A 338 -36.99 -39.69 -8.21
C PHE A 338 -37.32 -41.12 -8.63
N GLY A 339 -36.84 -42.11 -7.89
CA GLY A 339 -36.96 -43.50 -8.32
C GLY A 339 -38.39 -44.01 -8.26
N GLU A 340 -39.16 -43.51 -7.28
CA GLU A 340 -40.57 -43.88 -7.19
C GLU A 340 -41.42 -43.05 -8.14
N VAL A 341 -40.84 -42.04 -8.81
CA VAL A 341 -41.65 -41.29 -9.75
C VAL A 341 -41.07 -41.54 -11.16
N PHE A 342 -40.14 -42.48 -11.28
CA PHE A 342 -40.01 -43.20 -12.55
C PHE A 342 -40.58 -44.61 -12.50
N ASN A 343 -40.64 -45.23 -11.32
CA ASN A 343 -40.83 -46.67 -11.22
C ASN A 343 -42.01 -47.01 -10.32
N ALA A 344 -43.16 -46.38 -10.57
CA ALA A 344 -44.40 -46.75 -9.91
C ALA A 344 -45.43 -47.17 -10.95
N THR A 345 -46.48 -47.85 -10.48
CA THR A 345 -47.51 -48.37 -11.35
C THR A 345 -48.67 -47.40 -11.53
N ARG A 346 -48.67 -46.26 -10.82
CA ARG A 346 -49.72 -45.25 -10.97
C ARG A 346 -49.07 -43.89 -10.72
N PHE A 347 -49.14 -43.01 -11.71
CA PHE A 347 -48.46 -41.72 -11.64
C PHE A 347 -49.49 -40.62 -11.37
N ALA A 348 -49.09 -39.36 -11.56
CA ALA A 348 -50.02 -38.25 -11.46
C ALA A 348 -50.94 -38.20 -12.67
N SER A 349 -52.08 -37.54 -12.50
CA SER A 349 -53.05 -37.35 -13.57
C SER A 349 -52.84 -35.98 -14.20
N VAL A 350 -53.51 -35.73 -15.32
CA VAL A 350 -53.36 -34.44 -15.99
C VAL A 350 -54.33 -33.42 -15.39
N TYR A 351 -55.33 -33.89 -14.64
CA TYR A 351 -56.11 -32.94 -13.86
C TYR A 351 -55.46 -32.64 -12.53
N ALA A 352 -54.49 -33.46 -12.11
CA ALA A 352 -53.87 -33.33 -10.80
C ALA A 352 -52.37 -33.61 -10.88
N TRP A 353 -51.69 -33.05 -11.88
CA TRP A 353 -50.22 -33.04 -11.84
C TRP A 353 -49.81 -31.89 -10.92
N ASN A 354 -49.35 -32.24 -9.72
CA ASN A 354 -49.03 -31.24 -8.72
C ASN A 354 -47.71 -30.54 -9.04
N ARG A 355 -47.62 -29.27 -8.63
CA ARG A 355 -46.36 -28.53 -8.77
C ARG A 355 -45.52 -28.86 -7.54
N LYS A 356 -44.83 -29.99 -7.64
CA LYS A 356 -44.17 -30.58 -6.47
C LYS A 356 -42.77 -29.99 -6.31
N ARG A 357 -42.37 -29.75 -5.06
CA ARG A 357 -41.07 -29.20 -4.74
C ARG A 357 -40.16 -30.33 -4.25
N ILE A 358 -39.27 -30.80 -5.11
CA ILE A 358 -38.20 -31.71 -4.74
C ILE A 358 -36.94 -30.86 -4.65
N SER A 359 -36.37 -30.78 -3.45
CA SER A 359 -35.31 -29.82 -3.18
C SER A 359 -34.22 -30.44 -2.32
N ASN A 360 -33.03 -29.79 -2.40
CA ASN A 360 -31.87 -30.02 -1.53
C ASN A 360 -31.31 -31.44 -1.66
N CYS A 361 -31.20 -31.89 -2.91
CA CYS A 361 -30.55 -33.16 -3.23
C CYS A 361 -29.98 -33.03 -4.64
N VAL A 362 -29.41 -34.13 -5.13
CA VAL A 362 -28.89 -34.20 -6.49
C VAL A 362 -29.56 -35.37 -7.21
N ALA A 363 -29.73 -35.22 -8.52
CA ALA A 363 -30.33 -36.25 -9.36
C ALA A 363 -29.46 -36.39 -10.61
N ASP A 364 -28.84 -37.56 -10.77
CA ASP A 364 -28.03 -37.81 -11.95
C ASP A 364 -28.91 -38.02 -13.18
N TYR A 365 -28.45 -37.52 -14.32
CA TYR A 365 -29.18 -37.65 -15.57
C TYR A 365 -28.44 -38.48 -16.62
N SER A 366 -27.24 -38.98 -16.30
CA SER A 366 -26.49 -39.81 -17.25
C SER A 366 -27.08 -41.22 -17.31
N VAL A 367 -27.83 -41.62 -16.27
CA VAL A 367 -28.44 -42.94 -16.24
C VAL A 367 -29.70 -42.96 -17.12
N LEU A 368 -30.22 -41.77 -17.46
CA LEU A 368 -31.40 -41.66 -18.32
C LEU A 368 -31.09 -42.08 -19.75
N TYR A 369 -29.89 -41.76 -20.24
CA TYR A 369 -29.56 -41.97 -21.65
C TYR A 369 -29.32 -43.44 -21.97
N ASN A 370 -28.65 -44.16 -21.08
CA ASN A 370 -28.07 -45.46 -21.43
C ASN A 370 -29.01 -46.63 -21.17
N SER A 371 -30.22 -46.38 -20.66
CA SER A 371 -31.11 -47.49 -20.35
C SER A 371 -31.95 -47.93 -21.55
N ALA A 372 -31.93 -47.14 -22.64
CA ALA A 372 -32.37 -47.53 -23.99
C ALA A 372 -33.87 -47.83 -24.09
N SER A 373 -34.71 -46.92 -23.63
CA SER A 373 -36.15 -47.02 -23.91
C SER A 373 -36.82 -45.70 -24.23
N PHE A 374 -36.09 -44.61 -24.42
CA PHE A 374 -36.67 -43.29 -24.66
C PHE A 374 -37.30 -43.19 -26.05
N SER A 375 -38.39 -42.42 -26.12
CA SER A 375 -39.11 -42.24 -27.38
C SER A 375 -38.98 -40.82 -27.91
N THR A 376 -39.37 -39.81 -27.13
CA THR A 376 -39.37 -38.41 -27.57
C THR A 376 -38.64 -37.58 -26.51
N PHE A 377 -37.41 -37.97 -26.20
CA PHE A 377 -36.58 -37.24 -25.24
C PHE A 377 -36.13 -35.92 -25.86
N LYS A 378 -36.70 -34.81 -25.40
CA LYS A 378 -36.49 -33.51 -26.02
C LYS A 378 -36.11 -32.50 -24.95
N CYS A 379 -34.94 -31.88 -25.10
CA CYS A 379 -34.47 -30.85 -24.18
C CYS A 379 -34.47 -29.51 -24.92
N TYR A 380 -35.36 -28.62 -24.53
CA TYR A 380 -35.41 -27.30 -25.13
C TYR A 380 -34.52 -26.32 -24.35
N GLY A 381 -33.96 -25.36 -25.08
CA GLY A 381 -33.13 -24.34 -24.46
C GLY A 381 -31.70 -24.77 -24.24
N VAL A 382 -31.48 -25.70 -23.31
CA VAL A 382 -30.16 -26.19 -22.97
C VAL A 382 -29.97 -27.54 -23.65
N SER A 383 -28.72 -27.86 -24.00
CA SER A 383 -28.43 -29.11 -24.68
C SER A 383 -28.54 -30.28 -23.71
N PRO A 384 -28.97 -31.46 -24.17
CA PRO A 384 -29.07 -32.61 -23.26
C PRO A 384 -27.73 -33.20 -22.86
N THR A 385 -26.68 -32.98 -23.67
CA THR A 385 -25.34 -33.42 -23.30
C THR A 385 -24.78 -32.58 -22.16
N LYS A 386 -25.05 -31.27 -22.18
CA LYS A 386 -24.58 -30.35 -21.14
C LYS A 386 -25.65 -30.11 -20.07
N LEU A 387 -26.43 -31.14 -19.75
CA LEU A 387 -27.44 -31.02 -18.70
C LEU A 387 -26.89 -31.44 -17.34
N ASN A 388 -25.97 -32.40 -17.33
CA ASN A 388 -25.45 -32.95 -16.07
C ASN A 388 -24.49 -31.99 -15.38
N ASP A 389 -23.58 -31.37 -16.14
CA ASP A 389 -22.51 -30.59 -15.54
C ASP A 389 -22.98 -29.22 -15.08
N LEU A 390 -23.83 -28.55 -15.85
CA LEU A 390 -24.32 -27.22 -15.52
C LEU A 390 -25.82 -27.28 -15.30
N CYS A 391 -26.29 -26.59 -14.26
CA CYS A 391 -27.70 -26.64 -13.89
C CYS A 391 -28.27 -25.22 -13.82
N PHE A 392 -29.55 -25.12 -13.50
CA PHE A 392 -30.21 -23.86 -13.22
C PHE A 392 -31.05 -24.02 -11.96
N THR A 393 -31.68 -22.94 -11.53
CA THR A 393 -32.61 -22.99 -10.41
C THR A 393 -34.02 -23.30 -10.91
N ASN A 394 -34.96 -23.42 -9.94
CA ASN A 394 -36.40 -23.65 -10.13
C ASN A 394 -36.67 -24.94 -10.92
N VAL A 395 -36.43 -26.06 -10.23
CA VAL A 395 -36.26 -27.37 -10.86
C VAL A 395 -37.55 -28.11 -10.48
N TYR A 396 -38.68 -27.41 -10.60
CA TYR A 396 -40.01 -27.99 -10.40
C TYR A 396 -40.25 -29.12 -11.41
N ALA A 397 -40.98 -30.14 -10.97
CA ALA A 397 -41.14 -31.37 -11.74
C ALA A 397 -42.61 -31.67 -12.00
N ASP A 398 -42.88 -32.22 -13.19
CA ASP A 398 -44.23 -32.59 -13.60
C ASP A 398 -44.20 -34.01 -14.18
N SER A 399 -45.37 -34.65 -14.20
CA SER A 399 -45.47 -36.02 -14.67
C SER A 399 -46.91 -36.33 -15.09
N PHE A 400 -47.03 -37.06 -16.21
CA PHE A 400 -48.26 -37.64 -16.73
C PHE A 400 -47.87 -38.72 -17.74
N VAL A 401 -48.75 -39.70 -17.91
CA VAL A 401 -48.69 -40.63 -19.04
C VAL A 401 -49.60 -40.08 -20.16
N ILE A 402 -49.03 -39.20 -20.97
CA ILE A 402 -49.78 -38.63 -22.09
C ILE A 402 -49.80 -39.63 -23.24
N ARG A 403 -50.88 -39.60 -24.02
CA ARG A 403 -51.05 -40.48 -25.17
C ARG A 403 -50.06 -40.09 -26.26
N GLY A 404 -49.49 -41.10 -26.94
CA GLY A 404 -48.41 -40.92 -27.88
C GLY A 404 -48.74 -40.35 -29.23
N ASP A 405 -50.01 -40.01 -29.50
CA ASP A 405 -50.38 -39.47 -30.80
C ASP A 405 -49.96 -38.01 -30.97
N GLU A 406 -49.93 -37.24 -29.88
CA GLU A 406 -49.69 -35.80 -29.97
C GLU A 406 -48.62 -35.33 -28.99
N VAL A 407 -47.59 -36.15 -28.77
CA VAL A 407 -46.45 -35.72 -27.96
C VAL A 407 -45.63 -34.67 -28.72
N ARG A 408 -45.59 -34.78 -30.06
CA ARG A 408 -44.91 -33.81 -30.90
C ARG A 408 -45.62 -32.46 -30.96
N GLN A 409 -46.89 -32.39 -30.53
CA GLN A 409 -47.57 -31.11 -30.35
C GLN A 409 -47.06 -30.34 -29.13
N ILE A 410 -46.40 -31.01 -28.19
CA ILE A 410 -45.78 -30.33 -27.06
C ILE A 410 -44.48 -29.70 -27.56
N ALA A 411 -44.56 -28.42 -27.90
CA ALA A 411 -43.46 -27.66 -28.47
C ALA A 411 -43.73 -26.18 -28.20
N PRO A 412 -42.69 -25.36 -28.07
CA PRO A 412 -42.91 -23.92 -28.00
C PRO A 412 -43.35 -23.36 -29.34
N GLY A 413 -44.38 -22.52 -29.30
CA GLY A 413 -44.99 -22.02 -30.51
C GLY A 413 -45.75 -23.08 -31.29
N GLN A 414 -46.47 -23.96 -30.60
CA GLN A 414 -47.26 -25.01 -31.24
C GLN A 414 -48.43 -25.37 -30.33
N THR A 415 -49.65 -25.12 -30.81
CA THR A 415 -50.85 -25.48 -30.09
C THR A 415 -51.35 -26.85 -30.58
N GLY A 416 -52.57 -27.22 -30.19
CA GLY A 416 -53.14 -28.49 -30.60
C GLY A 416 -54.28 -28.94 -29.70
N LYS A 417 -54.20 -30.18 -29.20
CA LYS A 417 -55.15 -30.68 -28.21
C LYS A 417 -54.49 -30.76 -26.84
N ILE A 418 -53.29 -31.33 -26.75
CA ILE A 418 -52.57 -31.42 -25.49
C ILE A 418 -52.07 -30.05 -25.06
N ALA A 419 -51.62 -29.24 -26.02
CA ALA A 419 -51.11 -27.91 -25.72
C ALA A 419 -52.22 -26.87 -25.51
N ASP A 420 -53.48 -27.22 -25.74
CA ASP A 420 -54.58 -26.29 -25.55
C ASP A 420 -55.45 -26.65 -24.35
N TYR A 421 -55.64 -27.94 -24.07
CA TYR A 421 -56.55 -28.38 -23.03
C TYR A 421 -55.91 -29.25 -21.96
N ASN A 422 -54.66 -29.68 -22.14
CA ASN A 422 -54.00 -30.52 -21.14
C ASN A 422 -52.80 -29.84 -20.49
N TYR A 423 -51.78 -29.46 -21.27
CA TYR A 423 -50.57 -28.85 -20.72
C TYR A 423 -49.80 -28.10 -21.81
N LYS A 424 -49.45 -26.84 -21.57
CA LYS A 424 -48.86 -25.97 -22.57
C LYS A 424 -47.46 -25.53 -22.16
N LEU A 425 -46.49 -25.65 -23.10
CA LEU A 425 -45.17 -25.05 -22.94
C LEU A 425 -45.22 -23.56 -23.26
N PRO A 426 -44.57 -22.71 -22.48
CA PRO A 426 -44.40 -21.32 -22.91
C PRO A 426 -43.29 -21.20 -23.96
N ASP A 427 -43.25 -20.05 -24.62
CA ASP A 427 -42.18 -19.78 -25.57
C ASP A 427 -40.88 -19.51 -24.81
N ASP A 428 -39.75 -19.82 -25.48
CA ASP A 428 -38.38 -19.79 -24.94
C ASP A 428 -38.26 -20.64 -23.67
N PHE A 429 -38.64 -21.91 -23.80
CA PHE A 429 -38.68 -22.82 -22.66
C PHE A 429 -37.31 -23.45 -22.44
N THR A 430 -36.84 -23.44 -21.20
CA THR A 430 -35.60 -24.11 -20.80
C THR A 430 -35.99 -25.29 -19.92
N GLY A 431 -35.47 -26.46 -20.24
CA GLY A 431 -35.84 -27.68 -19.56
C GLY A 431 -35.93 -28.81 -20.56
N CYS A 432 -36.37 -29.96 -20.05
CA CYS A 432 -36.44 -31.17 -20.84
C CYS A 432 -37.82 -31.81 -20.70
N VAL A 433 -38.39 -32.21 -21.82
CA VAL A 433 -39.56 -33.08 -21.83
C VAL A 433 -39.11 -34.46 -22.30
N ILE A 434 -39.34 -35.46 -21.46
CA ILE A 434 -38.69 -36.75 -21.56
C ILE A 434 -39.76 -37.82 -21.70
N ALA A 435 -39.94 -38.35 -22.91
CA ALA A 435 -40.97 -39.34 -23.18
C ALA A 435 -40.35 -40.70 -23.45
N TRP A 436 -40.98 -41.76 -22.96
CA TRP A 436 -40.54 -43.12 -23.22
C TRP A 436 -41.76 -44.04 -23.25
N ASN A 437 -41.53 -45.29 -23.65
CA ASN A 437 -42.58 -46.28 -23.83
C ASN A 437 -43.08 -46.74 -22.48
N SER A 438 -44.40 -46.92 -22.37
CA SER A 438 -45.04 -47.35 -21.13
C SER A 438 -46.11 -48.40 -21.44
N ASN A 439 -45.73 -49.42 -22.22
CA ASN A 439 -46.70 -50.42 -22.68
C ASN A 439 -46.85 -51.56 -21.68
N ASN A 440 -45.77 -51.92 -20.98
CA ASN A 440 -45.76 -53.17 -20.22
C ASN A 440 -46.47 -53.06 -18.87
N LEU A 441 -46.66 -51.86 -18.33
CA LEU A 441 -47.15 -51.71 -16.97
C LEU A 441 -48.40 -50.84 -16.84
N ASP A 442 -48.53 -49.76 -17.61
CA ASP A 442 -49.78 -49.00 -17.60
C ASP A 442 -50.71 -49.42 -18.72
N SER A 443 -51.01 -50.72 -18.78
CA SER A 443 -51.93 -51.25 -19.78
C SER A 443 -52.55 -52.52 -19.21
N LYS A 444 -53.77 -52.41 -18.68
CA LYS A 444 -54.48 -53.56 -18.15
C LYS A 444 -55.43 -54.10 -19.20
N VAL A 445 -56.15 -55.16 -18.85
CA VAL A 445 -57.07 -55.80 -19.80
C VAL A 445 -58.34 -54.96 -19.93
N GLY A 446 -58.79 -54.77 -21.18
CA GLY A 446 -59.98 -54.00 -21.44
C GLY A 446 -59.82 -52.50 -21.43
N GLY A 447 -58.59 -51.99 -21.35
CA GLY A 447 -58.37 -50.56 -21.34
C GLY A 447 -58.00 -50.03 -19.98
N ASN A 448 -56.88 -49.31 -19.90
CA ASN A 448 -56.36 -48.77 -18.65
C ASN A 448 -57.07 -47.46 -18.35
N TYR A 449 -58.23 -47.56 -17.70
CA TYR A 449 -59.05 -46.39 -17.35
C TYR A 449 -58.73 -45.89 -15.95
N ASN A 450 -57.45 -45.58 -15.70
CA ASN A 450 -57.04 -45.04 -14.42
C ASN A 450 -56.67 -43.57 -14.47
N TYR A 451 -56.58 -42.99 -15.68
CA TYR A 451 -56.19 -41.59 -15.86
C TYR A 451 -57.24 -40.90 -16.72
N LEU A 452 -58.16 -40.19 -16.08
CA LEU A 452 -59.15 -39.39 -16.80
C LEU A 452 -58.48 -38.09 -17.24
N TYR A 453 -59.12 -37.36 -18.16
CA TYR A 453 -58.46 -36.23 -18.77
C TYR A 453 -59.47 -35.16 -19.13
N ARG A 454 -59.05 -33.89 -19.03
CA ARG A 454 -59.91 -32.76 -19.37
C ARG A 454 -59.89 -32.56 -20.88
N LEU A 455 -60.99 -32.92 -21.54
CA LEU A 455 -61.13 -32.75 -22.98
C LEU A 455 -61.58 -31.36 -23.39
N PHE A 456 -62.36 -30.66 -22.55
CA PHE A 456 -62.97 -29.41 -22.94
C PHE A 456 -62.67 -28.33 -21.90
N ARG A 457 -62.41 -27.12 -22.39
CA ARG A 457 -62.18 -25.96 -21.54
C ARG A 457 -62.72 -24.75 -22.29
N LYS A 458 -63.24 -23.76 -21.54
CA LYS A 458 -63.89 -22.60 -22.14
C LYS A 458 -62.88 -21.70 -22.84
N SER A 459 -61.65 -21.62 -22.33
CA SER A 459 -60.62 -20.78 -22.90
C SER A 459 -59.34 -21.58 -23.08
N ASN A 460 -58.33 -20.94 -23.65
CA ASN A 460 -57.03 -21.59 -23.79
C ASN A 460 -56.30 -21.60 -22.45
N LEU A 461 -55.42 -22.60 -22.27
CA LEU A 461 -54.59 -22.63 -21.08
C LEU A 461 -53.50 -21.58 -21.13
N LYS A 462 -53.31 -20.90 -20.00
CA LYS A 462 -52.06 -20.22 -19.76
C LYS A 462 -50.96 -21.26 -19.56
N PRO A 463 -49.72 -20.99 -19.99
CA PRO A 463 -48.66 -21.99 -19.82
C PRO A 463 -48.24 -22.15 -18.36
N PHE A 464 -47.85 -23.39 -18.02
CA PHE A 464 -47.47 -23.85 -16.69
C PHE A 464 -48.60 -23.62 -15.67
N GLU A 465 -49.78 -24.13 -16.01
CA GLU A 465 -50.96 -24.04 -15.17
C GLU A 465 -51.54 -25.44 -15.01
N ARG A 466 -51.73 -25.87 -13.76
CA ARG A 466 -52.38 -27.14 -13.47
C ARG A 466 -53.89 -26.90 -13.49
N ASP A 467 -54.59 -27.54 -14.42
CA ASP A 467 -56.01 -27.28 -14.63
C ASP A 467 -56.85 -28.36 -13.95
N ILE A 468 -57.73 -27.92 -13.05
CA ILE A 468 -58.70 -28.79 -12.38
C ILE A 468 -60.07 -28.13 -12.44
N SER A 469 -61.09 -28.93 -12.79
CA SER A 469 -62.46 -28.44 -12.84
C SER A 469 -63.41 -29.60 -12.59
N THR A 470 -64.51 -29.29 -11.92
CA THR A 470 -65.61 -30.22 -11.69
C THR A 470 -66.75 -30.01 -12.67
N GLU A 471 -67.01 -28.76 -13.04
CA GLU A 471 -68.13 -28.41 -13.89
C GLU A 471 -67.91 -28.84 -15.33
N ILE A 472 -68.98 -28.80 -16.11
CA ILE A 472 -68.99 -29.32 -17.47
C ILE A 472 -68.85 -28.17 -18.46
N TYR A 473 -68.62 -28.54 -19.72
CA TYR A 473 -68.44 -27.54 -20.77
C TYR A 473 -69.76 -26.89 -21.14
N GLN A 474 -69.69 -25.60 -21.48
CA GLN A 474 -70.84 -24.85 -21.98
C GLN A 474 -70.59 -24.46 -23.44
N ALA A 475 -71.51 -24.85 -24.32
CA ALA A 475 -71.38 -24.56 -25.75
C ALA A 475 -72.58 -23.86 -26.35
N GLY A 476 -73.78 -23.99 -25.77
CA GLY A 476 -74.95 -23.36 -26.32
C GLY A 476 -75.53 -22.29 -25.41
N SER A 477 -76.86 -22.17 -25.39
CA SER A 477 -77.51 -21.15 -24.57
C SER A 477 -78.38 -21.81 -23.49
N THR A 478 -78.86 -23.02 -23.76
CA THR A 478 -79.67 -23.74 -22.79
C THR A 478 -78.77 -24.35 -21.72
N PRO A 479 -78.96 -24.02 -20.45
CA PRO A 479 -78.09 -24.59 -19.40
C PRO A 479 -78.48 -26.00 -19.04
N CYS A 480 -77.48 -26.78 -18.63
CA CYS A 480 -77.73 -28.14 -18.15
C CYS A 480 -78.30 -28.09 -16.74
N ASN A 481 -79.31 -28.93 -16.49
CA ASN A 481 -80.01 -28.96 -15.21
C ASN A 481 -79.53 -30.08 -14.30
N GLY A 482 -78.25 -30.45 -14.39
CA GLY A 482 -77.72 -31.57 -13.62
C GLY A 482 -77.81 -32.91 -14.33
N VAL A 483 -79.00 -33.25 -14.82
CA VAL A 483 -79.17 -34.44 -15.65
C VAL A 483 -78.53 -34.15 -17.01
N GLU A 484 -77.72 -35.11 -17.49
CA GLU A 484 -76.95 -34.92 -18.72
C GLU A 484 -77.85 -34.90 -19.95
N GLY A 485 -77.73 -33.85 -20.74
CA GLY A 485 -78.59 -33.63 -21.89
C GLY A 485 -77.84 -33.53 -23.21
N PHE A 486 -78.39 -32.75 -24.14
CA PHE A 486 -77.85 -32.68 -25.49
C PHE A 486 -76.67 -31.72 -25.64
N ASN A 487 -76.44 -30.83 -24.68
CA ASN A 487 -75.34 -29.88 -24.76
C ASN A 487 -74.60 -29.81 -23.43
N CYS A 488 -74.51 -30.94 -22.72
CA CYS A 488 -73.82 -30.95 -21.44
C CYS A 488 -72.31 -31.13 -21.61
N TYR A 489 -71.92 -32.12 -22.43
CA TYR A 489 -70.56 -32.33 -22.95
C TYR A 489 -69.53 -32.54 -21.83
N PHE A 490 -69.67 -33.71 -21.17
CA PHE A 490 -68.82 -34.20 -20.09
C PHE A 490 -67.35 -34.25 -20.51
N PRO A 491 -66.48 -33.42 -19.91
CA PRO A 491 -65.09 -33.34 -20.37
C PRO A 491 -64.22 -34.50 -19.93
N LEU A 492 -64.53 -35.11 -18.77
CA LEU A 492 -63.68 -36.15 -18.20
C LEU A 492 -64.00 -37.50 -18.84
N GLN A 493 -63.46 -37.69 -20.04
CA GLN A 493 -63.56 -38.96 -20.76
C GLN A 493 -62.35 -39.83 -20.34
N SER A 494 -62.24 -41.02 -20.93
CA SER A 494 -61.17 -41.95 -20.58
C SER A 494 -60.29 -42.23 -21.79
N TYR A 495 -58.97 -42.10 -21.61
CA TYR A 495 -58.00 -42.74 -22.47
C TYR A 495 -58.17 -44.25 -22.49
N GLY A 496 -58.31 -44.80 -23.69
CA GLY A 496 -58.34 -46.24 -23.85
C GLY A 496 -56.94 -46.79 -24.10
N PHE A 497 -56.34 -47.40 -23.07
CA PHE A 497 -54.98 -47.92 -23.16
C PHE A 497 -55.04 -49.44 -22.98
N GLN A 498 -55.19 -50.12 -24.08
CA GLN A 498 -55.25 -51.55 -24.31
C GLN A 498 -53.87 -52.07 -24.73
N PRO A 499 -53.53 -53.32 -24.40
CA PRO A 499 -52.22 -53.85 -24.84
C PRO A 499 -52.12 -54.15 -26.32
N THR A 500 -53.24 -54.17 -27.05
CA THR A 500 -53.20 -54.35 -28.50
C THR A 500 -52.93 -53.04 -29.24
N ASN A 501 -52.85 -51.92 -28.53
CA ASN A 501 -52.55 -50.63 -29.13
C ASN A 501 -51.09 -50.57 -29.58
N GLY A 502 -50.85 -49.79 -30.63
CA GLY A 502 -49.51 -49.60 -31.16
C GLY A 502 -48.72 -48.58 -30.37
N VAL A 503 -47.55 -48.25 -30.91
CA VAL A 503 -46.59 -47.40 -30.20
C VAL A 503 -47.06 -45.94 -30.22
N GLY A 504 -47.87 -45.56 -31.21
CA GLY A 504 -48.46 -44.23 -31.21
C GLY A 504 -49.74 -44.15 -30.40
N TYR A 505 -50.34 -45.31 -30.10
CA TYR A 505 -51.60 -45.32 -29.37
C TYR A 505 -51.38 -45.64 -27.90
N GLN A 506 -50.29 -46.34 -27.57
CA GLN A 506 -49.92 -46.55 -26.18
C GLN A 506 -49.38 -45.24 -25.59
N PRO A 507 -49.47 -45.04 -24.27
CA PRO A 507 -49.01 -43.76 -23.69
C PRO A 507 -47.50 -43.58 -23.71
N TYR A 508 -47.08 -42.36 -24.04
CA TYR A 508 -45.70 -41.95 -23.88
C TYR A 508 -45.55 -41.24 -22.55
N ARG A 509 -44.77 -41.82 -21.65
CA ARG A 509 -44.64 -41.32 -20.29
C ARG A 509 -43.76 -40.08 -20.27
N VAL A 510 -44.37 -38.90 -20.18
CA VAL A 510 -43.63 -37.64 -20.19
C VAL A 510 -43.35 -37.25 -18.75
N VAL A 511 -42.14 -36.73 -18.52
CA VAL A 511 -41.83 -35.98 -17.31
C VAL A 511 -41.22 -34.66 -17.74
N VAL A 512 -41.57 -33.60 -17.01
CA VAL A 512 -41.11 -32.25 -17.32
C VAL A 512 -40.21 -31.82 -16.17
N LEU A 513 -38.91 -31.77 -16.43
CA LEU A 513 -37.97 -31.15 -15.52
C LEU A 513 -37.82 -29.70 -15.98
N SER A 514 -38.84 -28.89 -15.69
CA SER A 514 -38.89 -27.49 -16.09
C SER A 514 -37.87 -26.67 -15.32
N PHE A 515 -37.22 -25.75 -16.02
CA PHE A 515 -36.20 -24.88 -15.47
C PHE A 515 -36.67 -23.43 -15.63
N GLU A 516 -37.23 -22.86 -14.57
CA GLU A 516 -37.63 -21.47 -14.57
C GLU A 516 -36.51 -20.62 -13.97
N LEU A 517 -36.72 -19.30 -13.94
CA LEU A 517 -35.69 -18.36 -13.48
C LEU A 517 -36.36 -17.35 -12.55
N LEU A 518 -36.19 -17.55 -11.25
CA LEU A 518 -36.68 -16.63 -10.23
C LEU A 518 -35.53 -16.32 -9.27
N HIS A 519 -35.78 -15.38 -8.35
CA HIS A 519 -34.76 -14.97 -7.39
C HIS A 519 -34.75 -15.90 -6.16
N ALA A 520 -34.31 -17.13 -6.40
CA ALA A 520 -34.20 -18.17 -5.39
C ALA A 520 -32.90 -18.91 -5.58
N PRO A 521 -32.32 -19.45 -4.50
CA PRO A 521 -31.15 -20.33 -4.65
C PRO A 521 -31.51 -21.65 -5.33
N ALA A 522 -30.54 -22.22 -6.02
CA ALA A 522 -30.73 -23.50 -6.69
C ALA A 522 -30.74 -24.64 -5.67
N THR A 523 -31.58 -25.64 -5.94
CA THR A 523 -31.76 -26.76 -5.03
C THR A 523 -31.25 -28.08 -5.61
N VAL A 524 -31.74 -28.49 -6.77
CA VAL A 524 -31.44 -29.79 -7.35
C VAL A 524 -30.71 -29.59 -8.66
N CYS A 525 -29.51 -30.17 -8.76
CA CYS A 525 -28.70 -30.07 -9.96
C CYS A 525 -28.18 -31.45 -10.34
N GLY A 526 -27.53 -31.53 -11.50
CA GLY A 526 -26.92 -32.74 -11.96
C GLY A 526 -25.60 -33.01 -11.27
N PRO A 527 -24.99 -34.18 -11.53
CA PRO A 527 -23.77 -34.56 -10.85
C PRO A 527 -22.54 -33.85 -11.44
N LYS A 528 -21.46 -33.85 -10.66
CA LYS A 528 -20.19 -33.28 -11.09
C LYS A 528 -19.21 -34.41 -11.35
N LYS A 529 -18.67 -34.46 -12.56
CA LYS A 529 -17.76 -35.52 -12.96
C LYS A 529 -16.39 -35.32 -12.34
N SER A 530 -15.76 -36.43 -11.98
CA SER A 530 -14.47 -36.39 -11.30
C SER A 530 -13.48 -37.29 -12.03
N THR A 531 -12.22 -36.89 -12.06
CA THR A 531 -11.16 -37.72 -12.61
C THR A 531 -10.57 -38.58 -11.50
N ASN A 532 -9.55 -39.36 -11.83
CA ASN A 532 -8.86 -40.17 -10.85
C ASN A 532 -7.79 -39.34 -10.13
N LEU A 533 -7.10 -39.96 -9.19
CA LEU A 533 -6.09 -39.31 -8.38
C LEU A 533 -4.71 -39.87 -8.68
N VAL A 534 -3.73 -38.99 -8.84
CA VAL A 534 -2.36 -39.38 -9.08
C VAL A 534 -1.54 -39.11 -7.81
N LYS A 535 -0.33 -39.67 -7.78
CA LYS A 535 0.53 -39.55 -6.61
C LYS A 535 1.95 -39.21 -7.05
N ASN A 536 2.62 -38.42 -6.20
CA ASN A 536 4.06 -38.08 -6.28
C ASN A 536 4.41 -37.36 -7.58
N LYS A 537 3.63 -36.34 -7.92
CA LYS A 537 3.88 -35.51 -9.09
C LYS A 537 3.32 -34.13 -8.82
N CYS A 538 4.00 -33.10 -9.32
CA CYS A 538 3.53 -31.73 -9.16
C CYS A 538 2.34 -31.50 -10.07
N VAL A 539 1.15 -31.37 -9.49
CA VAL A 539 -0.07 -31.25 -10.25
C VAL A 539 -0.99 -30.25 -9.56
N ASN A 540 -1.64 -29.42 -10.38
CA ASN A 540 -2.74 -28.60 -9.92
C ASN A 540 -3.95 -29.50 -9.67
N PHE A 541 -4.61 -29.31 -8.55
CA PHE A 541 -5.66 -30.23 -8.16
C PHE A 541 -6.98 -29.48 -7.99
N ASN A 542 -8.06 -30.16 -8.35
CA ASN A 542 -9.41 -29.63 -8.18
C ASN A 542 -10.13 -30.57 -7.22
N PHE A 543 -10.17 -30.19 -5.94
CA PHE A 543 -10.85 -30.99 -4.93
C PHE A 543 -12.26 -30.47 -4.73
N ASN A 544 -12.92 -30.95 -3.68
CA ASN A 544 -14.27 -30.51 -3.33
C ASN A 544 -14.33 -29.18 -2.56
N GLY A 545 -13.81 -28.13 -3.16
CA GLY A 545 -13.84 -26.83 -2.53
C GLY A 545 -12.53 -26.07 -2.54
N LEU A 546 -11.41 -26.77 -2.44
CA LEU A 546 -10.10 -26.14 -2.44
C LEU A 546 -9.30 -26.57 -3.65
N THR A 547 -8.58 -25.61 -4.24
CA THR A 547 -7.68 -25.84 -5.36
C THR A 547 -6.32 -25.22 -5.04
N GLY A 548 -5.27 -25.82 -5.60
CA GLY A 548 -3.93 -25.33 -5.35
C GLY A 548 -2.92 -26.14 -6.13
N THR A 549 -1.66 -25.70 -6.04
CA THR A 549 -0.56 -26.32 -6.76
C THR A 549 0.41 -26.96 -5.79
N GLY A 550 0.72 -28.23 -6.03
CA GLY A 550 1.64 -28.95 -5.15
C GLY A 550 1.84 -30.37 -5.64
N VAL A 551 2.49 -31.17 -4.80
CA VAL A 551 2.81 -32.56 -5.11
C VAL A 551 1.98 -33.44 -4.19
N LEU A 552 1.18 -34.33 -4.78
CA LEU A 552 0.28 -35.19 -4.03
C LEU A 552 1.08 -36.39 -3.53
N THR A 553 1.31 -36.45 -2.22
CA THR A 553 2.19 -37.45 -1.62
C THR A 553 1.41 -38.33 -0.67
N GLU A 554 1.90 -39.56 -0.50
CA GLU A 554 1.32 -40.46 0.47
C GLU A 554 1.72 -40.00 1.88
N SER A 555 0.76 -40.01 2.78
CA SER A 555 0.87 -39.34 4.07
C SER A 555 1.41 -40.26 5.14
N ASN A 556 1.74 -39.66 6.28
CA ASN A 556 2.17 -40.41 7.45
C ASN A 556 1.33 -40.18 8.68
N LYS A 557 0.67 -39.03 8.80
CA LYS A 557 -0.16 -38.71 9.95
C LYS A 557 -1.58 -39.24 9.75
N LYS A 558 -2.48 -38.83 10.64
CA LYS A 558 -3.90 -39.14 10.50
C LYS A 558 -4.68 -38.02 11.20
N PHE A 559 -5.95 -37.86 10.84
CA PHE A 559 -6.77 -36.85 11.48
C PHE A 559 -7.84 -37.49 12.35
N LEU A 560 -8.50 -36.64 13.15
CA LEU A 560 -9.78 -36.95 13.75
C LEU A 560 -10.85 -36.94 12.66
N PRO A 561 -11.99 -37.66 12.86
CA PRO A 561 -13.00 -37.73 11.78
C PRO A 561 -13.81 -36.47 11.47
N PHE A 562 -13.48 -35.31 12.02
CA PHE A 562 -14.18 -34.09 11.67
C PHE A 562 -13.32 -33.05 10.96
N GLN A 563 -12.04 -33.33 10.71
CA GLN A 563 -11.31 -32.45 9.79
C GLN A 563 -11.41 -32.98 8.37
N GLN A 564 -11.64 -32.06 7.44
CA GLN A 564 -11.58 -32.36 6.01
C GLN A 564 -10.21 -32.07 5.43
N PHE A 565 -9.58 -30.98 5.85
CA PHE A 565 -8.24 -30.63 5.42
C PHE A 565 -7.46 -30.15 6.65
N GLY A 566 -6.26 -29.65 6.42
CA GLY A 566 -5.45 -29.11 7.50
C GLY A 566 -4.42 -28.14 6.98
N ARG A 567 -4.01 -27.24 7.87
CA ARG A 567 -2.92 -26.31 7.59
C ARG A 567 -1.84 -26.46 8.66
N ASP A 568 -0.81 -25.61 8.55
CA ASP A 568 0.30 -25.64 9.50
C ASP A 568 0.59 -24.23 10.03
N ILE A 569 1.78 -24.08 10.63
CA ILE A 569 2.33 -22.79 11.01
C ILE A 569 2.37 -21.86 9.78
N ALA A 570 1.89 -20.63 9.97
CA ALA A 570 1.75 -19.50 9.05
C ALA A 570 0.72 -19.73 7.94
N ASP A 571 -0.28 -20.60 8.17
CA ASP A 571 -1.52 -20.71 7.39
C ASP A 571 -1.27 -21.09 5.92
N THR A 572 -0.74 -22.29 5.73
CA THR A 572 -0.58 -22.86 4.41
C THR A 572 -1.06 -24.31 4.46
N THR A 573 -1.81 -24.73 3.44
CA THR A 573 -2.41 -26.06 3.44
C THR A 573 -1.34 -27.14 3.25
N ASP A 574 -1.38 -28.17 4.10
CA ASP A 574 -0.44 -29.27 3.95
C ASP A 574 -1.10 -30.64 3.85
N ALA A 575 -2.37 -30.77 4.23
CA ALA A 575 -3.02 -32.08 4.26
C ALA A 575 -4.45 -31.97 3.76
N VAL A 576 -4.95 -33.09 3.23
CA VAL A 576 -6.28 -33.16 2.64
C VAL A 576 -6.69 -34.63 2.67
N ARG A 577 -7.99 -34.90 2.55
CA ARG A 577 -8.52 -36.24 2.43
C ARG A 577 -9.39 -36.34 1.18
N ASP A 578 -9.24 -37.44 0.42
CA ASP A 578 -10.05 -37.64 -0.77
C ASP A 578 -11.48 -37.99 -0.36
N PRO A 579 -12.49 -37.60 -1.13
CA PRO A 579 -13.88 -37.82 -0.68
C PRO A 579 -14.53 -39.10 -1.19
N GLN A 580 -13.86 -39.91 -2.01
CA GLN A 580 -14.43 -41.16 -2.49
C GLN A 580 -13.84 -42.39 -1.83
N THR A 581 -12.63 -42.29 -1.28
CA THR A 581 -11.95 -43.42 -0.67
C THR A 581 -11.67 -43.13 0.81
N LEU A 582 -11.65 -41.85 1.19
CA LEU A 582 -11.42 -41.34 2.57
C LEU A 582 -10.08 -41.79 3.13
N GLU A 583 -9.00 -41.34 2.48
CA GLU A 583 -7.65 -41.56 2.95
C GLU A 583 -6.94 -40.21 3.11
N ILE A 584 -6.21 -40.07 4.22
CA ILE A 584 -5.43 -38.88 4.51
C ILE A 584 -4.25 -38.76 3.56
N LEU A 585 -4.01 -37.56 3.05
CA LEU A 585 -2.98 -37.28 2.06
C LEU A 585 -2.28 -35.97 2.40
N ASP A 586 -0.95 -36.03 2.51
CA ASP A 586 -0.13 -34.84 2.71
C ASP A 586 0.35 -34.32 1.36
N ILE A 587 0.49 -32.99 1.26
CA ILE A 587 0.96 -32.37 0.02
C ILE A 587 2.29 -31.69 0.27
N THR A 588 3.06 -31.51 -0.81
CA THR A 588 4.40 -30.96 -0.83
C THR A 588 4.48 -29.94 -1.95
N PRO A 589 5.17 -28.81 -1.75
CA PRO A 589 5.32 -27.83 -2.85
C PRO A 589 6.20 -28.33 -3.99
N CYS A 590 5.96 -27.77 -5.17
CA CYS A 590 6.54 -28.28 -6.42
C CYS A 590 8.02 -27.96 -6.53
N SER A 591 8.67 -28.62 -7.48
CA SER A 591 10.08 -28.39 -7.77
C SER A 591 10.28 -27.03 -8.43
N PHE A 592 11.40 -26.39 -8.09
CA PHE A 592 11.66 -25.01 -8.46
C PHE A 592 13.13 -24.74 -8.19
N GLY A 593 13.56 -23.54 -8.53
CA GLY A 593 14.83 -23.07 -7.98
C GLY A 593 15.75 -22.55 -9.06
N GLY A 594 17.04 -22.63 -8.74
CA GLY A 594 18.07 -22.02 -9.56
C GLY A 594 19.05 -22.95 -10.25
N VAL A 595 19.64 -22.43 -11.31
CA VAL A 595 20.66 -23.10 -12.09
C VAL A 595 21.96 -22.33 -11.91
N SER A 596 23.01 -23.02 -11.48
CA SER A 596 24.31 -22.40 -11.29
C SER A 596 25.25 -22.88 -12.39
N VAL A 597 25.80 -21.92 -13.13
CA VAL A 597 26.61 -22.20 -14.32
C VAL A 597 27.98 -21.56 -14.14
N ILE A 598 29.02 -22.38 -14.17
CA ILE A 598 30.39 -21.95 -13.88
C ILE A 598 30.95 -21.17 -15.06
N THR A 599 31.37 -19.92 -14.79
CA THR A 599 32.21 -19.17 -15.72
C THR A 599 33.52 -18.78 -15.03
N PRO A 600 34.67 -19.01 -15.68
CA PRO A 600 35.95 -18.58 -15.11
C PRO A 600 36.41 -17.21 -15.56
N GLY A 601 35.54 -16.41 -16.17
CA GLY A 601 35.98 -15.18 -16.79
C GLY A 601 36.07 -15.37 -18.30
N THR A 602 36.00 -14.27 -19.05
CA THR A 602 35.99 -14.36 -20.50
C THR A 602 37.37 -14.71 -21.05
N ASN A 603 38.42 -14.10 -20.51
CA ASN A 603 39.75 -14.22 -21.09
C ASN A 603 40.41 -15.56 -20.81
N THR A 604 39.93 -16.31 -19.81
CA THR A 604 40.62 -17.52 -19.39
C THR A 604 40.13 -18.74 -20.16
N SER A 605 38.84 -19.04 -20.07
CA SER A 605 38.26 -20.19 -20.74
C SER A 605 36.87 -19.80 -21.22
N ASN A 606 36.20 -20.75 -21.89
CA ASN A 606 34.89 -20.48 -22.46
C ASN A 606 33.84 -21.51 -22.05
N GLN A 607 34.22 -22.76 -21.85
CA GLN A 607 33.27 -23.84 -21.56
C GLN A 607 32.73 -23.72 -20.15
N VAL A 608 31.58 -24.35 -19.93
CA VAL A 608 30.85 -24.23 -18.67
C VAL A 608 30.55 -25.63 -18.12
N ALA A 609 30.24 -25.67 -16.83
CA ALA A 609 29.63 -26.81 -16.17
C ALA A 609 28.39 -26.29 -15.44
N VAL A 610 27.49 -27.19 -15.08
CA VAL A 610 26.16 -26.76 -14.66
C VAL A 610 25.79 -27.40 -13.33
N LEU A 611 25.25 -26.58 -12.42
CA LEU A 611 24.82 -27.01 -11.09
C LEU A 611 23.35 -26.64 -10.92
N TYR A 612 22.57 -27.57 -10.40
CA TYR A 612 21.15 -27.38 -10.11
C TYR A 612 20.96 -27.34 -8.61
N GLN A 613 20.74 -26.14 -8.05
CA GLN A 613 20.56 -26.01 -6.61
C GLN A 613 19.17 -26.49 -6.19
N ASP A 614 19.12 -27.04 -4.97
CA ASP A 614 17.96 -27.53 -4.18
C ASP A 614 16.93 -28.34 -5.00
N VAL A 615 17.46 -29.16 -5.91
CA VAL A 615 16.64 -30.01 -6.77
C VAL A 615 17.25 -31.41 -6.76
N ASN A 616 16.41 -32.42 -6.50
CA ASN A 616 16.75 -33.79 -6.88
C ASN A 616 16.87 -33.84 -8.40
N CYS A 617 18.10 -33.99 -8.88
CA CYS A 617 18.31 -33.92 -10.32
C CYS A 617 18.23 -35.27 -11.01
N THR A 618 17.04 -35.86 -10.99
CA THR A 618 16.65 -36.97 -11.84
C THR A 618 15.46 -36.62 -12.73
N GLU A 619 14.84 -35.45 -12.52
CA GLU A 619 13.68 -35.00 -13.28
C GLU A 619 13.93 -33.66 -13.96
N VAL A 620 15.21 -33.30 -14.13
CA VAL A 620 15.54 -31.96 -14.65
C VAL A 620 15.32 -31.70 -16.15
N PRO A 621 15.38 -32.66 -17.10
CA PRO A 621 14.91 -32.29 -18.46
C PRO A 621 13.40 -32.15 -18.59
N VAL A 622 12.63 -32.53 -17.57
CA VAL A 622 11.20 -32.22 -17.50
C VAL A 622 11.08 -30.82 -16.93
N ALA A 623 12.02 -30.45 -16.05
CA ALA A 623 11.96 -29.17 -15.34
C ALA A 623 12.24 -27.99 -16.27
N ILE A 624 13.47 -27.91 -16.78
CA ILE A 624 13.79 -26.90 -17.78
C ILE A 624 13.31 -27.41 -19.13
N HIS A 625 13.12 -26.49 -20.07
CA HIS A 625 12.54 -26.84 -21.36
C HIS A 625 13.67 -27.21 -22.33
N ALA A 626 14.25 -28.40 -22.09
CA ALA A 626 15.36 -28.86 -22.91
C ALA A 626 14.90 -29.31 -24.28
N ASP A 627 13.64 -29.76 -24.38
CA ASP A 627 13.05 -30.09 -25.67
C ASP A 627 12.64 -28.87 -26.47
N GLN A 628 12.56 -27.70 -25.84
CA GLN A 628 12.17 -26.47 -26.52
C GLN A 628 13.35 -25.61 -26.95
N LEU A 629 14.45 -25.62 -26.19
CA LEU A 629 15.58 -24.76 -26.49
C LEU A 629 16.53 -25.42 -27.49
N THR A 630 17.71 -24.82 -27.61
CA THR A 630 18.70 -25.23 -28.61
C THR A 630 19.32 -26.58 -28.23
N PRO A 631 19.88 -27.31 -29.21
CA PRO A 631 20.68 -28.50 -28.89
C PRO A 631 21.96 -28.22 -28.09
N THR A 632 22.47 -26.99 -28.12
CA THR A 632 23.53 -26.57 -27.18
C THR A 632 23.02 -26.55 -25.74
N TRP A 633 21.78 -26.13 -25.52
CA TRP A 633 21.20 -26.18 -24.17
C TRP A 633 20.82 -27.61 -23.77
N ARG A 634 20.66 -28.49 -24.76
CA ARG A 634 20.25 -29.88 -24.50
C ARG A 634 21.33 -30.69 -23.80
N VAL A 635 22.61 -30.38 -24.03
CA VAL A 635 23.69 -31.12 -23.39
C VAL A 635 24.05 -30.57 -22.02
N TYR A 636 23.34 -29.57 -21.53
CA TYR A 636 23.53 -29.07 -20.17
C TYR A 636 22.33 -29.34 -19.27
N SER A 637 21.51 -30.33 -19.62
CA SER A 637 20.55 -30.91 -18.70
C SER A 637 20.96 -32.32 -18.28
N THR A 638 21.98 -32.88 -18.90
CA THR A 638 22.50 -34.21 -18.59
C THR A 638 23.96 -34.25 -18.98
N GLY A 639 24.57 -35.42 -18.78
CA GLY A 639 25.96 -35.61 -19.13
C GLY A 639 26.41 -37.00 -18.68
N SER A 640 27.67 -37.31 -19.00
CA SER A 640 28.24 -38.60 -18.64
C SER A 640 28.56 -38.67 -17.15
N ASN A 641 28.80 -37.52 -16.52
CA ASN A 641 29.20 -37.44 -15.12
C ASN A 641 28.09 -36.81 -14.28
N VAL A 642 27.70 -37.51 -13.21
CA VAL A 642 26.63 -37.08 -12.31
C VAL A 642 27.19 -37.04 -10.89
N PHE A 643 27.13 -35.87 -10.25
CA PHE A 643 27.63 -35.68 -8.89
C PHE A 643 26.58 -34.94 -8.08
N GLN A 644 26.43 -35.33 -6.81
CA GLN A 644 25.41 -34.76 -5.93
C GLN A 644 26.12 -34.05 -4.78
N THR A 645 25.81 -32.76 -4.59
CA THR A 645 26.48 -31.94 -3.59
C THR A 645 25.50 -31.58 -2.48
N ARG A 646 25.93 -30.66 -1.61
CA ARG A 646 25.07 -30.22 -0.52
C ARG A 646 24.16 -29.07 -0.91
N ALA A 647 24.69 -28.06 -1.59
CA ALA A 647 23.89 -26.93 -2.04
C ALA A 647 23.15 -27.20 -3.35
N GLY A 648 23.31 -28.38 -3.92
CA GLY A 648 22.63 -28.78 -5.13
C GLY A 648 23.11 -30.15 -5.59
N CYS A 649 23.41 -30.24 -6.87
CA CYS A 649 24.07 -31.40 -7.47
C CYS A 649 24.81 -30.91 -8.71
N LEU A 650 25.80 -31.67 -9.16
CA LEU A 650 26.72 -31.20 -10.19
C LEU A 650 26.65 -32.12 -11.42
N ILE A 651 26.44 -31.51 -12.58
CA ILE A 651 26.39 -32.22 -13.86
C ILE A 651 27.43 -31.58 -14.77
N GLY A 652 28.25 -32.38 -15.42
CA GLY A 652 29.19 -31.86 -16.39
C GLY A 652 30.63 -31.75 -15.92
N ALA A 653 30.86 -31.77 -14.61
CA ALA A 653 32.21 -31.79 -14.06
C ALA A 653 32.42 -33.10 -13.29
N GLU A 654 33.53 -33.76 -13.57
CA GLU A 654 33.75 -35.14 -13.18
C GLU A 654 34.29 -35.21 -11.76
N HIS A 655 34.00 -36.33 -11.08
CA HIS A 655 34.41 -36.50 -9.70
C HIS A 655 35.85 -36.98 -9.59
N VAL A 656 36.61 -36.32 -8.72
CA VAL A 656 37.90 -36.82 -8.27
C VAL A 656 37.94 -36.61 -6.76
N ASN A 657 38.60 -37.52 -6.05
CA ASN A 657 38.58 -37.54 -4.60
C ASN A 657 39.58 -36.58 -3.97
N ASN A 658 40.39 -35.91 -4.79
CA ASN A 658 41.38 -34.96 -4.30
C ASN A 658 40.66 -33.67 -3.89
N SER A 659 41.31 -32.89 -3.02
CA SER A 659 40.75 -31.66 -2.47
C SER A 659 41.62 -30.48 -2.91
N TYR A 660 40.97 -29.37 -3.23
CA TYR A 660 41.67 -28.19 -3.72
C TYR A 660 41.10 -26.95 -3.03
N GLU A 661 41.77 -25.82 -3.21
CA GLU A 661 41.28 -24.56 -2.67
C GLU A 661 40.22 -23.97 -3.59
N CYS A 662 39.27 -23.26 -3.00
CA CYS A 662 38.14 -22.73 -3.78
C CYS A 662 38.51 -21.45 -4.51
N ASP A 663 38.40 -21.49 -5.83
CA ASP A 663 38.48 -20.31 -6.66
C ASP A 663 37.08 -19.79 -7.01
N ILE A 664 36.15 -20.71 -7.28
CA ILE A 664 34.84 -20.39 -7.82
C ILE A 664 33.81 -20.58 -6.70
N PRO A 665 33.25 -19.50 -6.14
CA PRO A 665 32.57 -19.59 -4.83
C PRO A 665 31.16 -20.15 -4.91
N ILE A 666 30.96 -21.32 -4.29
CA ILE A 666 29.66 -21.90 -4.08
C ILE A 666 29.28 -21.93 -2.60
N GLY A 667 30.08 -22.63 -1.80
CA GLY A 667 29.77 -22.88 -0.41
C GLY A 667 29.67 -24.37 -0.18
N ALA A 668 29.46 -24.73 1.10
CA ALA A 668 29.01 -26.06 1.55
C ALA A 668 29.99 -27.18 1.22
N GLY A 669 31.28 -26.84 1.14
CA GLY A 669 32.31 -27.84 0.95
C GLY A 669 32.67 -28.15 -0.49
N ILE A 670 31.82 -27.83 -1.44
CA ILE A 670 32.05 -28.16 -2.84
C ILE A 670 32.30 -26.88 -3.62
N CYS A 671 33.42 -26.84 -4.33
CA CYS A 671 33.70 -25.88 -5.38
C CYS A 671 34.19 -26.67 -6.60
N ALA A 672 34.18 -26.02 -7.77
CA ALA A 672 34.71 -26.62 -8.99
C ALA A 672 35.81 -25.71 -9.53
N SER A 673 36.64 -26.25 -10.42
CA SER A 673 37.81 -25.51 -10.89
C SER A 673 38.19 -26.01 -12.27
N TYR A 674 39.05 -25.23 -12.94
CA TYR A 674 39.55 -25.51 -14.28
C TYR A 674 40.98 -26.03 -14.18
N GLN A 675 41.26 -27.12 -14.89
CA GLN A 675 42.58 -27.77 -14.85
C GLN A 675 43.09 -28.13 -16.24
N THR A 676 42.55 -27.51 -17.29
CA THR A 676 42.81 -27.77 -18.72
C THR A 676 42.65 -29.24 -19.13
N SER A 691 39.45 -29.11 -18.54
CA SER A 691 38.09 -29.48 -18.15
C SER A 691 37.76 -28.99 -16.74
N ILE A 692 36.53 -29.24 -16.30
CA ILE A 692 36.07 -28.84 -14.97
C ILE A 692 35.88 -30.11 -14.14
N ILE A 693 36.24 -30.04 -12.86
CA ILE A 693 36.28 -31.21 -11.98
C ILE A 693 35.33 -31.02 -10.81
N ALA A 694 35.29 -32.04 -9.94
CA ALA A 694 34.62 -31.98 -8.65
C ALA A 694 35.63 -32.24 -7.54
N TYR A 695 35.54 -31.48 -6.45
CA TYR A 695 36.47 -31.66 -5.35
C TYR A 695 35.84 -31.26 -4.03
N THR A 696 36.63 -31.38 -2.97
CA THR A 696 36.22 -31.18 -1.59
C THR A 696 37.05 -30.01 -1.05
N MET A 697 36.54 -29.33 -0.02
CA MET A 697 37.14 -28.14 0.56
C MET A 697 38.52 -28.39 1.18
N SER A 698 39.43 -27.45 0.95
CA SER A 698 40.67 -27.33 1.72
C SER A 698 40.74 -25.95 2.35
N LEU A 699 41.18 -25.88 3.60
CA LEU A 699 41.31 -24.60 4.26
C LEU A 699 42.75 -24.15 4.47
N GLY A 700 43.69 -25.08 4.55
CA GLY A 700 45.07 -24.71 4.79
C GLY A 700 45.91 -25.96 4.97
N ALA A 701 47.18 -25.73 5.25
CA ALA A 701 48.12 -26.84 5.36
C ALA A 701 48.05 -27.47 6.73
N GLU A 702 47.92 -28.79 6.75
CA GLU A 702 48.02 -29.54 7.99
C GLU A 702 49.46 -29.54 8.49
N ASN A 703 49.61 -29.21 9.77
CA ASN A 703 50.91 -29.31 10.41
C ASN A 703 50.75 -29.69 11.88
N SER A 704 51.71 -30.44 12.37
CA SER A 704 51.77 -30.77 13.79
C SER A 704 53.18 -30.40 14.24
N VAL A 705 53.28 -29.59 15.29
CA VAL A 705 54.57 -29.27 15.86
C VAL A 705 55.06 -30.49 16.65
N ALA A 706 56.36 -30.69 16.68
CA ALA A 706 56.93 -31.83 17.40
C ALA A 706 56.95 -31.49 18.89
N TYR A 707 55.89 -31.89 19.59
CA TYR A 707 55.63 -31.35 20.92
C TYR A 707 56.23 -32.26 22.00
N SER A 708 56.87 -31.66 23.00
CA SER A 708 57.62 -32.41 24.01
C SER A 708 57.40 -31.88 25.42
N ASN A 709 58.23 -32.36 26.37
CA ASN A 709 58.39 -31.78 27.70
C ASN A 709 58.85 -30.33 27.66
N ASN A 710 59.91 -30.06 26.90
CA ASN A 710 60.63 -28.79 26.93
C ASN A 710 61.30 -28.44 25.59
N SER A 711 60.54 -28.39 24.50
CA SER A 711 61.14 -28.04 23.21
C SER A 711 60.61 -26.70 22.74
N ILE A 712 61.51 -25.72 22.61
CA ILE A 712 61.13 -24.36 22.22
C ILE A 712 61.75 -24.06 20.86
N ALA A 713 61.06 -23.21 20.09
CA ALA A 713 61.51 -22.82 18.76
C ALA A 713 61.74 -21.32 18.72
N ILE A 714 62.98 -20.92 18.49
CA ILE A 714 63.38 -19.52 18.56
C ILE A 714 64.01 -19.15 17.23
N PRO A 715 63.58 -18.05 16.59
CA PRO A 715 64.17 -17.65 15.32
C PRO A 715 65.62 -17.19 15.46
N THR A 716 66.38 -17.46 14.41
CA THR A 716 67.74 -16.99 14.29
C THR A 716 67.87 -15.86 13.28
N ASN A 717 66.76 -15.42 12.70
CA ASN A 717 66.74 -14.41 11.65
C ASN A 717 65.35 -13.78 11.63
N PHE A 718 65.10 -12.95 10.62
CA PHE A 718 63.80 -12.30 10.47
C PHE A 718 63.61 -11.88 9.03
N THR A 719 62.36 -11.55 8.70
CA THR A 719 62.03 -10.82 7.49
C THR A 719 61.33 -9.54 7.88
N ILE A 720 61.54 -8.49 7.11
CA ILE A 720 60.82 -7.24 7.31
C ILE A 720 59.91 -7.07 6.11
N SER A 721 58.60 -7.06 6.36
CA SER A 721 57.60 -7.05 5.32
C SER A 721 56.78 -5.78 5.41
N VAL A 722 56.65 -5.09 4.29
CA VAL A 722 55.80 -3.91 4.16
C VAL A 722 54.50 -4.36 3.52
N THR A 723 53.43 -4.37 4.31
CA THR A 723 52.13 -4.82 3.85
C THR A 723 51.20 -3.62 3.76
N THR A 724 50.52 -3.50 2.64
CA THR A 724 49.60 -2.39 2.43
C THR A 724 48.31 -2.64 3.17
N GLU A 725 47.60 -1.54 3.44
CA GLU A 725 46.27 -1.61 4.03
C GLU A 725 45.50 -0.38 3.57
N ILE A 726 44.42 -0.62 2.82
CA ILE A 726 43.66 0.43 2.17
C ILE A 726 42.32 0.59 2.87
N LEU A 727 42.01 1.82 3.28
CA LEU A 727 40.77 2.11 3.97
C LEU A 727 40.17 3.33 3.30
N PRO A 728 38.92 3.27 2.84
CA PRO A 728 38.31 4.46 2.25
C PRO A 728 37.83 5.43 3.33
N VAL A 729 38.17 6.69 3.16
CA VAL A 729 37.83 7.71 4.14
C VAL A 729 36.82 8.73 3.62
N SER A 730 36.52 8.75 2.33
CA SER A 730 35.63 9.75 1.80
C SER A 730 34.89 9.18 0.59
N MET A 731 33.90 9.93 0.13
CA MET A 731 33.19 9.62 -1.10
C MET A 731 32.67 10.91 -1.70
N THR A 732 32.00 10.78 -2.83
CA THR A 732 31.54 11.95 -3.58
C THR A 732 30.37 12.62 -2.88
N LYS A 733 30.29 13.93 -3.00
CA LYS A 733 29.25 14.71 -2.35
C LYS A 733 28.25 15.16 -3.40
N THR A 734 26.99 14.78 -3.21
CA THR A 734 25.92 15.03 -4.17
C THR A 734 24.81 15.83 -3.51
N SER A 735 24.21 16.73 -4.26
CA SER A 735 23.04 17.47 -3.82
C SER A 735 22.01 17.50 -4.95
N VAL A 736 20.74 17.29 -4.59
CA VAL A 736 19.65 17.32 -5.55
C VAL A 736 18.58 18.29 -5.07
N ASP A 737 18.15 19.19 -5.96
CA ASP A 737 16.91 19.92 -5.76
C ASP A 737 15.78 18.94 -6.09
N CYS A 738 14.72 18.96 -5.29
CA CYS A 738 13.62 18.03 -5.50
C CYS A 738 12.82 18.41 -6.73
N THR A 739 12.54 19.71 -6.89
CA THR A 739 11.41 20.18 -7.69
C THR A 739 11.63 19.96 -9.18
N MET A 740 12.88 20.08 -9.63
CA MET A 740 13.19 19.78 -11.01
C MET A 740 13.39 18.29 -11.25
N TYR A 741 13.73 17.52 -10.21
CA TYR A 741 13.73 16.06 -10.35
C TYR A 741 12.32 15.51 -10.48
N ILE A 742 11.39 16.02 -9.68
CA ILE A 742 10.08 15.40 -9.57
C ILE A 742 9.21 15.78 -10.74
N CYS A 743 9.05 17.08 -11.00
CA CYS A 743 8.20 17.55 -12.07
C CYS A 743 8.99 18.30 -13.13
N GLY A 744 9.88 19.18 -12.71
CA GLY A 744 10.59 20.01 -13.66
C GLY A 744 9.76 21.17 -14.17
N ASP A 745 9.41 22.09 -13.24
CA ASP A 745 8.64 23.33 -13.41
C ASP A 745 7.38 23.16 -14.28
N SER A 746 6.51 22.26 -13.82
CA SER A 746 5.17 22.10 -14.39
C SER A 746 4.20 22.56 -13.29
N THR A 747 3.17 23.32 -13.69
CA THR A 747 2.41 24.14 -12.74
C THR A 747 1.52 23.30 -11.83
N GLU A 748 0.68 22.44 -12.43
CA GLU A 748 -0.20 21.60 -11.63
C GLU A 748 0.58 20.50 -10.95
N CYS A 749 1.70 20.08 -11.55
CA CYS A 749 2.55 19.06 -10.96
C CYS A 749 3.25 19.56 -9.70
N SER A 750 3.89 20.73 -9.79
CA SER A 750 4.56 21.27 -8.61
C SER A 750 3.57 21.91 -7.64
N ASN A 751 2.35 22.18 -8.09
CA ASN A 751 1.32 22.63 -7.17
C ASN A 751 0.51 21.48 -6.60
N LEU A 752 0.83 20.24 -7.00
CA LEU A 752 0.47 19.12 -6.15
C LEU A 752 1.65 18.70 -5.27
N LEU A 753 2.78 19.40 -5.38
CA LEU A 753 3.95 19.01 -4.61
C LEU A 753 3.98 19.68 -3.25
N LEU A 754 3.62 20.97 -3.18
CA LEU A 754 3.67 21.67 -1.89
C LEU A 754 2.52 21.26 -0.99
N GLN A 755 1.35 20.95 -1.57
CA GLN A 755 0.30 20.26 -0.84
C GLN A 755 0.45 18.74 -0.89
N TYR A 756 1.61 18.22 -1.26
CA TYR A 756 2.02 16.90 -0.78
C TYR A 756 2.93 17.07 0.43
N GLY A 757 3.36 18.28 0.71
CA GLY A 757 4.06 18.55 1.95
C GLY A 757 5.50 19.00 1.72
N SER A 758 6.33 18.84 2.74
CA SER A 758 7.66 19.43 2.80
C SER A 758 8.70 18.37 3.05
N PHE A 759 8.64 17.29 2.25
CA PHE A 759 9.60 16.20 2.35
C PHE A 759 11.00 16.63 1.90
N CYS A 760 11.04 17.61 0.98
CA CYS A 760 12.29 18.06 0.38
C CYS A 760 13.20 18.74 1.38
N THR A 761 12.62 19.35 2.43
CA THR A 761 13.41 20.00 3.47
C THR A 761 14.28 19.02 4.24
N GLN A 762 13.68 17.94 4.77
CA GLN A 762 14.52 16.98 5.49
C GLN A 762 15.31 16.08 4.54
N LEU A 763 14.88 15.93 3.28
CA LEU A 763 15.70 15.17 2.33
C LEU A 763 16.98 15.92 1.97
N ASN A 764 16.88 17.21 1.65
CA ASN A 764 18.05 17.99 1.32
C ASN A 764 18.89 18.28 2.56
N ARG A 765 18.23 18.38 3.73
CA ARG A 765 18.95 18.59 4.99
C ARG A 765 19.72 17.34 5.40
N ALA A 766 19.17 16.15 5.10
CA ALA A 766 19.89 14.92 5.38
C ALA A 766 21.03 14.74 4.40
N LEU A 767 20.83 15.10 3.14
CA LEU A 767 21.86 14.86 2.13
C LEU A 767 22.99 15.88 2.20
N THR A 768 22.74 17.09 2.68
CA THR A 768 23.82 18.05 2.88
C THR A 768 24.65 17.70 4.10
N GLY A 769 24.01 17.08 5.09
CA GLY A 769 24.72 16.58 6.25
C GLY A 769 25.69 15.45 5.92
N ILE A 770 25.39 14.68 4.87
CA ILE A 770 26.31 13.67 4.34
C ILE A 770 27.57 14.34 3.79
N ALA A 771 27.41 15.44 3.06
CA ALA A 771 28.56 16.12 2.43
C ALA A 771 29.46 16.77 3.48
N VAL A 772 28.86 17.42 4.49
CA VAL A 772 29.66 18.00 5.56
C VAL A 772 30.23 16.91 6.47
N GLU A 773 29.59 15.74 6.52
CA GLU A 773 30.12 14.61 7.27
C GLU A 773 31.34 14.01 6.58
N GLN A 774 31.35 13.99 5.24
CA GLN A 774 32.50 13.43 4.54
C GLN A 774 33.68 14.38 4.56
N ASP A 775 33.39 15.69 4.53
CA ASP A 775 34.42 16.70 4.73
C ASP A 775 35.03 16.60 6.12
N LYS A 776 34.20 16.38 7.14
CA LYS A 776 34.67 16.16 8.50
C LYS A 776 35.43 14.85 8.63
N ASN A 777 35.06 13.85 7.81
CA ASN A 777 35.74 12.55 7.81
C ASN A 777 37.17 12.66 7.31
N THR A 778 37.39 13.35 6.19
CA THR A 778 38.76 13.50 5.71
C THR A 778 39.54 14.51 6.54
N GLN A 779 38.83 15.41 7.25
CA GLN A 779 39.48 16.27 8.24
C GLN A 779 40.02 15.48 9.43
N GLU A 780 39.22 14.57 9.99
CA GLU A 780 39.70 13.80 11.14
C GLU A 780 40.67 12.71 10.74
N VAL A 781 40.66 12.29 9.47
CA VAL A 781 41.67 11.30 9.06
C VAL A 781 43.01 11.99 8.84
N PHE A 782 43.07 13.02 7.99
CA PHE A 782 44.36 13.49 7.53
C PHE A 782 44.93 14.66 8.32
N ALA A 783 44.08 15.53 8.87
CA ALA A 783 44.55 16.75 9.54
C ALA A 783 44.72 16.51 11.03
N GLN A 784 45.66 15.63 11.38
CA GLN A 784 45.99 15.43 12.78
C GLN A 784 47.41 15.86 13.11
N VAL A 785 48.01 16.69 12.26
CA VAL A 785 49.33 17.23 12.51
C VAL A 785 49.21 18.75 12.60
N LYS A 786 49.90 19.34 13.57
CA LYS A 786 49.76 20.77 13.83
C LYS A 786 50.48 21.58 12.75
N GLN A 787 51.66 21.13 12.36
CA GLN A 787 52.54 21.85 11.46
C GLN A 787 52.76 21.02 10.20
N ILE A 788 53.51 21.60 9.25
CA ILE A 788 53.96 20.87 8.07
C ILE A 788 55.44 20.63 8.28
N TYR A 789 55.80 19.40 8.61
CA TYR A 789 57.20 19.05 8.68
C TYR A 789 57.72 18.71 7.29
N LYS A 790 58.90 19.23 6.98
CA LYS A 790 59.54 18.99 5.70
C LYS A 790 60.81 18.18 5.93
N THR A 791 61.10 17.36 4.98
CA THR A 791 62.32 16.59 4.98
C THR A 791 63.53 17.48 4.72
N PRO A 792 64.71 17.13 5.24
CA PRO A 792 65.92 17.85 4.89
C PRO A 792 66.28 17.62 3.43
N PRO A 793 66.97 18.56 2.80
CA PRO A 793 67.34 18.38 1.38
C PRO A 793 68.37 17.29 1.13
N ILE A 794 69.21 16.98 2.11
CA ILE A 794 70.06 15.81 2.07
C ILE A 794 69.35 14.69 2.82
N LYS A 795 69.20 13.55 2.17
CA LYS A 795 68.40 12.45 2.69
C LYS A 795 69.33 11.27 2.98
N ASP A 796 69.85 11.24 4.20
CA ASP A 796 70.70 10.15 4.67
C ASP A 796 70.07 9.63 5.96
N PHE A 797 69.24 8.61 5.84
CA PHE A 797 68.51 8.08 6.96
C PHE A 797 69.07 6.74 7.41
N GLY A 798 70.38 6.53 7.25
CA GLY A 798 70.99 5.29 7.66
C GLY A 798 70.90 4.16 6.66
N GLY A 799 70.78 4.44 5.37
CA GLY A 799 70.84 3.42 4.33
C GLY A 799 69.52 3.15 3.65
N PHE A 800 68.48 3.90 4.02
CA PHE A 800 67.13 3.61 3.57
C PHE A 800 66.72 4.52 2.42
N ASN A 801 66.11 3.95 1.38
CA ASN A 801 65.14 4.71 0.60
C ASN A 801 63.93 5.09 1.40
N PHE A 802 63.48 6.32 1.15
CA PHE A 802 62.08 6.70 1.25
C PHE A 802 61.64 7.44 0.00
N SER A 803 62.41 7.26 -1.09
CA SER A 803 62.22 8.09 -2.29
C SER A 803 60.97 7.71 -3.06
N GLN A 804 60.45 6.50 -2.85
CA GLN A 804 59.19 6.12 -3.46
C GLN A 804 57.99 6.76 -2.77
N ILE A 805 58.10 7.09 -1.48
CA ILE A 805 56.98 7.63 -0.72
C ILE A 805 57.13 9.10 -0.37
N LEU A 806 58.34 9.64 -0.39
CA LEU A 806 58.53 11.08 -0.25
C LEU A 806 58.04 11.78 -1.51
N PRO A 807 57.58 13.03 -1.40
CA PRO A 807 57.02 13.72 -2.59
C PRO A 807 58.09 14.07 -3.62
N ASP A 808 57.72 13.89 -4.88
CA ASP A 808 58.58 14.17 -6.01
C ASP A 808 58.26 15.55 -6.53
N PRO A 809 59.18 16.52 -6.46
CA PRO A 809 58.84 17.89 -6.92
C PRO A 809 58.87 18.05 -8.43
N SER A 810 59.33 17.03 -9.17
CA SER A 810 59.31 17.09 -10.63
C SER A 810 57.89 16.99 -11.17
N LYS A 811 57.04 16.24 -10.49
CA LYS A 811 55.63 16.17 -10.86
C LYS A 811 54.92 17.47 -10.47
N PRO A 812 53.97 17.94 -11.28
CA PRO A 812 53.23 19.15 -10.91
C PRO A 812 52.12 18.86 -9.92
N SER A 813 51.81 17.58 -9.74
CA SER A 813 50.80 17.17 -8.76
C SER A 813 51.38 17.06 -7.36
N LYS A 814 52.71 17.15 -7.22
CA LYS A 814 53.47 17.23 -5.96
C LYS A 814 53.23 16.01 -5.07
N ARG A 815 53.07 14.85 -5.69
CA ARG A 815 52.79 13.61 -4.99
C ARG A 815 54.03 12.74 -5.02
N SER A 816 53.95 11.58 -4.37
CA SER A 816 55.06 10.65 -4.40
C SER A 816 54.98 9.79 -5.66
N PHE A 817 55.93 8.86 -5.76
CA PHE A 817 55.85 7.89 -6.86
C PHE A 817 54.74 6.89 -6.64
N ILE A 818 54.55 6.44 -5.39
CA ILE A 818 53.54 5.43 -5.07
C ILE A 818 52.14 6.04 -5.19
N GLU A 819 52.00 7.31 -4.80
CA GLU A 819 50.71 8.00 -4.90
C GLU A 819 50.31 8.27 -6.36
N ASP A 820 51.29 8.35 -7.26
CA ASP A 820 50.98 8.46 -8.68
C ASP A 820 50.38 7.16 -9.23
N LEU A 821 50.91 6.01 -8.81
CA LEU A 821 50.29 4.73 -9.17
C LEU A 821 48.93 4.55 -8.50
N LEU A 822 48.77 5.07 -7.28
CA LEU A 822 47.49 4.97 -6.60
C LEU A 822 46.43 5.85 -7.25
N PHE A 823 46.83 7.01 -7.77
CA PHE A 823 45.86 7.88 -8.44
C PHE A 823 45.58 7.41 -9.86
N ASN A 824 46.58 6.86 -10.55
CA ASN A 824 46.35 6.39 -11.91
C ASN A 824 45.65 5.04 -11.91
N LYS A 825 45.71 4.30 -10.80
CA LYS A 825 45.09 2.99 -10.74
C LYS A 825 43.58 3.06 -10.59
N VAL A 826 43.07 4.04 -9.85
CA VAL A 826 41.63 4.17 -9.66
C VAL A 826 41.04 5.10 -10.72
N THR A 827 40.31 4.52 -11.66
CA THR A 827 39.60 5.25 -12.71
C THR A 827 38.19 4.71 -12.80
N LEU A 828 37.27 5.55 -13.28
CA LEU A 828 35.89 5.12 -13.47
C LEU A 828 35.70 4.54 -14.87
N ALA A 852 27.16 10.27 -13.38
CA ALA A 852 28.26 11.22 -13.47
C ALA A 852 27.92 12.37 -14.43
N GLN A 853 26.63 12.58 -14.66
CA GLN A 853 26.16 13.62 -15.57
C GLN A 853 25.16 14.50 -14.83
N LYS A 854 24.96 15.71 -15.35
CA LYS A 854 24.23 16.75 -14.64
C LYS A 854 22.89 16.98 -15.32
N PHE A 855 21.83 16.44 -14.76
CA PHE A 855 20.48 16.66 -15.28
C PHE A 855 19.48 16.51 -14.15
N ASN A 856 18.42 17.30 -14.23
CA ASN A 856 17.29 17.38 -13.29
C ASN A 856 17.70 17.63 -11.84
N GLY A 857 18.62 18.56 -11.59
CA GLY A 857 18.95 18.96 -10.25
C GLY A 857 20.12 18.24 -9.63
N LEU A 858 20.65 17.22 -10.27
CA LEU A 858 21.72 16.42 -9.73
C LEU A 858 23.02 17.21 -9.83
N THR A 859 23.62 17.49 -8.68
CA THR A 859 24.80 18.33 -8.62
C THR A 859 25.84 17.69 -7.73
N VAL A 860 27.01 17.43 -8.30
CA VAL A 860 28.15 16.91 -7.56
C VAL A 860 28.84 18.09 -6.91
N LEU A 861 29.31 17.89 -5.69
CA LEU A 861 29.90 18.96 -4.90
C LEU A 861 31.38 18.69 -4.67
N PRO A 862 32.24 19.68 -4.83
CA PRO A 862 33.68 19.44 -4.71
C PRO A 862 34.11 19.32 -3.26
N PRO A 863 35.14 18.53 -2.97
CA PRO A 863 35.66 18.47 -1.61
C PRO A 863 36.43 19.73 -1.25
N LEU A 864 36.48 20.01 0.05
CA LEU A 864 37.24 21.14 0.54
C LEU A 864 38.74 20.90 0.42
N LEU A 865 39.22 19.75 0.85
CA LEU A 865 40.63 19.40 0.80
C LEU A 865 40.93 18.76 -0.56
N THR A 866 41.72 19.44 -1.37
CA THR A 866 42.12 18.89 -2.65
C THR A 866 43.19 17.82 -2.46
N ASP A 867 43.45 17.08 -3.54
CA ASP A 867 44.41 15.98 -3.51
C ASP A 867 45.84 16.46 -3.32
N GLU A 868 46.13 17.68 -3.79
CA GLU A 868 47.37 18.37 -3.47
C GLU A 868 47.52 18.59 -1.98
N MET A 869 46.44 18.99 -1.32
CA MET A 869 46.51 19.38 0.08
C MET A 869 46.51 18.16 0.99
N ILE A 870 45.82 17.09 0.54
CA ILE A 870 45.89 15.79 1.21
C ILE A 870 47.28 15.21 1.07
N ALA A 871 47.91 15.40 -0.11
CA ALA A 871 49.29 14.97 -0.30
C ALA A 871 50.27 15.78 0.54
N GLN A 872 49.93 17.05 0.81
CA GLN A 872 50.75 17.88 1.70
C GLN A 872 50.68 17.39 3.14
N TYR A 873 49.48 16.99 3.60
CA TYR A 873 49.33 16.31 4.90
C TYR A 873 50.10 14.98 4.97
N THR A 874 50.05 14.17 3.91
CA THR A 874 50.76 12.89 3.97
C THR A 874 52.26 13.08 3.92
N SER A 875 52.74 14.10 3.20
CA SER A 875 54.16 14.43 3.21
C SER A 875 54.61 14.98 4.55
N ALA A 876 53.73 15.77 5.21
CA ALA A 876 54.05 16.29 6.53
C ALA A 876 54.09 15.21 7.59
N LEU A 877 53.12 14.29 7.55
CA LEU A 877 53.10 13.16 8.49
C LEU A 877 54.24 12.20 8.23
N LEU A 878 54.62 12.02 6.95
CA LEU A 878 55.72 11.14 6.62
C LEU A 878 57.06 11.72 7.05
N ALA A 879 57.26 13.03 6.84
CA ALA A 879 58.50 13.67 7.28
C ALA A 879 58.57 13.76 8.79
N GLY A 880 57.42 13.87 9.45
CA GLY A 880 57.39 13.82 10.90
C GLY A 880 57.75 12.45 11.46
N THR A 881 57.21 11.38 10.87
CA THR A 881 57.50 10.06 11.40
C THR A 881 58.85 9.53 10.94
N ILE A 882 59.50 10.18 9.97
CA ILE A 882 60.88 9.82 9.65
C ILE A 882 61.87 10.62 10.49
N THR A 883 61.77 11.94 10.48
CA THR A 883 62.75 12.75 11.17
C THR A 883 62.49 12.92 12.66
N SER A 884 61.34 12.47 13.17
CA SER A 884 60.98 12.80 14.54
C SER A 884 60.49 11.63 15.39
N GLY A 885 60.32 10.45 14.82
CA GLY A 885 59.84 9.32 15.61
C GLY A 885 58.36 9.43 15.91
N TRP A 886 57.97 8.99 17.10
CA TRP A 886 56.61 9.17 17.58
C TRP A 886 56.47 10.40 18.47
N THR A 887 57.52 11.21 18.59
CA THR A 887 57.49 12.34 19.50
C THR A 887 56.63 13.48 18.97
N PHE A 888 56.48 13.58 17.65
CA PHE A 888 55.69 14.67 17.09
C PHE A 888 54.20 14.41 17.19
N GLY A 889 53.80 13.18 17.48
CA GLY A 889 52.41 12.90 17.80
C GLY A 889 52.03 13.20 19.23
N ALA A 890 52.99 13.57 20.06
CA ALA A 890 52.75 13.95 21.44
C ALA A 890 52.86 15.44 21.68
N GLY A 891 53.99 16.04 21.39
CA GLY A 891 54.20 17.47 21.59
C GLY A 891 54.94 18.06 20.44
N ALA A 892 56.05 18.74 20.73
CA ALA A 892 56.91 19.22 19.67
C ALA A 892 57.67 18.07 19.04
N ALA A 893 58.08 18.26 17.79
CA ALA A 893 58.83 17.24 17.07
C ALA A 893 60.26 17.21 17.58
N LEU A 894 60.67 16.07 18.10
CA LEU A 894 62.01 15.89 18.64
C LEU A 894 62.82 15.11 17.61
N GLN A 895 63.88 15.75 17.10
CA GLN A 895 64.68 15.11 16.06
C GLN A 895 65.52 14.00 16.68
N ILE A 896 65.73 12.95 15.88
CA ILE A 896 66.46 11.76 16.26
C ILE A 896 66.90 11.11 14.95
N PRO A 897 68.13 10.60 14.85
CA PRO A 897 68.51 9.87 13.64
C PRO A 897 67.79 8.54 13.55
N PHE A 898 67.65 8.05 12.31
CA PHE A 898 66.72 6.96 12.02
C PHE A 898 67.25 5.62 12.52
N ALA A 899 68.57 5.52 12.69
CA ALA A 899 69.17 4.33 13.27
C ALA A 899 68.83 4.19 14.75
N MET A 900 68.54 5.30 15.42
CA MET A 900 68.04 5.14 16.77
C MET A 900 66.54 4.90 16.79
N GLN A 901 65.82 5.37 15.77
CA GLN A 901 64.38 5.25 15.80
C GLN A 901 63.95 3.82 15.49
N MET A 902 64.67 3.15 14.58
CA MET A 902 64.48 1.71 14.42
C MET A 902 64.94 0.93 15.64
N ALA A 903 65.97 1.41 16.36
CA ALA A 903 66.44 0.70 17.54
C ALA A 903 65.48 0.87 18.70
N TYR A 904 64.80 2.02 18.76
CA TYR A 904 63.72 2.22 19.70
C TYR A 904 62.55 1.31 19.38
N ARG A 905 62.26 1.16 18.08
CA ARG A 905 61.09 0.39 17.71
C ARG A 905 61.34 -1.12 17.80
N PHE A 906 62.59 -1.58 17.67
CA PHE A 906 62.88 -2.96 18.07
C PHE A 906 62.80 -3.15 19.57
N ASN A 907 63.11 -2.12 20.34
CA ASN A 907 63.09 -2.26 21.79
C ASN A 907 61.67 -2.31 22.33
N GLY A 908 60.70 -1.84 21.56
CA GLY A 908 59.31 -2.07 21.89
C GLY A 908 58.83 -3.46 21.58
N ILE A 909 59.38 -4.11 20.54
CA ILE A 909 58.99 -5.46 20.15
C ILE A 909 59.42 -6.50 21.19
N GLY A 910 60.66 -6.44 21.65
CA GLY A 910 61.15 -7.43 22.58
C GLY A 910 62.53 -7.96 22.27
N VAL A 911 63.12 -7.55 21.15
CA VAL A 911 64.51 -7.80 20.86
C VAL A 911 65.30 -6.57 21.30
N THR A 912 66.60 -6.76 21.57
CA THR A 912 67.39 -5.66 22.04
C THR A 912 67.87 -4.80 20.88
N GLN A 913 68.70 -3.81 21.21
CA GLN A 913 69.10 -2.81 20.23
C GLN A 913 70.18 -3.35 19.31
N ASN A 914 70.92 -4.37 19.74
CA ASN A 914 72.08 -4.78 18.97
C ASN A 914 71.71 -5.72 17.84
N VAL A 915 70.44 -6.12 17.74
CA VAL A 915 70.04 -6.89 16.57
C VAL A 915 69.76 -5.98 15.39
N LEU A 916 69.65 -4.67 15.63
CA LEU A 916 69.67 -3.68 14.55
C LEU A 916 71.06 -3.26 14.16
N TYR A 917 71.88 -2.83 15.13
CA TYR A 917 73.16 -2.21 14.83
C TYR A 917 74.19 -3.19 14.32
N GLU A 918 74.02 -4.48 14.58
CA GLU A 918 74.85 -5.48 13.93
C GLU A 918 74.25 -5.98 12.62
N ASN A 919 73.03 -5.55 12.28
CA ASN A 919 72.37 -5.99 11.05
C ASN A 919 71.77 -4.84 10.27
N GLN A 920 72.42 -3.66 10.27
CA GLN A 920 71.81 -2.45 9.73
C GLN A 920 71.71 -2.48 8.21
N LYS A 921 72.76 -2.97 7.55
CA LYS A 921 72.77 -3.01 6.08
C LYS A 921 71.80 -4.06 5.56
N LEU A 922 71.65 -5.16 6.29
CA LEU A 922 70.70 -6.21 5.92
C LEU A 922 69.27 -5.72 6.05
N ILE A 923 68.98 -4.98 7.13
CA ILE A 923 67.64 -4.43 7.35
C ILE A 923 67.33 -3.33 6.35
N ALA A 924 68.33 -2.52 5.99
CA ALA A 924 68.14 -1.48 4.99
C ALA A 924 67.91 -2.08 3.60
N ASN A 925 68.62 -3.17 3.28
CA ASN A 925 68.41 -3.85 2.01
C ASN A 925 67.07 -4.57 1.95
N GLN A 926 66.63 -5.13 3.09
CA GLN A 926 65.31 -5.75 3.18
C GLN A 926 64.20 -4.74 3.05
N PHE A 927 64.38 -3.54 3.63
CA PHE A 927 63.37 -2.50 3.51
C PHE A 927 63.32 -1.93 2.11
N ASN A 928 64.48 -1.76 1.47
CA ASN A 928 64.51 -1.21 0.12
C ASN A 928 64.01 -2.23 -0.90
N SER A 929 64.14 -3.52 -0.59
CA SER A 929 63.48 -4.53 -1.41
C SER A 929 61.99 -4.56 -1.12
N ALA A 930 61.58 -4.28 0.12
CA ALA A 930 60.17 -4.43 0.48
C ALA A 930 59.33 -3.27 -0.04
N ILE A 931 59.91 -2.07 -0.10
CA ILE A 931 59.25 -0.95 -0.77
C ILE A 931 59.20 -1.19 -2.27
N GLY A 932 60.24 -1.83 -2.81
CA GLY A 932 60.29 -2.06 -4.25
C GLY A 932 59.33 -3.13 -4.73
N LYS A 933 58.82 -3.95 -3.81
CA LYS A 933 57.82 -4.93 -4.17
C LYS A 933 56.41 -4.35 -4.09
N ILE A 934 56.25 -3.12 -3.58
CA ILE A 934 54.91 -2.53 -3.43
C ILE A 934 54.36 -2.11 -4.78
N GLN A 935 55.18 -1.46 -5.61
CA GLN A 935 54.71 -0.94 -6.89
C GLN A 935 54.49 -2.07 -7.90
N ASP A 936 55.17 -3.20 -7.70
CA ASP A 936 54.86 -4.39 -8.49
C ASP A 936 53.56 -5.01 -8.00
N SER A 937 53.25 -4.87 -6.71
CA SER A 937 52.00 -5.39 -6.19
C SER A 937 50.82 -4.50 -6.54
N LEU A 938 51.06 -3.23 -6.88
CA LEU A 938 49.99 -2.34 -7.31
C LEU A 938 49.83 -2.29 -8.83
N SER A 939 50.92 -2.08 -9.57
CA SER A 939 50.86 -1.89 -11.02
C SER A 939 50.61 -3.17 -11.80
N SER A 940 50.69 -4.34 -11.14
CA SER A 940 50.44 -5.59 -11.86
C SER A 940 49.24 -6.34 -11.30
N THR A 941 48.46 -5.72 -10.42
CA THR A 941 47.26 -6.33 -9.86
C THR A 941 46.11 -5.35 -9.97
N ALA A 942 45.06 -5.76 -10.68
CA ALA A 942 43.89 -4.91 -10.89
C ALA A 942 42.91 -4.94 -9.72
N SER A 943 43.03 -5.93 -8.83
CA SER A 943 42.10 -6.08 -7.71
C SER A 943 42.73 -5.67 -6.38
N ALA A 944 43.84 -4.94 -6.42
CA ALA A 944 44.46 -4.47 -5.18
C ALA A 944 43.67 -3.31 -4.58
N LEU A 945 43.16 -2.41 -5.43
CA LEU A 945 42.48 -1.20 -4.99
C LEU A 945 40.97 -1.37 -4.98
N GLY A 946 40.47 -2.56 -4.65
CA GLY A 946 39.05 -2.81 -4.76
C GLY A 946 38.23 -2.15 -3.68
N LYS A 947 38.84 -1.89 -2.52
CA LYS A 947 38.13 -1.28 -1.41
C LYS A 947 37.85 0.19 -1.66
N LEU A 948 38.64 0.83 -2.51
CA LEU A 948 38.31 2.17 -2.98
C LEU A 948 37.37 2.13 -4.16
N GLN A 949 37.52 1.13 -5.04
CA GLN A 949 36.81 1.13 -6.30
C GLN A 949 35.35 0.75 -6.14
N ASP A 950 35.03 -0.13 -5.18
CA ASP A 950 33.66 -0.59 -5.04
C ASP A 950 32.75 0.49 -4.45
N VAL A 951 33.33 1.41 -3.68
CA VAL A 951 32.57 2.53 -3.12
C VAL A 951 32.14 3.49 -4.22
N VAL A 952 33.07 3.82 -5.13
CA VAL A 952 32.77 4.70 -6.25
C VAL A 952 31.83 4.01 -7.24
N ASN A 953 32.00 2.68 -7.39
CA ASN A 953 31.12 1.90 -8.26
C ASN A 953 29.69 1.85 -7.72
N GLN A 954 29.51 1.64 -6.42
CA GLN A 954 28.16 1.55 -5.90
C GLN A 954 27.52 2.93 -5.76
N ASN A 955 28.33 3.98 -5.59
CA ASN A 955 27.80 5.34 -5.60
C ASN A 955 27.33 5.74 -6.99
N ALA A 956 28.14 5.44 -8.01
CA ALA A 956 27.77 5.76 -9.39
C ALA A 956 26.61 4.90 -9.87
N GLN A 957 26.55 3.65 -9.42
CA GLN A 957 25.48 2.79 -9.89
C GLN A 957 24.17 3.09 -9.16
N ALA A 958 24.25 3.57 -7.91
CA ALA A 958 23.08 4.09 -7.22
C ALA A 958 22.57 5.36 -7.87
N LEU A 959 23.49 6.24 -8.32
CA LEU A 959 23.08 7.46 -9.01
C LEU A 959 22.48 7.14 -10.39
N ASN A 960 23.03 6.14 -11.08
CA ASN A 960 22.47 5.73 -12.36
C ASN A 960 21.12 5.07 -12.19
N THR A 961 20.93 4.33 -11.10
CA THR A 961 19.64 3.71 -10.84
C THR A 961 18.61 4.78 -10.44
N LEU A 962 19.08 5.87 -9.83
CA LEU A 962 18.21 7.01 -9.55
C LEU A 962 17.80 7.72 -10.84
N VAL A 963 18.74 7.92 -11.77
CA VAL A 963 18.42 8.59 -13.02
C VAL A 963 17.60 7.68 -13.94
N LYS A 964 17.82 6.36 -13.89
CA LYS A 964 17.07 5.43 -14.75
C LYS A 964 15.63 5.23 -14.29
N GLN A 965 15.26 5.77 -13.11
CA GLN A 965 13.87 5.89 -12.70
C GLN A 965 13.06 6.90 -13.52
N LEU A 966 13.71 7.76 -14.31
CA LEU A 966 13.02 8.88 -14.95
C LEU A 966 12.36 8.50 -16.27
N SER A 967 12.21 7.22 -16.59
CA SER A 967 11.54 6.75 -17.80
C SER A 967 10.37 5.85 -17.42
N SER A 968 9.59 6.29 -16.45
CA SER A 968 8.51 5.47 -15.90
C SER A 968 7.31 6.34 -15.61
N ASN A 969 6.16 5.95 -16.16
CA ASN A 969 4.92 6.66 -15.88
C ASN A 969 4.22 6.12 -14.62
N PHE A 970 4.78 5.06 -14.04
CA PHE A 970 4.34 4.38 -12.82
C PHE A 970 2.93 3.80 -12.90
N GLY A 971 2.36 3.62 -14.09
CA GLY A 971 1.01 3.11 -14.23
C GLY A 971 0.08 4.02 -15.01
N ALA A 972 0.60 5.10 -15.58
CA ALA A 972 -0.22 6.02 -16.35
C ALA A 972 -0.34 5.54 -17.79
N ILE A 973 -0.91 6.38 -18.65
CA ILE A 973 -1.06 6.02 -20.06
C ILE A 973 0.27 6.19 -20.78
N SER A 974 0.89 7.36 -20.63
CA SER A 974 2.17 7.66 -21.27
C SER A 974 3.08 8.36 -20.27
N SER A 975 4.37 8.41 -20.60
CA SER A 975 5.35 9.03 -19.71
C SER A 975 5.43 10.53 -19.87
N VAL A 976 4.68 11.10 -20.81
CA VAL A 976 4.57 12.55 -20.99
C VAL A 976 3.46 13.03 -20.07
N LEU A 977 3.74 14.10 -19.32
CA LEU A 977 2.83 14.59 -18.27
C LEU A 977 1.56 15.18 -18.86
N ASN A 978 1.70 15.91 -19.98
CA ASN A 978 0.56 16.56 -20.61
C ASN A 978 -0.34 15.53 -21.30
N ASP A 979 0.26 14.46 -21.85
CA ASP A 979 -0.49 13.39 -22.50
C ASP A 979 -1.23 12.53 -21.47
N ILE A 980 -0.77 12.54 -20.22
CA ILE A 980 -1.62 12.05 -19.14
C ILE A 980 -2.76 13.02 -18.90
N LEU A 981 -2.43 14.29 -18.66
CA LEU A 981 -3.34 15.11 -17.86
C LEU A 981 -4.43 15.78 -18.70
N SER A 982 -4.07 16.39 -19.84
CA SER A 982 -4.71 17.66 -20.15
C SER A 982 -5.93 17.54 -21.09
N ARG A 983 -6.10 16.41 -21.79
CA ARG A 983 -7.44 16.16 -22.36
C ARG A 983 -8.32 15.31 -21.45
N LEU A 984 -7.75 14.60 -20.49
CA LEU A 984 -8.55 13.98 -19.43
C LEU A 984 -9.08 15.10 -18.55
N ASP A 985 -10.26 14.86 -17.98
CA ASP A 985 -10.93 15.84 -17.14
C ASP A 985 -10.16 16.02 -15.83
N PRO A 986 -9.95 17.25 -15.38
CA PRO A 986 -9.00 17.52 -14.25
C PRO A 986 -9.41 16.96 -12.89
N PRO A 987 -10.68 16.59 -12.61
CA PRO A 987 -10.90 15.69 -11.46
C PRO A 987 -10.63 14.20 -11.72
N GLU A 988 -10.10 13.79 -12.87
CA GLU A 988 -9.82 12.38 -13.07
C GLU A 988 -8.48 12.08 -13.74
N ALA A 989 -7.54 13.03 -13.74
CA ALA A 989 -6.16 12.71 -14.11
C ALA A 989 -5.21 12.85 -12.91
N GLU A 990 -5.72 13.38 -11.80
CA GLU A 990 -4.90 13.64 -10.61
C GLU A 990 -4.44 12.36 -9.93
N VAL A 991 -5.17 11.26 -10.12
CA VAL A 991 -4.77 9.97 -9.56
C VAL A 991 -3.47 9.48 -10.22
N GLN A 992 -3.38 9.64 -11.54
CA GLN A 992 -2.17 9.20 -12.23
C GLN A 992 -1.02 10.20 -12.06
N ILE A 993 -1.35 11.49 -11.90
CA ILE A 993 -0.29 12.47 -11.60
C ILE A 993 0.26 12.26 -10.19
N ASP A 994 -0.60 11.97 -9.21
CA ASP A 994 -0.15 11.67 -7.86
C ASP A 994 0.54 10.32 -7.78
N ARG A 995 0.20 9.38 -8.69
CA ARG A 995 0.97 8.16 -8.89
C ARG A 995 2.41 8.47 -9.32
N LEU A 996 2.57 9.45 -10.23
CA LEU A 996 3.91 9.89 -10.63
C LEU A 996 4.66 10.56 -9.49
N ILE A 997 3.97 11.38 -8.68
CA ILE A 997 4.58 12.04 -7.52
C ILE A 997 5.04 11.03 -6.47
N THR A 998 4.19 10.05 -6.15
CA THR A 998 4.58 9.04 -5.16
C THR A 998 5.71 8.13 -5.67
N GLY A 999 5.76 7.91 -6.99
CA GLY A 999 6.89 7.19 -7.56
C GLY A 999 8.20 7.94 -7.46
N ARG A 1000 8.17 9.25 -7.75
CA ARG A 1000 9.41 10.01 -7.75
C ARG A 1000 9.90 10.32 -6.33
N LEU A 1001 8.96 10.55 -5.40
CA LEU A 1001 9.31 10.63 -3.98
C LEU A 1001 9.87 9.32 -3.46
N GLN A 1002 9.29 8.19 -3.87
CA GLN A 1002 9.77 6.89 -3.41
C GLN A 1002 11.17 6.59 -3.94
N SER A 1003 11.46 6.98 -5.18
CA SER A 1003 12.80 6.82 -5.74
C SER A 1003 13.81 7.74 -5.05
N LEU A 1004 13.39 8.96 -4.69
CA LEU A 1004 14.31 9.85 -3.98
C LEU A 1004 14.52 9.39 -2.53
N GLN A 1005 13.49 8.78 -1.93
CA GLN A 1005 13.63 8.17 -0.60
C GLN A 1005 14.60 6.99 -0.62
N THR A 1006 14.56 6.18 -1.70
CA THR A 1006 15.50 5.08 -1.83
C THR A 1006 16.93 5.59 -1.94
N TYR A 1007 17.14 6.65 -2.72
CA TYR A 1007 18.48 7.20 -2.91
C TYR A 1007 19.04 7.82 -1.62
N VAL A 1008 18.21 8.59 -0.91
CA VAL A 1008 18.66 9.22 0.34
C VAL A 1008 18.90 8.17 1.43
N THR A 1009 18.07 7.11 1.46
CA THR A 1009 18.25 6.07 2.46
C THR A 1009 19.51 5.23 2.20
N GLN A 1010 19.77 4.88 0.93
CA GLN A 1010 21.02 4.18 0.59
C GLN A 1010 22.25 5.05 0.82
N GLN A 1011 22.13 6.37 0.59
CA GLN A 1011 23.26 7.25 0.83
C GLN A 1011 23.53 7.44 2.32
N LEU A 1012 22.47 7.45 3.14
CA LEU A 1012 22.65 7.58 4.59
C LEU A 1012 23.25 6.31 5.19
N ILE A 1013 22.78 5.14 4.75
CA ILE A 1013 23.30 3.89 5.31
C ILE A 1013 24.69 3.61 4.78
N ARG A 1014 25.01 4.05 3.56
CA ARG A 1014 26.37 3.98 3.07
C ARG A 1014 27.28 5.00 3.75
N ALA A 1015 26.72 6.15 4.12
CA ALA A 1015 27.48 7.20 4.79
C ALA A 1015 27.85 6.80 6.20
N ALA A 1016 26.98 6.04 6.88
CA ALA A 1016 27.33 5.50 8.20
C ALA A 1016 28.46 4.49 8.12
N GLU A 1017 28.45 3.66 7.07
CA GLU A 1017 29.52 2.68 6.87
C GLU A 1017 30.84 3.35 6.53
N ILE A 1018 30.82 4.40 5.72
CA ILE A 1018 32.06 5.08 5.39
C ILE A 1018 32.50 5.99 6.53
N ARG A 1019 31.56 6.36 7.42
CA ARG A 1019 31.91 7.07 8.66
C ARG A 1019 32.65 6.14 9.62
N ALA A 1020 32.19 4.90 9.73
CA ALA A 1020 32.89 3.93 10.56
C ALA A 1020 34.24 3.54 9.97
N SER A 1021 34.32 3.47 8.64
CA SER A 1021 35.60 3.20 7.98
C SER A 1021 36.57 4.37 8.13
N ALA A 1022 36.06 5.60 8.12
CA ALA A 1022 36.90 6.77 8.31
C ALA A 1022 37.37 6.89 9.76
N ASN A 1023 36.52 6.51 10.71
CA ASN A 1023 36.93 6.52 12.11
C ASN A 1023 37.98 5.44 12.39
N LEU A 1024 37.82 4.28 11.76
CA LEU A 1024 38.82 3.22 11.86
C LEU A 1024 40.14 3.63 11.20
N ALA A 1025 40.06 4.34 10.06
CA ALA A 1025 41.27 4.79 9.40
C ALA A 1025 41.95 5.92 10.16
N ALA A 1026 41.16 6.76 10.83
CA ALA A 1026 41.73 7.84 11.64
C ALA A 1026 42.42 7.30 12.88
N THR A 1027 41.79 6.31 13.55
CA THR A 1027 42.42 5.64 14.68
C THR A 1027 43.65 4.86 14.26
N LYS A 1028 43.59 4.22 13.08
CA LYS A 1028 44.70 3.44 12.58
C LYS A 1028 45.87 4.32 12.18
N MET A 1029 45.61 5.49 11.60
CA MET A 1029 46.69 6.41 11.26
C MET A 1029 47.26 7.02 12.52
N SER A 1030 46.39 7.35 13.49
CA SER A 1030 46.80 8.00 14.71
C SER A 1030 47.57 7.07 15.65
N GLU A 1031 47.41 5.76 15.49
CA GLU A 1031 48.11 4.82 16.36
C GLU A 1031 49.24 4.08 15.66
N CYS A 1032 49.05 3.59 14.44
CA CYS A 1032 50.13 2.95 13.72
C CYS A 1032 51.14 3.93 13.13
N VAL A 1033 50.71 5.14 12.74
CA VAL A 1033 51.62 6.11 12.15
C VAL A 1033 52.31 6.95 13.20
N LEU A 1034 51.56 7.52 14.14
CA LEU A 1034 52.10 8.39 15.17
C LEU A 1034 52.69 7.63 16.36
N GLY A 1035 52.87 6.33 16.27
CA GLY A 1035 53.45 5.56 17.34
C GLY A 1035 53.56 4.10 16.93
N GLN A 1036 53.99 3.29 17.89
CA GLN A 1036 54.07 1.86 17.70
C GLN A 1036 52.93 1.21 18.47
N SER A 1037 52.15 0.37 17.80
CA SER A 1037 50.97 -0.23 18.40
C SER A 1037 51.30 -1.62 18.93
N LYS A 1038 50.90 -1.86 20.17
CA LYS A 1038 51.05 -3.17 20.79
C LYS A 1038 49.88 -4.10 20.50
N ARG A 1039 48.86 -3.62 19.80
CA ARG A 1039 47.76 -4.47 19.40
C ARG A 1039 48.21 -5.37 18.26
N VAL A 1040 48.18 -6.68 18.49
CA VAL A 1040 48.73 -7.61 17.51
C VAL A 1040 47.78 -7.78 16.34
N ASP A 1041 48.36 -7.79 15.14
CA ASP A 1041 47.72 -7.76 13.82
C ASP A 1041 46.76 -6.60 13.61
N PHE A 1042 46.97 -5.47 14.29
CA PHE A 1042 46.21 -4.26 13.99
C PHE A 1042 46.84 -3.49 12.85
N CYS A 1043 48.17 -3.41 12.85
CA CYS A 1043 48.91 -2.68 11.83
C CYS A 1043 49.76 -3.69 11.08
N GLY A 1044 49.19 -4.28 10.04
CA GLY A 1044 49.90 -5.31 9.28
C GLY A 1044 49.84 -6.66 9.98
N LYS A 1045 50.54 -7.63 9.39
CA LYS A 1045 50.52 -9.00 9.88
C LYS A 1045 51.87 -9.30 10.52
N GLY A 1046 51.90 -9.32 11.85
CA GLY A 1046 53.12 -9.59 12.58
C GLY A 1046 53.43 -8.54 13.62
N TYR A 1047 54.67 -8.48 14.07
CA TYR A 1047 55.09 -7.49 15.06
C TYR A 1047 55.26 -6.15 14.38
N HIS A 1048 54.44 -5.18 14.78
CA HIS A 1048 54.38 -3.90 14.09
C HIS A 1048 55.50 -2.99 14.52
N LEU A 1049 56.20 -2.42 13.54
CA LEU A 1049 57.24 -1.44 13.80
C LEU A 1049 56.78 -0.02 13.61
N MET A 1050 56.40 0.34 12.39
CA MET A 1050 55.92 1.67 12.06
C MET A 1050 55.07 1.58 10.81
N SER A 1051 54.49 2.72 10.45
CA SER A 1051 53.63 2.79 9.27
C SER A 1051 53.86 4.13 8.60
N PHE A 1052 53.56 4.17 7.31
CA PHE A 1052 53.56 5.41 6.54
C PHE A 1052 52.19 5.63 5.93
N PRO A 1053 51.68 6.86 5.93
CA PRO A 1053 50.45 7.12 5.20
C PRO A 1053 50.72 7.53 3.77
N GLN A 1054 49.86 7.04 2.88
CA GLN A 1054 49.88 7.48 1.49
C GLN A 1054 48.46 7.86 1.10
N SER A 1055 48.35 8.92 0.31
CA SER A 1055 47.06 9.44 -0.10
C SER A 1055 46.48 8.58 -1.22
N ALA A 1056 45.23 8.87 -1.56
CA ALA A 1056 44.44 8.06 -2.47
C ALA A 1056 43.39 8.98 -3.07
N PRO A 1057 42.65 8.50 -4.11
CA PRO A 1057 41.46 9.24 -4.56
C PRO A 1057 40.40 9.49 -3.50
N HIS A 1058 39.98 8.45 -2.79
CA HIS A 1058 38.98 8.63 -1.74
C HIS A 1058 39.29 7.77 -0.53
N GLY A 1059 40.54 7.74 -0.11
CA GLY A 1059 40.88 6.95 1.04
C GLY A 1059 42.29 7.22 1.51
N VAL A 1060 42.84 6.24 2.23
CA VAL A 1060 44.22 6.28 2.68
C VAL A 1060 44.81 4.89 2.50
N VAL A 1061 46.07 4.85 2.07
CA VAL A 1061 46.81 3.61 1.89
C VAL A 1061 47.99 3.63 2.85
N PHE A 1062 48.06 2.62 3.71
CA PHE A 1062 49.13 2.53 4.70
C PHE A 1062 50.23 1.63 4.17
N LEU A 1063 51.41 1.76 4.75
CA LEU A 1063 52.53 0.86 4.49
C LEU A 1063 53.06 0.42 5.85
N HIS A 1064 52.49 -0.66 6.39
CA HIS A 1064 52.86 -1.15 7.70
C HIS A 1064 54.18 -1.88 7.64
N VAL A 1065 55.24 -1.26 8.14
CA VAL A 1065 56.54 -1.88 8.27
C VAL A 1065 56.47 -2.85 9.43
N THR A 1066 56.75 -4.12 9.16
CA THR A 1066 56.41 -5.15 10.11
C THR A 1066 57.56 -6.13 10.26
N TYR A 1067 57.91 -6.41 11.51
CA TYR A 1067 58.98 -7.35 11.85
C TYR A 1067 58.37 -8.75 11.93
N VAL A 1068 58.76 -9.62 11.02
CA VAL A 1068 58.27 -10.99 10.95
C VAL A 1068 59.45 -11.93 11.18
N PRO A 1069 59.47 -12.70 12.27
CA PRO A 1069 60.58 -13.60 12.50
C PRO A 1069 60.54 -14.84 11.60
N ALA A 1070 61.72 -15.34 11.27
CA ALA A 1070 61.86 -16.49 10.40
C ALA A 1070 63.16 -17.20 10.73
N GLN A 1071 63.39 -18.33 10.04
CA GLN A 1071 64.56 -19.21 10.16
C GLN A 1071 64.73 -19.72 11.58
N GLU A 1072 63.71 -20.42 12.06
CA GLU A 1072 63.71 -20.91 13.43
C GLU A 1072 64.53 -22.18 13.56
N LYS A 1073 64.94 -22.47 14.78
CA LYS A 1073 65.60 -23.72 15.12
C LYS A 1073 65.02 -24.18 16.46
N ASN A 1074 64.90 -25.49 16.63
CA ASN A 1074 64.35 -26.03 17.86
C ASN A 1074 65.43 -26.10 18.92
N PHE A 1075 65.05 -25.82 20.17
CA PHE A 1075 65.97 -25.88 21.29
C PHE A 1075 65.28 -26.57 22.46
N THR A 1076 66.08 -27.30 23.23
CA THR A 1076 65.58 -27.86 24.48
C THR A 1076 65.69 -26.79 25.56
N THR A 1077 64.55 -26.45 26.15
CA THR A 1077 64.45 -25.36 27.10
C THR A 1077 64.37 -25.91 28.51
N ALA A 1078 64.31 -25.00 29.49
CA ALA A 1078 64.05 -25.29 30.89
C ALA A 1078 63.55 -24.01 31.53
N PRO A 1079 62.71 -24.09 32.56
CA PRO A 1079 62.28 -22.85 33.24
C PRO A 1079 63.18 -22.40 34.37
N ALA A 1080 64.14 -23.21 34.81
CA ALA A 1080 64.97 -22.83 35.94
C ALA A 1080 66.33 -23.48 35.82
N ILE A 1081 67.31 -22.87 36.49
CA ILE A 1081 68.69 -23.35 36.58
C ILE A 1081 69.06 -23.44 38.05
N CYS A 1082 69.61 -24.59 38.45
CA CYS A 1082 70.08 -24.81 39.81
C CYS A 1082 71.56 -24.51 39.90
N HIS A 1083 71.95 -23.65 40.83
CA HIS A 1083 73.34 -23.47 41.17
C HIS A 1083 73.41 -23.10 42.64
N ASP A 1084 74.29 -23.79 43.38
CA ASP A 1084 74.47 -23.69 44.83
C ASP A 1084 73.16 -23.96 45.58
N GLY A 1085 72.37 -24.91 45.07
CA GLY A 1085 71.11 -25.28 45.71
C GLY A 1085 70.02 -24.26 45.61
N LYS A 1086 70.12 -23.32 44.68
CA LYS A 1086 69.15 -22.25 44.55
C LYS A 1086 68.63 -22.18 43.12
N ALA A 1087 67.37 -21.78 42.97
CA ALA A 1087 66.71 -21.72 41.68
C ALA A 1087 66.94 -20.35 41.05
N HIS A 1088 67.39 -20.35 39.80
CA HIS A 1088 67.59 -19.13 39.04
C HIS A 1088 66.53 -19.03 37.96
N PHE A 1089 66.03 -17.83 37.74
CA PHE A 1089 64.93 -17.56 36.84
C PHE A 1089 65.36 -16.47 35.88
N PRO A 1090 65.02 -16.53 34.60
CA PRO A 1090 65.56 -15.57 33.64
C PRO A 1090 64.88 -14.20 33.73
N ARG A 1091 65.68 -13.15 33.51
CA ARG A 1091 65.16 -11.80 33.67
C ARG A 1091 64.35 -11.36 32.46
N GLU A 1092 64.97 -11.27 31.27
CA GLU A 1092 64.21 -10.82 30.10
C GLU A 1092 64.32 -11.83 28.95
N GLY A 1093 64.36 -13.11 29.27
CA GLY A 1093 64.55 -14.10 28.25
C GLY A 1093 64.18 -15.49 28.68
N VAL A 1094 64.71 -16.48 27.95
CA VAL A 1094 64.43 -17.89 28.20
C VAL A 1094 65.72 -18.68 28.18
N PHE A 1095 65.64 -19.92 28.66
CA PHE A 1095 66.82 -20.78 28.71
C PHE A 1095 66.83 -21.71 27.51
N VAL A 1096 67.97 -21.80 26.82
CA VAL A 1096 68.12 -22.69 25.67
C VAL A 1096 69.41 -23.47 25.79
N SER A 1097 69.67 -24.30 24.75
CA SER A 1097 70.82 -25.19 24.71
C SER A 1097 71.12 -25.64 23.28
N ASN A 1098 72.40 -25.82 22.93
CA ASN A 1098 72.67 -26.74 21.82
C ASN A 1098 72.41 -28.21 22.18
N GLY A 1099 72.54 -28.51 23.46
CA GLY A 1099 72.79 -29.86 23.93
C GLY A 1099 74.10 -30.16 24.62
N THR A 1100 75.09 -29.26 24.49
CA THR A 1100 76.42 -29.58 24.98
C THR A 1100 76.49 -29.00 26.40
N HIS A 1101 75.78 -27.84 26.58
CA HIS A 1101 75.89 -26.50 27.23
C HIS A 1101 74.49 -25.99 27.56
N TRP A 1102 74.37 -25.24 28.64
CA TRP A 1102 73.13 -24.51 28.88
C TRP A 1102 73.33 -23.02 28.67
N PHE A 1103 72.39 -22.41 27.96
CA PHE A 1103 72.42 -21.00 27.59
C PHE A 1103 71.17 -20.29 28.07
N VAL A 1104 71.23 -18.95 28.00
CA VAL A 1104 70.07 -18.07 28.12
C VAL A 1104 70.05 -17.19 26.86
N THR A 1105 68.86 -16.94 26.33
CA THR A 1105 68.70 -16.04 25.20
C THR A 1105 67.39 -15.30 25.31
N GLN A 1106 67.25 -14.25 24.50
CA GLN A 1106 66.01 -13.51 24.44
C GLN A 1106 64.98 -14.24 23.60
N ARG A 1107 63.78 -13.67 23.54
CA ARG A 1107 62.60 -14.44 23.17
C ARG A 1107 62.23 -14.37 21.69
N ASN A 1108 62.82 -13.48 20.92
CA ASN A 1108 62.47 -13.36 19.51
C ASN A 1108 63.68 -13.32 18.60
N PHE A 1109 64.87 -13.61 19.12
CA PHE A 1109 66.09 -13.72 18.32
C PHE A 1109 67.05 -14.63 19.07
N TYR A 1110 67.65 -15.57 18.35
CA TYR A 1110 68.56 -16.50 19.02
C TYR A 1110 69.91 -15.82 19.21
N GLU A 1111 70.12 -15.24 20.37
CA GLU A 1111 71.39 -14.64 20.73
C GLU A 1111 71.77 -15.18 22.11
N PRO A 1112 72.61 -16.22 22.19
CA PRO A 1112 72.91 -16.82 23.50
C PRO A 1112 73.79 -15.95 24.38
N GLN A 1113 73.64 -16.15 25.67
CA GLN A 1113 74.56 -15.60 26.66
C GLN A 1113 74.93 -16.69 27.65
N ILE A 1114 76.08 -16.51 28.28
CA ILE A 1114 76.47 -17.35 29.40
C ILE A 1114 75.59 -17.02 30.59
N ILE A 1115 75.02 -18.04 31.22
CA ILE A 1115 74.08 -17.85 32.32
C ILE A 1115 74.86 -17.40 33.55
N THR A 1116 74.70 -16.12 33.90
CA THR A 1116 75.46 -15.50 34.98
C THR A 1116 74.51 -14.81 35.95
N THR A 1117 75.08 -14.02 36.86
CA THR A 1117 74.37 -13.52 38.03
C THR A 1117 73.41 -12.38 37.71
N ASP A 1118 73.59 -11.66 36.61
CA ASP A 1118 72.82 -10.44 36.40
C ASP A 1118 71.83 -10.49 35.24
N ASN A 1119 71.77 -11.60 34.49
CA ASN A 1119 70.66 -11.82 33.57
C ASN A 1119 69.67 -12.84 34.12
N THR A 1120 69.94 -13.35 35.31
CA THR A 1120 69.04 -14.26 36.01
C THR A 1120 68.82 -13.74 37.43
N PHE A 1121 67.64 -13.99 37.97
CA PHE A 1121 67.33 -13.60 39.35
C PHE A 1121 66.97 -14.82 40.18
N VAL A 1122 67.42 -14.81 41.42
CA VAL A 1122 67.28 -15.93 42.35
C VAL A 1122 65.92 -15.86 43.01
N SER A 1123 65.19 -16.97 42.99
CA SER A 1123 63.90 -17.03 43.67
C SER A 1123 63.66 -18.44 44.15
N GLY A 1124 63.82 -18.68 45.45
CA GLY A 1124 63.56 -19.98 46.00
C GLY A 1124 64.71 -20.94 45.80
N ASN A 1125 64.49 -22.17 46.23
CA ASN A 1125 65.47 -23.24 46.15
C ASN A 1125 65.04 -24.35 45.18
N CYS A 1126 65.82 -25.43 45.17
CA CYS A 1126 65.93 -26.34 44.02
C CYS A 1126 65.00 -27.54 44.10
N ASP A 1127 63.81 -27.40 44.67
CA ASP A 1127 62.93 -28.56 44.83
C ASP A 1127 61.54 -28.39 44.23
N VAL A 1128 61.02 -27.17 44.17
CA VAL A 1128 59.60 -26.96 43.91
C VAL A 1128 59.31 -26.67 42.45
N VAL A 1129 60.34 -26.43 41.65
CA VAL A 1129 60.15 -26.14 40.24
C VAL A 1129 60.55 -27.35 39.41
N ILE A 1130 59.72 -27.71 38.44
CA ILE A 1130 60.01 -28.80 37.52
C ILE A 1130 61.00 -28.28 36.48
N GLY A 1131 61.77 -29.19 35.88
CA GLY A 1131 62.63 -28.84 34.77
C GLY A 1131 63.97 -28.23 35.15
N ILE A 1132 64.24 -28.05 36.45
CA ILE A 1132 65.47 -27.39 36.85
C ILE A 1132 66.66 -28.34 36.73
N VAL A 1133 67.79 -27.82 36.22
CA VAL A 1133 69.02 -28.58 36.03
C VAL A 1133 70.19 -27.82 36.65
N ASN A 1134 71.29 -28.55 36.88
CA ASN A 1134 72.49 -28.01 37.51
C ASN A 1134 73.38 -27.36 36.47
N ASN A 1135 73.84 -26.14 36.75
CA ASN A 1135 74.78 -25.45 35.88
C ASN A 1135 75.66 -24.53 36.74
N THR A 1136 76.74 -24.03 36.14
CA THR A 1136 77.59 -23.04 36.77
C THR A 1136 77.09 -21.65 36.43
N VAL A 1137 77.26 -20.72 37.37
CA VAL A 1137 76.84 -19.33 37.24
C VAL A 1137 78.06 -18.48 37.57
N TYR A 1138 78.47 -17.63 36.64
CA TYR A 1138 79.79 -17.01 36.71
C TYR A 1138 79.78 -15.76 37.57
N ASP A 1139 80.72 -15.70 38.54
CA ASP A 1139 81.02 -14.54 39.39
C ASP A 1139 82.10 -13.69 38.73
N PRO A 1140 81.82 -12.43 38.39
CA PRO A 1140 82.83 -11.61 37.69
C PRO A 1140 83.79 -10.86 38.61
N LEU A 1141 83.88 -11.23 39.88
CA LEU A 1141 84.67 -10.49 40.85
C LEU A 1141 85.95 -11.17 41.27
N GLN A 1142 85.99 -12.51 41.23
CA GLN A 1142 87.08 -13.25 41.88
C GLN A 1142 88.44 -13.23 41.18
N PRO A 1143 88.59 -13.28 39.78
CA PRO A 1143 89.94 -13.12 39.19
C PRO A 1143 90.62 -11.79 39.48
N GLU A 1144 89.86 -10.69 39.44
CA GLU A 1144 90.39 -9.38 39.80
C GLU A 1144 90.64 -9.25 41.30
N LEU A 1145 89.96 -10.04 42.12
CA LEU A 1145 90.25 -10.09 43.55
C LEU A 1145 91.54 -10.83 43.85
N ASP A 1146 91.78 -11.97 43.19
CA ASP A 1146 92.88 -12.85 43.58
C ASP A 1146 94.13 -12.71 42.72
N SER A 1147 93.99 -12.78 41.40
CA SER A 1147 95.19 -12.86 40.54
C SER A 1147 95.88 -11.52 40.37
N PHE A 1148 95.21 -10.41 40.70
CA PHE A 1148 95.80 -9.08 40.56
C PHE A 1148 96.11 -8.44 41.89
N LYS A 1149 95.14 -8.38 42.80
CA LYS A 1149 95.37 -7.79 44.12
C LYS A 1149 95.23 -8.83 45.22
N PRO B 26 -32.52 -16.38 40.65
CA PRO B 26 -31.54 -16.93 41.59
C PRO B 26 -30.66 -18.00 40.96
N ALA B 27 -29.88 -18.70 41.81
CA ALA B 27 -29.09 -19.89 41.49
C ALA B 27 -28.06 -19.62 40.38
N TYR B 28 -27.09 -18.77 40.70
CA TYR B 28 -26.06 -18.40 39.75
C TYR B 28 -24.72 -19.04 40.10
N THR B 29 -24.14 -19.73 39.12
CA THR B 29 -22.83 -20.36 39.25
C THR B 29 -21.96 -19.91 38.10
N ASN B 30 -20.65 -19.91 38.32
CA ASN B 30 -19.69 -19.42 37.34
C ASN B 30 -19.03 -20.59 36.61
N SER B 31 -18.22 -20.26 35.60
CA SER B 31 -17.60 -21.25 34.71
C SER B 31 -16.10 -21.19 34.87
N PHE B 32 -15.48 -22.34 35.16
CA PHE B 32 -14.02 -22.43 35.31
C PHE B 32 -13.40 -22.91 34.01
N THR B 33 -13.41 -22.01 33.02
CA THR B 33 -12.82 -22.16 31.67
C THR B 33 -13.36 -23.40 30.94
N ARG B 34 -14.66 -23.35 30.65
CA ARG B 34 -15.36 -24.45 30.02
C ARG B 34 -16.19 -23.92 28.85
N GLY B 35 -16.10 -24.59 27.71
CA GLY B 35 -16.89 -24.19 26.56
C GLY B 35 -16.15 -23.40 25.51
N VAL B 36 -14.98 -23.88 25.11
CA VAL B 36 -14.18 -23.28 24.05
C VAL B 36 -14.27 -24.16 22.81
N TYR B 37 -14.69 -23.58 21.69
CA TYR B 37 -14.96 -24.34 20.48
C TYR B 37 -13.95 -23.98 19.41
N TYR B 38 -13.79 -24.87 18.44
CA TYR B 38 -13.02 -24.57 17.25
C TYR B 38 -13.77 -23.56 16.41
N PRO B 39 -13.16 -22.44 16.01
CA PRO B 39 -13.88 -21.46 15.19
C PRO B 39 -14.11 -21.89 13.75
N ASP B 40 -13.39 -22.89 13.27
CA ASP B 40 -13.56 -23.40 11.91
C ASP B 40 -13.14 -24.87 11.90
N LYS B 41 -13.17 -25.47 10.72
CA LYS B 41 -12.76 -26.86 10.55
C LYS B 41 -11.27 -26.99 10.23
N VAL B 42 -10.53 -25.89 10.30
CA VAL B 42 -9.12 -25.86 9.96
C VAL B 42 -8.30 -26.52 11.06
N PHE B 43 -7.51 -27.51 10.67
CA PHE B 43 -6.55 -28.18 11.54
C PHE B 43 -5.27 -27.38 11.56
N ARG B 44 -4.85 -26.95 12.75
CA ARG B 44 -3.55 -26.35 12.97
C ARG B 44 -2.84 -27.14 14.06
N SER B 45 -1.57 -27.45 13.84
CA SER B 45 -0.83 -28.33 14.73
C SER B 45 0.33 -27.59 15.38
N SER B 46 0.36 -27.63 16.72
CA SER B 46 1.47 -27.20 17.58
C SER B 46 1.84 -25.73 17.37
N VAL B 47 0.82 -24.91 17.17
CA VAL B 47 1.00 -23.49 16.92
C VAL B 47 -0.01 -22.73 17.78
N LEU B 48 0.36 -21.51 18.18
CA LEU B 48 -0.49 -20.64 18.97
C LEU B 48 -1.23 -19.73 18.01
N HIS B 49 -2.56 -19.74 18.05
CA HIS B 49 -3.38 -18.99 17.12
C HIS B 49 -4.34 -18.09 17.87
N SER B 50 -4.52 -16.88 17.37
CA SER B 50 -5.40 -15.90 17.98
C SER B 50 -6.64 -15.72 17.11
N THR B 51 -7.82 -15.90 17.71
CA THR B 51 -9.07 -15.87 16.99
C THR B 51 -9.96 -14.75 17.52
N GLN B 52 -11.09 -14.55 16.85
CA GLN B 52 -12.07 -13.54 17.23
C GLN B 52 -13.44 -14.00 16.72
N ASP B 53 -14.28 -14.49 17.63
CA ASP B 53 -15.61 -14.93 17.28
C ASP B 53 -16.48 -14.69 18.52
N LEU B 54 -17.76 -15.04 18.46
CA LEU B 54 -18.65 -14.95 19.61
C LEU B 54 -18.35 -16.12 20.52
N PHE B 55 -17.60 -15.86 21.59
CA PHE B 55 -17.24 -16.86 22.58
C PHE B 55 -17.98 -16.59 23.88
N LEU B 56 -17.70 -17.39 24.90
CA LEU B 56 -18.14 -17.07 26.24
C LEU B 56 -16.97 -16.47 27.01
N PRO B 57 -17.18 -15.40 27.77
CA PRO B 57 -16.13 -14.91 28.67
C PRO B 57 -15.88 -15.89 29.80
N PHE B 58 -14.66 -15.89 30.30
CA PHE B 58 -14.33 -16.71 31.46
C PHE B 58 -14.96 -16.15 32.73
N PHE B 59 -15.38 -17.07 33.61
CA PHE B 59 -15.97 -16.79 34.92
C PHE B 59 -17.23 -15.94 34.85
N SER B 60 -18.13 -16.26 33.93
CA SER B 60 -19.43 -15.60 33.87
C SER B 60 -20.50 -16.46 34.52
N ASN B 61 -21.52 -15.80 35.08
CA ASN B 61 -22.62 -16.48 35.75
C ASN B 61 -23.54 -17.16 34.75
N VAL B 62 -23.93 -18.39 35.05
CA VAL B 62 -25.00 -19.09 34.36
C VAL B 62 -26.07 -19.43 35.40
N THR B 63 -27.31 -19.54 34.96
CA THR B 63 -28.42 -19.84 35.85
C THR B 63 -28.54 -21.34 36.08
N TRP B 64 -29.42 -21.72 37.00
CA TRP B 64 -29.72 -23.11 37.27
C TRP B 64 -31.20 -23.23 37.62
N PHE B 65 -31.91 -24.08 36.88
CA PHE B 65 -33.34 -24.31 37.03
C PHE B 65 -33.60 -25.79 37.32
N HIS B 66 -34.88 -26.15 37.30
CA HIS B 66 -35.30 -27.53 37.50
C HIS B 66 -36.32 -27.94 36.44
N PHE B 79 -42.54 -29.22 36.45
CA PHE B 79 -42.12 -28.38 37.56
C PHE B 79 -41.74 -26.98 37.10
N ASP B 80 -40.65 -26.88 36.36
CA ASP B 80 -40.19 -25.60 35.83
C ASP B 80 -39.98 -25.71 34.33
N ASN B 81 -40.65 -24.84 33.57
CA ASN B 81 -40.33 -24.70 32.16
C ASN B 81 -40.43 -23.23 31.73
N PRO B 82 -39.42 -22.40 31.99
CA PRO B 82 -39.52 -20.98 31.64
C PRO B 82 -39.12 -20.74 30.19
N VAL B 83 -39.46 -19.56 29.70
CA VAL B 83 -39.04 -19.08 28.39
C VAL B 83 -37.86 -18.13 28.61
N LEU B 84 -36.88 -18.17 27.72
CA LEU B 84 -35.68 -17.37 27.83
C LEU B 84 -35.39 -16.65 26.52
N PRO B 85 -34.83 -15.44 26.58
CA PRO B 85 -34.38 -14.77 25.36
C PRO B 85 -33.12 -15.42 24.81
N PHE B 86 -32.91 -15.21 23.50
CA PHE B 86 -31.77 -15.79 22.80
C PHE B 86 -30.49 -15.00 23.04
N ASN B 87 -30.51 -13.71 22.67
CA ASN B 87 -29.49 -12.70 22.98
C ASN B 87 -28.10 -13.05 22.42
N ASP B 88 -28.05 -13.16 21.09
CA ASP B 88 -26.86 -13.24 20.25
C ASP B 88 -25.95 -14.44 20.54
N GLY B 89 -26.50 -15.58 20.90
CA GLY B 89 -25.70 -16.78 21.14
C GLY B 89 -26.01 -17.37 22.48
N VAL B 90 -26.22 -18.69 22.49
CA VAL B 90 -26.59 -19.42 23.70
C VAL B 90 -25.59 -20.54 23.88
N TYR B 91 -24.91 -20.55 25.03
CA TYR B 91 -24.10 -21.68 25.45
C TYR B 91 -24.92 -22.50 26.44
N PHE B 92 -24.94 -23.82 26.25
CA PHE B 92 -25.83 -24.69 27.00
C PHE B 92 -25.01 -25.84 27.56
N ALA B 93 -25.29 -26.21 28.81
CA ALA B 93 -24.78 -27.44 29.41
C ALA B 93 -25.86 -28.04 30.30
N SER B 94 -25.86 -29.36 30.42
CA SER B 94 -26.90 -30.06 31.17
C SER B 94 -26.37 -31.38 31.68
N THR B 95 -26.68 -31.69 32.94
CA THR B 95 -26.28 -32.93 33.58
C THR B 95 -27.52 -33.76 33.90
N GLU B 96 -27.51 -35.03 33.47
CA GLU B 96 -28.68 -35.88 33.59
C GLU B 96 -28.28 -37.27 34.04
N LYS B 97 -29.26 -38.00 34.58
CA LYS B 97 -29.21 -39.45 34.69
C LYS B 97 -30.07 -40.14 33.64
N SER B 98 -31.35 -39.79 33.55
CA SER B 98 -32.22 -40.25 32.49
C SER B 98 -32.60 -39.06 31.62
N ASN B 99 -33.15 -39.33 30.45
CA ASN B 99 -33.48 -38.27 29.51
C ASN B 99 -34.77 -37.57 29.90
N ILE B 100 -34.69 -36.64 30.84
CA ILE B 100 -35.83 -35.81 31.21
C ILE B 100 -35.98 -34.63 30.27
N ILE B 101 -34.87 -34.01 29.88
CA ILE B 101 -34.88 -32.98 28.85
C ILE B 101 -35.10 -33.66 27.50
N ARG B 102 -35.95 -33.05 26.67
CA ARG B 102 -36.18 -33.57 25.33
C ARG B 102 -35.56 -32.69 24.26
N GLY B 103 -36.09 -31.49 24.09
CA GLY B 103 -35.67 -30.61 23.03
C GLY B 103 -36.09 -29.20 23.35
N TRP B 104 -36.07 -28.35 22.33
CA TRP B 104 -36.26 -26.92 22.52
C TRP B 104 -37.18 -26.41 21.43
N ILE B 105 -37.91 -25.35 21.74
CA ILE B 105 -38.80 -24.69 20.79
C ILE B 105 -38.29 -23.27 20.57
N PHE B 106 -38.11 -22.90 19.31
CA PHE B 106 -37.53 -21.62 18.93
C PHE B 106 -38.54 -20.82 18.13
N GLY B 107 -38.45 -19.51 18.21
CA GLY B 107 -39.33 -18.64 17.45
C GLY B 107 -39.31 -17.23 18.00
N THR B 108 -40.17 -16.39 17.41
CA THR B 108 -40.29 -15.00 17.82
C THR B 108 -41.56 -14.75 18.63
N THR B 109 -42.72 -15.11 18.07
CA THR B 109 -43.98 -14.95 18.79
C THR B 109 -44.61 -16.28 19.19
N LEU B 110 -44.25 -17.37 18.49
CA LEU B 110 -44.74 -18.75 18.72
C LEU B 110 -46.26 -18.84 18.61
N ASP B 111 -46.85 -18.08 17.70
CA ASP B 111 -48.29 -17.95 17.55
C ASP B 111 -48.58 -18.23 16.06
N SER B 112 -49.83 -18.03 15.62
CA SER B 112 -50.27 -18.38 14.28
C SER B 112 -50.12 -17.23 13.28
N LYS B 113 -49.09 -16.38 13.45
CA LYS B 113 -48.76 -15.36 12.46
C LYS B 113 -47.27 -15.26 12.14
N THR B 114 -46.39 -15.89 12.93
CA THR B 114 -44.97 -16.01 12.60
C THR B 114 -44.53 -17.45 12.74
N GLN B 115 -43.73 -17.91 11.79
CA GLN B 115 -43.28 -19.29 11.78
C GLN B 115 -42.25 -19.54 12.88
N SER B 116 -42.30 -20.74 13.45
CA SER B 116 -41.48 -21.08 14.60
C SER B 116 -40.77 -22.41 14.35
N LEU B 117 -39.54 -22.51 14.86
CA LEU B 117 -38.72 -23.69 14.70
C LEU B 117 -39.04 -24.70 15.80
N LEU B 118 -38.90 -25.98 15.47
CA LEU B 118 -39.17 -27.05 16.42
C LEU B 118 -38.10 -28.13 16.31
N ILE B 119 -37.52 -28.49 17.45
CA ILE B 119 -36.66 -29.66 17.59
C ILE B 119 -37.18 -30.51 18.74
N VAL B 120 -37.64 -31.72 18.43
CA VAL B 120 -38.09 -32.67 19.43
C VAL B 120 -37.33 -33.98 19.24
N ASN B 121 -36.63 -34.40 20.28
CA ASN B 121 -35.92 -35.67 20.30
C ASN B 121 -36.77 -36.70 21.03
N ASN B 122 -36.82 -37.91 20.48
CA ASN B 122 -37.52 -39.03 21.11
C ASN B 122 -36.74 -40.31 20.80
N ALA B 123 -37.44 -41.45 20.88
CA ALA B 123 -36.86 -42.79 21.03
C ALA B 123 -35.91 -43.27 19.94
N THR B 124 -36.28 -43.10 18.66
CA THR B 124 -35.50 -43.72 17.61
C THR B 124 -35.05 -42.73 16.53
N ASN B 125 -35.42 -41.46 16.65
CA ASN B 125 -35.12 -40.46 15.64
C ASN B 125 -35.14 -39.07 16.27
N VAL B 126 -34.64 -38.09 15.53
CA VAL B 126 -34.82 -36.69 15.89
C VAL B 126 -35.64 -36.02 14.79
N VAL B 127 -36.37 -34.98 15.18
CA VAL B 127 -37.30 -34.28 14.29
C VAL B 127 -36.94 -32.81 14.30
N ILE B 128 -36.61 -32.26 13.13
CA ILE B 128 -36.30 -30.84 12.97
C ILE B 128 -37.22 -30.28 11.89
N LYS B 129 -38.05 -29.30 12.25
CA LYS B 129 -39.00 -28.74 11.31
C LYS B 129 -39.36 -27.32 11.73
N VAL B 130 -39.69 -26.49 10.75
CA VAL B 130 -40.26 -25.16 10.98
C VAL B 130 -41.61 -25.07 10.27
N CYS B 131 -42.64 -24.71 11.03
CA CYS B 131 -44.00 -24.56 10.51
C CYS B 131 -44.63 -23.35 11.20
N GLU B 132 -45.93 -23.16 10.96
CA GLU B 132 -46.72 -22.19 11.69
C GLU B 132 -47.33 -22.88 12.91
N PHE B 133 -46.83 -22.54 14.09
CA PHE B 133 -47.14 -23.32 15.29
C PHE B 133 -48.00 -22.51 16.24
N GLN B 134 -48.97 -23.21 16.85
CA GLN B 134 -49.75 -22.70 17.96
C GLN B 134 -49.29 -23.47 19.19
N PHE B 135 -48.29 -22.91 19.89
CA PHE B 135 -47.75 -23.56 21.08
C PHE B 135 -48.73 -23.45 22.23
N CYS B 136 -48.75 -24.47 23.08
CA CYS B 136 -49.70 -24.53 24.18
C CYS B 136 -49.29 -23.57 25.30
N ASN B 137 -50.24 -23.28 26.18
CA ASN B 137 -49.96 -22.45 27.35
C ASN B 137 -49.07 -23.16 28.35
N ASP B 138 -49.23 -24.47 28.50
CA ASP B 138 -48.36 -25.31 29.32
C ASP B 138 -47.85 -26.47 28.47
N PRO B 139 -46.73 -26.30 27.77
CA PRO B 139 -46.22 -27.38 26.93
C PRO B 139 -45.47 -28.42 27.75
N PHE B 140 -45.92 -29.68 27.64
CA PHE B 140 -45.25 -30.80 28.28
C PHE B 140 -45.46 -32.04 27.42
N LEU B 141 -44.58 -33.02 27.59
CA LEU B 141 -44.72 -34.31 26.94
C LEU B 141 -44.63 -35.44 27.96
N MET B 153 -48.41 -43.35 29.85
CA MET B 153 -47.33 -43.23 30.82
C MET B 153 -46.01 -43.28 30.06
N GLU B 154 -46.02 -44.04 28.96
CA GLU B 154 -44.88 -44.09 28.05
C GLU B 154 -44.94 -42.99 26.98
N SER B 155 -46.07 -42.30 26.87
CA SER B 155 -46.26 -41.34 25.80
C SER B 155 -47.24 -40.26 26.26
N GLU B 156 -46.93 -39.01 25.91
CA GLU B 156 -47.79 -37.87 26.15
C GLU B 156 -47.41 -36.79 25.14
N PHE B 157 -48.41 -36.15 24.53
CA PHE B 157 -48.14 -35.16 23.49
C PHE B 157 -49.25 -34.11 23.52
N ARG B 158 -48.96 -32.97 24.14
CA ARG B 158 -49.88 -31.83 24.16
C ARG B 158 -49.11 -30.53 24.03
N VAL B 159 -48.17 -30.48 23.09
CA VAL B 159 -47.33 -29.29 22.95
C VAL B 159 -47.88 -28.33 21.89
N TYR B 160 -48.49 -28.83 20.81
CA TYR B 160 -49.06 -27.95 19.80
C TYR B 160 -50.24 -28.63 19.13
N SER B 161 -51.11 -27.81 18.55
CA SER B 161 -52.15 -28.28 17.63
C SER B 161 -52.20 -27.28 16.47
N SER B 162 -51.35 -27.51 15.46
CA SER B 162 -51.22 -26.66 14.29
C SER B 162 -50.50 -27.39 13.17
N ALA B 163 -51.12 -27.51 12.00
CA ALA B 163 -50.52 -28.27 10.92
C ALA B 163 -50.59 -27.51 9.60
N ASN B 164 -50.63 -26.19 9.64
CA ASN B 164 -50.70 -25.39 8.43
C ASN B 164 -49.37 -24.70 8.15
N ASN B 165 -49.10 -24.49 6.85
CA ASN B 165 -48.00 -23.65 6.32
C ASN B 165 -46.61 -24.13 6.74
N CYS B 166 -46.37 -25.44 6.64
CA CYS B 166 -45.04 -25.96 6.85
C CYS B 166 -44.15 -25.65 5.65
N THR B 167 -42.87 -25.44 5.93
CA THR B 167 -41.92 -25.06 4.88
C THR B 167 -40.75 -26.02 4.81
N PHE B 168 -40.26 -26.46 5.96
CA PHE B 168 -39.06 -27.30 6.01
C PHE B 168 -39.25 -28.38 7.07
N GLU B 169 -38.68 -29.55 6.79
CA GLU B 169 -38.70 -30.68 7.72
C GLU B 169 -37.43 -31.50 7.50
N TYR B 170 -36.87 -32.01 8.60
CA TYR B 170 -35.60 -32.73 8.53
C TYR B 170 -35.54 -33.79 9.61
N VAL B 171 -35.09 -34.98 9.23
CA VAL B 171 -34.97 -36.13 10.13
C VAL B 171 -33.51 -36.57 10.11
N SER B 172 -32.96 -36.79 11.30
CA SER B 172 -31.61 -37.34 11.43
C SER B 172 -31.64 -38.42 12.51
N GLN B 173 -30.46 -38.88 12.92
CA GLN B 173 -30.35 -39.90 13.96
C GLN B 173 -29.76 -39.31 15.22
N PRO B 174 -30.30 -39.64 16.42
CA PRO B 174 -29.79 -39.08 17.68
C PRO B 174 -28.41 -39.59 18.08
N PHE B 186 -26.50 -38.84 38.48
CA PHE B 186 -26.31 -38.14 37.22
C PHE B 186 -25.08 -38.68 36.50
N LYS B 187 -25.23 -39.01 35.22
CA LYS B 187 -24.15 -39.68 34.50
C LYS B 187 -23.72 -38.96 33.23
N ASN B 188 -24.65 -38.36 32.49
CA ASN B 188 -24.36 -37.78 31.18
C ASN B 188 -24.30 -36.27 31.29
N LEU B 189 -23.24 -35.67 30.74
CA LEU B 189 -23.10 -34.22 30.65
C LEU B 189 -23.04 -33.84 29.18
N ARG B 190 -24.07 -33.15 28.71
CA ARG B 190 -24.18 -32.72 27.33
C ARG B 190 -23.98 -31.22 27.26
N GLU B 191 -23.02 -30.78 26.45
CA GLU B 191 -22.71 -29.36 26.28
C GLU B 191 -22.96 -28.97 24.83
N PHE B 192 -23.75 -27.92 24.63
CA PHE B 192 -24.09 -27.45 23.30
C PHE B 192 -23.81 -25.97 23.16
N VAL B 193 -23.80 -25.49 21.92
CA VAL B 193 -23.79 -24.07 21.59
C VAL B 193 -24.92 -23.83 20.60
N PHE B 194 -25.85 -22.94 20.96
CA PHE B 194 -26.98 -22.62 20.10
C PHE B 194 -26.80 -21.22 19.55
N LYS B 195 -26.45 -21.11 18.27
CA LYS B 195 -26.22 -19.80 17.66
C LYS B 195 -26.85 -19.77 16.28
N ASN B 196 -27.20 -18.55 15.86
CA ASN B 196 -27.86 -18.32 14.57
C ASN B 196 -27.23 -17.08 13.95
N ILE B 197 -26.30 -17.29 13.03
CA ILE B 197 -25.56 -16.19 12.40
C ILE B 197 -25.88 -16.20 10.91
N ASP B 198 -26.41 -15.06 10.42
CA ASP B 198 -26.69 -14.79 8.99
C ASP B 198 -27.66 -15.79 8.39
N GLY B 199 -28.66 -16.20 9.18
CA GLY B 199 -29.61 -17.20 8.76
C GLY B 199 -29.12 -18.62 8.83
N TYR B 200 -27.94 -18.85 9.39
CA TYR B 200 -27.34 -20.17 9.49
C TYR B 200 -27.23 -20.57 10.95
N PHE B 201 -27.87 -21.69 11.30
CA PHE B 201 -28.00 -22.13 12.68
C PHE B 201 -26.93 -23.18 12.93
N LYS B 202 -25.90 -22.81 13.69
CA LYS B 202 -24.74 -23.65 13.93
C LYS B 202 -24.83 -24.32 15.29
N ILE B 203 -24.63 -25.64 15.31
CA ILE B 203 -24.69 -26.43 16.54
C ILE B 203 -23.32 -27.05 16.78
N TYR B 204 -22.77 -26.82 17.97
CA TYR B 204 -21.58 -27.50 18.44
C TYR B 204 -21.98 -28.43 19.56
N SER B 205 -21.20 -29.48 19.78
CA SER B 205 -21.57 -30.46 20.79
C SER B 205 -20.32 -31.15 21.33
N LYS B 206 -20.47 -31.72 22.53
CA LYS B 206 -19.54 -32.65 23.14
C LYS B 206 -20.26 -33.42 24.24
N HIS B 207 -20.24 -34.74 24.12
CA HIS B 207 -20.74 -35.62 25.18
C HIS B 207 -19.56 -36.08 26.01
N THR B 208 -19.68 -35.90 27.33
CA THR B 208 -18.65 -36.30 28.27
C THR B 208 -19.34 -36.81 29.53
N PRO B 209 -18.74 -37.77 30.24
CA PRO B 209 -19.37 -38.23 31.49
C PRO B 209 -19.01 -37.38 32.68
N ILE B 210 -20.02 -37.06 33.50
CA ILE B 210 -19.83 -36.40 34.77
C ILE B 210 -20.65 -37.15 35.82
N ASN B 211 -20.06 -37.32 36.99
CA ASN B 211 -20.73 -38.10 38.05
C ASN B 211 -20.59 -37.33 39.37
N LEU B 212 -21.48 -36.36 39.54
CA LEU B 212 -21.64 -35.45 40.69
C LEU B 212 -22.91 -34.66 40.43
N VAL B 213 -23.55 -34.22 41.52
CA VAL B 213 -24.92 -33.68 41.43
C VAL B 213 -25.02 -32.30 42.06
N ARG B 214 -23.93 -31.52 42.04
CA ARG B 214 -23.91 -30.23 42.72
C ARG B 214 -23.81 -29.05 41.77
N ASP B 215 -22.83 -29.02 40.88
CA ASP B 215 -22.59 -27.86 40.02
C ASP B 215 -21.93 -28.33 38.73
N LEU B 216 -21.42 -27.40 37.95
CA LEU B 216 -20.64 -27.76 36.79
C LEU B 216 -19.24 -28.19 37.23
N PRO B 217 -18.69 -29.28 36.70
CA PRO B 217 -17.29 -29.61 37.00
C PRO B 217 -16.35 -28.73 36.21
N GLN B 218 -15.07 -28.79 36.60
CA GLN B 218 -14.03 -28.05 35.90
C GLN B 218 -13.44 -28.92 34.79
N GLY B 219 -12.33 -28.45 34.23
CA GLY B 219 -11.66 -29.14 33.15
C GLY B 219 -11.84 -28.44 31.82
N PHE B 220 -10.97 -28.79 30.87
CA PHE B 220 -10.97 -28.19 29.55
C PHE B 220 -11.36 -29.24 28.53
N SER B 221 -12.33 -28.90 27.68
CA SER B 221 -12.75 -29.75 26.58
C SER B 221 -13.25 -28.86 25.45
N ALA B 222 -13.34 -29.43 24.26
CA ALA B 222 -13.64 -28.67 23.06
C ALA B 222 -15.05 -28.98 22.56
N LEU B 223 -15.56 -28.10 21.71
CA LEU B 223 -16.86 -28.27 21.08
C LEU B 223 -16.71 -28.29 19.57
N GLU B 224 -17.24 -29.33 18.93
CA GLU B 224 -17.09 -29.66 17.52
C GLU B 224 -18.41 -29.43 16.77
N PRO B 225 -18.38 -28.80 15.60
CA PRO B 225 -19.63 -28.47 14.90
C PRO B 225 -20.25 -29.69 14.22
N LEU B 226 -21.59 -29.73 14.26
CA LEU B 226 -22.33 -30.82 13.64
C LEU B 226 -23.24 -30.37 12.51
N VAL B 227 -24.18 -29.45 12.76
CA VAL B 227 -25.24 -29.13 11.81
C VAL B 227 -25.22 -27.64 11.51
N ASP B 228 -25.14 -27.32 10.22
CA ASP B 228 -25.39 -25.96 9.75
C ASP B 228 -26.62 -26.00 8.85
N LEU B 229 -27.66 -25.25 9.21
CA LEU B 229 -28.94 -25.39 8.53
C LEU B 229 -29.45 -24.03 8.08
N PRO B 230 -29.80 -23.87 6.77
CA PRO B 230 -30.36 -22.62 6.26
C PRO B 230 -31.78 -22.34 6.76
N ILE B 231 -31.90 -21.81 7.97
CA ILE B 231 -33.22 -21.50 8.52
C ILE B 231 -33.71 -20.17 7.98
N GLY B 232 -32.98 -19.10 8.27
CA GLY B 232 -33.27 -17.79 7.71
C GLY B 232 -34.48 -17.07 8.27
N ILE B 233 -34.89 -17.41 9.49
CA ILE B 233 -35.91 -16.61 10.18
C ILE B 233 -35.23 -15.93 11.36
N ASN B 234 -35.92 -14.95 11.94
CA ASN B 234 -35.38 -14.17 13.03
C ASN B 234 -35.77 -14.76 14.38
N ILE B 235 -34.88 -14.61 15.35
CA ILE B 235 -35.07 -15.27 16.64
C ILE B 235 -34.80 -14.28 17.76
N THR B 236 -35.77 -14.19 18.68
CA THR B 236 -35.63 -13.41 19.91
C THR B 236 -35.70 -14.26 21.16
N ARG B 237 -36.63 -15.20 21.25
CA ARG B 237 -36.82 -16.03 22.43
C ARG B 237 -36.62 -17.49 22.05
N PHE B 238 -36.48 -18.32 23.09
CA PHE B 238 -36.52 -19.77 22.93
C PHE B 238 -37.07 -20.37 24.22
N GLN B 239 -37.55 -21.60 24.12
CA GLN B 239 -38.22 -22.23 25.24
C GLN B 239 -37.82 -23.70 25.28
N THR B 240 -37.31 -24.11 26.42
CA THR B 240 -36.80 -25.45 26.61
C THR B 240 -37.96 -26.37 27.01
N LEU B 241 -37.96 -27.59 26.46
CA LEU B 241 -39.07 -28.52 26.62
C LEU B 241 -38.59 -29.76 27.37
N LEU B 242 -39.46 -30.32 28.20
CA LEU B 242 -39.20 -31.55 28.95
C LEU B 242 -40.37 -32.52 28.78
N ALA B 243 -40.36 -33.57 29.60
CA ALA B 243 -41.44 -34.56 29.60
C ALA B 243 -42.65 -34.04 30.37
N GLY B 261 -39.79 -36.83 38.38
CA GLY B 261 -38.35 -36.66 38.24
C GLY B 261 -37.95 -35.22 37.96
N ALA B 262 -36.73 -34.86 38.35
CA ALA B 262 -36.23 -33.50 38.18
C ALA B 262 -34.81 -33.57 37.63
N ALA B 263 -34.43 -32.51 36.92
CA ALA B 263 -33.14 -32.45 36.25
C ALA B 263 -32.63 -31.02 36.23
N ALA B 264 -31.38 -30.86 35.80
CA ALA B 264 -30.71 -29.56 35.79
C ALA B 264 -30.22 -29.22 34.39
N TYR B 265 -30.21 -27.92 34.09
CA TYR B 265 -29.69 -27.42 32.82
C TYR B 265 -29.18 -25.99 33.00
N TYR B 266 -28.03 -25.70 32.38
CA TYR B 266 -27.35 -24.44 32.52
C TYR B 266 -27.42 -23.66 31.22
N VAL B 267 -27.69 -22.37 31.31
CA VAL B 267 -27.82 -21.51 30.14
C VAL B 267 -26.94 -20.28 30.34
N GLY B 268 -26.03 -20.05 29.40
CA GLY B 268 -25.23 -18.84 29.39
C GLY B 268 -25.43 -18.10 28.09
N TYR B 269 -24.87 -16.91 28.04
CA TYR B 269 -24.95 -16.06 26.85
C TYR B 269 -23.55 -15.75 26.36
N LEU B 270 -23.42 -15.60 25.05
CA LEU B 270 -22.13 -15.38 24.40
C LEU B 270 -21.81 -13.89 24.34
N GLN B 271 -20.57 -13.59 23.98
CA GLN B 271 -20.08 -12.22 23.93
C GLN B 271 -18.95 -12.14 22.91
N PRO B 272 -18.87 -11.07 22.13
CA PRO B 272 -17.78 -10.93 21.16
C PRO B 272 -16.44 -10.66 21.85
N ARG B 273 -15.58 -11.68 21.86
CA ARG B 273 -14.30 -11.61 22.55
C ARG B 273 -13.20 -12.10 21.63
N THR B 274 -11.97 -11.79 22.01
CA THR B 274 -10.77 -12.22 21.29
C THR B 274 -10.05 -13.24 22.17
N PHE B 275 -9.79 -14.41 21.62
CA PHE B 275 -9.13 -15.49 22.34
C PHE B 275 -7.81 -15.84 21.68
N LEU B 276 -6.99 -16.57 22.42
CA LEU B 276 -5.76 -17.17 21.90
C LEU B 276 -5.80 -18.66 22.20
N LEU B 277 -5.60 -19.47 21.18
CA LEU B 277 -5.76 -20.92 21.28
C LEU B 277 -4.41 -21.61 21.16
N LYS B 278 -4.18 -22.57 22.05
CA LYS B 278 -3.00 -23.41 22.01
C LYS B 278 -3.38 -24.77 21.42
N TYR B 279 -2.74 -25.14 20.32
CA TYR B 279 -3.02 -26.40 19.66
C TYR B 279 -1.94 -27.41 20.02
N ASN B 280 -2.31 -28.68 20.07
CA ASN B 280 -1.37 -29.76 20.34
C ASN B 280 -0.82 -30.30 19.02
N GLU B 281 -0.17 -31.47 19.07
CA GLU B 281 0.33 -32.09 17.85
C GLU B 281 -0.81 -32.65 17.00
N ASN B 282 -1.95 -32.98 17.61
CA ASN B 282 -3.10 -33.49 16.87
C ASN B 282 -4.18 -32.44 16.66
N GLY B 283 -3.90 -31.17 16.93
CA GLY B 283 -4.80 -30.11 16.53
C GLY B 283 -6.00 -29.86 17.40
N THR B 284 -6.06 -30.45 18.59
CA THR B 284 -7.12 -30.16 19.54
C THR B 284 -6.62 -29.12 20.55
N ILE B 285 -7.52 -28.26 21.00
CA ILE B 285 -7.12 -27.19 21.90
C ILE B 285 -7.00 -27.74 23.32
N THR B 286 -5.79 -27.78 23.85
CA THR B 286 -5.55 -28.24 25.21
C THR B 286 -5.64 -27.13 26.25
N ASP B 287 -5.35 -25.89 25.87
CA ASP B 287 -5.42 -24.76 26.79
C ASP B 287 -5.69 -23.50 25.98
N ALA B 288 -6.23 -22.49 26.65
CA ALA B 288 -6.53 -21.23 25.99
C ALA B 288 -6.47 -20.11 27.02
N VAL B 289 -6.26 -18.89 26.53
CA VAL B 289 -6.32 -17.70 27.35
C VAL B 289 -7.26 -16.70 26.69
N ASP B 290 -7.87 -15.86 27.52
CA ASP B 290 -8.82 -14.85 27.05
C ASP B 290 -8.16 -13.49 27.14
N CYS B 291 -8.26 -12.71 26.07
CA CYS B 291 -7.48 -11.48 25.96
C CYS B 291 -8.16 -10.26 26.59
N ALA B 292 -9.06 -10.43 27.57
CA ALA B 292 -9.54 -9.30 28.33
C ALA B 292 -9.82 -9.65 29.79
N LEU B 293 -9.35 -10.80 30.27
CA LEU B 293 -9.67 -11.22 31.63
C LEU B 293 -8.79 -10.50 32.67
N ASP B 294 -7.49 -10.74 32.60
CA ASP B 294 -6.52 -10.10 33.49
C ASP B 294 -5.32 -9.67 32.65
N PRO B 295 -4.49 -8.73 33.15
CA PRO B 295 -3.32 -8.30 32.35
C PRO B 295 -2.27 -9.36 32.07
N LEU B 296 -2.23 -10.46 32.83
CA LEU B 296 -1.30 -11.53 32.50
C LEU B 296 -1.74 -12.28 31.24
N SER B 297 -3.04 -12.52 31.09
CA SER B 297 -3.52 -13.14 29.86
C SER B 297 -3.51 -12.14 28.70
N GLU B 298 -3.59 -10.85 29.01
CA GLU B 298 -3.35 -9.81 28.01
C GLU B 298 -1.91 -9.85 27.52
N THR B 299 -0.96 -10.09 28.43
CA THR B 299 0.45 -10.24 28.09
C THR B 299 0.67 -11.49 27.25
N LYS B 300 -0.03 -12.58 27.61
CA LYS B 300 0.04 -13.83 26.86
C LYS B 300 -0.54 -13.69 25.46
N CYS B 301 -1.59 -12.87 25.32
CA CYS B 301 -2.17 -12.64 23.99
C CYS B 301 -1.27 -11.75 23.15
N THR B 302 -0.63 -10.74 23.76
CA THR B 302 0.21 -9.85 22.97
C THR B 302 1.55 -10.47 22.60
N LEU B 303 2.13 -11.29 23.48
CA LEU B 303 3.42 -11.89 23.20
C LEU B 303 3.32 -13.18 22.38
N LYS B 304 2.11 -13.75 22.28
CA LYS B 304 1.83 -15.09 21.74
C LYS B 304 2.70 -16.16 22.42
N SER B 305 2.46 -16.32 23.71
CA SER B 305 3.14 -17.33 24.50
C SER B 305 2.22 -17.76 25.63
N PHE B 306 2.48 -18.94 26.17
CA PHE B 306 1.75 -19.43 27.33
C PHE B 306 2.60 -19.45 28.59
N THR B 307 3.91 -19.31 28.46
CA THR B 307 4.77 -19.01 29.59
C THR B 307 5.46 -17.69 29.29
N VAL B 308 5.24 -16.72 30.15
CA VAL B 308 5.75 -15.36 29.97
C VAL B 308 6.90 -15.17 30.94
N GLU B 309 8.06 -14.83 30.40
CA GLU B 309 9.27 -14.69 31.18
C GLU B 309 9.26 -13.39 31.98
N LYS B 310 10.22 -13.29 32.90
CA LYS B 310 10.26 -12.17 33.82
C LYS B 310 10.76 -10.92 33.13
N GLY B 311 9.88 -9.93 33.01
CA GLY B 311 10.24 -8.69 32.32
C GLY B 311 9.08 -7.72 32.33
N ILE B 312 9.28 -6.58 31.67
CA ILE B 312 8.26 -5.56 31.52
C ILE B 312 7.86 -5.49 30.04
N TYR B 313 6.56 -5.47 29.79
CA TYR B 313 6.02 -5.60 28.45
C TYR B 313 4.97 -4.52 28.22
N GLN B 314 4.81 -4.12 26.97
CA GLN B 314 3.79 -3.16 26.59
C GLN B 314 2.69 -3.88 25.82
N THR B 315 1.44 -3.66 26.21
CA THR B 315 0.33 -4.39 25.63
C THR B 315 -0.55 -3.55 24.73
N SER B 316 -1.10 -2.43 25.22
CA SER B 316 -2.03 -1.64 24.43
C SER B 316 -1.89 -0.19 24.83
N ASN B 317 -2.89 0.60 24.48
CA ASN B 317 -2.99 1.99 24.87
C ASN B 317 -4.39 2.29 25.40
N PHE B 318 -4.61 3.56 25.73
CA PHE B 318 -5.86 4.02 26.31
C PHE B 318 -5.97 5.52 26.11
N ARG B 319 -7.21 6.02 26.16
CA ARG B 319 -7.48 7.44 26.01
C ARG B 319 -8.77 7.77 26.74
N VAL B 320 -8.76 8.88 27.48
CA VAL B 320 -9.96 9.32 28.18
C VAL B 320 -10.97 9.88 27.19
N GLN B 321 -12.20 9.42 27.30
CA GLN B 321 -13.26 9.80 26.38
C GLN B 321 -13.86 11.15 26.75
N PRO B 322 -14.30 11.95 25.77
CA PRO B 322 -15.01 13.19 26.09
C PRO B 322 -16.39 12.91 26.66
N THR B 323 -16.86 13.85 27.50
CA THR B 323 -18.06 13.62 28.30
C THR B 323 -19.22 14.53 27.91
N GLU B 324 -19.03 15.86 27.91
CA GLU B 324 -20.19 16.74 27.85
C GLU B 324 -20.48 17.25 26.45
N SER B 325 -19.43 17.52 25.65
CA SER B 325 -19.47 18.09 24.30
C SER B 325 -20.22 19.43 24.26
N ILE B 326 -19.63 20.42 24.94
CA ILE B 326 -20.28 21.69 25.21
C ILE B 326 -20.34 22.58 23.98
N VAL B 327 -21.25 23.56 24.01
CA VAL B 327 -21.49 24.48 22.91
C VAL B 327 -21.33 25.91 23.42
N ARG B 328 -20.41 26.67 22.83
CA ARG B 328 -20.24 28.08 23.11
C ARG B 328 -20.35 28.89 21.82
N PHE B 329 -21.07 29.99 21.89
CA PHE B 329 -21.34 30.86 20.75
C PHE B 329 -21.59 32.26 21.31
N PRO B 330 -21.33 33.31 20.53
CA PRO B 330 -21.44 34.67 21.08
C PRO B 330 -22.88 35.12 21.32
N ASN B 331 -22.96 36.28 21.95
CA ASN B 331 -24.20 37.00 22.21
C ASN B 331 -24.82 37.43 20.88
N ILE B 332 -25.93 36.78 20.57
CA ILE B 332 -26.61 36.86 19.30
C ILE B 332 -27.28 38.22 19.13
N THR B 333 -28.24 38.52 20.03
CA THR B 333 -28.57 39.81 20.64
C THR B 333 -28.39 41.07 19.81
N ASN B 334 -28.92 41.10 18.59
CA ASN B 334 -28.80 42.30 17.78
C ASN B 334 -30.15 42.90 17.40
N LEU B 335 -31.22 42.11 17.43
CA LEU B 335 -32.63 42.54 17.46
C LEU B 335 -33.04 43.34 16.20
N CYS B 336 -33.14 42.60 15.08
CA CYS B 336 -33.77 43.05 13.83
C CYS B 336 -35.16 43.61 14.05
N PRO B 337 -35.60 44.64 13.28
CA PRO B 337 -36.96 45.14 13.38
C PRO B 337 -38.02 44.28 12.67
N PHE B 338 -38.13 43.02 13.10
CA PHE B 338 -39.19 42.15 12.60
C PHE B 338 -40.47 42.31 13.41
N GLY B 339 -40.41 43.02 14.54
CA GLY B 339 -41.61 43.22 15.33
C GLY B 339 -42.57 44.21 14.71
N GLU B 340 -42.05 45.12 13.87
CA GLU B 340 -42.91 46.07 13.20
C GLU B 340 -43.51 45.49 11.92
N VAL B 341 -42.89 44.43 11.38
CA VAL B 341 -43.39 43.83 10.14
C VAL B 341 -44.02 42.48 10.54
N PHE B 342 -44.17 42.27 11.85
CA PHE B 342 -45.04 41.23 12.35
C PHE B 342 -46.14 41.73 13.28
N ASN B 343 -46.08 42.99 13.69
CA ASN B 343 -47.14 43.64 14.45
C ASN B 343 -47.39 45.05 13.96
N ALA B 344 -48.29 45.20 13.00
CA ALA B 344 -48.74 46.49 12.51
C ALA B 344 -50.17 46.41 12.00
N THR B 345 -50.87 47.54 12.04
CA THR B 345 -52.25 47.61 11.62
C THR B 345 -52.41 47.89 10.12
N ARG B 346 -51.31 48.15 9.41
CA ARG B 346 -51.37 48.42 7.97
C ARG B 346 -50.01 48.04 7.39
N PHE B 347 -50.01 47.04 6.51
CA PHE B 347 -48.77 46.58 5.89
C PHE B 347 -48.57 47.29 4.55
N ALA B 348 -47.74 46.72 3.70
CA ALA B 348 -47.48 47.28 2.38
C ALA B 348 -48.60 46.93 1.41
N SER B 349 -48.50 47.48 0.19
CA SER B 349 -49.43 47.19 -0.89
C SER B 349 -48.78 46.24 -1.87
N VAL B 350 -49.58 45.70 -2.80
CA VAL B 350 -49.05 44.73 -3.75
C VAL B 350 -48.67 45.46 -5.05
N TYR B 351 -49.06 46.71 -5.17
CA TYR B 351 -48.46 47.53 -6.22
C TYR B 351 -47.16 48.15 -5.75
N ALA B 352 -46.89 48.14 -4.44
CA ALA B 352 -45.72 48.77 -3.87
C ALA B 352 -45.12 47.91 -2.75
N TRP B 353 -44.97 46.60 -2.96
CA TRP B 353 -44.26 45.79 -1.97
C TRP B 353 -42.76 46.00 -2.18
N ASN B 354 -42.20 46.92 -1.40
CA ASN B 354 -40.80 47.31 -1.57
C ASN B 354 -39.82 46.21 -1.13
N ARG B 355 -38.69 46.16 -1.83
CA ARG B 355 -37.68 45.13 -1.57
C ARG B 355 -36.75 45.66 -0.48
N LYS B 356 -37.24 45.55 0.76
CA LYS B 356 -36.56 46.15 1.91
C LYS B 356 -35.34 45.33 2.30
N ARG B 357 -34.28 46.01 2.72
CA ARG B 357 -33.05 45.36 3.13
C ARG B 357 -32.89 45.52 4.64
N ILE B 358 -33.23 44.48 5.39
CA ILE B 358 -32.93 44.39 6.81
C ILE B 358 -31.63 43.63 6.92
N SER B 359 -30.62 44.25 7.54
CA SER B 359 -29.27 43.72 7.52
C SER B 359 -28.56 44.00 8.85
N ASN B 360 -27.50 43.21 9.07
CA ASN B 360 -26.54 43.34 10.17
C ASN B 360 -27.20 43.21 11.54
N CYS B 361 -28.17 42.30 11.63
CA CYS B 361 -28.82 41.94 12.88
C CYS B 361 -29.18 40.46 12.81
N VAL B 362 -30.00 40.01 13.76
CA VAL B 362 -30.44 38.62 13.82
C VAL B 362 -31.95 38.56 13.95
N ALA B 363 -32.56 37.51 13.38
CA ALA B 363 -34.01 37.31 13.41
C ALA B 363 -34.30 35.93 13.99
N ASP B 364 -34.93 35.90 15.17
CA ASP B 364 -35.33 34.64 15.76
C ASP B 364 -36.62 34.14 15.11
N TYR B 365 -36.67 32.83 14.86
CA TYR B 365 -37.82 32.22 14.23
C TYR B 365 -38.54 31.22 15.13
N SER B 366 -38.05 31.00 16.35
CA SER B 366 -38.69 30.06 17.26
C SER B 366 -39.96 30.65 17.86
N VAL B 367 -40.06 31.99 17.89
CA VAL B 367 -41.27 32.64 18.40
C VAL B 367 -42.35 32.63 17.33
N LEU B 368 -41.95 32.41 16.06
CA LEU B 368 -42.92 32.32 14.97
C LEU B 368 -43.74 31.03 15.05
N TYR B 369 -43.11 29.92 15.47
CA TYR B 369 -43.85 28.68 15.62
C TYR B 369 -44.72 28.70 16.86
N ASN B 370 -44.34 29.47 17.88
CA ASN B 370 -45.15 29.66 19.07
C ASN B 370 -45.94 30.96 19.05
N SER B 371 -46.12 31.55 17.86
CA SER B 371 -46.96 32.73 17.73
C SER B 371 -48.46 32.41 17.80
N ALA B 372 -48.81 31.13 17.56
CA ALA B 372 -50.18 30.58 17.68
C ALA B 372 -51.19 31.28 16.78
N SER B 373 -50.73 31.73 15.61
CA SER B 373 -51.60 32.43 14.68
C SER B 373 -51.39 32.07 13.22
N PHE B 374 -50.45 31.18 12.89
CA PHE B 374 -50.10 30.92 11.49
C PHE B 374 -51.16 30.04 10.82
N SER B 375 -51.45 30.36 9.57
CA SER B 375 -52.49 29.66 8.82
C SER B 375 -51.91 28.77 7.73
N THR B 376 -51.10 29.32 6.82
CA THR B 376 -50.59 28.58 5.67
C THR B 376 -49.07 28.80 5.60
N PHE B 377 -48.41 28.48 6.71
CA PHE B 377 -46.96 28.65 6.85
C PHE B 377 -46.23 27.65 5.95
N LYS B 378 -45.66 28.14 4.86
CA LYS B 378 -45.13 27.32 3.78
C LYS B 378 -43.65 27.60 3.58
N CYS B 379 -42.80 26.60 3.83
CA CYS B 379 -41.37 26.73 3.60
C CYS B 379 -40.95 25.86 2.42
N TYR B 380 -40.29 26.48 1.45
CA TYR B 380 -39.80 25.76 0.29
C TYR B 380 -38.30 25.48 0.41
N GLY B 381 -37.88 24.38 -0.21
CA GLY B 381 -36.47 24.03 -0.26
C GLY B 381 -35.96 23.38 1.00
N VAL B 382 -35.78 24.17 2.06
CA VAL B 382 -35.25 23.71 3.33
C VAL B 382 -36.42 23.59 4.31
N SER B 383 -36.31 22.65 5.24
CA SER B 383 -37.36 22.45 6.24
C SER B 383 -37.33 23.60 7.23
N PRO B 384 -38.48 23.96 7.83
CA PRO B 384 -38.48 25.03 8.85
C PRO B 384 -37.83 24.65 10.18
N THR B 385 -37.60 23.35 10.42
CA THR B 385 -36.86 22.93 11.60
C THR B 385 -35.39 23.34 11.51
N LYS B 386 -34.80 23.27 10.32
CA LYS B 386 -33.40 23.65 10.11
C LYS B 386 -33.28 25.02 9.48
N LEU B 387 -34.15 25.95 9.87
CA LEU B 387 -34.09 27.33 9.41
C LEU B 387 -33.32 28.23 10.38
N ASN B 388 -33.44 27.94 11.68
CA ASN B 388 -32.85 28.81 12.70
C ASN B 388 -31.34 28.63 12.78
N ASP B 389 -30.86 27.39 12.71
CA ASP B 389 -29.46 27.10 13.00
C ASP B 389 -28.54 27.48 11.85
N LEU B 390 -28.97 27.26 10.62
CA LEU B 390 -28.16 27.55 9.44
C LEU B 390 -28.81 28.68 8.67
N CYS B 391 -27.99 29.61 8.18
CA CYS B 391 -28.52 30.75 7.44
C CYS B 391 -27.85 30.84 6.06
N PHE B 392 -28.31 31.78 5.25
CA PHE B 392 -27.85 31.95 3.88
C PHE B 392 -27.80 33.45 3.60
N THR B 393 -27.24 33.81 2.44
CA THR B 393 -27.21 35.20 2.03
C THR B 393 -28.53 35.60 1.38
N ASN B 394 -28.65 36.90 1.09
CA ASN B 394 -29.79 37.54 0.40
C ASN B 394 -31.10 37.34 1.15
N VAL B 395 -31.21 38.06 2.28
CA VAL B 395 -32.26 37.84 3.28
C VAL B 395 -33.22 39.04 3.10
N TYR B 396 -33.45 39.39 1.83
CA TYR B 396 -34.46 40.39 1.48
C TYR B 396 -35.86 39.93 1.87
N ALA B 397 -36.73 40.90 2.16
CA ALA B 397 -38.06 40.63 2.70
C ALA B 397 -39.12 41.35 1.88
N ASP B 398 -40.33 40.76 1.87
CA ASP B 398 -41.48 41.30 1.15
C ASP B 398 -42.70 41.27 2.06
N SER B 399 -43.75 42.01 1.67
CA SER B 399 -44.91 42.20 2.54
C SER B 399 -46.15 42.59 1.74
N PHE B 400 -47.27 41.98 2.11
CA PHE B 400 -48.63 42.32 1.66
C PHE B 400 -49.57 41.67 2.68
N VAL B 401 -50.86 42.01 2.61
CA VAL B 401 -51.91 41.29 3.29
C VAL B 401 -52.78 40.71 2.17
N ILE B 402 -52.49 39.46 1.77
CA ILE B 402 -53.14 38.87 0.59
C ILE B 402 -54.43 38.15 1.01
N ARG B 403 -55.45 38.24 0.14
CA ARG B 403 -56.73 37.60 0.38
C ARG B 403 -56.59 36.08 0.36
N GLY B 404 -57.20 35.41 1.34
CA GLY B 404 -56.96 34.01 1.64
C GLY B 404 -57.57 32.99 0.71
N ASP B 405 -58.25 33.41 -0.36
CA ASP B 405 -58.88 32.46 -1.28
C ASP B 405 -57.87 31.75 -2.16
N GLU B 406 -56.74 32.38 -2.47
CA GLU B 406 -55.79 31.82 -3.42
C GLU B 406 -54.37 31.83 -2.87
N VAL B 407 -54.20 31.49 -1.60
CA VAL B 407 -52.87 31.28 -1.03
C VAL B 407 -52.27 29.99 -1.60
N ARG B 408 -53.11 28.98 -1.82
CA ARG B 408 -52.70 27.69 -2.36
C ARG B 408 -52.24 27.75 -3.81
N GLN B 409 -52.58 28.81 -4.55
CA GLN B 409 -52.06 29.02 -5.90
C GLN B 409 -50.59 29.42 -5.90
N ILE B 410 -50.09 29.95 -4.78
CA ILE B 410 -48.71 30.42 -4.69
C ILE B 410 -47.78 29.21 -4.51
N ALA B 411 -47.22 28.74 -5.62
CA ALA B 411 -46.31 27.62 -5.64
C ALA B 411 -45.44 27.73 -6.89
N PRO B 412 -44.21 27.22 -6.87
CA PRO B 412 -43.41 27.17 -8.10
C PRO B 412 -43.98 26.16 -9.09
N GLY B 413 -44.09 26.59 -10.33
CA GLY B 413 -44.72 25.76 -11.35
C GLY B 413 -46.24 25.71 -11.25
N GLN B 414 -46.84 26.69 -10.60
CA GLN B 414 -48.30 26.73 -10.43
C GLN B 414 -48.77 28.16 -10.66
N THR B 415 -49.55 28.37 -11.70
CA THR B 415 -50.05 29.69 -12.06
C THR B 415 -51.37 29.95 -11.36
N GLY B 416 -52.05 31.03 -11.75
CA GLY B 416 -53.31 31.39 -11.14
C GLY B 416 -53.70 32.84 -11.39
N LYS B 417 -54.06 33.56 -10.33
CA LYS B 417 -54.37 34.98 -10.40
C LYS B 417 -53.39 35.80 -9.57
N ILE B 418 -53.12 35.38 -8.33
CA ILE B 418 -52.12 36.04 -7.50
C ILE B 418 -50.73 35.77 -8.05
N ALA B 419 -50.50 34.58 -8.59
CA ALA B 419 -49.24 34.23 -9.23
C ALA B 419 -49.10 34.82 -10.63
N ASP B 420 -50.17 35.38 -11.20
CA ASP B 420 -50.15 35.97 -12.53
C ASP B 420 -50.05 37.50 -12.48
N TYR B 421 -50.81 38.14 -11.60
CA TYR B 421 -50.93 39.60 -11.61
C TYR B 421 -50.44 40.27 -10.35
N ASN B 422 -50.16 39.52 -9.28
CA ASN B 422 -49.78 40.13 -8.01
C ASN B 422 -48.35 39.79 -7.60
N TYR B 423 -48.02 38.50 -7.46
CA TYR B 423 -46.72 38.09 -6.91
C TYR B 423 -46.41 36.66 -7.31
N LYS B 424 -45.26 36.44 -7.93
CA LYS B 424 -44.91 35.14 -8.51
C LYS B 424 -43.61 34.63 -7.91
N LEU B 425 -43.60 33.31 -7.56
CA LEU B 425 -42.43 32.57 -7.09
C LEU B 425 -41.64 32.01 -8.27
N PRO B 426 -40.31 32.03 -8.24
CA PRO B 426 -39.53 31.28 -9.22
C PRO B 426 -39.53 29.79 -8.90
N ASP B 427 -39.13 29.00 -9.90
CA ASP B 427 -38.96 27.57 -9.69
C ASP B 427 -37.73 27.30 -8.84
N ASP B 428 -37.82 26.21 -8.05
CA ASP B 428 -36.83 25.78 -7.04
C ASP B 428 -36.57 26.92 -6.04
N PHE B 429 -37.63 27.32 -5.34
CA PHE B 429 -37.53 28.41 -4.38
C PHE B 429 -36.85 27.91 -3.10
N THR B 430 -35.90 28.70 -2.61
CA THR B 430 -35.29 28.51 -1.30
C THR B 430 -35.80 29.64 -0.43
N GLY B 431 -36.63 29.31 0.55
CA GLY B 431 -37.21 30.32 1.42
C GLY B 431 -38.54 29.86 1.95
N CYS B 432 -39.20 30.77 2.67
CA CYS B 432 -40.49 30.50 3.29
C CYS B 432 -41.49 31.59 2.93
N VAL B 433 -42.74 31.19 2.69
CA VAL B 433 -43.85 32.12 2.49
C VAL B 433 -44.88 31.83 3.59
N ILE B 434 -45.23 32.87 4.35
CA ILE B 434 -45.87 32.69 5.65
C ILE B 434 -47.20 33.44 5.66
N ALA B 435 -48.30 32.70 5.64
CA ALA B 435 -49.64 33.29 5.72
C ALA B 435 -50.21 33.02 7.11
N TRP B 436 -50.82 34.05 7.71
CA TRP B 436 -51.40 33.91 9.04
C TRP B 436 -52.72 34.67 9.11
N ASN B 437 -53.46 34.42 10.19
CA ASN B 437 -54.81 34.93 10.40
C ASN B 437 -54.79 36.43 10.63
N SER B 438 -55.72 37.15 10.01
CA SER B 438 -55.83 38.60 10.10
C SER B 438 -57.29 39.04 10.18
N ASN B 439 -58.09 38.35 11.02
CA ASN B 439 -59.48 38.76 11.22
C ASN B 439 -59.60 40.05 12.03
N ASN B 440 -58.68 40.28 12.97
CA ASN B 440 -58.96 41.17 14.08
C ASN B 440 -58.64 42.65 13.79
N LEU B 441 -57.68 42.94 12.92
CA LEU B 441 -57.17 44.30 12.81
C LEU B 441 -57.20 44.87 11.39
N ASP B 442 -57.04 44.05 10.36
CA ASP B 442 -57.25 44.55 8.99
C ASP B 442 -58.68 44.33 8.50
N SER B 443 -59.65 44.84 9.27
CA SER B 443 -61.05 44.71 8.90
C SER B 443 -61.82 45.86 9.57
N LYS B 444 -62.18 46.86 8.78
CA LYS B 444 -63.03 47.94 9.26
C LYS B 444 -64.46 47.71 8.77
N VAL B 445 -65.37 48.63 9.13
CA VAL B 445 -66.77 48.48 8.78
C VAL B 445 -66.97 48.84 7.31
N GLY B 446 -67.77 48.03 6.61
CA GLY B 446 -68.08 48.29 5.22
C GLY B 446 -67.05 47.82 4.22
N GLY B 447 -65.98 47.17 4.67
CA GLY B 447 -64.93 46.72 3.77
C GLY B 447 -63.68 47.57 3.86
N ASN B 448 -62.54 46.95 4.14
CA ASN B 448 -61.27 47.66 4.30
C ASN B 448 -60.72 47.96 2.91
N TYR B 449 -60.97 49.18 2.43
CA TYR B 449 -60.51 49.60 1.11
C TYR B 449 -59.17 50.31 1.18
N ASN B 450 -58.18 49.66 1.79
CA ASN B 450 -56.84 50.21 1.93
C ASN B 450 -55.77 49.40 1.22
N TYR B 451 -56.07 48.17 0.80
CA TYR B 451 -55.16 47.35 0.02
C TYR B 451 -55.73 47.22 -1.39
N LEU B 452 -55.47 48.22 -2.24
CA LEU B 452 -55.82 48.13 -3.65
C LEU B 452 -54.86 47.16 -4.34
N TYR B 453 -55.27 46.63 -5.48
CA TYR B 453 -54.54 45.53 -6.12
C TYR B 453 -54.78 45.59 -7.62
N ARG B 454 -53.85 45.01 -8.37
CA ARG B 454 -53.96 44.98 -9.82
C ARG B 454 -54.77 43.76 -10.23
N LEU B 455 -55.79 43.98 -11.05
CA LEU B 455 -56.59 42.89 -11.59
C LEU B 455 -56.21 42.53 -13.02
N PHE B 456 -55.42 43.35 -13.70
CA PHE B 456 -55.15 43.17 -15.11
C PHE B 456 -53.73 43.61 -15.45
N ARG B 457 -52.93 42.68 -15.96
CA ARG B 457 -51.62 42.98 -16.52
C ARG B 457 -51.57 42.32 -17.89
N LYS B 458 -50.88 42.96 -18.84
CA LYS B 458 -50.90 42.54 -20.24
C LYS B 458 -50.14 41.23 -20.44
N SER B 459 -49.12 40.98 -19.63
CA SER B 459 -48.33 39.77 -19.73
C SER B 459 -48.33 39.05 -18.39
N ASN B 460 -47.79 37.83 -18.39
CA ASN B 460 -47.55 37.13 -17.13
C ASN B 460 -46.42 37.80 -16.37
N LEU B 461 -46.51 37.76 -15.04
CA LEU B 461 -45.49 38.40 -14.22
C LEU B 461 -44.21 37.57 -14.18
N LYS B 462 -43.09 38.26 -14.31
CA LYS B 462 -41.81 37.65 -14.00
C LYS B 462 -41.72 37.41 -12.49
N PRO B 463 -41.04 36.35 -12.05
CA PRO B 463 -40.95 36.10 -10.60
C PRO B 463 -40.09 37.14 -9.87
N PHE B 464 -40.55 37.49 -8.67
CA PHE B 464 -39.99 38.53 -7.79
C PHE B 464 -39.90 39.88 -8.50
N GLU B 465 -41.04 40.30 -9.06
CA GLU B 465 -41.16 41.60 -9.71
C GLU B 465 -42.26 42.40 -9.02
N ARG B 466 -41.88 43.49 -8.35
CA ARG B 466 -42.85 44.43 -7.81
C ARG B 466 -43.32 45.31 -8.95
N ASP B 467 -44.60 45.20 -9.31
CA ASP B 467 -45.15 45.90 -10.46
C ASP B 467 -45.97 47.10 -10.00
N ILE B 468 -45.65 48.27 -10.53
CA ILE B 468 -46.38 49.50 -10.23
C ILE B 468 -46.80 50.14 -11.55
N SER B 469 -48.07 50.55 -11.63
CA SER B 469 -48.60 51.18 -12.83
C SER B 469 -49.78 52.06 -12.44
N THR B 470 -49.95 53.14 -13.19
CA THR B 470 -51.12 54.00 -13.16
C THR B 470 -51.95 53.84 -14.42
N GLU B 471 -51.28 53.54 -15.53
CA GLU B 471 -51.90 53.34 -16.84
C GLU B 471 -52.79 52.10 -16.87
N ILE B 472 -53.72 52.09 -17.81
CA ILE B 472 -54.85 51.17 -17.80
C ILE B 472 -54.63 50.05 -18.80
N TYR B 473 -55.49 49.03 -18.70
CA TYR B 473 -55.31 47.79 -19.44
C TYR B 473 -55.64 47.96 -20.92
N GLN B 474 -55.06 47.09 -21.74
CA GLN B 474 -55.40 47.00 -23.16
C GLN B 474 -56.04 45.64 -23.42
N ALA B 475 -57.29 45.67 -23.88
CA ALA B 475 -58.02 44.44 -24.19
C ALA B 475 -58.65 44.44 -25.58
N GLY B 476 -58.98 45.61 -26.14
CA GLY B 476 -59.53 45.68 -27.48
C GLY B 476 -58.61 46.42 -28.43
N SER B 477 -59.19 47.21 -29.33
CA SER B 477 -58.39 47.99 -30.27
C SER B 477 -58.68 49.47 -30.10
N THR B 478 -59.90 49.81 -29.69
CA THR B 478 -60.26 51.20 -29.46
C THR B 478 -59.86 51.59 -28.03
N PRO B 479 -58.99 52.60 -27.87
CA PRO B 479 -58.56 52.97 -26.52
C PRO B 479 -59.47 54.00 -25.88
N CYS B 480 -59.53 53.97 -24.55
CA CYS B 480 -60.21 55.02 -23.81
C CYS B 480 -59.38 56.30 -23.84
N ASN B 481 -60.06 57.44 -23.94
CA ASN B 481 -59.41 58.75 -24.08
C ASN B 481 -59.28 59.46 -22.74
N GLY B 482 -58.99 58.72 -21.67
CA GLY B 482 -59.02 59.29 -20.33
C GLY B 482 -60.35 59.08 -19.65
N VAL B 483 -61.44 59.44 -20.32
CA VAL B 483 -62.77 59.04 -19.87
C VAL B 483 -62.92 57.54 -20.09
N GLU B 484 -63.30 56.82 -19.04
CA GLU B 484 -63.37 55.36 -19.10
C GLU B 484 -64.56 54.90 -19.93
N GLY B 485 -64.31 53.94 -20.82
CA GLY B 485 -65.33 53.48 -21.74
C GLY B 485 -65.80 52.07 -21.49
N PHE B 486 -65.49 51.15 -22.40
CA PHE B 486 -66.08 49.82 -22.36
C PHE B 486 -65.06 48.69 -22.53
N ASN B 487 -63.83 48.98 -22.97
CA ASN B 487 -62.88 47.93 -23.29
C ASN B 487 -61.49 48.24 -22.76
N CYS B 488 -61.39 49.10 -21.75
CA CYS B 488 -60.06 49.47 -21.27
C CYS B 488 -59.80 49.03 -19.83
N TYR B 489 -60.86 48.79 -19.04
CA TYR B 489 -60.90 47.85 -17.90
C TYR B 489 -59.89 48.19 -16.80
N PHE B 490 -60.20 49.29 -16.06
CA PHE B 490 -59.47 49.85 -14.93
C PHE B 490 -59.07 48.79 -13.90
N PRO B 491 -57.78 48.45 -13.80
CA PRO B 491 -57.38 47.25 -13.06
C PRO B 491 -57.29 47.44 -11.55
N LEU B 492 -57.28 48.68 -11.09
CA LEU B 492 -57.11 48.98 -9.67
C LEU B 492 -58.45 48.84 -8.95
N GLN B 493 -58.85 47.60 -8.75
CA GLN B 493 -60.05 47.25 -8.01
C GLN B 493 -59.72 47.21 -6.52
N SER B 494 -60.72 47.12 -5.67
CA SER B 494 -60.52 47.16 -4.23
C SER B 494 -60.95 45.85 -3.59
N TYR B 495 -60.08 45.28 -2.77
CA TYR B 495 -60.45 44.28 -1.77
C TYR B 495 -61.49 44.82 -0.81
N GLY B 496 -62.63 44.15 -0.75
CA GLY B 496 -63.62 44.41 0.27
C GLY B 496 -63.46 43.47 1.45
N PHE B 497 -62.87 43.95 2.54
CA PHE B 497 -62.58 43.13 3.71
C PHE B 497 -63.45 43.60 4.87
N GLN B 498 -64.60 42.96 5.00
CA GLN B 498 -65.63 43.08 6.00
C GLN B 498 -65.39 42.07 7.12
N PRO B 499 -65.80 42.38 8.36
CA PRO B 499 -65.64 41.39 9.45
C PRO B 499 -66.59 40.19 9.36
N THR B 500 -67.62 40.26 8.52
CA THR B 500 -68.52 39.12 8.35
C THR B 500 -68.05 38.18 7.24
N ASN B 501 -66.89 38.44 6.64
CA ASN B 501 -66.34 37.56 5.62
C ASN B 501 -65.81 36.26 6.24
N GLY B 502 -65.75 35.21 5.42
CA GLY B 502 -65.21 33.94 5.84
C GLY B 502 -63.69 33.94 5.83
N VAL B 503 -63.13 32.82 6.28
CA VAL B 503 -61.68 32.76 6.51
C VAL B 503 -60.92 32.62 5.19
N GLY B 504 -61.60 32.15 4.14
CA GLY B 504 -61.02 32.24 2.81
C GLY B 504 -61.26 33.59 2.17
N TYR B 505 -62.23 34.34 2.71
CA TYR B 505 -62.54 35.67 2.17
C TYR B 505 -61.79 36.76 2.91
N GLN B 506 -61.71 36.64 4.25
CA GLN B 506 -60.86 37.50 5.03
C GLN B 506 -59.39 37.16 4.76
N PRO B 507 -58.50 38.16 4.73
CA PRO B 507 -57.17 37.95 4.13
C PRO B 507 -56.22 37.18 5.02
N TYR B 508 -55.16 36.63 4.40
CA TYR B 508 -54.05 36.03 5.12
C TYR B 508 -52.80 36.89 4.96
N ARG B 509 -52.27 37.37 6.08
CA ARG B 509 -51.15 38.32 6.04
C ARG B 509 -49.85 37.60 5.69
N VAL B 510 -49.13 38.12 4.70
CA VAL B 510 -47.99 37.41 4.11
C VAL B 510 -46.71 38.23 4.29
N VAL B 511 -45.66 37.56 4.76
CA VAL B 511 -44.30 38.04 4.59
C VAL B 511 -43.52 36.95 3.87
N VAL B 512 -42.49 37.38 3.14
CA VAL B 512 -41.68 36.48 2.32
C VAL B 512 -40.25 36.60 2.81
N LEU B 513 -39.73 35.52 3.38
CA LEU B 513 -38.31 35.44 3.74
C LEU B 513 -37.60 34.66 2.63
N SER B 514 -37.38 35.33 1.50
CA SER B 514 -36.72 34.73 0.36
C SER B 514 -35.22 34.60 0.60
N PHE B 515 -34.63 33.53 0.08
CA PHE B 515 -33.19 33.31 0.09
C PHE B 515 -32.73 33.14 -1.35
N GLU B 516 -31.93 34.09 -1.84
CA GLU B 516 -31.36 34.03 -3.17
C GLU B 516 -29.88 33.68 -3.07
N LEU B 517 -29.28 33.28 -4.19
CA LEU B 517 -27.88 32.83 -4.23
C LEU B 517 -27.08 33.85 -5.05
N LEU B 518 -26.45 34.79 -4.36
CA LEU B 518 -25.58 35.77 -4.99
C LEU B 518 -24.35 35.97 -4.10
N HIS B 519 -23.31 36.58 -4.67
CA HIS B 519 -22.09 36.89 -3.91
C HIS B 519 -22.29 38.13 -3.04
N ALA B 520 -23.01 37.94 -1.95
CA ALA B 520 -23.44 38.96 -1.01
C ALA B 520 -23.20 38.46 0.41
N PRO B 521 -22.99 39.35 1.38
CA PRO B 521 -22.83 38.90 2.76
C PRO B 521 -24.15 38.40 3.36
N ALA B 522 -24.07 37.27 4.05
CA ALA B 522 -25.20 36.81 4.85
C ALA B 522 -25.29 37.65 6.12
N THR B 523 -26.23 38.58 6.11
CA THR B 523 -26.31 39.59 7.16
C THR B 523 -27.22 39.19 8.31
N VAL B 524 -28.35 38.55 8.02
CA VAL B 524 -29.36 38.22 9.02
C VAL B 524 -29.48 36.71 9.11
N CYS B 525 -29.24 36.16 10.29
CA CYS B 525 -29.43 34.74 10.52
C CYS B 525 -30.28 34.53 11.77
N GLY B 526 -30.63 33.27 12.02
CA GLY B 526 -31.33 32.89 13.21
C GLY B 526 -30.40 32.79 14.40
N PRO B 527 -30.95 32.54 15.60
CA PRO B 527 -30.13 32.49 16.80
C PRO B 527 -29.36 31.18 16.89
N LYS B 528 -28.26 31.22 17.63
CA LYS B 528 -27.45 30.04 17.91
C LYS B 528 -27.47 29.77 19.41
N LYS B 529 -28.08 28.66 19.79
CA LYS B 529 -28.14 28.31 21.20
C LYS B 529 -26.80 27.79 21.68
N SER B 530 -26.40 28.22 22.87
CA SER B 530 -25.08 27.88 23.40
C SER B 530 -25.25 27.36 24.81
N THR B 531 -24.54 26.26 25.11
CA THR B 531 -24.65 25.61 26.42
C THR B 531 -23.69 26.28 27.40
N ASN B 532 -23.64 25.76 28.62
CA ASN B 532 -22.70 26.25 29.61
C ASN B 532 -21.36 25.57 29.39
N LEU B 533 -20.28 26.24 29.80
CA LEU B 533 -18.93 25.71 29.64
C LEU B 533 -18.56 24.87 30.85
N VAL B 534 -17.81 23.80 30.60
CA VAL B 534 -17.22 23.00 31.67
C VAL B 534 -15.70 23.16 31.55
N LYS B 535 -15.03 23.10 32.70
CA LYS B 535 -13.58 23.24 32.74
C LYS B 535 -12.98 22.04 33.43
N ASN B 536 -11.66 21.87 33.23
CA ASN B 536 -10.79 20.90 33.94
C ASN B 536 -11.20 19.44 33.69
N LYS B 537 -11.81 19.19 32.54
CA LYS B 537 -12.21 17.84 32.16
C LYS B 537 -11.88 17.60 30.70
N CYS B 538 -11.58 16.36 30.36
CA CYS B 538 -11.36 15.97 28.97
C CYS B 538 -12.71 15.96 28.27
N VAL B 539 -12.94 16.98 27.45
CA VAL B 539 -14.27 17.23 26.92
C VAL B 539 -14.14 17.68 25.47
N ASN B 540 -15.14 17.33 24.66
CA ASN B 540 -15.33 17.91 23.34
C ASN B 540 -15.91 19.31 23.52
N PHE B 541 -15.76 20.15 22.49
CA PHE B 541 -16.32 21.49 22.61
C PHE B 541 -16.83 21.97 21.26
N ASN B 542 -17.68 22.98 21.32
CA ASN B 542 -18.15 23.68 20.13
C ASN B 542 -18.03 25.18 20.43
N PHE B 543 -16.91 25.78 20.04
CA PHE B 543 -16.71 27.21 20.24
C PHE B 543 -17.24 27.99 19.05
N ASN B 544 -16.89 29.28 19.00
CA ASN B 544 -17.32 30.20 17.97
C ASN B 544 -16.52 30.11 16.66
N GLY B 545 -16.51 28.92 16.06
CA GLY B 545 -15.78 28.72 14.83
C GLY B 545 -14.95 27.46 14.80
N LEU B 546 -14.53 26.96 15.97
CA LEU B 546 -13.68 25.78 16.03
C LEU B 546 -14.23 24.76 17.02
N THR B 547 -14.04 23.48 16.70
CA THR B 547 -14.40 22.35 17.54
C THR B 547 -13.20 21.44 17.71
N GLY B 548 -13.22 20.64 18.76
CA GLY B 548 -12.11 19.74 19.05
C GLY B 548 -12.27 19.15 20.43
N THR B 549 -11.28 18.35 20.82
CA THR B 549 -11.30 17.65 22.10
C THR B 549 -10.06 18.01 22.92
N GLY B 550 -10.25 18.18 24.22
CA GLY B 550 -9.13 18.48 25.09
C GLY B 550 -9.58 18.78 26.51
N VAL B 551 -8.63 19.26 27.31
CA VAL B 551 -8.86 19.62 28.71
C VAL B 551 -8.76 21.13 28.81
N LEU B 552 -9.80 21.75 29.34
CA LEU B 552 -9.92 23.20 29.35
C LEU B 552 -9.67 23.73 30.75
N THR B 553 -8.65 24.56 30.90
CA THR B 553 -8.28 25.14 32.20
C THR B 553 -8.34 26.65 32.11
N GLU B 554 -8.34 27.30 33.27
CA GLU B 554 -8.16 28.74 33.31
C GLU B 554 -6.71 29.08 32.99
N SER B 555 -6.49 30.28 32.46
CA SER B 555 -5.19 30.67 31.96
C SER B 555 -4.50 31.63 32.93
N ASN B 556 -3.23 31.88 32.64
CA ASN B 556 -2.45 32.91 33.30
C ASN B 556 -1.95 33.98 32.34
N LYS B 557 -2.09 33.77 31.03
CA LYS B 557 -1.61 34.71 30.04
C LYS B 557 -2.65 35.79 29.79
N LYS B 558 -2.40 36.61 28.77
CA LYS B 558 -3.33 37.66 28.37
C LYS B 558 -3.16 37.88 26.87
N PHE B 559 -4.26 38.22 26.20
CA PHE B 559 -4.22 38.47 24.77
C PHE B 559 -4.21 39.97 24.48
N LEU B 560 -3.87 40.29 23.25
CA LEU B 560 -4.30 41.54 22.64
C LEU B 560 -5.78 41.42 22.33
N PRO B 561 -6.56 42.53 22.39
CA PRO B 561 -8.03 42.39 22.32
C PRO B 561 -8.65 42.06 20.96
N PHE B 562 -7.85 41.65 19.97
CA PHE B 562 -8.39 41.27 18.67
C PHE B 562 -8.21 39.80 18.29
N GLN B 563 -7.34 39.05 18.96
CA GLN B 563 -7.32 37.62 18.69
C GLN B 563 -8.54 36.94 19.31
N GLN B 564 -9.10 35.99 18.57
CA GLN B 564 -10.18 35.15 19.07
C GLN B 564 -9.67 33.85 19.66
N PHE B 565 -8.56 33.33 19.12
CA PHE B 565 -7.96 32.12 19.67
C PHE B 565 -6.45 32.25 19.55
N GLY B 566 -5.74 31.21 19.96
CA GLY B 566 -4.28 31.25 19.99
C GLY B 566 -3.69 29.95 19.51
N ARG B 567 -2.37 29.88 19.51
CA ARG B 567 -1.63 28.71 19.06
C ARG B 567 -0.29 28.65 19.81
N ASP B 568 0.59 27.76 19.37
CA ASP B 568 1.90 27.64 20.00
C ASP B 568 3.00 27.36 18.98
N ILE B 569 4.16 26.89 19.48
CA ILE B 569 5.20 26.35 18.62
C ILE B 569 4.66 25.08 17.95
N ALA B 570 4.87 25.00 16.63
CA ALA B 570 4.51 23.91 15.71
C ALA B 570 3.02 23.66 15.59
N ASP B 571 2.19 24.72 15.64
CA ASP B 571 0.84 24.78 15.09
C ASP B 571 -0.15 23.82 15.77
N THR B 572 -0.37 24.03 17.06
CA THR B 572 -1.41 23.34 17.80
C THR B 572 -2.24 24.36 18.57
N THR B 573 -3.56 24.29 18.44
CA THR B 573 -4.42 25.24 19.12
C THR B 573 -4.50 24.92 20.59
N ASP B 574 -4.13 25.88 21.43
CA ASP B 574 -4.17 25.65 22.87
C ASP B 574 -4.73 26.83 23.67
N ALA B 575 -5.38 27.80 23.03
CA ALA B 575 -6.02 28.90 23.73
C ALA B 575 -7.17 29.42 22.89
N VAL B 576 -8.34 29.55 23.52
CA VAL B 576 -9.54 30.09 22.87
C VAL B 576 -10.15 31.11 23.84
N ARG B 577 -10.54 32.27 23.33
CA ARG B 577 -11.29 33.25 24.10
C ARG B 577 -12.75 32.81 24.09
N ASP B 578 -13.42 32.88 25.25
CA ASP B 578 -14.85 32.55 25.26
C ASP B 578 -15.70 33.82 25.09
N PRO B 579 -16.65 33.83 24.15
CA PRO B 579 -17.28 35.11 23.76
C PRO B 579 -18.36 35.61 24.71
N GLN B 580 -18.79 34.82 25.69
CA GLN B 580 -19.84 35.25 26.60
C GLN B 580 -19.35 35.52 28.01
N THR B 581 -18.07 35.33 28.27
CA THR B 581 -17.52 35.50 29.60
C THR B 581 -16.29 36.41 29.56
N LEU B 582 -15.74 36.66 28.37
CA LEU B 582 -14.56 37.51 28.09
C LEU B 582 -13.34 37.14 28.94
N GLU B 583 -13.00 35.86 28.92
CA GLU B 583 -11.83 35.33 29.59
C GLU B 583 -10.98 34.56 28.58
N ILE B 584 -9.82 34.11 29.03
CA ILE B 584 -8.92 33.32 28.21
C ILE B 584 -8.77 31.96 28.87
N LEU B 585 -8.99 30.90 28.11
CA LEU B 585 -8.89 29.54 28.62
C LEU B 585 -7.89 28.74 27.80
N ASP B 586 -7.09 27.93 28.48
CA ASP B 586 -6.06 27.13 27.85
C ASP B 586 -6.58 25.73 27.55
N ILE B 587 -6.04 25.14 26.49
CA ILE B 587 -6.41 23.80 26.06
C ILE B 587 -5.22 22.88 26.21
N THR B 588 -5.37 21.85 27.04
CA THR B 588 -4.44 20.75 27.19
C THR B 588 -5.06 19.54 26.51
N PRO B 589 -4.29 18.72 25.79
CA PRO B 589 -4.84 17.49 25.25
C PRO B 589 -5.17 16.48 26.35
N CYS B 590 -6.10 15.58 26.03
CA CYS B 590 -6.60 14.61 26.99
C CYS B 590 -5.52 13.60 27.36
N SER B 591 -5.67 13.01 28.54
CA SER B 591 -4.64 12.14 29.09
C SER B 591 -4.58 10.82 28.34
N PHE B 592 -3.38 10.41 27.96
CA PHE B 592 -3.18 9.18 27.24
C PHE B 592 -1.86 8.57 27.67
N GLY B 593 -1.52 7.45 27.05
CA GLY B 593 -0.24 6.82 27.29
C GLY B 593 -0.31 5.35 26.94
N GLY B 594 0.83 4.70 27.03
CA GLY B 594 0.87 3.26 26.85
C GLY B 594 0.73 2.57 28.18
N VAL B 595 0.04 1.44 28.20
CA VAL B 595 -0.09 0.64 29.41
C VAL B 595 1.01 -0.41 29.41
N SER B 596 1.68 -0.57 30.55
CA SER B 596 2.76 -1.54 30.68
C SER B 596 2.47 -2.46 31.85
N VAL B 597 2.96 -3.69 31.75
CA VAL B 597 2.72 -4.72 32.74
C VAL B 597 4.05 -5.24 33.24
N ILE B 598 4.07 -5.67 34.50
CA ILE B 598 5.28 -6.16 35.14
C ILE B 598 4.96 -7.52 35.75
N THR B 599 5.70 -8.54 35.34
CA THR B 599 5.51 -9.85 35.92
C THR B 599 6.86 -10.41 36.40
N PRO B 600 6.87 -11.23 37.43
CA PRO B 600 8.09 -11.96 37.79
C PRO B 600 8.28 -13.29 37.06
N GLY B 601 7.44 -13.58 36.06
CA GLY B 601 7.49 -14.87 35.38
C GLY B 601 6.22 -15.67 35.60
N THR B 602 5.80 -16.42 34.57
CA THR B 602 4.62 -17.26 34.69
C THR B 602 4.88 -18.43 35.63
N ASN B 603 6.04 -19.07 35.51
CA ASN B 603 6.38 -20.19 36.37
C ASN B 603 6.72 -19.76 37.78
N THR B 604 7.04 -18.48 38.00
CA THR B 604 7.39 -17.99 39.33
C THR B 604 6.13 -17.66 40.13
N SER B 605 5.29 -16.78 39.61
CA SER B 605 4.08 -16.37 40.32
C SER B 605 2.97 -16.17 39.28
N ASN B 606 1.82 -15.73 39.78
CA ASN B 606 0.66 -15.54 38.91
C ASN B 606 0.19 -14.09 38.88
N GLN B 607 0.63 -13.26 39.83
CA GLN B 607 0.18 -11.89 39.93
C GLN B 607 1.09 -10.96 39.13
N VAL B 608 0.52 -9.81 38.73
CA VAL B 608 1.20 -8.83 37.91
C VAL B 608 1.04 -7.45 38.56
N ALA B 609 1.93 -6.55 38.16
CA ALA B 609 1.82 -5.14 38.49
C ALA B 609 1.73 -4.35 37.20
N VAL B 610 0.77 -3.43 37.15
CA VAL B 610 0.41 -2.75 35.91
C VAL B 610 0.85 -1.30 35.99
N LEU B 611 1.60 -0.85 34.98
CA LEU B 611 2.11 0.51 34.93
C LEU B 611 1.31 1.31 33.90
N TYR B 612 0.67 2.39 34.37
CA TYR B 612 0.00 3.33 33.48
C TYR B 612 0.94 4.51 33.33
N GLN B 613 1.42 4.75 32.11
CA GLN B 613 2.48 5.73 31.92
C GLN B 613 1.95 7.16 31.90
N ASP B 614 2.74 8.06 32.48
CA ASP B 614 2.59 9.54 32.61
C ASP B 614 1.16 10.02 32.88
N VAL B 615 0.55 9.42 33.90
CA VAL B 615 -0.83 9.71 34.28
C VAL B 615 -0.86 10.02 35.77
N ASN B 616 -1.54 11.12 36.13
CA ASN B 616 -1.95 11.38 37.51
C ASN B 616 -2.76 10.20 38.04
N CYS B 617 -2.23 9.54 39.05
CA CYS B 617 -2.74 8.25 39.49
C CYS B 617 -3.91 8.39 40.46
N THR B 618 -4.98 9.06 40.01
CA THR B 618 -6.27 9.20 40.64
C THR B 618 -7.42 8.88 39.71
N GLU B 619 -7.25 9.13 38.40
CA GLU B 619 -8.29 8.94 37.41
C GLU B 619 -8.10 7.65 36.61
N VAL B 620 -7.31 6.71 37.13
CA VAL B 620 -7.12 5.45 36.41
C VAL B 620 -8.31 4.49 36.40
N PRO B 621 -9.30 4.54 37.33
CA PRO B 621 -10.58 3.89 36.97
C PRO B 621 -11.49 4.75 36.10
N VAL B 622 -11.15 6.01 35.87
CA VAL B 622 -11.94 6.89 35.04
C VAL B 622 -11.38 6.74 33.62
N ALA B 623 -10.10 6.36 33.54
CA ALA B 623 -9.40 6.23 32.26
C ALA B 623 -9.91 5.01 31.48
N ILE B 624 -9.75 3.82 32.04
CA ILE B 624 -10.37 2.64 31.46
C ILE B 624 -11.81 2.55 31.95
N HIS B 625 -12.62 1.76 31.26
CA HIS B 625 -14.01 1.55 31.67
C HIS B 625 -14.05 0.35 32.62
N ALA B 626 -13.71 0.62 33.88
CA ALA B 626 -13.52 -0.44 34.86
C ALA B 626 -14.84 -1.04 35.30
N ASP B 627 -15.92 -0.26 35.24
CA ASP B 627 -17.25 -0.81 35.47
C ASP B 627 -17.74 -1.66 34.31
N GLN B 628 -17.21 -1.45 33.09
CA GLN B 628 -17.57 -2.24 31.94
C GLN B 628 -16.72 -3.50 31.79
N LEU B 629 -15.54 -3.54 32.39
CA LEU B 629 -14.70 -4.72 32.30
C LEU B 629 -15.03 -5.72 33.40
N THR B 630 -14.14 -6.71 33.54
CA THR B 630 -14.33 -7.79 34.49
C THR B 630 -14.11 -7.29 35.92
N PRO B 631 -14.64 -8.02 36.92
CA PRO B 631 -14.21 -7.80 38.31
C PRO B 631 -12.73 -8.13 38.57
N THR B 632 -12.09 -8.93 37.72
CA THR B 632 -10.65 -9.11 37.76
C THR B 632 -9.91 -7.83 37.38
N TRP B 633 -10.49 -7.01 36.48
CA TRP B 633 -9.89 -5.73 36.12
C TRP B 633 -10.17 -4.66 37.17
N ARG B 634 -11.12 -4.93 38.07
CA ARG B 634 -11.47 -3.97 39.13
C ARG B 634 -10.37 -3.82 40.16
N VAL B 635 -9.67 -4.91 40.51
CA VAL B 635 -8.59 -4.84 41.51
C VAL B 635 -7.33 -4.21 40.92
N TYR B 636 -7.21 -4.17 39.59
CA TYR B 636 -6.08 -3.52 38.94
C TYR B 636 -6.39 -2.08 38.54
N SER B 637 -7.48 -1.52 39.05
CA SER B 637 -7.83 -0.13 38.82
C SER B 637 -7.77 0.71 40.08
N THR B 638 -7.94 0.10 41.26
CA THR B 638 -7.87 0.80 42.53
C THR B 638 -7.51 -0.23 43.60
N GLY B 639 -7.27 0.26 44.81
CA GLY B 639 -7.00 -0.60 45.93
C GLY B 639 -6.01 0.05 46.88
N SER B 640 -5.49 -0.78 47.78
CA SER B 640 -4.48 -0.31 48.72
C SER B 640 -3.13 -0.11 48.05
N ASN B 641 -2.74 -1.04 47.18
CA ASN B 641 -1.44 -0.99 46.52
C ASN B 641 -1.55 -0.07 45.31
N VAL B 642 -1.50 1.23 45.57
CA VAL B 642 -1.54 2.25 44.52
C VAL B 642 -0.35 3.17 44.71
N PHE B 643 0.52 3.25 43.70
CA PHE B 643 1.76 4.00 43.78
C PHE B 643 1.90 4.89 42.56
N GLN B 644 2.21 6.17 42.82
CA GLN B 644 2.47 7.14 41.77
C GLN B 644 3.98 7.31 41.67
N THR B 645 4.53 7.12 40.48
CA THR B 645 5.96 7.28 40.24
C THR B 645 6.19 8.51 39.38
N ARG B 646 7.45 8.72 39.03
CA ARG B 646 7.77 9.72 38.02
C ARG B 646 7.39 9.24 36.62
N ALA B 647 7.63 7.97 36.32
CA ALA B 647 7.30 7.40 35.03
C ALA B 647 5.81 7.21 34.81
N GLY B 648 5.01 7.17 35.86
CA GLY B 648 3.57 7.07 35.71
C GLY B 648 2.95 6.37 36.90
N CYS B 649 1.67 6.04 36.74
CA CYS B 649 0.87 5.44 37.80
C CYS B 649 1.07 3.93 37.79
N LEU B 650 1.35 3.37 38.96
CA LEU B 650 1.65 1.96 39.13
C LEU B 650 0.61 1.33 40.04
N ILE B 651 0.03 0.21 39.61
CA ILE B 651 -1.03 -0.46 40.37
C ILE B 651 -0.52 -1.85 40.72
N GLY B 652 -0.58 -2.20 42.00
CA GLY B 652 -0.28 -3.55 42.43
C GLY B 652 1.08 -3.74 43.05
N ALA B 653 1.97 -2.77 42.93
CA ALA B 653 3.27 -2.84 43.55
C ALA B 653 3.35 -1.79 44.65
N GLU B 654 3.75 -2.23 45.84
CA GLU B 654 3.85 -1.36 47.00
C GLU B 654 5.21 -0.68 47.02
N HIS B 655 5.25 0.53 47.56
CA HIS B 655 6.49 1.27 47.65
C HIS B 655 7.27 0.87 48.89
N VAL B 656 8.57 0.64 48.71
CA VAL B 656 9.45 0.22 49.78
C VAL B 656 10.54 1.26 49.96
N ASN B 657 10.72 1.73 51.21
CA ASN B 657 11.77 2.66 51.57
C ASN B 657 13.17 2.07 51.38
N ASN B 658 13.33 0.78 51.60
CA ASN B 658 14.61 0.10 51.40
C ASN B 658 14.93 0.04 49.91
N SER B 659 16.23 0.08 49.61
CA SER B 659 16.70 0.08 48.23
C SER B 659 17.42 -1.22 47.94
N TYR B 660 17.14 -1.79 46.77
CA TYR B 660 17.72 -3.05 46.36
C TYR B 660 18.29 -2.89 44.96
N GLU B 661 18.94 -3.93 44.47
CA GLU B 661 19.43 -3.93 43.10
C GLU B 661 18.25 -4.08 42.16
N CYS B 662 18.36 -3.47 40.97
CA CYS B 662 17.24 -3.41 40.05
C CYS B 662 17.00 -4.75 39.37
N ASP B 663 15.73 -5.15 39.32
CA ASP B 663 15.32 -6.39 38.68
C ASP B 663 14.55 -6.12 37.40
N ILE B 664 13.47 -5.34 37.47
CA ILE B 664 12.64 -5.03 36.32
C ILE B 664 12.63 -3.52 36.12
N PRO B 665 13.09 -3.01 34.98
CA PRO B 665 13.21 -1.56 34.81
C PRO B 665 11.87 -0.90 34.53
N ILE B 666 11.54 0.13 35.29
CA ILE B 666 10.33 0.90 35.11
C ILE B 666 10.62 2.23 34.42
N GLY B 667 11.53 3.00 34.98
CA GLY B 667 11.82 4.34 34.50
C GLY B 667 12.11 5.25 35.67
N ALA B 668 13.11 6.11 35.48
CA ALA B 668 13.62 7.10 36.46
C ALA B 668 14.04 6.47 37.77
N GLY B 669 14.74 5.34 37.71
CA GLY B 669 15.29 4.71 38.88
C GLY B 669 14.32 3.87 39.69
N ILE B 670 13.08 3.75 39.25
CA ILE B 670 12.10 2.90 39.91
C ILE B 670 12.27 1.51 39.32
N CYS B 671 12.26 0.48 40.15
CA CYS B 671 12.27 -0.89 39.68
C CYS B 671 11.13 -1.68 40.30
N ALA B 672 11.11 -2.97 40.00
CA ALA B 672 10.11 -3.86 40.54
C ALA B 672 10.70 -5.26 40.68
N SER B 673 10.25 -5.96 41.72
CA SER B 673 10.72 -7.31 41.99
C SER B 673 9.63 -8.04 42.77
N TYR B 674 9.97 -9.22 43.28
CA TYR B 674 9.05 -10.08 43.99
C TYR B 674 9.72 -10.56 45.27
N GLN B 675 8.95 -10.60 46.37
CA GLN B 675 9.51 -10.99 47.66
C GLN B 675 8.60 -11.91 48.46
N THR B 676 7.54 -12.44 47.82
CA THR B 676 6.50 -13.33 48.41
C THR B 676 5.83 -12.74 49.65
N SER B 691 4.40 -10.72 47.50
CA SER B 691 3.94 -9.43 46.98
C SER B 691 4.95 -8.81 46.05
N ILE B 692 4.47 -8.07 45.07
CA ILE B 692 5.32 -7.30 44.16
C ILE B 692 5.64 -5.98 44.82
N ILE B 693 6.92 -5.63 44.87
CA ILE B 693 7.36 -4.38 45.48
C ILE B 693 7.92 -3.47 44.41
N ALA B 694 8.00 -2.18 44.74
CA ALA B 694 8.63 -1.19 43.89
C ALA B 694 9.51 -0.29 44.74
N TYR B 695 10.70 0.05 44.23
CA TYR B 695 11.67 0.77 45.03
C TYR B 695 12.49 1.68 44.11
N THR B 696 13.08 2.70 44.70
CA THR B 696 14.19 3.41 44.08
C THR B 696 15.42 2.53 44.25
N MET B 697 16.10 2.23 43.15
CA MET B 697 17.13 1.21 43.17
C MET B 697 18.41 1.68 43.84
N SER B 698 19.17 0.71 44.34
CA SER B 698 20.51 0.92 44.82
C SER B 698 21.46 0.48 43.71
N LEU B 699 22.45 1.33 43.42
CA LEU B 699 23.34 1.07 42.30
C LEU B 699 24.42 0.03 42.62
N GLY B 700 24.57 -0.36 43.87
CA GLY B 700 25.56 -1.34 44.24
C GLY B 700 25.93 -1.18 45.69
N ALA B 701 26.93 -1.97 46.10
CA ALA B 701 27.38 -1.94 47.48
C ALA B 701 28.16 -0.67 47.77
N GLU B 702 27.84 -0.03 48.89
CA GLU B 702 28.57 1.15 49.31
C GLU B 702 29.92 0.75 49.89
N ASN B 703 30.98 1.31 49.32
CA ASN B 703 32.32 0.97 49.76
C ASN B 703 33.09 2.27 50.02
N SER B 704 33.92 2.22 51.04
CA SER B 704 34.80 3.34 51.37
C SER B 704 36.18 2.75 51.66
N VAL B 705 37.14 3.05 50.80
CA VAL B 705 38.47 2.48 50.91
C VAL B 705 39.26 3.20 51.98
N ALA B 706 40.23 2.50 52.56
CA ALA B 706 41.06 3.07 53.63
C ALA B 706 42.25 3.80 53.01
N TYR B 707 41.96 4.99 52.47
CA TYR B 707 43.02 5.84 51.93
C TYR B 707 43.82 6.46 53.06
N SER B 708 45.13 6.60 52.82
CA SER B 708 46.02 7.34 53.70
C SER B 708 47.20 7.83 52.89
N ASN B 709 48.03 8.65 53.52
CA ASN B 709 49.31 9.04 52.97
C ASN B 709 50.29 7.89 52.84
N ASN B 710 50.20 6.91 53.75
CA ASN B 710 51.18 5.84 53.83
C ASN B 710 50.49 4.50 53.96
N SER B 711 49.53 4.21 53.09
CA SER B 711 48.85 2.93 53.12
C SER B 711 48.80 2.34 51.71
N ILE B 712 49.36 1.15 51.56
CA ILE B 712 49.33 0.41 50.30
C ILE B 712 48.61 -0.91 50.57
N ALA B 713 47.79 -1.32 49.61
CA ALA B 713 47.10 -2.60 49.68
C ALA B 713 47.60 -3.49 48.56
N ILE B 714 48.31 -4.55 48.93
CA ILE B 714 48.91 -5.43 47.93
C ILE B 714 48.33 -6.82 48.08
N PRO B 715 47.82 -7.41 46.99
CA PRO B 715 47.27 -8.76 47.05
C PRO B 715 48.34 -9.81 47.29
N THR B 716 47.96 -10.87 47.99
CA THR B 716 48.90 -11.92 48.35
C THR B 716 48.72 -13.18 47.54
N ASN B 717 47.59 -13.35 46.84
CA ASN B 717 47.14 -14.63 46.36
C ASN B 717 46.11 -14.28 45.29
N PHE B 718 45.64 -15.25 44.50
CA PHE B 718 44.83 -14.82 43.36
C PHE B 718 43.75 -15.83 43.01
N THR B 719 42.78 -15.35 42.22
CA THR B 719 41.79 -16.17 41.56
C THR B 719 41.88 -15.96 40.05
N ILE B 720 42.04 -17.06 39.32
CA ILE B 720 42.02 -17.01 37.86
C ILE B 720 40.61 -17.36 37.41
N SER B 721 39.97 -16.43 36.73
CA SER B 721 38.59 -16.58 36.30
C SER B 721 38.51 -16.50 34.79
N VAL B 722 37.67 -17.34 34.20
CA VAL B 722 37.41 -17.31 32.77
C VAL B 722 36.00 -16.77 32.56
N THR B 723 35.84 -15.99 31.49
CA THR B 723 34.63 -15.22 31.28
C THR B 723 34.17 -15.40 29.84
N THR B 724 32.93 -15.86 29.68
CA THR B 724 32.33 -15.96 28.36
C THR B 724 31.96 -14.58 27.84
N GLU B 725 32.26 -14.35 26.57
CA GLU B 725 31.84 -13.12 25.90
C GLU B 725 31.34 -13.49 24.53
N ILE B 726 30.07 -13.18 24.26
CA ILE B 726 29.34 -13.68 23.11
C ILE B 726 29.08 -12.53 22.15
N LEU B 727 29.53 -12.69 20.90
CA LEU B 727 29.41 -11.64 19.89
C LEU B 727 28.86 -12.25 18.61
N PRO B 728 27.77 -11.73 18.08
CA PRO B 728 27.28 -12.21 16.78
C PRO B 728 28.14 -11.67 15.64
N VAL B 729 28.39 -12.54 14.66
CA VAL B 729 29.20 -12.15 13.51
C VAL B 729 28.44 -12.19 12.20
N SER B 730 27.33 -12.92 12.10
CA SER B 730 26.64 -13.09 10.83
C SER B 730 25.19 -13.42 11.10
N MET B 731 24.38 -13.34 10.05
CA MET B 731 22.98 -13.68 10.10
C MET B 731 22.66 -14.68 9.00
N THR B 732 21.38 -15.01 8.86
CA THR B 732 20.94 -15.79 7.74
C THR B 732 20.91 -14.94 6.48
N LYS B 733 21.60 -15.40 5.44
CA LYS B 733 21.65 -14.70 4.16
C LYS B 733 20.34 -14.97 3.43
N THR B 734 19.44 -13.98 3.44
CA THR B 734 18.14 -14.12 2.82
C THR B 734 18.11 -13.32 1.53
N SER B 735 17.27 -13.75 0.60
CA SER B 735 17.06 -13.05 -0.66
C SER B 735 15.63 -13.25 -1.10
N VAL B 736 15.11 -12.28 -1.84
CA VAL B 736 13.72 -12.32 -2.32
C VAL B 736 13.71 -12.20 -3.84
N ASP B 737 12.75 -12.85 -4.48
CA ASP B 737 12.47 -12.64 -5.88
C ASP B 737 11.21 -11.80 -5.93
N CYS B 738 11.21 -10.73 -6.74
CA CYS B 738 10.19 -9.69 -6.63
C CYS B 738 8.87 -10.15 -7.22
N THR B 739 8.92 -10.78 -8.40
CA THR B 739 7.73 -10.92 -9.22
C THR B 739 6.84 -12.04 -8.71
N MET B 740 7.39 -12.96 -7.93
CA MET B 740 6.53 -13.98 -7.35
C MET B 740 6.28 -13.71 -5.87
N TYR B 741 6.96 -12.71 -5.30
CA TYR B 741 6.52 -12.18 -4.01
C TYR B 741 5.34 -11.24 -4.19
N ILE B 742 5.53 -10.20 -4.98
CA ILE B 742 4.54 -9.14 -5.14
C ILE B 742 3.37 -9.62 -5.98
N CYS B 743 3.65 -10.17 -7.16
CA CYS B 743 2.58 -10.48 -8.10
C CYS B 743 2.17 -11.95 -8.03
N GLY B 744 3.14 -12.85 -7.99
CA GLY B 744 2.82 -14.25 -7.85
C GLY B 744 2.29 -14.89 -9.12
N ASP B 745 3.17 -15.00 -10.12
CA ASP B 745 2.97 -15.53 -11.49
C ASP B 745 1.67 -15.02 -12.15
N SER B 746 1.43 -13.72 -12.00
CA SER B 746 0.34 -13.04 -12.68
C SER B 746 0.98 -12.20 -13.79
N THR B 747 0.47 -12.37 -15.02
CA THR B 747 1.13 -11.79 -16.18
C THR B 747 0.94 -10.28 -16.26
N GLU B 748 -0.29 -9.80 -16.10
CA GLU B 748 -0.56 -8.37 -16.24
C GLU B 748 -0.10 -7.60 -15.01
N CYS B 749 0.00 -8.28 -13.86
CA CYS B 749 0.65 -7.68 -12.70
C CYS B 749 2.14 -7.46 -12.97
N SER B 750 2.77 -8.40 -13.67
CA SER B 750 4.17 -8.24 -14.04
C SER B 750 4.32 -7.20 -15.16
N ASN B 751 3.26 -7.01 -15.96
CA ASN B 751 3.22 -5.89 -16.89
C ASN B 751 3.16 -4.56 -16.14
N LEU B 752 2.40 -4.51 -15.06
CA LEU B 752 2.30 -3.30 -14.25
C LEU B 752 3.56 -3.05 -13.44
N LEU B 753 4.23 -4.13 -12.99
CA LEU B 753 5.40 -3.98 -12.14
C LEU B 753 6.62 -3.56 -12.94
N LEU B 754 6.68 -3.95 -14.22
CA LEU B 754 7.86 -3.67 -15.03
C LEU B 754 7.95 -2.20 -15.42
N GLN B 755 6.82 -1.49 -15.41
CA GLN B 755 6.83 -0.09 -15.82
C GLN B 755 6.98 0.88 -14.66
N TYR B 756 7.27 0.40 -13.46
CA TYR B 756 7.89 1.22 -12.42
C TYR B 756 9.34 1.56 -12.73
N GLY B 757 10.01 0.77 -13.52
CA GLY B 757 11.44 0.98 -13.78
C GLY B 757 12.28 -0.14 -13.21
N SER B 758 13.11 0.18 -12.22
CA SER B 758 14.15 -0.73 -11.74
C SER B 758 14.18 -0.76 -10.21
N PHE B 759 13.01 -0.93 -9.59
CA PHE B 759 12.98 -1.15 -8.15
C PHE B 759 13.50 -2.54 -7.78
N CYS B 760 13.20 -3.53 -8.62
CA CYS B 760 13.45 -4.92 -8.25
C CYS B 760 14.93 -5.26 -8.28
N THR B 761 15.66 -4.78 -9.30
CA THR B 761 17.08 -5.07 -9.37
C THR B 761 17.85 -4.29 -8.32
N GLN B 762 17.33 -3.12 -7.91
CA GLN B 762 17.85 -2.36 -6.79
C GLN B 762 17.70 -3.10 -5.46
N LEU B 763 16.52 -3.68 -5.22
CA LEU B 763 16.32 -4.42 -3.97
C LEU B 763 17.07 -5.75 -3.99
N ASN B 764 17.26 -6.31 -5.19
CA ASN B 764 18.04 -7.56 -5.32
C ASN B 764 19.51 -7.33 -5.03
N ARG B 765 20.08 -6.23 -5.52
CA ARG B 765 21.48 -5.98 -5.19
C ARG B 765 21.62 -5.36 -3.82
N ALA B 766 20.52 -4.89 -3.22
CA ALA B 766 20.54 -4.57 -1.81
C ALA B 766 20.69 -5.83 -0.96
N LEU B 767 19.91 -6.87 -1.24
CA LEU B 767 20.04 -8.11 -0.49
C LEU B 767 21.29 -8.91 -0.85
N THR B 768 21.80 -8.78 -2.08
CA THR B 768 22.95 -9.57 -2.53
C THR B 768 24.23 -9.15 -1.82
N GLY B 769 24.40 -7.84 -1.63
CA GLY B 769 25.55 -7.31 -0.92
C GLY B 769 25.55 -7.69 0.55
N ILE B 770 24.37 -7.88 1.14
CA ILE B 770 24.29 -8.34 2.53
C ILE B 770 24.69 -9.80 2.65
N ALA B 771 24.33 -10.63 1.68
CA ALA B 771 24.70 -12.05 1.69
C ALA B 771 26.21 -12.24 1.53
N VAL B 772 26.80 -11.52 0.56
CA VAL B 772 28.25 -11.57 0.41
C VAL B 772 28.96 -10.82 1.54
N GLU B 773 28.26 -9.92 2.24
CA GLU B 773 28.89 -9.20 3.33
C GLU B 773 28.90 -10.04 4.60
N GLN B 774 27.88 -10.90 4.79
CA GLN B 774 27.95 -11.87 5.89
C GLN B 774 29.00 -12.94 5.63
N ASP B 775 29.18 -13.32 4.37
CA ASP B 775 30.30 -14.22 4.03
C ASP B 775 31.65 -13.55 4.30
N LYS B 776 31.75 -12.27 3.98
CA LYS B 776 32.94 -11.48 4.29
C LYS B 776 33.15 -11.32 5.79
N ASN B 777 32.05 -11.21 6.55
CA ASN B 777 32.14 -11.05 8.01
C ASN B 777 32.65 -12.33 8.67
N THR B 778 32.11 -13.48 8.25
CA THR B 778 32.53 -14.76 8.81
C THR B 778 33.96 -15.10 8.42
N GLN B 779 34.33 -14.78 7.18
CA GLN B 779 35.71 -14.97 6.71
C GLN B 779 36.67 -14.00 7.40
N GLU B 780 36.18 -12.81 7.76
CA GLU B 780 37.04 -11.84 8.43
C GLU B 780 37.27 -12.20 9.89
N VAL B 781 36.25 -12.74 10.55
CA VAL B 781 36.40 -13.09 11.96
C VAL B 781 37.19 -14.38 12.12
N PHE B 782 36.77 -15.45 11.47
CA PHE B 782 37.34 -16.76 11.78
C PHE B 782 38.61 -17.09 11.00
N ALA B 783 38.69 -16.70 9.73
CA ALA B 783 39.85 -17.06 8.91
C ALA B 783 40.94 -16.01 9.08
N GLN B 784 41.68 -16.15 10.19
CA GLN B 784 42.84 -15.30 10.44
C GLN B 784 44.11 -16.14 10.62
N VAL B 785 44.07 -17.40 10.23
CA VAL B 785 45.22 -18.29 10.31
C VAL B 785 45.59 -18.75 8.90
N LYS B 786 46.89 -18.85 8.65
CA LYS B 786 47.34 -19.33 7.35
C LYS B 786 47.17 -20.83 7.22
N GLN B 787 47.51 -21.57 8.26
CA GLN B 787 47.52 -23.02 8.26
C GLN B 787 46.43 -23.53 9.20
N ILE B 788 46.28 -24.84 9.24
CA ILE B 788 45.37 -25.50 10.17
C ILE B 788 46.25 -26.27 11.14
N TYR B 789 46.48 -25.71 12.31
CA TYR B 789 47.33 -26.35 13.30
C TYR B 789 46.56 -27.46 14.01
N LYS B 790 47.29 -28.45 14.48
CA LYS B 790 46.70 -29.58 15.18
C LYS B 790 47.37 -29.77 16.53
N THR B 791 46.62 -30.24 17.45
CA THR B 791 47.05 -30.62 18.77
C THR B 791 47.91 -31.89 18.71
N PRO B 792 48.84 -32.07 19.64
CA PRO B 792 49.55 -33.34 19.71
C PRO B 792 48.62 -34.44 20.18
N PRO B 793 48.89 -35.69 19.79
CA PRO B 793 48.03 -36.80 20.24
C PRO B 793 48.19 -37.13 21.71
N ILE B 794 49.35 -36.86 22.29
CA ILE B 794 49.54 -36.96 23.74
C ILE B 794 49.46 -35.56 24.33
N LYS B 795 48.61 -35.38 25.32
CA LYS B 795 48.27 -34.07 25.85
C LYS B 795 48.87 -33.94 27.25
N ASP B 796 49.98 -33.21 27.34
CA ASP B 796 50.65 -32.91 28.60
C ASP B 796 50.93 -31.42 28.60
N PHE B 797 49.99 -30.65 29.13
CA PHE B 797 50.02 -29.19 29.03
C PHE B 797 50.31 -28.55 30.38
N GLY B 798 51.19 -29.16 31.16
CA GLY B 798 51.54 -28.62 32.46
C GLY B 798 50.51 -28.80 33.54
N GLY B 799 49.63 -29.80 33.43
CA GLY B 799 48.58 -30.03 34.40
C GLY B 799 47.24 -29.46 33.97
N PHE B 800 47.19 -28.87 32.78
CA PHE B 800 46.00 -28.14 32.35
C PHE B 800 45.06 -29.08 31.58
N ASN B 801 43.76 -28.97 31.86
CA ASN B 801 42.74 -29.65 31.05
C ASN B 801 42.21 -28.76 29.94
N PHE B 802 42.26 -29.28 28.72
CA PHE B 802 41.68 -28.59 27.58
C PHE B 802 40.66 -29.46 26.85
N SER B 803 40.14 -30.50 27.52
CA SER B 803 39.27 -31.46 26.86
C SER B 803 37.88 -30.90 26.60
N GLN B 804 37.49 -29.86 27.31
CA GLN B 804 36.20 -29.23 27.08
C GLN B 804 36.18 -28.38 25.83
N ILE B 805 37.31 -27.84 25.38
CA ILE B 805 37.33 -26.94 24.23
C ILE B 805 38.16 -27.47 23.07
N LEU B 806 38.96 -28.50 23.26
CA LEU B 806 39.53 -29.15 22.10
C LEU B 806 38.48 -30.02 21.43
N PRO B 807 38.56 -30.22 20.10
CA PRO B 807 37.51 -30.96 19.40
C PRO B 807 37.50 -32.45 19.74
N ASP B 808 36.29 -33.03 19.68
CA ASP B 808 36.07 -34.41 20.01
C ASP B 808 35.98 -35.21 18.73
N PRO B 809 36.91 -36.14 18.46
CA PRO B 809 36.82 -36.92 17.22
C PRO B 809 35.77 -38.02 17.28
N SER B 810 35.26 -38.34 18.47
CA SER B 810 34.21 -39.35 18.60
C SER B 810 32.89 -38.83 18.04
N LYS B 811 32.63 -37.53 18.20
CA LYS B 811 31.46 -36.92 17.61
C LYS B 811 31.68 -36.76 16.10
N PRO B 812 30.64 -37.03 15.28
CA PRO B 812 30.81 -36.90 13.83
C PRO B 812 30.74 -35.46 13.35
N SER B 813 30.27 -34.56 14.21
CA SER B 813 30.24 -33.13 13.87
C SER B 813 31.62 -32.48 14.00
N LYS B 814 32.56 -33.15 14.68
CA LYS B 814 33.94 -32.72 14.90
C LYS B 814 34.04 -31.37 15.58
N ARG B 815 33.18 -31.16 16.58
CA ARG B 815 33.17 -29.95 17.37
C ARG B 815 33.68 -30.27 18.78
N SER B 816 33.90 -29.24 19.57
CA SER B 816 34.27 -29.45 20.95
C SER B 816 33.04 -29.69 21.79
N PHE B 817 33.25 -29.96 23.09
CA PHE B 817 32.15 -30.31 23.95
C PHE B 817 31.33 -29.09 24.34
N ILE B 818 31.99 -27.95 24.54
CA ILE B 818 31.27 -26.72 24.85
C ILE B 818 30.55 -26.20 23.61
N GLU B 819 31.15 -26.38 22.43
CA GLU B 819 30.50 -25.97 21.19
C GLU B 819 29.29 -26.83 20.86
N ASP B 820 29.27 -28.09 21.32
CA ASP B 820 28.11 -28.96 21.14
C ASP B 820 26.92 -28.47 21.95
N LEU B 821 27.15 -28.08 23.21
CA LEU B 821 26.05 -27.55 24.01
C LEU B 821 25.69 -26.13 23.61
N LEU B 822 26.62 -25.40 23.01
CA LEU B 822 26.29 -24.10 22.42
C LEU B 822 25.40 -24.25 21.20
N PHE B 823 25.64 -25.28 20.38
CA PHE B 823 24.79 -25.54 19.23
C PHE B 823 23.44 -26.08 19.66
N ASN B 824 23.41 -26.90 20.72
CA ASN B 824 22.15 -27.44 21.18
C ASN B 824 21.36 -26.42 21.99
N LYS B 825 22.03 -25.38 22.48
CA LYS B 825 21.33 -24.37 23.27
C LYS B 825 20.53 -23.40 22.41
N VAL B 826 21.05 -22.99 21.26
CA VAL B 826 20.32 -22.08 20.38
C VAL B 826 19.45 -22.92 19.44
N THR B 827 18.15 -22.95 19.71
CA THR B 827 17.20 -23.75 18.96
C THR B 827 16.04 -22.86 18.51
N LEU B 828 15.40 -23.23 17.42
CA LEU B 828 14.26 -22.50 16.90
C LEU B 828 12.98 -23.12 17.47
N ALA B 852 11.35 -20.47 7.79
CA ALA B 852 11.99 -21.79 7.76
C ALA B 852 11.51 -22.60 6.56
N GLN B 853 10.66 -21.98 5.74
CA GLN B 853 10.11 -22.63 4.56
C GLN B 853 10.39 -21.74 3.36
N LYS B 854 9.97 -22.20 2.18
CA LYS B 854 9.95 -21.36 0.99
C LYS B 854 8.51 -21.15 0.58
N PHE B 855 7.99 -19.96 0.83
CA PHE B 855 6.72 -19.55 0.25
C PHE B 855 6.82 -18.08 -0.11
N ASN B 856 6.25 -17.75 -1.27
CA ASN B 856 6.10 -16.42 -1.84
C ASN B 856 7.42 -15.69 -2.07
N GLY B 857 8.41 -16.36 -2.65
CA GLY B 857 9.56 -15.68 -3.20
C GLY B 857 10.72 -15.45 -2.27
N LEU B 858 10.60 -15.79 -0.99
CA LEU B 858 11.69 -15.62 -0.05
C LEU B 858 12.53 -16.89 0.00
N THR B 859 13.84 -16.72 -0.11
CA THR B 859 14.75 -17.86 -0.04
C THR B 859 15.92 -17.51 0.88
N VAL B 860 16.51 -18.54 1.48
CA VAL B 860 17.63 -18.39 2.39
C VAL B 860 18.84 -19.06 1.76
N LEU B 861 19.82 -18.27 1.43
CA LEU B 861 21.04 -18.82 0.89
C LEU B 861 21.89 -19.43 2.00
N PRO B 862 22.56 -20.55 1.76
CA PRO B 862 23.44 -21.13 2.76
C PRO B 862 24.71 -20.32 2.91
N PRO B 863 25.35 -20.34 4.08
CA PRO B 863 26.64 -19.66 4.22
C PRO B 863 27.73 -20.40 3.47
N LEU B 864 28.77 -19.63 3.10
CA LEU B 864 29.88 -20.21 2.36
C LEU B 864 30.77 -21.06 3.26
N LEU B 865 30.77 -20.78 4.56
CA LEU B 865 31.48 -21.61 5.53
C LEU B 865 30.45 -22.35 6.37
N THR B 866 30.53 -23.68 6.37
CA THR B 866 29.65 -24.45 7.22
C THR B 866 30.19 -24.50 8.64
N ASP B 867 29.43 -25.14 9.52
CA ASP B 867 29.74 -25.14 10.95
C ASP B 867 30.93 -26.03 11.27
N GLU B 868 31.20 -27.03 10.43
CA GLU B 868 32.40 -27.84 10.60
C GLU B 868 33.65 -27.07 10.20
N MET B 869 33.51 -26.13 9.26
CA MET B 869 34.63 -25.30 8.84
C MET B 869 34.99 -24.30 9.91
N ILE B 870 33.97 -23.75 10.56
CA ILE B 870 34.16 -22.83 11.67
C ILE B 870 34.76 -23.57 12.86
N ALA B 871 34.32 -24.82 13.05
CA ALA B 871 34.93 -25.68 14.08
C ALA B 871 36.38 -26.02 13.75
N GLN B 872 36.72 -26.12 12.47
CA GLN B 872 38.09 -26.43 12.08
C GLN B 872 39.02 -25.23 12.25
N TYR B 873 38.51 -24.02 11.93
CA TYR B 873 39.21 -22.78 12.27
C TYR B 873 39.38 -22.59 13.76
N THR B 874 38.36 -22.88 14.57
CA THR B 874 38.55 -22.72 16.01
C THR B 874 39.44 -23.81 16.60
N SER B 875 39.49 -25.00 16.00
CA SER B 875 40.45 -26.01 16.41
C SER B 875 41.87 -25.62 16.04
N ALA B 876 42.04 -24.97 14.89
CA ALA B 876 43.34 -24.42 14.51
C ALA B 876 43.77 -23.29 15.43
N LEU B 877 42.80 -22.47 15.88
CA LEU B 877 43.12 -21.36 16.75
C LEU B 877 43.50 -21.83 18.16
N LEU B 878 42.77 -22.83 18.70
CA LEU B 878 43.18 -23.46 19.96
C LEU B 878 44.52 -24.16 19.87
N ALA B 879 44.79 -24.86 18.77
CA ALA B 879 46.06 -25.56 18.62
C ALA B 879 47.22 -24.57 18.48
N GLY B 880 47.00 -23.45 17.79
CA GLY B 880 48.01 -22.41 17.71
C GLY B 880 48.25 -21.71 19.04
N THR B 881 47.19 -21.35 19.75
CA THR B 881 47.38 -20.60 20.99
C THR B 881 47.79 -21.48 22.15
N ILE B 882 47.71 -22.80 22.03
CA ILE B 882 48.27 -23.66 23.07
C ILE B 882 49.70 -24.07 22.72
N THR B 883 49.91 -24.64 21.54
CA THR B 883 51.24 -25.16 21.22
C THR B 883 52.23 -24.09 20.78
N SER B 884 51.78 -22.89 20.45
CA SER B 884 52.69 -21.91 19.88
C SER B 884 52.70 -20.56 20.58
N GLY B 885 51.90 -20.37 21.62
CA GLY B 885 51.84 -19.07 22.26
C GLY B 885 51.04 -18.10 21.44
N TRP B 886 51.64 -16.93 21.16
CA TRP B 886 51.04 -15.99 20.24
C TRP B 886 51.93 -15.72 19.04
N THR B 887 52.95 -16.54 18.82
CA THR B 887 53.86 -16.34 17.71
C THR B 887 53.24 -16.75 16.39
N PHE B 888 52.20 -17.59 16.42
CA PHE B 888 51.52 -18.00 15.19
C PHE B 888 50.65 -16.88 14.64
N GLY B 889 50.29 -15.90 15.46
CA GLY B 889 49.66 -14.69 14.98
C GLY B 889 50.62 -13.65 14.44
N ALA B 890 51.92 -13.93 14.50
CA ALA B 890 52.94 -13.05 13.97
C ALA B 890 53.55 -13.55 12.67
N GLY B 891 54.07 -14.76 12.65
CA GLY B 891 54.63 -15.34 11.44
C GLY B 891 54.36 -16.82 11.42
N ALA B 892 55.42 -17.61 11.30
CA ALA B 892 55.31 -19.04 11.52
C ALA B 892 55.10 -19.32 12.99
N ALA B 893 54.47 -20.47 13.27
CA ALA B 893 54.22 -20.86 14.66
C ALA B 893 55.52 -21.30 15.32
N LEU B 894 55.92 -20.57 16.34
CA LEU B 894 57.11 -20.91 17.10
C LEU B 894 56.67 -21.66 18.35
N GLN B 895 57.10 -22.91 18.42
CA GLN B 895 56.78 -23.87 19.46
C GLN B 895 57.28 -23.42 20.82
N ILE B 896 56.46 -23.64 21.85
CA ILE B 896 56.81 -23.31 23.24
C ILE B 896 56.00 -24.22 24.16
N PRO B 897 56.58 -24.73 25.26
CA PRO B 897 55.78 -25.43 26.26
C PRO B 897 54.80 -24.50 26.96
N PHE B 898 53.74 -25.09 27.52
CA PHE B 898 52.60 -24.31 28.01
C PHE B 898 52.89 -23.62 29.33
N ALA B 899 53.71 -24.24 30.18
CA ALA B 899 54.09 -23.62 31.44
C ALA B 899 54.98 -22.41 31.22
N MET B 900 55.74 -22.40 30.12
CA MET B 900 56.49 -21.21 29.81
C MET B 900 55.64 -20.18 29.06
N GLN B 901 54.50 -20.61 28.51
CA GLN B 901 53.58 -19.64 27.92
C GLN B 901 52.85 -18.85 29.00
N MET B 902 52.47 -19.52 30.08
CA MET B 902 52.04 -18.77 31.28
C MET B 902 53.15 -17.95 31.91
N ALA B 903 54.42 -18.38 31.78
CA ALA B 903 55.51 -17.57 32.32
C ALA B 903 55.74 -16.33 31.46
N TYR B 904 55.43 -16.41 30.16
CA TYR B 904 55.42 -15.22 29.32
C TYR B 904 54.27 -14.31 29.69
N ARG B 905 53.08 -14.90 29.86
CA ARG B 905 51.89 -14.07 29.99
C ARG B 905 51.75 -13.47 31.38
N PHE B 906 52.39 -14.07 32.39
CA PHE B 906 52.50 -13.39 33.66
C PHE B 906 53.54 -12.27 33.61
N ASN B 907 54.63 -12.49 32.88
CA ASN B 907 55.66 -11.45 32.76
C ASN B 907 55.19 -10.31 31.88
N GLY B 908 54.25 -10.59 30.99
CA GLY B 908 53.72 -9.56 30.11
C GLY B 908 52.66 -8.69 30.76
N ILE B 909 52.12 -9.10 31.91
CA ILE B 909 51.07 -8.33 32.56
C ILE B 909 51.64 -7.47 33.69
N GLY B 910 52.86 -7.78 34.14
CA GLY B 910 53.52 -6.97 35.14
C GLY B 910 53.89 -7.69 36.41
N VAL B 911 53.80 -9.01 36.41
CA VAL B 911 54.07 -9.84 37.59
C VAL B 911 55.29 -10.66 37.25
N THR B 912 56.13 -10.99 38.23
CA THR B 912 57.33 -11.76 37.94
C THR B 912 56.98 -13.22 37.61
N GLN B 913 57.96 -13.91 37.04
CA GLN B 913 57.76 -15.26 36.53
C GLN B 913 57.61 -16.28 37.64
N ASN B 914 58.15 -15.99 38.82
CA ASN B 914 58.29 -17.02 39.83
C ASN B 914 57.05 -17.17 40.70
N VAL B 915 55.97 -16.44 40.39
CA VAL B 915 54.73 -16.67 41.11
C VAL B 915 53.98 -17.85 40.52
N LEU B 916 54.39 -18.31 39.34
CA LEU B 916 53.76 -19.41 38.64
C LEU B 916 54.36 -20.76 39.01
N TYR B 917 55.67 -20.83 39.12
CA TYR B 917 56.33 -22.12 39.12
C TYR B 917 56.32 -22.81 40.47
N GLU B 918 55.92 -22.13 41.54
CA GLU B 918 55.52 -22.88 42.71
C GLU B 918 54.02 -22.87 42.92
N ASN B 919 53.26 -22.25 42.01
CA ASN B 919 51.80 -22.32 42.05
C ASN B 919 51.24 -23.03 40.83
N GLN B 920 52.05 -23.88 40.18
CA GLN B 920 51.70 -24.50 38.90
C GLN B 920 50.51 -25.44 39.03
N LYS B 921 50.52 -26.27 40.07
CA LYS B 921 49.41 -27.20 40.29
C LYS B 921 48.17 -26.44 40.78
N LEU B 922 48.39 -25.35 41.52
CA LEU B 922 47.28 -24.52 42.00
C LEU B 922 46.61 -23.77 40.85
N ILE B 923 47.41 -23.21 39.94
CA ILE B 923 46.89 -22.49 38.78
C ILE B 923 46.21 -23.45 37.81
N ALA B 924 46.77 -24.65 37.67
CA ALA B 924 46.14 -25.70 36.87
C ALA B 924 44.80 -26.14 37.45
N ASN B 925 44.73 -26.27 38.78
CA ASN B 925 43.48 -26.66 39.44
C ASN B 925 42.44 -25.55 39.37
N GLN B 926 42.88 -24.29 39.48
CA GLN B 926 41.97 -23.15 39.36
C GLN B 926 41.43 -23.01 37.94
N PHE B 927 42.27 -23.23 36.94
CA PHE B 927 41.82 -23.17 35.56
C PHE B 927 40.90 -24.32 35.20
N ASN B 928 41.18 -25.51 35.73
CA ASN B 928 40.35 -26.67 35.42
C ASN B 928 39.01 -26.59 36.16
N SER B 929 39.01 -25.96 37.34
CA SER B 929 37.75 -25.75 38.04
C SER B 929 36.94 -24.62 37.39
N ALA B 930 37.62 -23.62 36.85
CA ALA B 930 36.92 -22.48 36.26
C ALA B 930 36.37 -22.84 34.88
N ILE B 931 37.05 -23.73 34.15
CA ILE B 931 36.54 -24.22 32.87
C ILE B 931 35.29 -25.07 33.08
N GLY B 932 35.26 -25.83 34.18
CA GLY B 932 34.10 -26.64 34.48
C GLY B 932 32.90 -25.83 34.95
N LYS B 933 33.15 -24.60 35.42
CA LYS B 933 32.04 -23.73 35.78
C LYS B 933 31.38 -23.11 34.55
N ILE B 934 32.10 -23.06 33.42
CA ILE B 934 31.54 -22.54 32.17
C ILE B 934 30.49 -23.52 31.64
N GLN B 935 30.73 -24.82 31.86
CA GLN B 935 29.78 -25.88 31.53
C GLN B 935 28.47 -25.72 32.29
N ASP B 936 28.55 -25.39 33.59
CA ASP B 936 27.34 -25.23 34.38
C ASP B 936 26.74 -23.84 34.19
N SER B 937 27.53 -22.88 33.73
CA SER B 937 26.98 -21.55 33.46
C SER B 937 26.18 -21.50 32.16
N LEU B 938 26.44 -22.44 31.25
CA LEU B 938 25.71 -22.49 29.99
C LEU B 938 24.68 -23.60 29.94
N SER B 939 25.01 -24.79 30.44
CA SER B 939 24.11 -25.94 30.34
C SER B 939 22.94 -25.87 31.31
N SER B 940 22.99 -24.99 32.31
CA SER B 940 21.87 -24.87 33.25
C SER B 940 21.19 -23.51 33.17
N THR B 941 21.61 -22.64 32.24
CA THR B 941 21.02 -21.32 32.06
C THR B 941 20.58 -21.18 30.61
N ALA B 942 19.28 -20.98 30.41
CA ALA B 942 18.72 -20.89 29.07
C ALA B 942 18.84 -19.50 28.46
N SER B 943 19.17 -18.47 29.25
CA SER B 943 19.20 -17.11 28.76
C SER B 943 20.61 -16.52 28.73
N ALA B 944 21.63 -17.38 28.73
CA ALA B 944 23.00 -16.88 28.61
C ALA B 944 23.31 -16.47 27.17
N LEU B 945 22.61 -17.07 26.20
CA LEU B 945 22.86 -16.88 24.78
C LEU B 945 21.90 -15.91 24.14
N GLY B 946 21.54 -14.82 24.83
CA GLY B 946 20.52 -13.93 24.30
C GLY B 946 21.01 -13.08 23.14
N LYS B 947 22.32 -12.83 23.07
CA LYS B 947 22.87 -11.95 22.05
C LYS B 947 22.95 -12.64 20.69
N LEU B 948 22.83 -13.96 20.66
CA LEU B 948 22.64 -14.64 19.39
C LEU B 948 21.17 -14.92 19.11
N GLN B 949 20.38 -15.11 20.15
CA GLN B 949 18.98 -15.49 19.98
C GLN B 949 18.13 -14.32 19.51
N ASP B 950 18.50 -13.09 19.91
CA ASP B 950 17.70 -11.93 19.52
C ASP B 950 17.88 -11.60 18.04
N VAL B 951 19.03 -11.95 17.47
CA VAL B 951 19.28 -11.73 16.04
C VAL B 951 18.43 -12.67 15.20
N VAL B 952 18.35 -13.94 15.61
CA VAL B 952 17.54 -14.93 14.91
C VAL B 952 16.07 -14.63 15.07
N ASN B 953 15.67 -14.14 16.26
CA ASN B 953 14.29 -13.75 16.50
C ASN B 953 13.90 -12.50 15.71
N GLN B 954 14.83 -11.56 15.54
CA GLN B 954 14.55 -10.36 14.78
C GLN B 954 14.45 -10.66 13.29
N ASN B 955 15.30 -11.55 12.79
CA ASN B 955 15.23 -11.93 11.38
C ASN B 955 13.99 -12.77 11.09
N ALA B 956 13.61 -13.66 12.02
CA ALA B 956 12.40 -14.46 11.84
C ALA B 956 11.15 -13.60 11.93
N GLN B 957 11.16 -12.58 12.81
CA GLN B 957 10.00 -11.70 12.90
C GLN B 957 9.95 -10.76 11.70
N ALA B 958 11.11 -10.43 11.11
CA ALA B 958 11.12 -9.62 9.89
C ALA B 958 10.55 -10.38 8.70
N LEU B 959 10.97 -11.65 8.51
CA LEU B 959 10.39 -12.45 7.44
C LEU B 959 8.92 -12.82 7.70
N ASN B 960 8.52 -12.99 8.96
CA ASN B 960 7.12 -13.28 9.22
C ASN B 960 6.26 -12.02 9.10
N THR B 961 6.84 -10.85 9.32
CA THR B 961 6.10 -9.61 9.10
C THR B 961 6.01 -9.31 7.60
N LEU B 962 7.02 -9.74 6.84
CA LEU B 962 6.95 -9.65 5.39
C LEU B 962 5.90 -10.61 4.83
N VAL B 963 5.75 -11.79 5.45
CA VAL B 963 4.72 -12.73 5.05
C VAL B 963 3.33 -12.23 5.42
N LYS B 964 3.17 -11.68 6.63
CA LYS B 964 1.83 -11.36 7.13
C LYS B 964 1.26 -10.09 6.51
N GLN B 965 2.05 -9.34 5.75
CA GLN B 965 1.48 -8.22 5.03
C GLN B 965 1.16 -8.56 3.59
N LEU B 966 1.16 -9.84 3.23
CA LEU B 966 0.55 -10.31 2.00
C LEU B 966 -0.91 -10.48 2.10
N SER B 967 -1.46 -10.46 3.30
CA SER B 967 -2.89 -10.62 3.51
C SER B 967 -3.51 -9.30 3.89
N SER B 968 -2.98 -8.22 3.32
CA SER B 968 -3.48 -6.87 3.58
C SER B 968 -4.13 -6.33 2.31
N ASN B 969 -5.30 -5.73 2.49
CA ASN B 969 -6.04 -5.23 1.33
C ASN B 969 -5.40 -3.98 0.74
N PHE B 970 -4.86 -3.11 1.60
CA PHE B 970 -4.43 -1.74 1.30
C PHE B 970 -5.51 -0.93 0.62
N GLY B 971 -6.76 -1.08 1.07
CA GLY B 971 -7.89 -0.40 0.48
C GLY B 971 -8.70 -1.23 -0.49
N ALA B 972 -8.49 -2.55 -0.56
CA ALA B 972 -9.15 -3.35 -1.58
C ALA B 972 -10.37 -4.07 -1.02
N ILE B 973 -11.18 -4.60 -1.94
CA ILE B 973 -12.25 -5.51 -1.57
C ILE B 973 -11.68 -6.83 -1.09
N SER B 974 -10.71 -7.37 -1.84
CA SER B 974 -10.06 -8.62 -1.48
C SER B 974 -8.55 -8.49 -1.68
N SER B 975 -7.81 -9.29 -0.92
CA SER B 975 -6.35 -9.29 -0.99
C SER B 975 -5.79 -10.27 -2.01
N VAL B 976 -6.65 -11.04 -2.66
CA VAL B 976 -6.25 -12.05 -3.64
C VAL B 976 -6.53 -11.45 -5.01
N LEU B 977 -5.61 -11.68 -5.97
CA LEU B 977 -5.76 -11.08 -7.29
C LEU B 977 -6.90 -11.68 -8.10
N ASN B 978 -7.27 -12.93 -7.85
CA ASN B 978 -8.11 -13.67 -8.78
C ASN B 978 -9.57 -13.24 -8.72
N ASP B 979 -10.08 -12.94 -7.52
CA ASP B 979 -11.45 -12.45 -7.44
C ASP B 979 -11.52 -10.95 -7.72
N ILE B 980 -10.37 -10.25 -7.69
CA ILE B 980 -10.32 -8.91 -8.25
C ILE B 980 -10.48 -8.96 -9.77
N LEU B 981 -9.74 -9.87 -10.42
CA LEU B 981 -9.77 -9.98 -11.87
C LEU B 981 -11.09 -10.58 -12.37
N SER B 982 -11.71 -11.44 -11.56
CA SER B 982 -12.94 -12.09 -12.01
C SER B 982 -14.15 -11.17 -11.82
N ARG B 983 -14.29 -10.57 -10.63
CA ARG B 983 -15.51 -9.85 -10.30
C ARG B 983 -15.51 -8.40 -10.73
N LEU B 984 -14.38 -7.89 -11.24
CA LEU B 984 -14.32 -6.48 -11.61
C LEU B 984 -13.83 -6.36 -13.04
N ASP B 985 -14.34 -5.36 -13.74
CA ASP B 985 -13.97 -4.95 -15.08
C ASP B 985 -12.54 -4.41 -15.08
N PRO B 986 -11.70 -4.91 -16.01
CA PRO B 986 -10.23 -4.77 -15.88
C PRO B 986 -9.66 -3.35 -15.92
N PRO B 987 -10.21 -2.34 -16.65
CA PRO B 987 -9.67 -0.98 -16.45
C PRO B 987 -9.95 -0.34 -15.09
N GLU B 988 -11.07 -0.63 -14.44
CA GLU B 988 -11.27 -0.16 -13.07
C GLU B 988 -10.87 -1.18 -12.02
N ALA B 989 -10.36 -2.35 -12.42
CA ALA B 989 -9.60 -3.18 -11.50
C ALA B 989 -8.14 -2.77 -11.45
N GLU B 990 -7.72 -1.92 -12.38
CA GLU B 990 -6.32 -1.48 -12.45
C GLU B 990 -5.95 -0.59 -11.29
N VAL B 991 -6.89 0.22 -10.79
CA VAL B 991 -6.62 1.06 -9.63
C VAL B 991 -6.56 0.21 -8.36
N GLN B 992 -7.21 -0.96 -8.39
CA GLN B 992 -7.15 -1.82 -7.21
C GLN B 992 -5.83 -2.58 -7.19
N ILE B 993 -5.36 -3.00 -8.37
CA ILE B 993 -4.03 -3.61 -8.50
C ILE B 993 -2.94 -2.59 -8.20
N ASP B 994 -3.17 -1.31 -8.56
CA ASP B 994 -2.34 -0.17 -8.16
C ASP B 994 -2.18 -0.07 -6.65
N ARG B 995 -3.29 -0.09 -5.91
CA ARG B 995 -3.25 0.00 -4.44
C ARG B 995 -2.53 -1.20 -3.83
N LEU B 996 -2.76 -2.38 -4.40
CA LEU B 996 -2.13 -3.60 -3.91
C LEU B 996 -0.62 -3.63 -4.16
N ILE B 997 -0.19 -3.19 -5.36
CA ILE B 997 1.23 -3.28 -5.69
C ILE B 997 2.01 -2.18 -4.97
N THR B 998 1.34 -1.05 -4.68
CA THR B 998 1.99 0.00 -3.89
C THR B 998 2.14 -0.43 -2.43
N GLY B 999 1.14 -1.14 -1.90
CA GLY B 999 1.25 -1.66 -0.55
C GLY B 999 2.30 -2.74 -0.39
N ARG B 1000 2.41 -3.64 -1.38
CA ARG B 1000 3.43 -4.69 -1.28
C ARG B 1000 4.84 -4.15 -1.51
N LEU B 1001 4.99 -3.14 -2.38
CA LEU B 1001 6.30 -2.53 -2.56
C LEU B 1001 6.72 -1.74 -1.32
N GLN B 1002 5.76 -1.12 -0.63
CA GLN B 1002 6.06 -0.45 0.63
C GLN B 1002 6.44 -1.43 1.73
N SER B 1003 5.79 -2.60 1.75
CA SER B 1003 6.13 -3.65 2.72
C SER B 1003 7.53 -4.19 2.49
N LEU B 1004 7.87 -4.42 1.23
CA LEU B 1004 9.21 -4.92 0.89
C LEU B 1004 10.27 -3.86 1.14
N GLN B 1005 9.91 -2.58 0.99
CA GLN B 1005 10.88 -1.52 1.29
C GLN B 1005 11.13 -1.38 2.78
N THR B 1006 10.07 -1.58 3.59
CA THR B 1006 10.21 -1.62 5.04
C THR B 1006 11.12 -2.75 5.47
N TYR B 1007 10.97 -3.93 4.83
CA TYR B 1007 11.80 -5.09 5.17
C TYR B 1007 13.26 -4.88 4.78
N VAL B 1008 13.51 -4.30 3.59
CA VAL B 1008 14.91 -4.14 3.16
C VAL B 1008 15.60 -3.01 3.95
N THR B 1009 14.83 -2.01 4.39
CA THR B 1009 15.41 -0.93 5.18
C THR B 1009 15.76 -1.39 6.60
N GLN B 1010 14.83 -2.14 7.23
CA GLN B 1010 15.10 -2.71 8.55
C GLN B 1010 16.21 -3.75 8.50
N GLN B 1011 16.27 -4.52 7.41
CA GLN B 1011 17.29 -5.56 7.25
C GLN B 1011 18.66 -4.92 7.04
N LEU B 1012 18.70 -3.78 6.34
CA LEU B 1012 19.97 -3.11 6.06
C LEU B 1012 20.51 -2.42 7.31
N ILE B 1013 19.61 -1.83 8.11
CA ILE B 1013 19.99 -1.22 9.39
C ILE B 1013 20.50 -2.27 10.36
N ARG B 1014 19.84 -3.44 10.41
CA ARG B 1014 20.34 -4.55 11.21
C ARG B 1014 21.66 -5.12 10.72
N ALA B 1015 21.87 -5.13 9.40
CA ALA B 1015 23.12 -5.63 8.85
C ALA B 1015 24.29 -4.70 9.13
N ALA B 1016 24.05 -3.39 9.22
CA ALA B 1016 25.11 -2.47 9.64
C ALA B 1016 25.53 -2.69 11.09
N GLU B 1017 24.56 -2.98 11.97
CA GLU B 1017 24.85 -3.27 13.37
C GLU B 1017 25.60 -4.59 13.52
N ILE B 1018 25.22 -5.60 12.74
CA ILE B 1018 25.91 -6.89 12.75
C ILE B 1018 27.31 -6.75 12.14
N ARG B 1019 27.48 -5.83 11.19
CA ARG B 1019 28.82 -5.51 10.66
C ARG B 1019 29.71 -4.87 11.72
N ALA B 1020 29.15 -3.97 12.54
CA ALA B 1020 29.90 -3.38 13.64
C ALA B 1020 30.26 -4.42 14.70
N SER B 1021 29.33 -5.32 15.00
CA SER B 1021 29.60 -6.39 15.96
C SER B 1021 30.61 -7.40 15.42
N ALA B 1022 30.62 -7.61 14.11
CA ALA B 1022 31.58 -8.53 13.51
C ALA B 1022 32.96 -7.91 13.45
N ASN B 1023 33.05 -6.59 13.25
CA ASN B 1023 34.35 -5.93 13.31
C ASN B 1023 34.91 -5.91 14.73
N LEU B 1024 34.03 -5.72 15.73
CA LEU B 1024 34.45 -5.83 17.12
C LEU B 1024 34.87 -7.25 17.48
N ALA B 1025 34.16 -8.25 16.95
CA ALA B 1025 34.51 -9.65 17.22
C ALA B 1025 35.79 -10.05 16.51
N ALA B 1026 36.04 -9.51 15.32
CA ALA B 1026 37.29 -9.79 14.62
C ALA B 1026 38.47 -9.11 15.30
N THR B 1027 38.26 -7.92 15.84
CA THR B 1027 39.30 -7.25 16.63
C THR B 1027 39.59 -8.00 17.92
N LYS B 1028 38.54 -8.51 18.58
CA LYS B 1028 38.74 -9.27 19.82
C LYS B 1028 39.37 -10.62 19.54
N MET B 1029 39.05 -11.23 18.40
CA MET B 1029 39.74 -12.41 17.90
C MET B 1029 41.22 -12.14 17.71
N SER B 1030 41.53 -11.07 16.97
CA SER B 1030 42.88 -10.79 16.52
C SER B 1030 43.78 -10.26 17.63
N GLU B 1031 43.20 -9.75 18.71
CA GLU B 1031 44.01 -9.29 19.83
C GLU B 1031 43.93 -10.17 21.07
N CYS B 1032 42.74 -10.58 21.51
CA CYS B 1032 42.64 -11.42 22.68
C CYS B 1032 43.04 -12.87 22.42
N VAL B 1033 42.88 -13.37 21.19
CA VAL B 1033 43.25 -14.76 20.89
C VAL B 1033 44.67 -14.84 20.36
N LEU B 1034 45.01 -14.01 19.38
CA LEU B 1034 46.34 -14.04 18.76
C LEU B 1034 47.40 -13.30 19.55
N GLY B 1035 47.09 -12.84 20.76
CA GLY B 1035 48.07 -12.16 21.59
C GLY B 1035 47.54 -11.88 22.98
N GLN B 1036 48.30 -11.11 23.76
CA GLN B 1036 47.88 -10.66 25.08
C GLN B 1036 47.66 -9.16 25.03
N SER B 1037 46.53 -8.72 25.56
CA SER B 1037 46.12 -7.33 25.42
C SER B 1037 46.41 -6.56 26.69
N LYS B 1038 46.98 -5.37 26.53
CA LYS B 1038 47.14 -4.41 27.61
C LYS B 1038 45.94 -3.49 27.76
N ARG B 1039 44.92 -3.65 26.92
CA ARG B 1039 43.73 -2.83 27.02
C ARG B 1039 42.84 -3.37 28.12
N VAL B 1040 42.71 -2.59 29.21
CA VAL B 1040 42.01 -3.06 30.40
C VAL B 1040 40.50 -3.01 30.14
N ASP B 1041 39.82 -4.08 30.57
CA ASP B 1041 38.41 -4.41 30.35
C ASP B 1041 38.06 -4.52 28.87
N PHE B 1042 39.01 -4.88 28.01
CA PHE B 1042 38.68 -5.24 26.64
C PHE B 1042 38.45 -6.74 26.52
N CYS B 1043 39.45 -7.53 26.89
CA CYS B 1043 39.39 -8.98 26.84
C CYS B 1043 39.10 -9.48 28.25
N GLY B 1044 37.82 -9.54 28.60
CA GLY B 1044 37.45 -9.96 29.94
C GLY B 1044 37.55 -8.83 30.94
N LYS B 1045 37.34 -9.17 32.20
CA LYS B 1045 37.30 -8.20 33.30
C LYS B 1045 38.44 -8.52 34.26
N GLY B 1046 39.47 -7.69 34.25
CA GLY B 1046 40.64 -7.89 35.09
C GLY B 1046 41.91 -7.90 34.29
N TYR B 1047 42.98 -8.49 34.84
CA TYR B 1047 44.25 -8.58 34.14
C TYR B 1047 44.22 -9.74 33.16
N HIS B 1048 44.30 -9.41 31.87
CA HIS B 1048 44.03 -10.38 30.82
C HIS B 1048 45.26 -11.26 30.56
N LEU B 1049 45.02 -12.54 30.33
CA LEU B 1049 46.08 -13.48 30.00
C LEU B 1049 45.98 -14.00 28.57
N MET B 1050 44.88 -14.68 28.22
CA MET B 1050 44.58 -15.04 26.84
C MET B 1050 43.09 -15.30 26.73
N SER B 1051 42.69 -15.67 25.51
CA SER B 1051 41.31 -16.01 25.23
C SER B 1051 41.29 -17.22 24.31
N PHE B 1052 40.28 -18.06 24.51
CA PHE B 1052 40.03 -19.18 23.61
C PHE B 1052 38.69 -19.01 22.92
N PRO B 1053 38.65 -19.03 21.60
CA PRO B 1053 37.38 -18.88 20.89
C PRO B 1053 36.62 -20.19 20.81
N GLN B 1054 35.30 -20.06 20.74
CA GLN B 1054 34.44 -21.19 20.44
C GLN B 1054 33.44 -20.77 19.38
N SER B 1055 33.02 -21.74 18.58
CA SER B 1055 32.05 -21.49 17.53
C SER B 1055 30.66 -21.36 18.12
N ALA B 1056 29.73 -20.91 17.29
CA ALA B 1056 28.37 -20.64 17.67
C ALA B 1056 27.51 -20.83 16.42
N PRO B 1057 26.16 -20.89 16.56
CA PRO B 1057 25.30 -20.86 15.37
C PRO B 1057 25.47 -19.65 14.46
N HIS B 1058 25.50 -18.45 15.04
CA HIS B 1058 25.72 -17.26 14.22
C HIS B 1058 26.62 -16.26 14.95
N GLY B 1059 27.69 -16.74 15.56
CA GLY B 1059 28.55 -15.82 16.28
C GLY B 1059 29.86 -16.47 16.67
N VAL B 1060 30.43 -15.95 17.75
CA VAL B 1060 31.65 -16.50 18.34
C VAL B 1060 31.57 -16.29 19.84
N VAL B 1061 32.02 -17.30 20.59
CA VAL B 1061 32.06 -17.24 22.05
C VAL B 1061 33.52 -17.29 22.48
N PHE B 1062 33.96 -16.26 23.20
CA PHE B 1062 35.33 -16.17 23.67
C PHE B 1062 35.39 -16.71 25.09
N LEU B 1063 36.57 -17.18 25.49
CA LEU B 1063 36.81 -17.64 26.86
C LEU B 1063 38.00 -16.87 27.41
N HIS B 1064 37.75 -15.68 27.94
CA HIS B 1064 38.80 -14.77 28.37
C HIS B 1064 39.40 -15.24 29.69
N VAL B 1065 40.59 -15.83 29.62
CA VAL B 1065 41.31 -16.26 30.81
C VAL B 1065 41.90 -15.04 31.47
N THR B 1066 41.49 -14.77 32.70
CA THR B 1066 41.74 -13.48 33.30
C THR B 1066 42.29 -13.66 34.70
N TYR B 1067 43.35 -12.92 35.01
CA TYR B 1067 43.99 -12.91 36.32
C TYR B 1067 43.27 -11.86 37.17
N VAL B 1068 42.67 -12.30 38.26
CA VAL B 1068 41.99 -11.41 39.20
C VAL B 1068 42.65 -11.56 40.56
N PRO B 1069 43.34 -10.53 41.06
CA PRO B 1069 43.98 -10.65 42.38
C PRO B 1069 42.97 -10.56 43.51
N ALA B 1070 43.33 -11.16 44.64
CA ALA B 1070 42.46 -11.19 45.81
C ALA B 1070 43.31 -11.30 47.06
N GLN B 1071 42.61 -11.33 48.21
CA GLN B 1071 43.17 -11.50 49.56
C GLN B 1071 44.22 -10.44 49.88
N GLU B 1072 43.81 -9.18 49.79
CA GLU B 1072 44.75 -8.09 49.97
C GLU B 1072 45.04 -7.88 51.45
N LYS B 1073 46.27 -7.48 51.74
CA LYS B 1073 46.67 -7.12 53.09
C LYS B 1073 47.26 -5.72 53.06
N ASN B 1074 46.78 -4.86 53.95
CA ASN B 1074 47.18 -3.46 53.95
C ASN B 1074 48.55 -3.34 54.60
N PHE B 1075 49.39 -2.51 53.98
CA PHE B 1075 50.78 -2.33 54.38
C PHE B 1075 51.09 -0.85 54.43
N THR B 1076 51.95 -0.46 55.36
CA THR B 1076 52.46 0.90 55.37
C THR B 1076 53.62 1.02 54.40
N THR B 1077 53.82 2.21 53.86
CA THR B 1077 54.65 2.38 52.67
C THR B 1077 55.38 3.71 52.72
N ALA B 1078 56.32 3.86 51.78
CA ALA B 1078 57.10 5.08 51.62
C ALA B 1078 57.59 5.13 50.19
N PRO B 1079 57.72 6.32 49.59
CA PRO B 1079 58.19 6.39 48.21
C PRO B 1079 59.69 6.25 48.04
N ALA B 1080 60.48 6.37 49.11
CA ALA B 1080 61.94 6.28 48.98
C ALA B 1080 62.53 5.78 50.29
N ILE B 1081 63.75 5.26 50.19
CA ILE B 1081 64.56 4.82 51.33
C ILE B 1081 65.84 5.65 51.33
N CYS B 1082 66.19 6.22 52.48
CA CYS B 1082 67.39 7.01 52.62
C CYS B 1082 68.49 6.17 53.24
N HIS B 1083 69.59 5.99 52.50
CA HIS B 1083 70.74 5.28 53.03
C HIS B 1083 72.00 6.01 52.57
N ASP B 1084 72.86 6.34 53.54
CA ASP B 1084 74.12 7.09 53.36
C ASP B 1084 73.85 8.44 52.69
N GLY B 1085 72.77 9.12 53.12
CA GLY B 1085 72.46 10.45 52.62
C GLY B 1085 71.95 10.49 51.20
N LYS B 1086 71.44 9.38 50.69
CA LYS B 1086 71.03 9.27 49.30
C LYS B 1086 69.64 8.67 49.23
N ALA B 1087 68.81 9.21 48.33
CA ALA B 1087 67.45 8.73 48.15
C ALA B 1087 67.46 7.55 47.18
N HIS B 1088 66.95 6.41 47.63
CA HIS B 1088 66.90 5.20 46.83
C HIS B 1088 65.46 4.97 46.38
N PHE B 1089 65.30 4.58 45.13
CA PHE B 1089 64.02 4.49 44.47
C PHE B 1089 63.86 3.08 43.91
N PRO B 1090 62.67 2.48 43.98
CA PRO B 1090 62.53 1.09 43.56
C PRO B 1090 62.49 0.95 42.05
N ARG B 1091 63.00 -0.20 41.57
CA ARG B 1091 63.06 -0.42 40.13
C ARG B 1091 61.74 -0.93 39.58
N GLU B 1092 61.30 -2.10 40.04
CA GLU B 1092 60.14 -2.74 39.44
C GLU B 1092 59.00 -2.87 40.44
N GLY B 1093 59.21 -2.38 41.65
CA GLY B 1093 58.24 -2.62 42.70
C GLY B 1093 57.96 -1.39 43.51
N VAL B 1094 57.40 -1.62 44.70
CA VAL B 1094 57.13 -0.57 45.68
C VAL B 1094 57.69 -0.99 47.02
N PHE B 1095 57.77 -0.02 47.93
CA PHE B 1095 58.32 -0.25 49.26
C PHE B 1095 57.18 -0.52 50.23
N VAL B 1096 57.29 -1.62 50.98
CA VAL B 1096 56.28 -1.97 51.97
C VAL B 1096 56.95 -2.19 53.31
N SER B 1097 56.12 -2.36 54.33
CA SER B 1097 56.63 -2.69 55.66
C SER B 1097 55.59 -3.51 56.41
N ASN B 1098 56.04 -4.61 57.02
CA ASN B 1098 55.16 -5.41 57.86
C ASN B 1098 55.27 -5.00 59.33
N GLY B 1099 55.15 -3.69 59.57
CA GLY B 1099 55.38 -3.12 60.89
C GLY B 1099 56.83 -2.94 61.29
N THR B 1100 57.65 -3.99 61.22
CA THR B 1100 58.97 -3.92 61.79
C THR B 1100 59.97 -3.41 60.77
N HIS B 1101 60.13 -4.20 59.70
CA HIS B 1101 61.19 -4.15 58.71
C HIS B 1101 60.62 -3.49 57.47
N TRP B 1102 61.48 -2.93 56.63
CA TRP B 1102 61.05 -2.37 55.36
C TRP B 1102 61.44 -3.31 54.23
N PHE B 1103 60.49 -3.59 53.34
CA PHE B 1103 60.68 -4.55 52.25
C PHE B 1103 60.30 -3.90 50.94
N VAL B 1104 60.84 -4.46 49.86
CA VAL B 1104 60.43 -4.12 48.51
C VAL B 1104 59.74 -5.34 47.91
N THR B 1105 58.62 -5.12 47.23
CA THR B 1105 57.87 -6.21 46.61
C THR B 1105 57.22 -5.71 45.34
N GLN B 1106 56.83 -6.65 44.48
CA GLN B 1106 56.18 -6.28 43.23
C GLN B 1106 54.74 -5.87 43.48
N ARG B 1107 54.14 -5.27 42.46
CA ARG B 1107 52.95 -4.47 42.67
C ARG B 1107 51.64 -5.25 42.56
N ASN B 1108 51.69 -6.55 42.29
CA ASN B 1108 50.48 -7.34 42.15
C ASN B 1108 50.55 -8.67 42.89
N PHE B 1109 51.62 -8.91 43.64
CA PHE B 1109 51.78 -10.14 44.41
C PHE B 1109 52.72 -9.82 45.56
N TYR B 1110 52.34 -10.17 46.78
CA TYR B 1110 53.20 -9.84 47.89
C TYR B 1110 54.26 -10.91 48.05
N GLU B 1111 55.48 -10.63 47.58
CA GLU B 1111 56.63 -11.41 47.98
C GLU B 1111 57.73 -10.47 48.48
N PRO B 1112 57.97 -10.42 49.79
CA PRO B 1112 58.88 -9.41 50.32
C PRO B 1112 60.35 -9.78 50.09
N GLN B 1113 61.13 -8.76 49.75
CA GLN B 1113 62.54 -8.95 49.48
C GLN B 1113 63.32 -7.89 50.23
N ILE B 1114 64.56 -8.22 50.54
CA ILE B 1114 65.47 -7.31 51.23
C ILE B 1114 65.88 -6.20 50.26
N ILE B 1115 65.80 -4.95 50.73
CA ILE B 1115 66.10 -3.79 49.90
C ILE B 1115 67.60 -3.70 49.69
N THR B 1116 68.05 -4.11 48.50
CA THR B 1116 69.46 -4.15 48.15
C THR B 1116 69.77 -3.10 47.10
N THR B 1117 71.01 -3.12 46.62
CA THR B 1117 71.50 -2.11 45.69
C THR B 1117 71.17 -2.43 44.24
N ASP B 1118 70.62 -3.61 43.96
CA ASP B 1118 70.36 -4.00 42.58
C ASP B 1118 68.89 -4.04 42.22
N ASN B 1119 67.98 -4.04 43.21
CA ASN B 1119 66.56 -3.89 42.95
C ASN B 1119 66.10 -2.46 43.23
N THR B 1120 67.03 -1.58 43.57
CA THR B 1120 66.75 -0.17 43.77
C THR B 1120 67.79 0.66 43.04
N PHE B 1121 67.40 1.86 42.63
CA PHE B 1121 68.32 2.78 41.99
C PHE B 1121 68.36 4.10 42.75
N VAL B 1122 69.56 4.67 42.84
CA VAL B 1122 69.80 5.90 43.58
C VAL B 1122 69.55 7.09 42.67
N SER B 1123 68.92 8.13 43.22
CA SER B 1123 68.61 9.33 42.44
C SER B 1123 68.54 10.53 43.38
N GLY B 1124 69.44 11.48 43.20
CA GLY B 1124 69.39 12.72 43.96
C GLY B 1124 69.87 12.55 45.38
N ASN B 1125 69.34 13.40 46.25
CA ASN B 1125 69.62 13.33 47.67
C ASN B 1125 68.32 13.31 48.47
N CYS B 1126 68.45 13.43 49.78
CA CYS B 1126 67.41 13.01 50.73
C CYS B 1126 66.56 14.18 51.23
N ASP B 1127 66.32 15.20 50.41
CA ASP B 1127 65.58 16.36 50.89
C ASP B 1127 64.38 16.74 50.04
N VAL B 1128 64.45 16.60 48.72
CA VAL B 1128 63.43 17.15 47.84
C VAL B 1128 62.20 16.24 47.77
N VAL B 1129 62.37 14.94 48.02
CA VAL B 1129 61.24 14.01 48.02
C VAL B 1129 60.56 14.16 49.38
N ILE B 1130 59.27 13.85 49.45
CA ILE B 1130 58.52 13.84 50.71
C ILE B 1130 58.16 12.40 51.06
N GLY B 1131 58.46 12.00 52.30
CA GLY B 1131 58.08 10.70 52.80
C GLY B 1131 59.18 9.67 52.90
N ILE B 1132 60.44 10.08 53.06
CA ILE B 1132 61.52 9.09 52.98
C ILE B 1132 61.71 8.50 54.37
N VAL B 1133 61.78 7.17 54.45
CA VAL B 1133 61.99 6.47 55.70
C VAL B 1133 63.29 5.67 55.58
N ASN B 1134 64.11 5.71 56.64
CA ASN B 1134 65.42 5.07 56.66
C ASN B 1134 65.32 3.55 56.68
N ASN B 1135 66.25 2.90 55.97
CA ASN B 1135 66.58 1.50 56.16
C ASN B 1135 68.05 1.33 55.72
N THR B 1136 68.68 0.26 56.17
CA THR B 1136 70.00 -0.13 55.69
C THR B 1136 69.83 -0.91 54.38
N VAL B 1137 70.63 -0.54 53.39
CA VAL B 1137 70.58 -1.14 52.07
C VAL B 1137 71.79 -2.06 51.94
N TYR B 1138 71.54 -3.36 51.83
CA TYR B 1138 72.60 -4.35 51.94
C TYR B 1138 73.38 -4.48 50.64
N ASP B 1139 74.72 -4.48 50.75
CA ASP B 1139 75.64 -4.68 49.65
C ASP B 1139 76.15 -6.12 49.65
N PRO B 1140 75.93 -6.89 48.58
CA PRO B 1140 76.20 -8.34 48.65
C PRO B 1140 77.61 -8.79 48.30
N LEU B 1141 78.60 -7.90 48.37
CA LEU B 1141 79.95 -8.31 47.98
C LEU B 1141 80.97 -8.26 49.11
N GLN B 1142 80.63 -7.68 50.25
CA GLN B 1142 81.61 -7.46 51.31
C GLN B 1142 82.08 -8.70 52.09
N PRO B 1143 81.20 -9.75 52.44
CA PRO B 1143 81.77 -10.97 53.04
C PRO B 1143 82.77 -11.73 52.18
N GLU B 1144 82.55 -11.75 50.86
CA GLU B 1144 83.50 -12.37 49.95
C GLU B 1144 84.81 -11.61 49.85
N LEU B 1145 84.77 -10.28 49.99
CA LEU B 1145 85.99 -9.49 50.05
C LEU B 1145 86.74 -9.69 51.37
N ASP B 1146 86.02 -9.77 52.48
CA ASP B 1146 86.65 -9.69 53.79
C ASP B 1146 86.99 -11.04 54.41
N SER B 1147 86.02 -11.95 54.52
CA SER B 1147 86.20 -13.13 55.36
C SER B 1147 87.03 -14.22 54.68
N PHE B 1148 87.22 -14.15 53.37
CA PHE B 1148 87.95 -15.19 52.64
C PHE B 1148 89.25 -14.69 52.05
N LYS B 1149 89.21 -13.64 51.24
CA LYS B 1149 90.42 -13.13 50.60
C LYS B 1149 90.75 -11.72 51.08
N ALA C 27 6.61 61.87 -6.82
CA ALA C 27 7.63 61.78 -5.78
C ALA C 27 7.69 60.39 -5.19
N TYR C 28 8.88 59.97 -4.77
CA TYR C 28 9.08 58.65 -4.20
C TYR C 28 9.98 58.76 -2.98
N THR C 29 9.76 57.88 -2.02
CA THR C 29 10.61 57.83 -0.83
C THR C 29 10.68 56.38 -0.34
N ASN C 30 11.55 56.17 0.63
CA ASN C 30 11.92 54.83 1.06
C ASN C 30 10.89 54.25 2.03
N SER C 31 10.57 52.97 1.84
CA SER C 31 9.64 52.25 2.70
C SER C 31 10.46 51.40 3.67
N PHE C 32 11.01 52.07 4.69
CA PHE C 32 12.14 51.61 5.52
C PHE C 32 11.93 50.28 6.22
N THR C 33 10.99 50.21 7.16
CA THR C 33 10.50 48.93 7.67
C THR C 33 9.02 49.16 7.98
N ARG C 34 8.16 48.93 6.99
CA ARG C 34 6.75 49.26 7.10
C ARG C 34 5.94 48.17 6.41
N GLY C 35 4.63 48.24 6.58
CA GLY C 35 3.72 47.34 5.90
C GLY C 35 3.49 46.02 6.58
N VAL C 36 4.11 45.78 7.73
CA VAL C 36 3.91 44.54 8.46
C VAL C 36 2.56 44.58 9.16
N TYR C 37 1.89 43.43 9.22
CA TYR C 37 0.58 43.32 9.83
C TYR C 37 0.38 41.89 10.27
N TYR C 38 -0.59 41.69 11.16
CA TYR C 38 -0.96 40.36 11.58
C TYR C 38 -1.78 39.71 10.47
N PRO C 39 -1.33 38.61 9.89
CA PRO C 39 -2.09 38.00 8.79
C PRO C 39 -3.26 37.16 9.25
N ASP C 40 -3.39 36.89 10.54
CA ASP C 40 -4.46 36.06 11.08
C ASP C 40 -4.74 36.45 12.52
N LYS C 41 -5.85 35.97 13.04
CA LYS C 41 -6.23 36.20 14.44
C LYS C 41 -5.70 35.09 15.34
N VAL C 42 -4.39 34.91 15.32
CA VAL C 42 -3.70 33.82 16.00
C VAL C 42 -2.67 34.39 16.95
N PHE C 43 -2.76 34.02 18.23
CA PHE C 43 -1.76 34.43 19.20
C PHE C 43 -0.58 33.46 19.12
N ARG C 44 0.63 34.02 19.17
CA ARG C 44 1.84 33.22 19.19
C ARG C 44 2.84 33.87 20.13
N SER C 45 3.50 33.07 20.95
CA SER C 45 4.37 33.57 22.01
C SER C 45 5.79 33.08 21.81
N SER C 46 6.72 34.03 21.62
CA SER C 46 8.17 33.85 21.61
C SER C 46 8.64 32.86 20.54
N VAL C 47 7.98 32.90 19.38
CA VAL C 47 8.28 31.99 18.29
C VAL C 47 8.49 32.82 17.03
N LEU C 48 9.45 32.40 16.21
CA LEU C 48 9.76 33.08 14.96
C LEU C 48 8.97 32.43 13.82
N HIS C 49 7.69 32.79 13.77
CA HIS C 49 6.81 32.27 12.73
C HIS C 49 7.11 32.91 11.39
N SER C 50 7.07 32.07 10.34
CA SER C 50 7.28 32.55 8.98
C SER C 50 6.11 32.12 8.10
N THR C 51 5.68 33.04 7.25
CA THR C 51 4.55 32.80 6.37
C THR C 51 4.68 33.68 5.15
N GLN C 52 3.90 33.34 4.12
CA GLN C 52 3.80 34.20 2.94
C GLN C 52 2.35 34.62 2.73
N ASP C 53 2.18 35.91 2.45
CA ASP C 53 0.88 36.55 2.30
C ASP C 53 1.20 37.84 1.53
N LEU C 54 0.17 38.60 1.15
CA LEU C 54 0.35 39.85 0.41
C LEU C 54 0.94 40.90 1.35
N PHE C 55 2.25 41.10 1.25
CA PHE C 55 2.99 41.98 2.14
C PHE C 55 3.59 43.12 1.35
N LEU C 56 3.82 44.24 2.03
CA LEU C 56 4.60 45.31 1.44
C LEU C 56 6.08 44.91 1.45
N PRO C 57 6.78 44.99 0.33
CA PRO C 57 8.21 44.65 0.32
C PRO C 57 9.03 45.70 1.07
N PHE C 58 10.09 45.24 1.71
CA PHE C 58 10.93 46.12 2.51
C PHE C 58 11.82 46.95 1.61
N PHE C 59 12.04 48.20 2.04
CA PHE C 59 12.81 49.24 1.32
C PHE C 59 12.27 49.46 -0.10
N SER C 60 10.96 49.56 -0.21
CA SER C 60 10.29 49.80 -1.48
C SER C 60 10.08 51.30 -1.70
N ASN C 61 9.49 51.64 -2.84
CA ASN C 61 9.27 53.02 -3.23
C ASN C 61 7.77 53.29 -3.29
N VAL C 62 7.24 53.96 -2.28
CA VAL C 62 5.85 54.40 -2.27
C VAL C 62 5.71 55.61 -3.17
N THR C 63 4.56 55.71 -3.83
CA THR C 63 4.24 56.89 -4.61
C THR C 63 3.82 58.01 -3.67
N TRP C 64 4.75 58.89 -3.32
CA TRP C 64 4.45 59.97 -2.39
C TRP C 64 3.66 61.07 -3.09
N PHE C 65 2.53 61.43 -2.50
CA PHE C 65 1.70 62.53 -2.99
C PHE C 65 1.76 63.68 -1.99
N HIS C 66 1.69 64.90 -2.51
CA HIS C 66 1.69 66.11 -1.70
C HIS C 66 0.59 67.02 -2.21
N ALA C 67 -0.61 66.84 -1.68
CA ALA C 67 -1.77 67.61 -2.12
C ALA C 67 -2.39 68.41 -0.98
N PRO C 82 -6.53 62.22 -8.50
CA PRO C 82 -5.45 61.24 -8.52
C PRO C 82 -5.96 59.80 -8.41
N VAL C 83 -6.50 59.28 -9.51
CA VAL C 83 -6.99 57.90 -9.53
C VAL C 83 -5.82 56.95 -9.53
N LEU C 84 -5.85 55.97 -8.62
CA LEU C 84 -4.76 55.03 -8.45
C LEU C 84 -5.28 53.62 -8.68
N PRO C 85 -4.57 52.79 -9.44
CA PRO C 85 -4.99 51.39 -9.61
C PRO C 85 -4.88 50.60 -8.32
N PHE C 86 -5.77 49.62 -8.20
CA PHE C 86 -5.78 48.65 -7.11
C PHE C 86 -5.27 47.34 -7.70
N ASN C 87 -3.95 47.16 -7.65
CA ASN C 87 -3.32 46.02 -8.31
C ASN C 87 -3.55 44.75 -7.50
N ASP C 88 -3.00 44.69 -6.29
CA ASP C 88 -3.28 43.58 -5.39
C ASP C 88 -3.49 44.00 -3.96
N GLY C 89 -3.23 45.25 -3.59
CA GLY C 89 -3.42 45.70 -2.22
C GLY C 89 -2.63 46.97 -2.01
N VAL C 90 -3.24 47.90 -1.27
CA VAL C 90 -2.73 49.25 -1.14
C VAL C 90 -2.35 49.51 0.32
N TYR C 91 -1.10 49.88 0.54
CA TYR C 91 -0.65 50.35 1.84
C TYR C 91 -0.79 51.87 1.89
N PHE C 92 -1.44 52.38 2.93
CA PHE C 92 -1.80 53.78 3.04
C PHE C 92 -1.23 54.33 4.34
N ALA C 93 -0.42 55.38 4.24
CA ALA C 93 0.33 55.86 5.40
C ALA C 93 0.19 57.38 5.53
N SER C 94 -1.04 57.87 5.50
CA SER C 94 -1.29 59.30 5.61
C SER C 94 -1.07 59.80 7.03
N THR C 95 -0.53 61.01 7.15
CA THR C 95 -0.51 61.75 8.40
C THR C 95 -0.96 63.19 8.15
N GLU C 96 -1.85 63.67 9.02
CA GLU C 96 -2.31 65.05 8.97
C GLU C 96 -2.81 65.42 10.36
N LYS C 97 -2.60 66.69 10.73
CA LYS C 97 -3.00 67.18 12.04
C LYS C 97 -4.52 67.26 12.18
N SER C 98 -5.22 67.59 11.10
CA SER C 98 -6.66 67.71 11.12
C SER C 98 -7.38 66.66 10.29
N ASN C 99 -6.68 66.02 9.33
CA ASN C 99 -7.15 64.91 8.49
C ASN C 99 -8.39 65.29 7.67
N ILE C 100 -8.18 66.23 6.74
CA ILE C 100 -9.23 66.62 5.81
C ILE C 100 -9.51 65.48 4.83
N ILE C 101 -8.50 64.66 4.51
CA ILE C 101 -8.75 63.43 3.80
C ILE C 101 -9.39 62.42 4.75
N ARG C 102 -10.52 61.86 4.33
CA ARG C 102 -11.27 60.96 5.19
C ARG C 102 -11.76 59.70 4.47
N GLY C 103 -11.92 59.72 3.16
CA GLY C 103 -12.59 58.63 2.48
C GLY C 103 -11.88 58.23 1.21
N TRP C 104 -12.13 57.00 0.79
CA TRP C 104 -11.57 56.46 -0.43
C TRP C 104 -12.57 55.52 -1.10
N ILE C 105 -12.96 55.86 -2.31
CA ILE C 105 -14.00 55.12 -3.03
C ILE C 105 -13.36 53.98 -3.80
N PHE C 106 -13.78 52.76 -3.49
CA PHE C 106 -13.34 51.57 -4.18
C PHE C 106 -14.38 51.16 -5.20
N GLY C 107 -13.94 50.63 -6.34
CA GLY C 107 -14.88 50.18 -7.34
C GLY C 107 -14.17 49.82 -8.64
N THR C 108 -14.97 49.71 -9.69
CA THR C 108 -14.48 49.35 -11.02
C THR C 108 -14.43 50.51 -11.98
N THR C 109 -15.52 51.26 -12.14
CA THR C 109 -15.58 52.40 -13.03
C THR C 109 -15.69 53.74 -12.34
N LEU C 110 -15.94 53.75 -11.01
CA LEU C 110 -16.20 54.93 -10.17
C LEU C 110 -17.33 55.81 -10.70
N ASP C 111 -18.37 55.18 -11.24
CA ASP C 111 -19.51 55.91 -11.80
C ASP C 111 -20.77 55.10 -11.53
N SER C 112 -21.86 55.47 -12.21
CA SER C 112 -23.13 54.77 -12.08
C SER C 112 -23.20 53.59 -13.04
N LYS C 113 -22.37 52.59 -12.78
CA LYS C 113 -22.27 51.42 -13.63
C LYS C 113 -21.79 50.20 -12.85
N SER C 116 -17.80 49.00 -5.96
CA SER C 116 -18.70 50.13 -5.79
C SER C 116 -18.75 50.57 -4.34
N LEU C 117 -17.63 50.41 -3.64
CA LEU C 117 -17.59 50.70 -2.21
C LEU C 117 -17.44 52.19 -1.98
N LEU C 118 -18.10 52.68 -0.94
CA LEU C 118 -18.01 54.09 -0.53
C LEU C 118 -17.65 54.08 0.95
N ILE C 119 -16.36 53.99 1.25
CA ILE C 119 -15.88 54.01 2.63
C ILE C 119 -15.55 55.46 2.97
N VAL C 120 -16.41 56.10 3.77
CA VAL C 120 -16.31 57.53 4.05
C VAL C 120 -16.34 57.72 5.57
N ASN C 121 -15.31 58.40 6.09
CA ASN C 121 -15.27 58.80 7.49
C ASN C 121 -16.02 60.13 7.67
N ASN C 122 -16.52 60.35 8.88
CA ASN C 122 -17.17 61.62 9.22
C ASN C 122 -16.73 61.99 10.64
N ALA C 123 -17.50 62.88 11.28
CA ALA C 123 -17.12 63.43 12.57
C ALA C 123 -17.23 62.41 13.69
N THR C 124 -18.25 61.55 13.65
CA THR C 124 -18.46 60.60 14.74
C THR C 124 -18.61 59.16 14.28
N ASN C 125 -18.84 58.90 13.00
CA ASN C 125 -19.03 57.55 12.49
C ASN C 125 -18.16 57.36 11.26
N VAL C 126 -18.22 56.16 10.69
CA VAL C 126 -17.69 55.85 9.36
C VAL C 126 -18.82 55.25 8.54
N VAL C 127 -18.91 55.66 7.28
CA VAL C 127 -19.98 55.22 6.39
C VAL C 127 -19.41 54.24 5.38
N ILE C 128 -19.99 53.05 5.30
CA ILE C 128 -19.60 52.04 4.31
C ILE C 128 -20.86 51.59 3.59
N LYS C 129 -20.87 51.69 2.26
CA LYS C 129 -21.97 51.19 1.47
C LYS C 129 -21.44 50.71 0.13
N VAL C 130 -22.18 49.79 -0.48
CA VAL C 130 -21.86 49.27 -1.81
C VAL C 130 -22.98 49.70 -2.77
N CYS C 131 -22.83 50.91 -3.32
CA CYS C 131 -23.82 51.46 -4.24
C CYS C 131 -23.09 52.17 -5.37
N GLU C 132 -23.74 52.27 -6.52
CA GLU C 132 -23.15 52.97 -7.64
C GLU C 132 -23.39 54.47 -7.50
N PHE C 133 -22.32 55.22 -7.24
CA PHE C 133 -22.43 56.64 -6.97
C PHE C 133 -21.66 57.41 -8.04
N GLN C 134 -21.82 58.73 -8.04
CA GLN C 134 -21.21 59.58 -9.05
C GLN C 134 -20.37 60.65 -8.37
N PHE C 135 -19.18 60.89 -8.92
CA PHE C 135 -18.31 61.96 -8.48
C PHE C 135 -18.22 63.01 -9.58
N CYS C 136 -17.87 64.23 -9.19
CA CYS C 136 -17.83 65.35 -10.11
C CYS C 136 -16.50 65.37 -10.87
N ASN C 137 -16.30 66.45 -11.66
CA ASN C 137 -15.03 66.65 -12.34
C ASN C 137 -13.93 66.99 -11.34
N ASP C 138 -14.26 67.72 -10.28
CA ASP C 138 -13.34 67.99 -9.18
C ASP C 138 -14.04 67.59 -7.88
N PRO C 139 -13.94 66.32 -7.49
CA PRO C 139 -14.69 65.84 -6.31
C PRO C 139 -14.07 66.32 -5.01
N PHE C 140 -14.93 66.79 -4.11
CA PHE C 140 -14.51 67.38 -2.85
C PHE C 140 -15.66 67.28 -1.85
N LEU C 141 -15.31 67.19 -0.58
CA LEU C 141 -16.28 67.14 0.51
C LEU C 141 -16.43 68.53 1.10
N GLY C 142 -17.68 68.94 1.34
CA GLY C 142 -17.98 70.23 1.93
C GLY C 142 -17.53 70.36 3.38
N VAL C 143 -16.76 71.41 3.66
CA VAL C 143 -16.22 71.63 4.99
C VAL C 143 -17.30 72.17 5.92
N THR C 167 -25.00 48.46 1.33
CA THR C 167 -25.75 47.48 2.11
C THR C 167 -25.03 47.21 3.44
N PHE C 168 -24.46 48.25 4.01
CA PHE C 168 -23.68 48.15 5.23
C PHE C 168 -23.83 49.44 6.03
N GLU C 169 -23.44 49.37 7.31
CA GLU C 169 -23.27 50.54 8.17
C GLU C 169 -22.28 50.16 9.26
N TYR C 170 -21.58 51.16 9.79
CA TYR C 170 -20.64 50.94 10.87
C TYR C 170 -20.56 52.21 11.72
N VAL C 171 -20.06 52.06 12.94
CA VAL C 171 -19.76 53.18 13.82
C VAL C 171 -18.33 53.01 14.33
N SER C 172 -17.49 54.01 14.09
CA SER C 172 -16.10 53.98 14.56
C SER C 172 -16.02 54.15 16.07
N PHE C 186 3.82 64.55 11.61
CA PHE C 186 2.91 65.13 12.58
C PHE C 186 2.72 64.19 13.77
N LYS C 187 1.74 64.48 14.64
CA LYS C 187 1.60 63.73 15.88
C LYS C 187 1.04 62.33 15.63
N ASN C 188 0.00 62.21 14.82
CA ASN C 188 -0.61 60.93 14.52
C ASN C 188 -0.34 60.53 13.08
N LEU C 189 -0.04 59.25 12.88
CA LEU C 189 0.25 58.73 11.55
C LEU C 189 -0.67 57.52 11.35
N ARG C 190 -1.83 57.77 10.77
CA ARG C 190 -2.85 56.73 10.62
C ARG C 190 -2.46 55.84 9.46
N GLU C 191 -1.70 54.78 9.76
CA GLU C 191 -1.31 53.83 8.75
C GLU C 191 -2.46 52.89 8.43
N PHE C 192 -2.56 52.47 7.17
CA PHE C 192 -3.58 51.54 6.74
C PHE C 192 -2.99 50.62 5.68
N VAL C 193 -3.51 49.39 5.63
CA VAL C 193 -3.23 48.52 4.49
C VAL C 193 -4.50 47.74 4.14
N PHE C 194 -4.81 47.69 2.85
CA PHE C 194 -6.10 47.20 2.37
C PHE C 194 -5.85 45.97 1.52
N LYS C 195 -6.73 44.98 1.64
CA LYS C 195 -6.57 43.74 0.89
C LYS C 195 -7.94 43.20 0.51
N ASN C 196 -8.08 42.81 -0.76
CA ASN C 196 -9.32 42.23 -1.28
C ASN C 196 -9.00 40.87 -1.85
N ILE C 197 -9.17 39.82 -1.04
CA ILE C 197 -8.90 38.47 -1.50
C ILE C 197 -10.06 37.58 -1.05
N ASP C 198 -10.41 36.63 -1.94
CA ASP C 198 -11.44 35.58 -1.74
C ASP C 198 -12.83 36.20 -1.51
N GLY C 199 -13.05 37.35 -2.14
CA GLY C 199 -14.28 38.11 -1.94
C GLY C 199 -14.29 39.01 -0.73
N TYR C 200 -13.37 38.85 0.21
CA TYR C 200 -13.39 39.55 1.49
C TYR C 200 -12.50 40.79 1.42
N PHE C 201 -12.99 41.89 1.98
CA PHE C 201 -12.24 43.15 2.03
C PHE C 201 -11.95 43.50 3.48
N LYS C 202 -10.68 43.77 3.79
CA LYS C 202 -10.26 43.92 5.16
C LYS C 202 -9.33 45.13 5.30
N ILE C 203 -9.39 45.74 6.49
CA ILE C 203 -8.67 46.98 6.77
C ILE C 203 -7.89 46.81 8.07
N TYR C 204 -6.59 47.06 8.00
CA TYR C 204 -5.69 47.04 9.15
C TYR C 204 -5.31 48.48 9.48
N SER C 205 -4.95 48.73 10.73
CA SER C 205 -4.61 50.10 11.13
C SER C 205 -3.62 50.10 12.28
N LYS C 206 -2.95 51.25 12.44
CA LYS C 206 -2.01 51.52 13.51
C LYS C 206 -1.98 53.05 13.62
N HIS C 207 -1.44 53.57 14.73
CA HIS C 207 -1.54 55.01 15.01
C HIS C 207 -0.22 55.78 14.99
N THR C 208 0.92 55.19 15.44
CA THR C 208 2.30 55.70 15.35
C THR C 208 2.45 57.10 15.96
N PRO C 209 2.51 57.23 17.29
CA PRO C 209 2.37 58.56 17.92
C PRO C 209 3.60 59.46 17.84
N ILE C 210 4.67 59.08 17.16
CA ILE C 210 5.88 59.89 17.12
C ILE C 210 5.72 60.98 16.07
N ASN C 211 6.62 61.97 16.13
CA ASN C 211 6.55 63.16 15.29
C ASN C 211 7.73 63.21 14.33
N LEU C 212 7.44 63.25 13.03
CA LEU C 212 8.46 63.43 12.00
C LEU C 212 7.78 64.04 10.79
N VAL C 213 8.07 65.32 10.51
CA VAL C 213 7.35 66.02 9.45
C VAL C 213 8.01 65.84 8.10
N ARG C 214 9.20 65.23 8.04
CA ARG C 214 9.88 65.04 6.76
C ARG C 214 9.26 63.90 5.97
N ASP C 215 9.30 62.69 6.51
CA ASP C 215 8.78 61.52 5.82
C ASP C 215 8.33 60.51 6.87
N LEU C 216 7.95 59.32 6.40
CA LEU C 216 7.58 58.25 7.31
C LEU C 216 8.84 57.67 7.96
N PRO C 217 8.81 57.34 9.25
CA PRO C 217 10.03 56.99 9.96
C PRO C 217 10.49 55.57 9.69
N GLN C 218 11.61 55.22 10.30
CA GLN C 218 12.24 53.92 10.12
C GLN C 218 11.99 52.96 11.29
N GLY C 219 10.98 53.23 12.11
CA GLY C 219 10.67 52.36 13.21
C GLY C 219 9.85 51.17 12.77
N PHE C 220 9.40 50.40 13.77
CA PHE C 220 8.63 49.19 13.53
C PHE C 220 7.26 49.33 14.16
N SER C 221 6.22 48.99 13.39
CA SER C 221 4.86 48.98 13.90
C SER C 221 4.04 48.00 13.08
N ALA C 222 3.44 47.03 13.76
CA ALA C 222 2.59 46.03 13.13
C ALA C 222 1.15 46.49 13.15
N LEU C 223 0.43 46.27 12.06
CA LEU C 223 -0.93 46.77 11.92
C LEU C 223 -1.95 45.71 12.30
N GLU C 224 -2.90 46.08 13.17
CA GLU C 224 -4.00 45.31 13.72
C GLU C 224 -5.27 45.51 12.88
N PRO C 225 -6.03 44.45 12.62
CA PRO C 225 -7.19 44.55 11.73
C PRO C 225 -8.36 45.29 12.37
N LEU C 226 -9.23 45.81 11.52
CA LEU C 226 -10.42 46.48 12.03
C LEU C 226 -11.70 45.76 11.67
N VAL C 227 -12.00 45.58 10.39
CA VAL C 227 -13.25 44.95 9.94
C VAL C 227 -12.91 43.94 8.87
N ASP C 228 -13.91 43.15 8.48
CA ASP C 228 -13.83 42.29 7.30
C ASP C 228 -15.20 42.26 6.66
N LEU C 229 -15.22 42.26 5.33
CA LEU C 229 -16.49 42.36 4.62
C LEU C 229 -16.45 41.60 3.29
N PRO C 230 -17.32 40.61 3.09
CA PRO C 230 -17.42 39.98 1.77
C PRO C 230 -18.20 40.86 0.79
N ILE C 231 -17.62 41.09 -0.39
CA ILE C 231 -18.24 41.97 -1.37
C ILE C 231 -18.48 41.28 -2.71
N GLY C 232 -17.63 40.31 -3.06
CA GLY C 232 -17.65 39.68 -4.38
C GLY C 232 -17.42 40.62 -5.55
N ILE C 233 -16.56 41.63 -5.37
CA ILE C 233 -16.41 42.72 -6.34
C ILE C 233 -14.99 42.71 -6.86
N ASN C 234 -14.85 42.65 -8.19
CA ASN C 234 -13.54 42.71 -8.85
C ASN C 234 -13.07 44.15 -8.93
N ILE C 235 -12.46 44.62 -7.84
CA ILE C 235 -12.00 45.99 -7.75
C ILE C 235 -10.73 46.16 -8.58
N THR C 236 -10.75 47.13 -9.49
CA THR C 236 -9.61 47.44 -10.34
C THR C 236 -8.83 48.67 -9.90
N ARG C 237 -9.52 49.70 -9.42
CA ARG C 237 -8.83 50.93 -9.03
C ARG C 237 -9.60 51.57 -7.87
N PHE C 238 -9.04 52.66 -7.35
CA PHE C 238 -9.66 53.40 -6.26
C PHE C 238 -9.22 54.85 -6.35
N GLN C 239 -9.82 55.67 -5.49
CA GLN C 239 -9.53 57.10 -5.43
C GLN C 239 -9.87 57.61 -4.03
N THR C 240 -8.88 58.20 -3.37
CA THR C 240 -9.10 58.84 -2.08
C THR C 240 -9.71 60.22 -2.27
N LEU C 241 -10.41 60.70 -1.24
CA LEU C 241 -11.08 61.99 -1.30
C LEU C 241 -10.79 62.79 -0.05
N LEU C 242 -10.92 64.11 -0.16
CA LEU C 242 -10.70 65.01 0.96
C LEU C 242 -12.02 65.56 1.48
N ALA C 263 -0.81 66.88 5.21
CA ALA C 263 -1.42 67.08 3.90
C ALA C 263 -0.71 66.23 2.86
N ALA C 264 -0.27 65.04 3.27
CA ALA C 264 0.43 64.12 2.39
C ALA C 264 0.00 62.68 2.72
N TYR C 265 -0.14 61.86 1.69
CA TYR C 265 -0.48 60.46 1.88
C TYR C 265 0.43 59.60 1.02
N TYR C 266 0.78 58.43 1.56
CA TYR C 266 1.78 57.55 0.98
C TYR C 266 1.12 56.27 0.51
N VAL C 267 1.28 55.95 -0.77
CA VAL C 267 0.60 54.82 -1.39
C VAL C 267 1.63 53.82 -1.87
N GLY C 268 1.53 52.58 -1.38
CA GLY C 268 2.40 51.51 -1.81
C GLY C 268 1.63 50.26 -2.17
N TYR C 269 2.12 49.49 -3.13
CA TYR C 269 1.39 48.34 -3.62
C TYR C 269 1.98 47.04 -3.06
N LEU C 270 1.09 46.16 -2.61
CA LEU C 270 1.51 44.88 -2.06
C LEU C 270 1.90 43.92 -3.18
N GLN C 271 2.62 42.87 -2.80
CA GLN C 271 3.01 41.79 -3.70
C GLN C 271 3.23 40.55 -2.85
N PRO C 272 3.05 39.33 -3.42
CA PRO C 272 3.21 38.11 -2.60
C PRO C 272 4.65 37.81 -2.23
N ARG C 273 4.99 38.04 -0.96
CA ARG C 273 6.34 37.86 -0.46
C ARG C 273 6.30 37.01 0.79
N THR C 274 7.38 36.27 1.02
CA THR C 274 7.54 35.47 2.22
C THR C 274 8.15 36.33 3.31
N PHE C 275 7.56 36.31 4.50
CA PHE C 275 8.06 37.04 5.64
C PHE C 275 8.38 36.08 6.77
N LEU C 276 9.16 36.55 7.74
CA LEU C 276 9.45 35.82 8.96
C LEU C 276 9.26 36.77 10.13
N LEU C 277 8.21 36.55 10.90
CA LEU C 277 7.79 37.48 11.94
C LEU C 277 8.35 37.07 13.29
N LYS C 278 8.66 38.06 14.12
CA LYS C 278 9.18 37.82 15.47
C LYS C 278 8.07 38.16 16.47
N TYR C 279 7.48 37.12 17.05
CA TYR C 279 6.52 37.32 18.12
C TYR C 279 7.24 37.36 19.47
N ASN C 280 6.81 38.25 20.34
CA ASN C 280 7.39 38.34 21.67
C ASN C 280 6.59 37.49 22.65
N GLU C 281 6.80 37.73 23.95
CA GLU C 281 6.07 37.01 24.99
C GLU C 281 4.60 37.44 25.02
N ASN C 282 4.34 38.72 24.80
CA ASN C 282 2.96 39.21 24.79
C ASN C 282 2.23 38.93 23.49
N GLY C 283 2.93 38.52 22.44
CA GLY C 283 2.30 38.20 21.18
C GLY C 283 2.32 39.30 20.14
N THR C 284 3.02 40.40 20.37
CA THR C 284 3.13 41.48 19.41
C THR C 284 4.28 41.20 18.47
N ILE C 285 4.10 41.56 17.20
CA ILE C 285 5.19 41.44 16.24
C ILE C 285 6.18 42.57 16.48
N THR C 286 7.40 42.22 16.86
CA THR C 286 8.42 43.20 17.18
C THR C 286 9.46 43.39 16.09
N ASP C 287 9.67 42.38 15.25
CA ASP C 287 10.60 42.47 14.13
C ASP C 287 10.12 41.56 13.02
N ALA C 288 10.57 41.85 11.80
CA ALA C 288 10.19 41.03 10.66
C ALA C 288 11.31 41.05 9.64
N VAL C 289 11.37 39.99 8.84
CA VAL C 289 12.41 39.81 7.83
C VAL C 289 11.73 39.54 6.50
N ASP C 290 12.02 40.38 5.51
CA ASP C 290 11.57 40.14 4.13
C ASP C 290 12.54 39.14 3.52
N CYS C 291 12.01 37.99 3.10
CA CYS C 291 12.89 36.88 2.73
C CYS C 291 13.51 37.06 1.35
N ALA C 292 13.01 37.98 0.55
CA ALA C 292 13.55 38.20 -0.79
C ALA C 292 14.25 39.55 -0.94
N LEU C 293 14.66 40.16 0.18
CA LEU C 293 15.28 41.48 0.10
C LEU C 293 16.74 41.39 -0.31
N ASP C 294 17.55 40.77 0.53
CA ASP C 294 18.98 40.61 0.28
C ASP C 294 19.39 39.21 0.72
N PRO C 295 20.51 38.67 0.19
CA PRO C 295 20.91 37.29 0.55
C PRO C 295 21.29 37.05 2.01
N LEU C 296 21.51 38.10 2.80
CA LEU C 296 21.54 37.93 4.25
C LEU C 296 20.18 37.49 4.77
N SER C 297 19.10 38.06 4.24
CA SER C 297 17.77 37.74 4.74
C SER C 297 17.26 36.43 4.18
N GLU C 298 17.86 35.92 3.10
CA GLU C 298 17.53 34.58 2.62
C GLU C 298 18.10 33.53 3.57
N THR C 299 19.21 33.86 4.24
CA THR C 299 19.78 32.96 5.23
C THR C 299 18.91 32.91 6.49
N LYS C 300 18.33 34.06 6.85
CA LYS C 300 17.55 34.16 8.09
C LYS C 300 16.23 33.41 7.98
N CYS C 301 15.61 33.42 6.80
CA CYS C 301 14.39 32.65 6.60
C CYS C 301 14.67 31.17 6.45
N THR C 302 15.88 30.81 5.98
CA THR C 302 16.26 29.42 5.89
C THR C 302 16.50 28.82 7.27
N LEU C 303 17.27 29.52 8.10
CA LEU C 303 17.62 29.03 9.42
C LEU C 303 16.53 29.25 10.46
N LYS C 304 15.46 29.98 10.11
CA LYS C 304 14.37 30.43 10.97
C LYS C 304 14.86 31.18 12.19
N SER C 305 15.88 32.02 12.05
CA SER C 305 16.50 32.71 13.17
C SER C 305 16.86 34.14 12.78
N PHE C 306 16.92 35.02 13.78
CA PHE C 306 17.37 36.38 13.56
C PHE C 306 18.88 36.52 13.72
N THR C 307 19.48 35.74 14.60
CA THR C 307 20.93 35.73 14.77
C THR C 307 21.50 34.57 13.97
N VAL C 308 22.31 34.89 12.97
CA VAL C 308 22.92 33.90 12.10
C VAL C 308 24.40 33.83 12.44
N GLU C 309 24.87 32.64 12.80
CA GLU C 309 26.26 32.45 13.19
C GLU C 309 27.16 32.44 11.97
N LYS C 310 28.47 32.42 12.24
CA LYS C 310 29.46 32.47 11.18
C LYS C 310 29.57 31.12 10.47
N GLY C 311 29.43 31.15 9.15
CA GLY C 311 29.52 29.93 8.36
C GLY C 311 28.86 30.12 7.02
N ILE C 312 28.86 29.04 6.25
CA ILE C 312 28.26 29.01 4.92
C ILE C 312 26.91 28.29 5.02
N TYR C 313 25.90 28.87 4.38
CA TYR C 313 24.54 28.35 4.45
C TYR C 313 23.92 28.34 3.08
N GLN C 314 23.43 27.18 2.66
CA GLN C 314 22.75 27.05 1.38
C GLN C 314 21.33 27.53 1.51
N THR C 315 20.94 28.49 0.69
CA THR C 315 19.61 29.10 0.82
C THR C 315 18.68 28.74 -0.33
N SER C 316 19.09 29.01 -1.57
CA SER C 316 18.17 28.84 -2.69
C SER C 316 18.91 28.20 -3.86
N ASN C 317 18.17 27.95 -4.92
CA ASN C 317 18.71 27.46 -6.19
C ASN C 317 18.26 28.41 -7.28
N PHE C 318 19.20 28.84 -8.13
CA PHE C 318 18.86 29.78 -9.18
C PHE C 318 18.81 29.03 -10.50
N ARG C 319 18.06 29.58 -11.44
CA ARG C 319 18.08 29.10 -12.82
C ARG C 319 18.23 30.28 -13.74
N VAL C 320 19.02 30.12 -14.80
CA VAL C 320 19.03 31.10 -15.87
C VAL C 320 17.71 30.99 -16.61
N GLN C 321 16.88 32.04 -16.51
CA GLN C 321 15.53 31.98 -17.04
C GLN C 321 15.56 32.11 -18.56
N PRO C 322 14.61 31.47 -19.25
CA PRO C 322 14.58 31.55 -20.72
C PRO C 322 14.15 32.93 -21.19
N THR C 323 14.89 33.45 -22.18
CA THR C 323 14.62 34.79 -22.69
C THR C 323 13.59 34.76 -23.81
N GLU C 324 13.71 33.81 -24.72
CA GLU C 324 12.84 33.74 -25.89
C GLU C 324 12.18 32.38 -25.95
N SER C 325 11.04 32.33 -26.64
CA SER C 325 10.33 31.08 -26.91
C SER C 325 10.34 30.84 -28.41
N ILE C 326 11.07 29.81 -28.84
CA ILE C 326 11.17 29.47 -30.25
C ILE C 326 10.26 28.28 -30.53
N VAL C 327 9.64 28.29 -31.70
CA VAL C 327 8.78 27.22 -32.19
C VAL C 327 9.25 26.88 -33.60
N ARG C 328 9.59 25.62 -33.84
CA ARG C 328 9.89 25.16 -35.19
C ARG C 328 8.87 24.11 -35.59
N PHE C 329 8.13 24.39 -36.65
CA PHE C 329 7.22 23.45 -37.27
C PHE C 329 7.56 23.39 -38.75
N PRO C 330 7.48 22.20 -39.38
CA PRO C 330 7.98 22.05 -40.75
C PRO C 330 7.10 22.74 -41.77
N ASN C 331 7.71 23.08 -42.91
CA ASN C 331 7.05 23.91 -43.93
C ASN C 331 6.07 23.07 -44.76
N ILE C 332 4.94 22.78 -44.14
CA ILE C 332 3.80 22.14 -44.79
C ILE C 332 2.61 23.09 -44.68
N THR C 333 1.86 23.23 -45.78
CA THR C 333 0.90 24.32 -45.89
C THR C 333 -0.53 23.92 -46.21
N ASN C 334 -0.78 22.70 -46.68
CA ASN C 334 -2.13 22.30 -47.05
C ASN C 334 -2.98 22.03 -45.83
N LEU C 335 -4.28 22.30 -45.95
CA LEU C 335 -5.22 22.07 -44.87
C LEU C 335 -5.85 20.70 -45.04
N CYS C 336 -6.17 20.06 -43.91
CA CYS C 336 -6.57 18.66 -43.91
C CYS C 336 -7.99 18.49 -44.44
N PRO C 337 -8.29 17.37 -45.13
CA PRO C 337 -9.66 17.17 -45.62
C PRO C 337 -10.67 16.81 -44.54
N PHE C 338 -11.05 17.80 -43.73
CA PHE C 338 -12.03 17.56 -42.69
C PHE C 338 -13.45 17.63 -43.24
N GLY C 339 -13.62 18.16 -44.45
CA GLY C 339 -14.93 18.09 -45.10
C GLY C 339 -15.25 16.70 -45.61
N GLU C 340 -14.22 15.89 -45.84
CA GLU C 340 -14.42 14.52 -46.31
C GLU C 340 -14.81 13.56 -45.19
N VAL C 341 -14.70 13.95 -43.93
CA VAL C 341 -15.00 13.07 -42.80
C VAL C 341 -16.13 13.64 -41.94
N PHE C 342 -16.36 14.95 -42.01
CA PHE C 342 -17.44 15.53 -41.22
C PHE C 342 -18.65 15.86 -42.08
N ASN C 343 -18.43 16.17 -43.35
CA ASN C 343 -19.50 16.43 -44.31
C ASN C 343 -19.59 15.33 -45.36
N ALA C 344 -19.39 14.07 -44.96
CA ALA C 344 -19.42 12.97 -45.89
C ALA C 344 -20.84 12.59 -46.25
N THR C 345 -20.98 11.82 -47.34
CA THR C 345 -22.30 11.46 -47.83
C THR C 345 -22.90 10.31 -47.02
N ARG C 346 -22.16 9.23 -46.84
CA ARG C 346 -22.65 8.06 -46.13
C ARG C 346 -21.62 7.59 -45.12
N PHE C 347 -22.07 7.31 -43.90
CA PHE C 347 -21.25 6.76 -42.84
C PHE C 347 -21.50 5.27 -42.75
N ALA C 348 -20.44 4.48 -42.91
CA ALA C 348 -20.57 3.02 -42.83
C ALA C 348 -20.78 2.59 -41.38
N SER C 349 -21.62 1.59 -41.18
CA SER C 349 -22.03 1.22 -39.82
C SER C 349 -20.95 0.40 -39.12
N VAL C 350 -21.25 0.02 -37.87
CA VAL C 350 -20.22 -0.35 -36.91
C VAL C 350 -19.65 -1.75 -37.11
N TYR C 351 -20.23 -2.59 -37.97
CA TYR C 351 -19.56 -3.86 -38.25
C TYR C 351 -18.40 -3.65 -39.22
N ALA C 352 -18.48 -2.61 -40.04
CA ALA C 352 -17.51 -2.28 -41.08
C ALA C 352 -17.12 -0.82 -40.97
N TRP C 353 -16.68 -0.41 -39.76
CA TRP C 353 -16.34 0.97 -39.44
C TRP C 353 -15.15 1.45 -40.26
N ASN C 354 -15.32 2.61 -40.89
CA ASN C 354 -14.35 3.11 -41.86
C ASN C 354 -13.16 3.69 -41.14
N ARG C 355 -11.96 3.31 -41.58
CA ARG C 355 -10.72 3.95 -41.14
C ARG C 355 -10.16 4.75 -42.30
N LYS C 356 -10.10 6.08 -42.13
CA LYS C 356 -9.62 6.99 -43.15
C LYS C 356 -8.49 7.78 -42.50
N ARG C 357 -7.26 7.43 -42.85
CA ARG C 357 -6.12 8.07 -42.22
C ARG C 357 -5.80 9.41 -42.88
N ILE C 358 -5.34 10.35 -42.06
CA ILE C 358 -5.04 11.71 -42.48
C ILE C 358 -3.57 11.97 -42.25
N SER C 359 -2.87 12.45 -43.27
CA SER C 359 -1.45 12.76 -43.12
C SER C 359 -1.08 13.90 -44.05
N ASN C 360 0.05 14.55 -43.71
CA ASN C 360 0.77 15.57 -44.48
C ASN C 360 -0.10 16.79 -44.77
N CYS C 361 -0.56 17.40 -43.67
CA CYS C 361 -1.38 18.60 -43.72
C CYS C 361 -1.28 19.32 -42.39
N VAL C 362 -1.96 20.46 -42.28
CA VAL C 362 -2.03 21.26 -41.06
C VAL C 362 -3.46 21.23 -40.56
N ALA C 363 -3.64 20.77 -39.31
CA ALA C 363 -4.98 20.46 -38.80
C ALA C 363 -5.38 21.49 -37.76
N ASP C 364 -6.30 22.38 -38.14
CA ASP C 364 -6.84 23.39 -37.23
C ASP C 364 -7.99 22.76 -36.45
N TYR C 365 -7.79 22.59 -35.15
CA TYR C 365 -8.83 22.01 -34.31
C TYR C 365 -9.67 23.06 -33.61
N SER C 366 -9.36 24.35 -33.78
CA SER C 366 -10.18 25.39 -33.20
C SER C 366 -11.49 25.56 -33.96
N VAL C 367 -11.48 25.21 -35.25
CA VAL C 367 -12.72 25.21 -36.04
C VAL C 367 -13.63 24.09 -35.57
N LEU C 368 -13.05 22.92 -35.28
CA LEU C 368 -13.84 21.77 -34.86
C LEU C 368 -14.30 21.92 -33.41
N TYR C 369 -13.58 22.70 -32.61
CA TYR C 369 -13.98 22.90 -31.22
C TYR C 369 -15.17 23.85 -31.11
N ASN C 370 -15.15 24.93 -31.87
CA ASN C 370 -16.14 26.00 -31.71
C ASN C 370 -17.44 25.75 -32.48
N SER C 371 -17.52 24.65 -33.24
CA SER C 371 -18.77 24.28 -33.90
C SER C 371 -19.70 23.68 -32.86
N ALA C 372 -20.91 24.23 -32.76
CA ALA C 372 -21.86 23.81 -31.73
C ALA C 372 -22.74 22.65 -32.19
N SER C 373 -22.54 22.13 -33.40
CA SER C 373 -23.39 21.07 -33.93
C SER C 373 -23.15 19.72 -33.28
N PHE C 374 -21.99 19.50 -32.64
CA PHE C 374 -21.64 18.22 -32.07
C PHE C 374 -22.23 18.09 -30.68
N SER C 375 -22.76 16.91 -30.38
CA SER C 375 -23.42 16.69 -29.09
C SER C 375 -22.41 16.51 -27.95
N THR C 376 -21.47 15.58 -28.10
CA THR C 376 -20.48 15.35 -27.07
C THR C 376 -19.09 15.44 -27.67
N PHE C 377 -18.12 15.80 -26.84
CA PHE C 377 -16.75 16.03 -27.26
C PHE C 377 -15.80 15.39 -26.24
N LYS C 378 -16.02 14.10 -25.95
CA LYS C 378 -15.19 13.39 -24.99
C LYS C 378 -13.80 13.15 -25.56
N CYS C 379 -12.78 13.46 -24.76
CA CYS C 379 -11.39 13.54 -25.22
C CYS C 379 -10.45 12.97 -24.16
N TYR C 380 -9.28 12.47 -24.59
CA TYR C 380 -8.45 11.67 -23.70
C TYR C 380 -6.97 12.05 -23.60
N GLY C 381 -6.31 12.46 -24.69
CA GLY C 381 -4.86 12.67 -24.62
C GLY C 381 -4.24 13.95 -24.09
N VAL C 382 -4.30 15.05 -24.86
CA VAL C 382 -3.56 16.28 -24.54
C VAL C 382 -4.30 17.49 -25.13
N SER C 383 -4.42 18.59 -24.31
CA SER C 383 -5.56 19.51 -24.13
C SER C 383 -6.17 20.02 -25.44
N PRO C 384 -7.49 20.22 -25.49
CA PRO C 384 -8.10 20.75 -26.73
C PRO C 384 -7.80 22.22 -26.97
N THR C 385 -7.39 22.94 -25.93
CA THR C 385 -6.84 24.28 -26.11
C THR C 385 -5.50 24.21 -26.84
N LYS C 386 -4.64 23.25 -26.50
CA LYS C 386 -3.37 23.08 -27.17
C LYS C 386 -3.40 21.96 -28.21
N LEU C 387 -4.58 21.61 -28.72
CA LEU C 387 -4.64 20.74 -29.88
C LEU C 387 -4.14 21.45 -31.14
N ASN C 388 -4.26 22.78 -31.18
CA ASN C 388 -3.68 23.57 -32.26
C ASN C 388 -2.19 23.81 -32.06
N ASP C 389 -1.65 23.47 -30.89
CA ASP C 389 -0.27 23.82 -30.55
C ASP C 389 0.72 22.70 -30.77
N LEU C 390 0.27 21.45 -30.83
CA LEU C 390 1.18 20.31 -30.95
C LEU C 390 1.18 19.75 -32.37
N CYS C 391 1.99 18.71 -32.57
CA CYS C 391 2.12 18.07 -33.86
C CYS C 391 2.05 16.57 -33.67
N PHE C 392 1.41 15.89 -34.62
CA PHE C 392 1.15 14.46 -34.50
C PHE C 392 1.76 13.71 -35.66
N THR C 393 1.98 12.41 -35.43
CA THR C 393 2.52 11.53 -36.45
C THR C 393 1.41 11.05 -37.39
N ASN C 394 0.42 10.35 -36.85
CA ASN C 394 -0.71 9.87 -37.60
C ASN C 394 -2.01 10.30 -36.93
N VAL C 395 -3.10 10.29 -37.69
CA VAL C 395 -4.40 10.70 -37.20
C VAL C 395 -5.32 9.51 -36.98
N TYR C 396 -5.50 8.68 -38.01
CA TYR C 396 -6.43 7.52 -38.07
C TYR C 396 -7.86 7.91 -37.72
N ALA C 397 -8.43 8.78 -38.56
CA ALA C 397 -9.79 9.25 -38.33
C ALA C 397 -10.80 8.16 -38.67
N ASP C 398 -11.84 8.04 -37.86
CA ASP C 398 -12.86 7.02 -38.02
C ASP C 398 -14.22 7.66 -38.24
N SER C 399 -15.18 6.84 -38.67
CA SER C 399 -16.48 7.32 -39.11
C SER C 399 -17.49 6.18 -39.07
N PHE C 400 -18.49 6.30 -38.18
CA PHE C 400 -19.50 5.26 -38.02
C PHE C 400 -20.75 5.87 -37.41
N VAL C 401 -21.83 5.08 -37.38
CA VAL C 401 -23.11 5.46 -36.79
C VAL C 401 -23.48 4.43 -35.73
N ILE C 402 -23.76 4.90 -34.51
CA ILE C 402 -24.17 4.03 -33.41
C ILE C 402 -25.63 4.32 -33.05
N ARG C 403 -26.16 3.59 -32.09
CA ARG C 403 -27.42 3.91 -31.48
C ARG C 403 -27.23 5.11 -30.53
N GLY C 404 -28.34 5.83 -30.28
CA GLY C 404 -28.25 7.02 -29.45
C GLY C 404 -28.06 6.70 -27.97
N ASP C 405 -28.39 5.48 -27.56
CA ASP C 405 -28.09 5.05 -26.21
C ASP C 405 -26.71 4.41 -26.10
N GLU C 406 -26.02 4.21 -27.22
CA GLU C 406 -24.70 3.58 -27.22
C GLU C 406 -23.57 4.59 -27.20
N VAL C 407 -23.82 5.81 -26.75
CA VAL C 407 -22.81 6.86 -26.73
C VAL C 407 -21.75 6.55 -25.67
N ARG C 408 -22.17 6.02 -24.53
CA ARG C 408 -21.23 5.79 -23.44
C ARG C 408 -20.45 4.48 -23.62
N GLN C 409 -20.76 3.71 -24.66
CA GLN C 409 -19.90 2.58 -25.03
C GLN C 409 -18.56 3.02 -25.61
N ILE C 410 -18.50 4.23 -26.17
CA ILE C 410 -17.27 4.68 -26.85
C ILE C 410 -16.42 5.34 -25.76
N ALA C 411 -15.65 4.51 -25.07
CA ALA C 411 -14.76 4.88 -23.99
C ALA C 411 -13.73 3.76 -23.87
N PRO C 412 -12.59 3.99 -23.22
CA PRO C 412 -11.67 2.88 -22.94
C PRO C 412 -12.27 1.85 -21.98
N GLY C 413 -12.33 0.61 -22.44
CA GLY C 413 -12.72 -0.53 -21.62
C GLY C 413 -14.18 -0.61 -21.23
N GLN C 414 -15.10 -0.40 -22.17
CA GLN C 414 -16.52 -0.55 -21.87
C GLN C 414 -16.98 -1.98 -22.12
N THR C 415 -18.25 -2.23 -21.80
CA THR C 415 -18.89 -3.52 -22.04
C THR C 415 -20.10 -3.30 -22.95
N GLY C 416 -20.32 -4.27 -23.85
CA GLY C 416 -21.41 -4.17 -24.79
C GLY C 416 -21.21 -5.02 -26.02
N LYS C 417 -22.26 -5.20 -26.83
CA LYS C 417 -22.11 -5.89 -28.10
C LYS C 417 -21.32 -5.04 -29.09
N ILE C 418 -21.44 -3.71 -28.98
CA ILE C 418 -20.53 -2.83 -29.70
C ILE C 418 -19.14 -2.92 -29.10
N ALA C 419 -19.05 -2.89 -27.76
CA ALA C 419 -17.76 -2.79 -27.09
C ALA C 419 -16.98 -4.11 -27.08
N ASP C 420 -17.61 -5.22 -26.66
CA ASP C 420 -16.87 -6.45 -26.46
C ASP C 420 -16.90 -7.37 -27.68
N TYR C 421 -17.78 -7.10 -28.65
CA TYR C 421 -17.93 -7.98 -29.80
C TYR C 421 -17.71 -7.29 -31.13
N ASN C 422 -17.92 -5.99 -31.25
CA ASN C 422 -17.88 -5.31 -32.54
C ASN C 422 -16.73 -4.31 -32.65
N TYR C 423 -16.65 -3.33 -31.75
CA TYR C 423 -15.72 -2.22 -31.90
C TYR C 423 -15.12 -1.91 -30.54
N LYS C 424 -13.89 -2.35 -30.32
CA LYS C 424 -13.22 -2.21 -29.03
C LYS C 424 -12.14 -1.14 -29.12
N LEU C 425 -12.16 -0.21 -28.17
CA LEU C 425 -11.11 0.77 -27.96
C LEU C 425 -10.09 0.25 -26.96
N PRO C 426 -8.82 0.65 -27.07
CA PRO C 426 -7.85 0.24 -26.05
C PRO C 426 -8.05 1.03 -24.76
N ASP C 427 -7.46 0.52 -23.68
CA ASP C 427 -7.50 1.23 -22.40
C ASP C 427 -6.57 2.43 -22.42
N ASP C 428 -5.56 2.41 -23.29
CA ASP C 428 -4.62 3.50 -23.46
C ASP C 428 -4.95 4.39 -24.66
N PHE C 429 -6.24 4.56 -24.94
CA PHE C 429 -6.70 5.33 -26.09
C PHE C 429 -6.48 6.82 -25.90
N THR C 430 -5.88 7.45 -26.90
CA THR C 430 -5.59 8.89 -26.90
C THR C 430 -6.27 9.50 -28.12
N GLY C 431 -7.39 10.19 -27.90
CA GLY C 431 -8.08 10.82 -29.00
C GLY C 431 -9.33 11.51 -28.50
N CYS C 432 -10.08 12.07 -29.44
CA CYS C 432 -11.36 12.69 -29.14
C CYS C 432 -12.50 11.93 -29.82
N VAL C 433 -13.60 11.80 -29.08
CA VAL C 433 -14.84 11.28 -29.60
C VAL C 433 -15.74 12.45 -29.94
N ILE C 434 -16.08 12.58 -31.20
CA ILE C 434 -16.94 13.66 -31.69
C ILE C 434 -18.21 13.04 -32.22
N ALA C 435 -19.35 13.41 -31.62
CA ALA C 435 -20.62 12.81 -31.98
C ALA C 435 -21.69 13.89 -32.11
N TRP C 436 -22.64 13.64 -33.01
CA TRP C 436 -23.79 14.51 -33.17
C TRP C 436 -24.95 13.68 -33.68
N ASN C 437 -26.16 14.20 -33.50
CA ASN C 437 -27.36 13.46 -33.87
C ASN C 437 -27.54 13.47 -35.39
N SER C 438 -27.94 12.32 -35.93
CA SER C 438 -28.18 12.16 -37.36
C SER C 438 -29.58 11.59 -37.62
N ASN C 439 -30.57 12.03 -36.86
CA ASN C 439 -31.94 11.60 -37.10
C ASN C 439 -32.51 12.26 -38.36
N ASN C 440 -32.01 13.45 -38.70
CA ASN C 440 -32.49 14.14 -39.90
C ASN C 440 -31.86 13.63 -41.18
N LEU C 441 -30.86 12.75 -41.10
CA LEU C 441 -30.18 12.24 -42.28
C LEU C 441 -30.38 10.75 -42.50
N ASP C 442 -30.66 9.98 -41.46
CA ASP C 442 -30.85 8.54 -41.60
C ASP C 442 -32.30 8.14 -41.38
N ASN C 448 -35.10 2.97 -42.34
CA ASN C 448 -33.78 2.76 -42.93
C ASN C 448 -33.02 1.68 -42.16
N TYR C 449 -33.26 0.42 -42.53
CA TYR C 449 -32.69 -0.73 -41.82
C TYR C 449 -31.42 -1.25 -42.45
N ASN C 450 -30.63 -0.40 -43.11
CA ASN C 450 -29.39 -0.85 -43.73
C ASN C 450 -28.28 -1.05 -42.72
N TYR C 451 -28.28 -0.26 -41.65
CA TYR C 451 -27.24 -0.31 -40.63
C TYR C 451 -27.37 -1.56 -39.78
N LEU C 452 -26.22 -2.13 -39.41
CA LEU C 452 -26.18 -3.44 -38.78
C LEU C 452 -25.02 -3.47 -37.80
N TYR C 453 -25.15 -4.30 -36.76
CA TYR C 453 -24.09 -4.50 -35.79
C TYR C 453 -23.89 -5.98 -35.56
N ARG C 454 -22.68 -6.35 -35.15
CA ARG C 454 -22.33 -7.73 -34.88
C ARG C 454 -22.88 -8.14 -33.52
N LEU C 455 -23.59 -9.27 -33.46
CA LEU C 455 -24.19 -9.76 -32.24
C LEU C 455 -23.38 -10.83 -31.53
N PHE C 456 -22.90 -11.84 -32.23
CA PHE C 456 -22.26 -12.98 -31.59
C PHE C 456 -20.85 -13.16 -32.12
N ARG C 457 -19.96 -13.66 -31.26
CA ARG C 457 -18.57 -13.89 -31.62
C ARG C 457 -18.07 -15.06 -30.78
N LYS C 458 -16.92 -15.61 -31.18
CA LYS C 458 -16.32 -16.71 -30.43
C LYS C 458 -15.76 -16.24 -29.10
N SER C 459 -15.21 -15.03 -29.05
CA SER C 459 -14.62 -14.48 -27.84
C SER C 459 -14.65 -12.96 -27.94
N ASN C 460 -14.07 -12.30 -26.93
CA ASN C 460 -13.91 -10.85 -26.95
C ASN C 460 -12.78 -10.49 -27.90
N LEU C 461 -13.02 -9.53 -28.79
CA LEU C 461 -12.10 -9.24 -29.87
C LEU C 461 -10.97 -8.33 -29.37
N LYS C 462 -9.94 -8.20 -30.19
CA LYS C 462 -8.83 -7.30 -29.90
C LYS C 462 -9.28 -5.84 -30.07
N PRO C 463 -8.62 -4.91 -29.38
CA PRO C 463 -8.92 -3.49 -29.61
C PRO C 463 -8.55 -3.02 -31.02
N PHE C 464 -9.42 -2.18 -31.58
CA PHE C 464 -9.43 -1.71 -32.97
C PHE C 464 -9.39 -2.84 -33.98
N GLU C 465 -10.11 -3.93 -33.72
CA GLU C 465 -10.22 -5.01 -34.69
C GLU C 465 -11.60 -4.98 -35.34
N ARG C 466 -11.66 -5.53 -36.54
CA ARG C 466 -12.90 -5.58 -37.31
C ARG C 466 -13.03 -6.95 -37.96
N ASP C 467 -14.25 -7.46 -38.02
CA ASP C 467 -14.50 -8.77 -38.61
C ASP C 467 -15.89 -8.80 -39.20
N ILE C 468 -16.00 -9.31 -40.43
CA ILE C 468 -17.26 -9.52 -41.11
C ILE C 468 -17.34 -11.00 -41.47
N SER C 469 -18.35 -11.69 -40.94
CA SER C 469 -18.52 -13.12 -41.16
C SER C 469 -20.01 -13.44 -41.12
N THR C 470 -20.34 -14.65 -41.57
CA THR C 470 -21.72 -15.11 -41.55
C THR C 470 -21.89 -16.32 -40.63
N PHE C 490 -26.91 -17.36 -37.52
CA PHE C 490 -26.44 -16.16 -38.19
C PHE C 490 -26.23 -15.03 -37.16
N PRO C 491 -24.98 -14.60 -36.98
CA PRO C 491 -24.69 -13.63 -35.91
C PRO C 491 -24.92 -12.18 -36.27
N LEU C 492 -25.56 -11.87 -37.41
CA LEU C 492 -25.76 -10.51 -37.85
C LEU C 492 -27.24 -10.18 -37.90
N GLN C 493 -27.66 -9.16 -37.15
CA GLN C 493 -28.99 -8.58 -37.25
C GLN C 493 -28.85 -7.06 -37.36
N SER C 494 -29.78 -6.45 -38.08
CA SER C 494 -29.64 -5.05 -38.46
C SER C 494 -30.25 -4.13 -37.41
N TYR C 495 -29.97 -2.83 -37.57
CA TYR C 495 -30.54 -1.81 -36.71
C TYR C 495 -31.96 -1.46 -37.13
N GLY C 496 -32.77 -1.06 -36.14
CA GLY C 496 -34.06 -0.47 -36.41
C GLY C 496 -34.03 1.05 -36.42
N PHE C 497 -33.38 1.64 -37.43
CA PHE C 497 -33.21 3.08 -37.51
C PHE C 497 -34.21 3.68 -38.48
N GLN C 498 -34.88 4.75 -38.04
CA GLN C 498 -35.80 5.52 -38.86
C GLN C 498 -35.51 6.99 -38.58
N PRO C 499 -35.93 7.90 -39.48
CA PRO C 499 -35.75 9.34 -39.19
C PRO C 499 -36.75 9.95 -38.21
N THR C 500 -37.60 9.16 -37.54
CA THR C 500 -38.59 9.74 -36.63
C THR C 500 -38.56 9.16 -35.23
N ASN C 501 -37.62 8.27 -34.91
CA ASN C 501 -37.60 7.66 -33.58
C ASN C 501 -36.94 8.56 -32.54
N VAL C 503 -34.74 10.19 -29.08
CA VAL C 503 -33.43 10.63 -28.61
C VAL C 503 -32.51 9.44 -28.41
N GLY C 504 -32.94 8.50 -27.55
CA GLY C 504 -32.15 7.31 -27.30
C GLY C 504 -32.16 6.32 -28.43
N TYR C 505 -33.24 6.28 -29.22
CA TYR C 505 -33.34 5.38 -30.36
C TYR C 505 -32.87 6.02 -31.66
N GLN C 506 -32.53 7.31 -31.64
CA GLN C 506 -32.13 7.99 -32.86
C GLN C 506 -30.71 7.59 -33.26
N PRO C 507 -30.44 7.48 -34.57
CA PRO C 507 -29.06 7.23 -35.01
C PRO C 507 -28.21 8.48 -34.87
N TYR C 508 -27.00 8.29 -34.36
CA TYR C 508 -26.06 9.38 -34.11
C TYR C 508 -24.81 9.17 -34.96
N ARG C 509 -24.30 10.26 -35.53
CA ARG C 509 -23.10 10.20 -36.36
C ARG C 509 -21.86 10.51 -35.54
N VAL C 510 -20.90 9.57 -35.52
CA VAL C 510 -19.74 9.64 -34.66
C VAL C 510 -18.46 9.63 -35.50
N VAL C 511 -17.58 10.59 -35.23
CA VAL C 511 -16.25 10.64 -35.83
C VAL C 511 -15.22 10.54 -34.70
N VAL C 512 -14.33 9.55 -34.79
CA VAL C 512 -13.37 9.25 -33.73
C VAL C 512 -11.96 9.44 -34.29
N LEU C 513 -11.16 10.25 -33.60
CA LEU C 513 -9.76 10.46 -33.92
C LEU C 513 -8.89 9.61 -33.01
N SER C 514 -7.75 9.14 -33.52
CA SER C 514 -6.97 8.07 -32.93
C SER C 514 -5.48 8.42 -32.89
N PHE C 515 -5.16 9.55 -32.26
CA PHE C 515 -3.78 10.07 -32.18
C PHE C 515 -2.85 9.11 -31.45
N GLU C 516 -1.61 9.06 -31.91
CA GLU C 516 -0.52 8.38 -31.21
C GLU C 516 0.69 9.30 -31.20
N LEU C 517 1.50 9.19 -30.15
CA LEU C 517 2.64 10.09 -29.92
C LEU C 517 3.95 9.32 -29.82
N LEU C 518 4.20 8.39 -30.73
CA LEU C 518 5.40 7.57 -30.67
C LEU C 518 6.62 8.34 -31.15
N HIS C 519 7.79 7.72 -30.98
CA HIS C 519 9.05 8.29 -31.43
C HIS C 519 9.16 8.17 -32.95
N ALA C 520 8.56 9.12 -33.65
CA ALA C 520 8.44 9.15 -35.10
C ALA C 520 8.60 10.58 -35.56
N PRO C 521 8.99 10.82 -36.82
CA PRO C 521 8.89 12.19 -37.34
C PRO C 521 7.43 12.59 -37.51
N ALA C 522 7.05 13.64 -36.78
CA ALA C 522 5.66 14.05 -36.72
C ALA C 522 5.24 14.74 -38.02
N THR C 523 4.02 14.49 -38.44
CA THR C 523 3.59 14.82 -39.79
C THR C 523 2.41 15.78 -39.82
N VAL C 524 1.42 15.59 -38.94
CA VAL C 524 0.23 16.43 -38.90
C VAL C 524 0.41 17.41 -37.75
N CYS C 525 0.76 18.66 -38.09
CA CYS C 525 1.01 19.70 -37.11
C CYS C 525 -0.21 20.59 -36.96
N GLY C 526 -0.37 21.17 -35.77
CA GLY C 526 -1.39 22.17 -35.54
C GLY C 526 -0.96 23.51 -36.10
N PRO C 527 -1.91 24.45 -36.22
CA PRO C 527 -1.57 25.76 -36.80
C PRO C 527 -0.84 26.67 -35.82
N LYS C 528 0.45 26.83 -36.03
CA LYS C 528 1.27 27.77 -35.26
C LYS C 528 2.41 28.23 -36.15
N LYS C 529 2.64 29.53 -36.16
CA LYS C 529 3.64 30.13 -37.05
C LYS C 529 5.03 29.88 -36.47
N SER C 530 5.90 29.24 -37.25
CA SER C 530 7.25 29.00 -36.80
C SER C 530 8.07 30.29 -36.86
N THR C 531 9.08 30.36 -36.00
CA THR C 531 9.92 31.55 -35.89
C THR C 531 11.38 31.19 -36.13
N ASN C 532 12.26 32.16 -35.92
CA ASN C 532 13.66 32.01 -36.25
C ASN C 532 14.39 31.16 -35.21
N LEU C 533 15.57 30.69 -35.60
CA LEU C 533 16.40 29.88 -34.71
C LEU C 533 17.35 30.76 -33.91
N VAL C 534 17.54 30.40 -32.65
CA VAL C 534 18.39 31.15 -31.73
C VAL C 534 19.52 30.24 -31.26
N LYS C 535 20.76 30.72 -31.42
CA LYS C 535 21.95 29.97 -31.07
C LYS C 535 22.52 30.47 -29.74
N ASN C 536 23.01 29.52 -28.95
CA ASN C 536 23.79 29.70 -27.72
C ASN C 536 23.06 30.50 -26.64
N LYS C 537 21.74 30.40 -26.57
CA LYS C 537 20.96 31.07 -25.53
C LYS C 537 19.99 30.08 -24.92
N CYS C 538 19.74 30.23 -23.62
CA CYS C 538 18.72 29.44 -22.95
C CYS C 538 17.34 29.91 -23.39
N VAL C 539 16.67 29.11 -24.21
CA VAL C 539 15.39 29.47 -24.80
C VAL C 539 14.40 28.34 -24.61
N ASN C 540 13.12 28.66 -24.79
CA ASN C 540 12.06 27.66 -24.79
C ASN C 540 11.85 27.15 -26.21
N PHE C 541 12.04 25.86 -26.41
CA PHE C 541 11.91 25.27 -27.73
C PHE C 541 10.65 24.43 -27.83
N ASN C 542 10.07 24.40 -29.03
CA ASN C 542 8.93 23.54 -29.36
C ASN C 542 9.28 22.87 -30.68
N PHE C 543 10.00 21.76 -30.61
CA PHE C 543 10.54 21.09 -31.79
C PHE C 543 9.59 19.95 -32.15
N ASN C 544 8.53 20.28 -32.90
CA ASN C 544 7.47 19.36 -33.34
C ASN C 544 6.78 18.65 -32.17
N GLY C 545 6.48 19.40 -31.11
CA GLY C 545 5.71 18.91 -30.00
C GLY C 545 6.50 18.63 -28.74
N LEU C 546 7.82 18.46 -28.83
CA LEU C 546 8.63 18.25 -27.63
C LEU C 546 9.03 19.61 -27.08
N THR C 547 8.42 19.94 -25.94
CA THR C 547 8.67 21.21 -25.29
C THR C 547 9.74 21.08 -24.22
N GLY C 548 10.50 22.14 -24.02
CA GLY C 548 11.52 22.13 -22.99
C GLY C 548 12.29 23.43 -22.99
N THR C 549 13.29 23.49 -22.12
CA THR C 549 14.10 24.69 -21.96
C THR C 549 15.57 24.29 -21.93
N GLY C 550 16.36 24.87 -22.82
CA GLY C 550 17.76 24.51 -22.90
C GLY C 550 18.51 25.48 -23.78
N VAL C 551 19.81 25.23 -23.90
CA VAL C 551 20.71 26.07 -24.69
C VAL C 551 20.97 25.34 -25.99
N LEU C 552 20.51 25.92 -27.10
CA LEU C 552 20.65 25.28 -28.40
C LEU C 552 22.00 25.61 -29.02
N THR C 553 22.95 24.69 -28.92
CA THR C 553 24.26 24.84 -29.53
C THR C 553 24.41 23.87 -30.69
N GLU C 554 25.30 24.21 -31.63
CA GLU C 554 25.52 23.35 -32.78
C GLU C 554 26.57 22.29 -32.44
N SER C 555 26.27 21.05 -32.77
CA SER C 555 27.12 19.92 -32.42
C SER C 555 27.65 19.23 -33.67
N ASN C 556 28.74 18.50 -33.47
CA ASN C 556 29.32 17.64 -34.50
C ASN C 556 28.86 16.20 -34.36
N LYS C 557 27.66 15.99 -33.83
CA LYS C 557 27.11 14.65 -33.72
C LYS C 557 26.69 14.13 -35.09
N LYS C 558 27.01 12.87 -35.36
CA LYS C 558 26.70 12.28 -36.66
C LYS C 558 25.36 11.55 -36.58
N PHE C 559 24.29 12.33 -36.81
CA PHE C 559 22.99 11.72 -37.03
C PHE C 559 22.97 10.99 -38.36
N LEU C 560 22.56 9.73 -38.31
CA LEU C 560 22.18 9.04 -39.53
C LEU C 560 20.86 9.62 -40.02
N PRO C 561 20.67 9.73 -41.34
CA PRO C 561 19.60 10.61 -41.87
C PRO C 561 18.17 10.14 -41.65
N PHE C 562 17.95 8.91 -41.19
CA PHE C 562 16.60 8.52 -40.80
C PHE C 562 16.24 8.98 -39.39
N GLN C 563 17.24 9.32 -38.58
CA GLN C 563 17.02 9.68 -37.19
C GLN C 563 16.47 11.10 -37.08
N GLN C 564 15.75 11.33 -36.00
CA GLN C 564 15.18 12.65 -35.75
C GLN C 564 15.74 13.32 -34.51
N PHE C 565 15.88 12.59 -33.41
CA PHE C 565 16.51 13.18 -32.24
C PHE C 565 17.31 12.11 -31.52
N GLY C 566 18.42 12.53 -30.93
CA GLY C 566 19.30 11.66 -30.19
C GLY C 566 19.09 11.75 -28.68
N ARG C 567 19.66 10.76 -27.98
CA ARG C 567 19.62 10.72 -26.53
C ARG C 567 21.00 10.40 -25.99
N ASP C 568 21.21 10.74 -24.72
CA ASP C 568 22.49 10.59 -24.06
C ASP C 568 22.54 9.26 -23.30
N ILE C 569 23.51 9.14 -22.38
CA ILE C 569 23.65 7.95 -21.54
C ILE C 569 22.51 7.86 -20.53
N ALA C 570 21.88 8.98 -20.18
CA ALA C 570 20.87 9.05 -19.14
C ALA C 570 19.46 8.88 -19.67
N ASP C 571 19.31 8.55 -20.95
CA ASP C 571 18.03 8.50 -21.70
C ASP C 571 17.26 9.81 -21.58
N THR C 572 17.98 10.92 -21.79
CA THR C 572 17.40 12.25 -21.77
C THR C 572 17.54 12.86 -23.15
N THR C 573 16.73 13.88 -23.43
CA THR C 573 16.75 14.55 -24.72
C THR C 573 18.01 15.39 -24.85
N ASP C 574 18.90 14.99 -25.76
CA ASP C 574 20.23 15.56 -25.85
C ASP C 574 20.49 16.34 -27.12
N ALA C 575 19.99 15.87 -28.27
CA ALA C 575 20.21 16.58 -29.53
C ALA C 575 19.03 16.32 -30.44
N VAL C 576 18.42 17.39 -30.94
CA VAL C 576 17.26 17.31 -31.82
C VAL C 576 17.59 18.03 -33.13
N ARG C 577 17.33 17.33 -34.23
CA ARG C 577 17.45 17.89 -35.57
C ARG C 577 16.31 18.88 -35.80
N ASP C 578 16.66 20.08 -36.30
CA ASP C 578 15.68 21.09 -36.64
C ASP C 578 14.85 20.64 -37.84
N PRO C 579 13.52 20.76 -37.80
CA PRO C 579 12.69 20.26 -38.91
C PRO C 579 12.81 21.01 -40.23
N GLN C 580 12.80 22.34 -40.21
CA GLN C 580 12.81 23.10 -41.46
C GLN C 580 14.17 23.12 -42.15
N THR C 581 15.25 22.82 -41.42
CA THR C 581 16.57 22.73 -42.00
C THR C 581 17.35 21.70 -41.19
N LEU C 582 17.83 20.66 -41.86
CA LEU C 582 18.45 19.51 -41.20
C LEU C 582 19.84 19.86 -40.65
N GLU C 583 19.83 20.57 -39.52
CA GLU C 583 21.04 20.86 -38.77
C GLU C 583 21.07 20.05 -37.48
N ILE C 584 22.25 19.93 -36.91
CA ILE C 584 22.48 19.03 -35.79
C ILE C 584 22.67 19.90 -34.55
N LEU C 585 21.59 20.15 -33.82
CA LEU C 585 21.60 21.02 -32.65
C LEU C 585 21.59 20.18 -31.40
N ASP C 586 22.67 20.27 -30.61
CA ASP C 586 22.65 19.67 -29.29
C ASP C 586 21.81 20.53 -28.34
N ILE C 587 21.24 19.88 -27.33
CA ILE C 587 20.48 20.57 -26.30
C ILE C 587 21.25 20.41 -25.00
N THR C 588 21.72 21.52 -24.46
CA THR C 588 22.36 21.58 -23.16
C THR C 588 21.42 22.33 -22.24
N PRO C 589 21.12 21.83 -21.04
CA PRO C 589 20.22 22.56 -20.13
C PRO C 589 20.87 23.82 -19.60
N CYS C 590 20.01 24.77 -19.19
CA CYS C 590 20.46 26.09 -18.79
C CYS C 590 21.21 26.04 -17.47
N SER C 591 21.99 27.09 -17.23
CA SER C 591 22.92 27.11 -16.10
C SER C 591 22.18 27.24 -14.78
N PHE C 592 22.50 26.36 -13.85
CA PHE C 592 21.81 26.32 -12.57
C PHE C 592 22.75 25.78 -11.52
N GLY C 593 22.43 26.07 -10.27
CA GLY C 593 23.22 25.58 -9.14
C GLY C 593 22.65 26.12 -7.85
N GLY C 594 23.18 25.61 -6.75
CA GLY C 594 22.78 26.11 -5.45
C GLY C 594 23.41 27.45 -5.13
N VAL C 595 22.71 28.22 -4.31
CA VAL C 595 23.20 29.49 -3.81
C VAL C 595 23.58 29.31 -2.35
N SER C 596 24.86 29.52 -2.05
CA SER C 596 25.33 29.44 -0.68
C SER C 596 25.80 30.81 -0.25
N VAL C 597 25.30 31.27 0.89
CA VAL C 597 25.59 32.60 1.40
C VAL C 597 26.67 32.49 2.47
N ILE C 598 27.81 33.10 2.21
CA ILE C 598 28.93 33.10 3.14
C ILE C 598 28.81 34.33 4.02
N THR C 599 28.70 34.11 5.33
CA THR C 599 28.53 35.23 6.22
C THR C 599 29.29 34.99 7.52
N PRO C 600 29.74 36.05 8.18
CA PRO C 600 30.13 35.93 9.60
C PRO C 600 28.90 35.99 10.50
N GLY C 601 29.18 36.11 11.79
CA GLY C 601 28.10 36.28 12.75
C GLY C 601 27.41 37.62 12.59
N THR C 602 26.09 37.63 12.80
CA THR C 602 25.32 38.86 12.63
C THR C 602 25.55 39.82 13.79
N ASN C 603 26.06 39.32 14.93
CA ASN C 603 26.55 40.19 15.97
C ASN C 603 27.89 40.84 15.61
N THR C 604 28.61 40.28 14.64
CA THR C 604 29.86 40.85 14.18
C THR C 604 29.66 41.80 13.01
N SER C 605 29.00 41.35 11.95
CA SER C 605 28.81 42.17 10.77
C SER C 605 27.57 41.70 10.03
N ASN C 606 27.10 42.52 9.09
CA ASN C 606 25.99 42.15 8.24
C ASN C 606 26.40 41.99 6.78
N GLN C 607 27.69 42.05 6.48
CA GLN C 607 28.16 41.87 5.11
C GLN C 607 28.18 40.38 4.78
N VAL C 608 27.74 40.04 3.57
CA VAL C 608 27.71 38.66 3.11
C VAL C 608 28.46 38.55 1.80
N ALA C 609 28.82 37.31 1.46
CA ALA C 609 29.37 36.96 0.16
C ALA C 609 28.57 35.80 -0.38
N VAL C 610 28.26 35.84 -1.68
CA VAL C 610 27.37 34.88 -2.30
C VAL C 610 28.19 33.96 -3.19
N LEU C 611 28.11 32.66 -2.93
CA LEU C 611 28.74 31.65 -3.76
C LEU C 611 27.65 31.00 -4.61
N TYR C 612 27.75 31.18 -5.93
CA TYR C 612 26.90 30.46 -6.86
C TYR C 612 27.64 29.21 -7.28
N GLN C 613 27.05 28.04 -7.00
CA GLN C 613 27.79 26.80 -7.08
C GLN C 613 27.91 26.29 -8.51
N ASP C 614 29.15 25.97 -8.90
CA ASP C 614 29.52 25.23 -10.11
C ASP C 614 29.08 25.93 -11.41
N VAL C 615 29.26 27.25 -11.44
CA VAL C 615 28.92 28.03 -12.63
C VAL C 615 30.11 28.93 -12.97
N ASN C 616 30.13 29.39 -14.22
CA ASN C 616 31.08 30.41 -14.61
C ASN C 616 30.60 31.78 -14.17
N CYS C 617 31.52 32.74 -14.11
CA CYS C 617 31.15 34.09 -13.68
C CYS C 617 30.80 34.96 -14.88
N THR C 618 29.89 34.49 -15.71
CA THR C 618 29.30 35.20 -16.84
C THR C 618 27.80 35.05 -16.88
N GLU C 619 27.27 33.97 -16.33
CA GLU C 619 25.85 33.68 -16.32
C GLU C 619 25.13 34.25 -15.11
N VAL C 620 25.64 35.29 -14.47
CA VAL C 620 24.97 35.87 -13.32
C VAL C 620 24.33 37.21 -13.70
N ASN C 641 36.15 42.11 -6.89
CA ASN C 641 34.79 42.04 -6.39
C ASN C 641 34.16 40.68 -6.68
N VAL C 642 34.48 40.14 -7.86
CA VAL C 642 33.99 38.84 -8.29
C VAL C 642 35.18 37.92 -8.46
N PHE C 643 35.16 36.79 -7.75
CA PHE C 643 36.24 35.83 -7.79
C PHE C 643 35.70 34.48 -8.26
N GLN C 644 36.46 33.81 -9.12
CA GLN C 644 36.06 32.52 -9.66
C GLN C 644 36.86 31.42 -8.98
N THR C 645 36.16 30.45 -8.41
CA THR C 645 36.77 29.31 -7.75
C THR C 645 36.42 28.05 -8.52
N ARG C 646 37.01 26.93 -8.10
CA ARG C 646 36.63 25.64 -8.67
C ARG C 646 35.29 25.16 -8.12
N ALA C 647 34.87 25.66 -6.97
CA ALA C 647 33.55 25.34 -6.43
C ALA C 647 32.45 26.18 -7.06
N GLY C 648 32.79 27.25 -7.74
CA GLY C 648 31.79 28.08 -8.40
C GLY C 648 32.14 29.54 -8.28
N CYS C 649 31.25 30.37 -8.81
CA CYS C 649 31.44 31.81 -8.83
C CYS C 649 31.19 32.38 -7.44
N LEU C 650 32.12 33.20 -6.97
CA LEU C 650 32.03 33.82 -5.65
C LEU C 650 31.93 35.33 -5.84
N ILE C 651 30.82 35.90 -5.37
CA ILE C 651 30.52 37.31 -5.57
C ILE C 651 30.39 37.97 -4.21
N GLY C 652 31.18 39.00 -3.98
CA GLY C 652 31.17 39.71 -2.72
C GLY C 652 32.36 39.47 -1.82
N ALA C 653 33.44 38.92 -2.34
CA ALA C 653 34.62 38.62 -1.54
C ALA C 653 35.87 39.04 -2.29
N GLU C 654 36.89 39.44 -1.54
CA GLU C 654 38.16 39.85 -2.14
C GLU C 654 39.14 38.69 -2.12
N HIS C 655 39.77 38.43 -3.25
CA HIS C 655 40.76 37.36 -3.33
C HIS C 655 42.10 37.86 -2.83
N VAL C 656 42.69 37.14 -1.88
CA VAL C 656 43.92 37.54 -1.21
C VAL C 656 44.98 36.48 -1.48
N ASN C 657 46.17 36.92 -1.89
CA ASN C 657 47.26 35.99 -2.18
C ASN C 657 47.84 35.36 -0.92
N ASN C 658 47.62 35.96 0.25
CA ASN C 658 48.07 35.40 1.50
C ASN C 658 47.23 34.18 1.87
N SER C 659 47.79 33.33 2.73
CA SER C 659 47.15 32.09 3.16
C SER C 659 46.99 32.12 4.66
N TYR C 660 45.79 31.78 5.13
CA TYR C 660 45.48 31.72 6.56
C TYR C 660 44.84 30.39 6.88
N GLU C 661 44.48 30.22 8.16
CA GLU C 661 43.71 29.05 8.55
C GLU C 661 42.27 29.20 8.08
N CYS C 662 41.57 28.07 7.99
CA CYS C 662 40.21 28.08 7.49
C CYS C 662 39.24 28.59 8.55
N ASP C 663 38.34 29.47 8.13
CA ASP C 663 37.27 29.95 9.00
C ASP C 663 35.91 29.53 8.47
N ILE C 664 35.59 29.88 7.22
CA ILE C 664 34.37 29.43 6.57
C ILE C 664 34.75 28.60 5.37
N PRO C 665 34.52 27.28 5.37
CA PRO C 665 34.97 26.45 4.25
C PRO C 665 34.06 26.61 3.04
N ILE C 666 34.67 26.82 1.87
CA ILE C 666 33.93 26.99 0.63
C ILE C 666 34.02 25.70 -0.17
N GLY C 667 35.22 25.30 -0.51
CA GLY C 667 35.48 24.13 -1.31
C GLY C 667 36.69 24.37 -2.18
N ALA C 668 37.35 23.26 -2.54
CA ALA C 668 38.57 23.21 -3.37
C ALA C 668 39.70 24.07 -2.79
N GLY C 669 39.90 23.98 -1.49
CA GLY C 669 41.01 24.64 -0.84
C GLY C 669 40.81 26.11 -0.57
N ILE C 670 39.63 26.66 -0.81
CA ILE C 670 39.35 28.07 -0.60
C ILE C 670 38.53 28.20 0.67
N CYS C 671 38.94 29.12 1.55
CA CYS C 671 38.19 29.43 2.74
C CYS C 671 38.00 30.94 2.84
N ALA C 672 36.97 31.34 3.57
CA ALA C 672 36.61 32.75 3.69
C ALA C 672 36.59 33.18 5.15
N SER C 673 36.89 34.45 5.37
CA SER C 673 36.88 35.03 6.71
C SER C 673 36.66 36.53 6.59
N TYR C 674 36.36 37.16 7.72
CA TYR C 674 36.10 38.60 7.78
C TYR C 674 37.29 39.27 8.44
N GLN C 675 38.18 39.84 7.63
CA GLN C 675 39.40 40.49 8.11
C GLN C 675 39.47 41.90 7.54
N THR C 676 40.62 42.53 7.72
CA THR C 676 40.85 43.87 7.19
C THR C 676 41.71 43.81 5.93
N GLN C 690 36.87 47.26 6.19
CA GLN C 690 36.94 45.81 6.29
C GLN C 690 35.98 45.15 5.31
N SER C 691 36.29 43.91 4.93
CA SER C 691 35.49 43.15 3.97
C SER C 691 35.74 41.67 4.21
N ILE C 692 34.91 40.84 3.60
CA ILE C 692 35.09 39.40 3.62
C ILE C 692 36.15 39.04 2.59
N ILE C 693 37.20 38.36 3.02
CA ILE C 693 38.28 37.95 2.14
C ILE C 693 38.09 36.50 1.77
N ALA C 694 38.71 36.09 0.67
CA ALA C 694 38.71 34.71 0.22
C ALA C 694 40.14 34.31 -0.15
N TYR C 695 40.60 33.19 0.40
CA TYR C 695 42.01 32.82 0.29
C TYR C 695 42.12 31.32 0.08
N THR C 696 43.20 30.92 -0.58
CA THR C 696 43.64 29.53 -0.52
C THR C 696 44.17 29.29 0.89
N MET C 697 43.62 28.30 1.59
CA MET C 697 43.87 28.21 3.02
C MET C 697 45.24 27.62 3.32
N SER C 698 45.79 27.98 4.46
CA SER C 698 47.06 27.45 4.91
C SER C 698 46.84 26.27 5.84
N LEU C 699 47.72 25.30 5.74
CA LEU C 699 47.58 24.08 6.53
C LEU C 699 48.31 24.15 7.86
N GLY C 700 49.02 25.26 8.12
CA GLY C 700 49.79 25.42 9.33
C GLY C 700 51.15 26.02 9.05
N ALA C 701 51.92 26.17 10.12
CA ALA C 701 53.25 26.74 10.00
C ALA C 701 54.21 25.70 9.43
N GLU C 702 55.00 26.11 8.45
CA GLU C 702 56.05 25.23 7.93
C GLU C 702 57.18 25.16 8.94
N ASN C 703 57.71 23.95 9.14
CA ASN C 703 58.74 23.74 10.15
C ASN C 703 59.61 22.58 9.68
N SER C 704 60.73 22.89 9.06
CA SER C 704 61.69 21.86 8.68
C SER C 704 62.45 21.42 9.93
N VAL C 705 62.47 20.12 10.18
CA VAL C 705 63.11 19.60 11.38
C VAL C 705 64.62 19.60 11.18
N ALA C 706 65.34 20.14 12.17
CA ALA C 706 66.81 20.23 12.11
C ALA C 706 67.38 18.84 12.34
N TYR C 707 67.49 18.08 11.25
CA TYR C 707 67.81 16.67 11.29
C TYR C 707 69.24 16.44 10.82
N SER C 708 69.96 15.57 11.53
CA SER C 708 71.21 15.04 11.02
C SER C 708 71.38 13.63 11.56
N ASN C 709 72.48 13.00 11.17
CA ASN C 709 72.70 11.60 11.54
C ASN C 709 73.23 11.43 12.95
N ASN C 710 73.54 12.51 13.67
CA ASN C 710 74.00 12.37 15.06
C ASN C 710 73.42 13.42 16.00
N SER C 711 72.25 13.99 15.71
CA SER C 711 71.67 15.02 16.55
C SER C 711 70.33 14.55 17.11
N ILE C 712 70.22 14.53 18.44
CA ILE C 712 68.98 14.15 19.11
C ILE C 712 68.52 15.34 19.94
N ALA C 713 67.22 15.41 20.19
CA ALA C 713 66.61 16.45 21.01
C ALA C 713 65.81 15.81 22.12
N ILE C 714 66.23 16.04 23.36
CA ILE C 714 65.63 15.43 24.54
C ILE C 714 65.09 16.54 25.42
N PRO C 715 63.83 16.46 25.87
CA PRO C 715 63.25 17.55 26.65
C PRO C 715 63.82 17.66 28.05
N THR C 716 63.82 18.88 28.55
CA THR C 716 64.23 19.18 29.90
C THR C 716 63.07 19.57 30.81
N ASN C 717 61.87 19.70 30.27
CA ASN C 717 60.78 20.28 31.02
C ASN C 717 59.48 19.83 30.38
N PHE C 718 58.44 19.69 31.19
CA PHE C 718 57.17 19.17 30.70
C PHE C 718 56.03 20.13 31.04
N THR C 719 54.89 19.87 30.42
CA THR C 719 53.62 20.48 30.79
C THR C 719 52.59 19.38 30.99
N ILE C 720 51.97 19.35 32.16
CA ILE C 720 50.92 18.37 32.44
C ILE C 720 49.62 18.95 31.88
N SER C 721 49.27 18.55 30.67
CA SER C 721 48.11 19.13 30.02
C SER C 721 46.85 18.38 30.40
N VAL C 722 45.75 19.11 30.49
CA VAL C 722 44.44 18.50 30.70
C VAL C 722 43.55 18.91 29.53
N THR C 723 43.17 17.94 28.72
CA THR C 723 42.30 18.20 27.57
C THR C 723 40.87 17.92 27.99
N THR C 724 39.94 17.97 27.03
CA THR C 724 38.54 17.72 27.33
C THR C 724 37.90 17.07 26.12
N GLU C 725 37.40 15.86 26.29
CA GLU C 725 36.78 15.11 25.21
C GLU C 725 35.30 14.94 25.52
N ILE C 726 34.46 15.32 24.56
CA ILE C 726 33.01 15.31 24.73
C ILE C 726 32.42 14.24 23.82
N LEU C 727 31.68 13.30 24.41
CA LEU C 727 31.08 12.22 23.64
C LEU C 727 29.59 12.11 23.95
N PRO C 728 28.73 12.02 22.96
CA PRO C 728 27.32 11.70 23.22
C PRO C 728 27.16 10.24 23.58
N VAL C 729 26.23 9.96 24.50
CA VAL C 729 26.03 8.61 24.98
C VAL C 729 24.62 8.14 24.65
N SER C 730 23.63 8.95 24.99
CA SER C 730 22.24 8.52 24.86
C SER C 730 21.44 9.56 24.10
N MET C 731 20.34 9.12 23.51
CA MET C 731 19.37 9.99 22.87
C MET C 731 18.16 10.18 23.78
N THR C 732 17.14 10.85 23.27
CA THR C 732 15.88 10.96 23.99
C THR C 732 15.02 9.75 23.69
N LYS C 733 14.52 9.09 24.74
CA LYS C 733 13.69 7.90 24.59
C LYS C 733 12.30 8.31 24.12
N THR C 734 12.15 8.44 22.81
CA THR C 734 10.91 8.92 22.21
C THR C 734 10.16 7.77 21.57
N SER C 735 8.93 7.55 22.03
CA SER C 735 8.05 6.53 21.46
C SER C 735 6.81 7.21 20.90
N VAL C 736 6.45 6.85 19.66
CA VAL C 736 5.34 7.48 18.96
C VAL C 736 4.29 6.42 18.71
N ASP C 737 3.05 6.71 19.12
CA ASP C 737 1.91 5.86 18.80
C ASP C 737 1.59 6.06 17.32
N CYS C 738 1.61 4.97 16.56
CA CYS C 738 1.46 5.08 15.10
C CYS C 738 0.02 5.34 14.70
N THR C 739 -0.93 4.69 15.38
CA THR C 739 -2.34 4.82 15.02
C THR C 739 -2.88 6.17 15.45
N MET C 740 -2.43 6.65 16.61
CA MET C 740 -2.97 7.89 17.15
C MET C 740 -2.31 9.11 16.49
N TYR C 741 -1.14 8.91 15.87
CA TYR C 741 -0.57 9.96 15.04
C TYR C 741 -1.37 10.16 13.76
N ILE C 742 -1.66 9.07 13.06
CA ILE C 742 -2.27 9.19 11.73
C ILE C 742 -3.77 9.43 11.87
N CYS C 743 -4.43 8.65 12.71
CA CYS C 743 -5.89 8.63 12.81
C CYS C 743 -6.33 8.89 14.23
N GLY C 744 -5.83 9.97 14.82
CA GLY C 744 -6.18 10.36 16.17
C GLY C 744 -7.63 10.80 16.34
N ASP C 745 -8.33 10.10 17.26
CA ASP C 745 -9.73 10.32 17.64
C ASP C 745 -10.67 10.24 16.44
N SER C 746 -10.43 9.25 15.57
CA SER C 746 -11.28 9.06 14.38
C SER C 746 -11.35 7.56 14.12
N THR C 747 -12.54 6.99 14.31
CA THR C 747 -12.72 5.56 14.11
C THR C 747 -12.74 5.19 12.63
N GLU C 748 -13.26 6.09 11.78
CA GLU C 748 -13.35 5.82 10.35
C GLU C 748 -11.98 5.87 9.69
N CYS C 749 -11.02 6.59 10.27
CA CYS C 749 -9.66 6.56 9.77
C CYS C 749 -8.96 5.27 10.15
N SER C 750 -9.18 4.80 11.38
CA SER C 750 -8.45 3.63 11.86
C SER C 750 -9.01 2.33 11.30
N ASN C 751 -10.22 2.38 10.72
CA ASN C 751 -10.75 1.21 10.03
C ASN C 751 -10.04 0.96 8.72
N LEU C 752 -9.46 2.01 8.12
CA LEU C 752 -8.63 1.84 6.93
C LEU C 752 -7.17 1.62 7.27
N LEU C 753 -6.73 2.04 8.46
CA LEU C 753 -5.34 1.83 8.85
C LEU C 753 -5.08 0.38 9.21
N LEU C 754 -6.12 -0.34 9.66
CA LEU C 754 -5.96 -1.76 9.93
C LEU C 754 -5.92 -2.58 8.65
N GLN C 755 -6.38 -2.02 7.52
CA GLN C 755 -6.25 -2.70 6.24
C GLN C 755 -4.83 -2.59 5.67
N TYR C 756 -3.99 -1.72 6.23
CA TYR C 756 -2.61 -1.59 5.80
C TYR C 756 -1.69 -2.62 6.43
N GLY C 757 -2.20 -3.47 7.32
CA GLY C 757 -1.39 -4.53 7.87
C GLY C 757 -0.69 -4.17 9.15
N SER C 758 0.52 -4.69 9.33
CA SER C 758 1.28 -4.54 10.56
C SER C 758 2.28 -3.40 10.49
N PHE C 759 1.96 -2.34 9.75
CA PHE C 759 2.84 -1.18 9.67
C PHE C 759 2.92 -0.44 11.00
N CYS C 760 1.80 -0.26 11.68
CA CYS C 760 1.83 0.40 12.97
C CYS C 760 2.18 -0.53 14.11
N THR C 761 2.37 -1.82 13.85
CA THR C 761 2.92 -2.73 14.84
C THR C 761 4.44 -2.67 14.84
N GLN C 762 5.05 -2.72 13.65
CA GLN C 762 6.51 -2.81 13.57
C GLN C 762 7.18 -1.45 13.68
N LEU C 763 6.42 -0.36 13.51
CA LEU C 763 7.04 0.96 13.65
C LEU C 763 7.01 1.43 15.09
N ASN C 764 6.09 0.91 15.90
CA ASN C 764 6.18 1.12 17.34
C ASN C 764 7.26 0.26 17.96
N ARG C 765 7.51 -0.91 17.38
CA ARG C 765 8.51 -1.83 17.93
C ARG C 765 9.91 -1.36 17.59
N ALA C 766 10.08 -0.68 16.47
CA ALA C 766 11.39 -0.13 16.10
C ALA C 766 11.76 1.05 17.00
N LEU C 767 10.77 1.84 17.41
CA LEU C 767 11.03 2.92 18.36
C LEU C 767 11.20 2.39 19.78
N THR C 768 10.58 1.23 20.07
CA THR C 768 10.78 0.59 21.36
C THR C 768 12.18 0.00 21.46
N GLY C 769 12.69 -0.52 20.34
CA GLY C 769 14.03 -1.09 20.35
C GLY C 769 15.12 -0.04 20.43
N ILE C 770 14.80 1.20 20.06
CA ILE C 770 15.69 2.31 20.33
C ILE C 770 15.71 2.62 21.83
N ALA C 771 14.54 2.66 22.46
CA ALA C 771 14.43 3.13 23.84
C ALA C 771 14.96 2.11 24.83
N VAL C 772 14.97 0.83 24.47
CA VAL C 772 15.69 -0.16 25.26
C VAL C 772 17.18 0.05 25.13
N GLU C 773 17.63 0.38 23.91
CA GLU C 773 19.05 0.55 23.62
C GLU C 773 19.62 1.81 24.25
N GLN C 774 18.81 2.85 24.44
CA GLN C 774 19.30 4.08 25.06
C GLN C 774 19.56 3.88 26.56
N ASP C 775 18.78 3.02 27.20
CA ASP C 775 19.12 2.62 28.56
C ASP C 775 20.27 1.63 28.57
N LYS C 776 20.44 0.88 27.48
CA LYS C 776 21.58 -0.02 27.36
C LYS C 776 22.87 0.76 27.10
N ASN C 777 22.78 1.83 26.30
CA ASN C 777 23.96 2.61 25.92
C ASN C 777 24.54 3.36 27.11
N THR C 778 23.69 3.76 28.04
CA THR C 778 24.16 4.40 29.26
C THR C 778 24.77 3.36 30.19
N GLN C 779 24.28 2.12 30.12
CA GLN C 779 24.71 1.07 31.04
C GLN C 779 26.12 0.57 30.72
N GLU C 780 26.51 0.60 29.44
CA GLU C 780 27.88 0.21 29.11
C GLU C 780 28.88 1.28 29.50
N VAL C 781 28.44 2.54 29.53
CA VAL C 781 29.38 3.63 29.82
C VAL C 781 29.56 3.79 31.31
N PHE C 782 28.48 4.09 32.03
CA PHE C 782 28.60 4.55 33.39
C PHE C 782 28.58 3.44 34.43
N ALA C 783 27.98 2.29 34.11
CA ALA C 783 27.80 1.24 35.11
C ALA C 783 28.89 0.19 35.03
N GLN C 784 30.12 0.59 34.71
CA GLN C 784 31.22 -0.35 34.60
C GLN C 784 31.77 -0.80 35.94
N VAL C 785 31.45 -0.10 37.02
CA VAL C 785 31.98 -0.43 38.34
C VAL C 785 30.90 -1.20 39.09
N LYS C 786 31.32 -2.03 40.04
CA LYS C 786 30.37 -2.82 40.80
C LYS C 786 29.96 -2.15 42.09
N GLN C 787 30.87 -1.43 42.74
CA GLN C 787 30.63 -0.82 44.03
C GLN C 787 30.85 0.68 43.94
N ILE C 788 30.03 1.44 44.67
CA ILE C 788 30.16 2.89 44.73
C ILE C 788 31.26 3.19 45.73
N TYR C 789 32.34 3.80 45.26
CA TYR C 789 33.43 4.19 46.13
C TYR C 789 33.26 5.63 46.57
N LYS C 790 33.59 5.90 47.82
CA LYS C 790 33.58 7.25 48.34
C LYS C 790 34.99 7.72 48.62
N THR C 791 35.24 8.99 48.34
CA THR C 791 36.49 9.63 48.73
C THR C 791 36.52 9.81 50.24
N PRO C 792 37.70 9.74 50.86
CA PRO C 792 37.81 10.09 52.27
C PRO C 792 37.61 11.59 52.48
N PRO C 793 37.18 12.00 53.68
CA PRO C 793 37.04 13.45 53.94
C PRO C 793 38.36 14.19 53.99
N ILE C 794 39.46 13.50 54.29
CA ILE C 794 40.78 14.09 54.18
C ILE C 794 41.21 14.08 52.71
N LYS C 795 41.58 15.25 52.21
CA LYS C 795 41.87 15.47 50.80
C LYS C 795 43.36 15.69 50.55
N ASP C 796 44.21 14.93 51.25
CA ASP C 796 45.66 15.06 51.09
C ASP C 796 46.13 14.12 49.99
N PHE C 797 45.83 14.51 48.75
CA PHE C 797 46.16 13.72 47.56
C PHE C 797 47.51 14.14 46.96
N GLY C 798 48.53 14.16 47.82
CA GLY C 798 49.87 14.51 47.41
C GLY C 798 50.06 15.96 47.02
N GLY C 799 49.18 16.83 47.48
CA GLY C 799 49.19 18.23 47.10
C GLY C 799 48.27 18.60 45.96
N PHE C 800 47.31 17.74 45.61
CA PHE C 800 46.42 18.02 44.49
C PHE C 800 45.03 18.25 45.07
N ASN C 801 44.38 19.36 44.74
CA ASN C 801 42.92 19.42 44.92
C ASN C 801 42.19 18.72 43.78
N PHE C 802 41.07 18.10 44.13
CA PHE C 802 40.10 17.59 43.19
C PHE C 802 38.72 18.19 43.37
N SER C 803 38.59 19.29 44.12
CA SER C 803 37.28 19.73 44.61
C SER C 803 36.43 20.34 43.51
N GLN C 804 37.02 20.71 42.39
CA GLN C 804 36.26 21.18 41.25
C GLN C 804 35.67 20.05 40.44
N ILE C 805 36.18 18.82 40.57
CA ILE C 805 35.64 17.71 39.79
C ILE C 805 34.95 16.70 40.71
N LEU C 806 35.23 16.77 42.01
CA LEU C 806 34.58 15.91 42.98
C LEU C 806 33.14 16.37 43.21
N PRO C 807 32.25 15.47 43.64
CA PRO C 807 30.86 15.90 43.89
C PRO C 807 30.75 16.82 45.11
N ASP C 808 29.80 17.75 45.02
CA ASP C 808 29.61 18.78 46.03
C ASP C 808 28.52 18.32 46.99
N PRO C 809 28.82 18.10 48.27
CA PRO C 809 27.77 17.66 49.21
C PRO C 809 26.80 18.75 49.63
N SER C 810 27.08 20.02 49.30
CA SER C 810 26.19 21.10 49.72
C SER C 810 24.92 21.17 48.88
N LYS C 811 24.91 20.60 47.68
CA LYS C 811 23.74 20.66 46.82
C LYS C 811 22.93 19.37 46.91
N SER C 813 20.92 18.60 43.03
CA SER C 813 21.49 17.26 42.98
C SER C 813 22.93 17.25 43.48
N LYS C 814 23.37 16.08 43.96
CA LYS C 814 24.74 15.93 44.47
C LYS C 814 25.71 15.68 43.32
N ARG C 815 25.97 16.74 42.56
CA ARG C 815 26.84 16.69 41.41
C ARG C 815 28.15 17.42 41.70
N SER C 816 29.00 17.47 40.69
CA SER C 816 30.25 18.19 40.80
C SER C 816 30.06 19.65 40.43
N PHE C 817 31.13 20.43 40.60
CA PHE C 817 31.11 21.82 40.17
C PHE C 817 31.19 21.92 38.66
N ILE C 818 32.10 21.17 38.04
CA ILE C 818 32.29 21.21 36.59
C ILE C 818 31.11 20.58 35.87
N GLU C 819 30.47 19.58 36.49
CA GLU C 819 29.23 19.00 35.98
C GLU C 819 28.08 20.00 36.02
N ASP C 820 28.11 20.97 36.93
CA ASP C 820 27.09 22.01 36.93
C ASP C 820 27.29 22.99 35.78
N LEU C 821 28.54 23.18 35.33
CA LEU C 821 28.78 23.96 34.11
C LEU C 821 28.29 23.21 32.88
N LEU C 822 28.40 21.89 32.87
CA LEU C 822 27.95 21.13 31.70
C LEU C 822 26.43 21.02 31.65
N PHE C 823 25.77 21.03 32.80
CA PHE C 823 24.32 20.96 32.81
C PHE C 823 23.69 22.30 32.45
N ASN C 824 24.31 23.41 32.83
CA ASN C 824 23.75 24.72 32.53
C ASN C 824 23.98 25.14 31.08
N LYS C 825 24.99 24.60 30.42
CA LYS C 825 25.28 24.99 29.05
C LYS C 825 24.28 24.37 28.07
N VAL C 826 23.91 23.12 28.28
CA VAL C 826 22.96 22.43 27.41
C VAL C 826 21.55 22.81 27.84
N THR C 827 20.80 23.41 26.92
CA THR C 827 19.43 23.81 27.20
C THR C 827 18.45 23.06 26.29
N PHE C 855 2.82 16.84 21.43
CA PHE C 855 2.07 15.90 22.25
C PHE C 855 0.76 15.53 21.56
N ASN C 856 0.87 15.16 20.28
CA ASN C 856 -0.26 14.72 19.47
C ASN C 856 -0.09 13.27 19.01
N GLY C 857 0.22 12.37 19.94
CA GLY C 857 0.57 11.01 19.59
C GLY C 857 2.00 10.75 19.99
N LEU C 858 2.69 11.81 20.39
CA LEU C 858 4.10 11.75 20.76
C LEU C 858 4.22 11.58 22.26
N THR C 859 5.03 10.61 22.68
CA THR C 859 5.41 10.46 24.07
C THR C 859 6.92 10.44 24.15
N VAL C 860 7.44 10.93 25.27
CA VAL C 860 8.85 10.76 25.60
C VAL C 860 8.91 9.88 26.84
N LEU C 861 9.82 8.91 26.82
CA LEU C 861 10.00 8.06 27.97
C LEU C 861 11.15 8.59 28.82
N PRO C 862 11.05 8.52 30.14
CA PRO C 862 12.16 8.93 30.99
C PRO C 862 13.30 7.92 30.93
N PRO C 863 14.55 8.37 31.07
CA PRO C 863 15.66 7.42 31.14
C PRO C 863 15.63 6.65 32.44
N LEU C 864 16.24 5.45 32.42
CA LEU C 864 16.23 4.59 33.60
C LEU C 864 17.12 5.15 34.69
N LEU C 865 18.32 5.60 34.32
CA LEU C 865 19.27 6.23 35.22
C LEU C 865 19.02 7.73 35.21
N THR C 866 18.69 8.30 36.37
CA THR C 866 18.51 9.73 36.46
C THR C 866 19.87 10.44 36.55
N ASP C 867 19.83 11.77 36.51
CA ASP C 867 21.06 12.56 36.51
C ASP C 867 21.78 12.53 37.85
N GLU C 868 21.06 12.26 38.95
CA GLU C 868 21.73 12.13 40.24
C GLU C 868 22.35 10.76 40.45
N MET C 869 21.99 9.77 39.62
CA MET C 869 22.65 8.47 39.72
C MET C 869 23.77 8.31 38.69
N ILE C 870 23.71 9.05 37.59
CA ILE C 870 24.89 9.21 36.75
C ILE C 870 25.98 9.96 37.51
N ALA C 871 25.56 10.94 38.32
CA ALA C 871 26.52 11.66 39.17
C ALA C 871 27.05 10.79 40.29
N GLN C 872 26.32 9.72 40.65
CA GLN C 872 26.88 8.75 41.59
C GLN C 872 27.84 7.80 40.91
N TYR C 873 27.55 7.42 39.65
CA TYR C 873 28.47 6.61 38.87
C TYR C 873 29.75 7.37 38.53
N THR C 874 29.64 8.65 38.18
CA THR C 874 30.85 9.41 37.86
C THR C 874 31.62 9.78 39.11
N SER C 875 30.97 9.77 40.27
CA SER C 875 31.72 9.92 41.52
C SER C 875 32.39 8.63 41.92
N ALA C 876 31.77 7.49 41.61
CA ALA C 876 32.34 6.20 41.97
C ALA C 876 33.54 5.86 41.10
N LEU C 877 33.47 6.23 39.82
CA LEU C 877 34.61 6.02 38.93
C LEU C 877 35.72 7.02 39.22
N LEU C 878 35.36 8.17 39.77
CA LEU C 878 36.37 9.14 40.16
C LEU C 878 37.08 8.71 41.44
N ALA C 879 36.34 8.17 42.40
CA ALA C 879 36.94 7.77 43.66
C ALA C 879 37.75 6.49 43.51
N GLY C 880 37.40 5.67 42.54
CA GLY C 880 38.24 4.53 42.22
C GLY C 880 39.55 4.93 41.58
N THR C 881 39.53 5.95 40.73
CA THR C 881 40.73 6.38 40.04
C THR C 881 41.68 7.13 40.98
N ILE C 882 41.13 7.93 41.88
CA ILE C 882 41.96 8.75 42.77
C ILE C 882 42.54 7.89 43.89
N THR C 883 41.68 7.18 44.61
CA THR C 883 42.11 6.48 45.81
C THR C 883 42.68 5.10 45.53
N SER C 884 42.45 4.52 44.35
CA SER C 884 42.88 3.16 44.13
C SER C 884 43.59 2.90 42.81
N GLY C 885 43.76 3.90 41.96
CA GLY C 885 44.52 3.69 40.73
C GLY C 885 43.72 2.93 39.69
N TRP C 886 44.41 2.02 38.98
CA TRP C 886 43.74 1.13 38.05
C TRP C 886 43.27 -0.17 38.67
N THR C 887 43.55 -0.40 39.95
CA THR C 887 43.35 -1.71 40.54
C THR C 887 41.89 -1.99 40.83
N PHE C 888 41.06 -0.95 40.91
CA PHE C 888 39.63 -1.16 41.11
C PHE C 888 38.94 -1.65 39.85
N GLY C 889 39.53 -1.44 38.67
CA GLY C 889 38.97 -1.96 37.45
C GLY C 889 39.36 -3.41 37.22
N ALA C 890 40.45 -3.83 37.86
CA ALA C 890 40.90 -5.22 37.72
C ALA C 890 40.16 -6.14 38.66
N GLY C 891 40.27 -5.91 39.95
CA GLY C 891 39.56 -6.69 40.95
C GLY C 891 38.93 -5.80 41.99
N ALA C 892 39.24 -6.05 43.26
CA ALA C 892 38.80 -5.15 44.31
C ALA C 892 39.69 -3.91 44.33
N ALA C 893 39.20 -2.85 44.96
CA ALA C 893 39.94 -1.60 45.03
C ALA C 893 41.04 -1.70 46.07
N LEU C 894 42.26 -1.42 45.64
CA LEU C 894 43.44 -1.52 46.48
C LEU C 894 43.94 -0.11 46.71
N GLN C 895 44.01 0.31 47.98
CA GLN C 895 44.39 1.67 48.28
C GLN C 895 45.87 1.91 48.03
N ILE C 896 46.18 3.12 47.57
CA ILE C 896 47.53 3.49 47.14
C ILE C 896 47.62 5.00 47.34
N PRO C 897 48.72 5.53 47.87
CA PRO C 897 48.88 6.99 47.94
C PRO C 897 49.00 7.59 46.56
N PHE C 898 48.57 8.85 46.44
CA PHE C 898 48.48 9.48 45.12
C PHE C 898 49.85 9.86 44.58
N ALA C 899 50.83 10.05 45.47
CA ALA C 899 52.20 10.21 45.00
C ALA C 899 52.76 8.88 44.51
N MET C 900 52.24 7.77 45.02
CA MET C 900 52.68 6.48 44.51
C MET C 900 51.83 6.03 43.33
N GLN C 901 50.69 6.69 43.11
CA GLN C 901 49.91 6.35 41.92
C GLN C 901 50.48 7.04 40.69
N MET C 902 50.87 8.31 40.82
CA MET C 902 51.45 9.02 39.67
C MET C 902 52.88 8.56 39.38
N ALA C 903 53.52 7.88 40.34
CA ALA C 903 54.79 7.24 40.06
C ALA C 903 54.60 6.01 39.18
N TYR C 904 53.43 5.37 39.24
CA TYR C 904 53.12 4.31 38.30
C TYR C 904 52.85 4.88 36.92
N ARG C 905 52.17 6.03 36.86
CA ARG C 905 51.70 6.56 35.59
C ARG C 905 52.83 7.15 34.77
N PHE C 906 53.85 7.70 35.45
CA PHE C 906 55.06 8.09 34.71
C PHE C 906 55.84 6.88 34.27
N ASN C 907 55.78 5.80 35.05
CA ASN C 907 56.53 4.59 34.71
C ASN C 907 55.93 3.85 33.53
N GLY C 908 54.67 4.10 33.22
CA GLY C 908 54.05 3.54 32.04
C GLY C 908 54.33 4.28 30.75
N ILE C 909 54.89 5.48 30.81
CA ILE C 909 55.21 6.23 29.60
C ILE C 909 56.72 6.37 29.44
N GLY C 910 57.47 5.46 30.05
CA GLY C 910 58.90 5.44 29.85
C GLY C 910 59.66 6.50 30.60
N VAL C 911 59.08 7.05 31.66
CA VAL C 911 59.72 8.06 32.51
C VAL C 911 60.00 7.40 33.85
N THR C 912 61.24 7.51 34.33
CA THR C 912 61.57 7.01 35.66
C THR C 912 60.87 7.85 36.70
N GLN C 913 60.44 7.21 37.79
CA GLN C 913 59.52 7.86 38.72
C GLN C 913 60.21 8.82 39.69
N ASN C 914 61.53 9.00 39.59
CA ASN C 914 62.19 10.05 40.35
C ASN C 914 61.93 11.43 39.75
N VAL C 915 61.45 11.48 38.51
CA VAL C 915 61.04 12.73 37.89
C VAL C 915 59.84 13.33 38.62
N LEU C 916 58.91 12.47 39.07
CA LEU C 916 57.76 12.89 39.84
C LEU C 916 58.14 13.43 41.21
N TYR C 917 58.94 12.66 41.95
CA TYR C 917 59.14 12.94 43.37
C TYR C 917 60.07 14.12 43.58
N GLU C 918 60.92 14.41 42.60
CA GLU C 918 61.73 15.62 42.64
C GLU C 918 60.97 16.83 42.12
N ASN C 919 59.78 16.64 41.53
CA ASN C 919 59.00 17.73 40.98
C ASN C 919 57.54 17.68 41.42
N GLN C 920 57.26 17.21 42.64
CA GLN C 920 55.89 16.96 43.04
C GLN C 920 55.13 18.26 43.34
N LYS C 921 55.82 19.26 43.87
CA LYS C 921 55.18 20.55 44.09
C LYS C 921 54.97 21.31 42.79
N LEU C 922 55.81 21.03 41.79
CA LEU C 922 55.67 21.69 40.48
C LEU C 922 54.48 21.12 39.71
N ILE C 923 54.32 19.79 39.75
CA ILE C 923 53.25 19.11 39.01
C ILE C 923 51.89 19.43 39.62
N ALA C 924 51.85 19.63 40.94
CA ALA C 924 50.64 20.12 41.60
C ALA C 924 50.26 21.52 41.15
N ASN C 925 51.25 22.37 40.90
CA ASN C 925 50.96 23.68 40.35
C ASN C 925 50.63 23.60 38.86
N GLN C 926 51.18 22.58 38.17
CA GLN C 926 50.81 22.35 36.78
C GLN C 926 49.38 21.84 36.65
N PHE C 927 48.99 20.90 37.52
CA PHE C 927 47.72 20.22 37.37
C PHE C 927 46.56 21.08 37.86
N ASN C 928 46.75 21.79 38.98
CA ASN C 928 45.64 22.56 39.55
C ASN C 928 45.35 23.81 38.74
N SER C 929 46.36 24.33 38.05
CA SER C 929 46.11 25.42 37.11
C SER C 929 45.44 24.90 35.84
N ALA C 930 45.70 23.65 35.48
CA ALA C 930 45.14 23.10 34.25
C ALA C 930 43.67 22.75 34.41
N ILE C 931 43.26 22.37 35.62
CA ILE C 931 41.85 22.15 35.93
C ILE C 931 41.08 23.47 35.89
N GLY C 932 41.73 24.57 36.31
CA GLY C 932 41.07 25.86 36.29
C GLY C 932 40.93 26.43 34.88
N LYS C 933 41.74 25.95 33.94
CA LYS C 933 41.55 26.34 32.54
C LYS C 933 40.35 25.64 31.92
N ILE C 934 39.95 24.49 32.44
CA ILE C 934 38.77 23.78 31.94
C ILE C 934 37.50 24.54 32.30
N GLN C 935 37.50 25.17 33.49
CA GLN C 935 36.36 25.96 33.94
C GLN C 935 36.15 27.20 33.06
N ASP C 936 37.24 27.85 32.66
CA ASP C 936 37.12 29.02 31.80
C ASP C 936 36.84 28.62 30.36
N SER C 937 37.19 27.39 29.99
CA SER C 937 36.90 26.92 28.63
C SER C 937 35.43 26.57 28.47
N LEU C 938 34.79 26.15 29.56
CA LEU C 938 33.40 25.69 29.44
C LEU C 938 32.41 26.81 29.73
N SER C 939 32.70 27.65 30.74
CA SER C 939 31.75 28.68 31.15
C SER C 939 31.73 29.84 30.16
N SER C 940 32.91 30.27 29.69
CA SER C 940 32.97 31.44 28.83
C SER C 940 32.58 31.10 27.39
N THR C 941 33.14 30.02 26.85
CA THR C 941 32.81 29.63 25.48
C THR C 941 31.50 28.88 25.45
N ALA C 942 30.53 29.40 24.71
CA ALA C 942 29.22 28.77 24.61
C ALA C 942 29.18 27.64 23.58
N SER C 943 30.22 27.51 22.76
CA SER C 943 30.28 26.47 21.75
C SER C 943 31.19 25.32 22.15
N ALA C 944 31.40 25.11 23.45
CA ALA C 944 32.25 24.03 23.91
C ALA C 944 31.55 22.68 23.78
N LEU C 945 30.27 22.63 24.10
CA LEU C 945 29.50 21.39 24.03
C LEU C 945 28.75 21.30 22.70
N GLY C 946 29.52 21.20 21.63
CA GLY C 946 28.93 21.16 20.31
C GLY C 946 28.31 19.82 19.97
N LYS C 947 28.90 18.73 20.48
CA LYS C 947 28.44 17.40 20.09
C LYS C 947 27.15 17.02 20.81
N LEU C 948 26.98 17.46 22.06
CA LEU C 948 25.75 17.16 22.78
C LEU C 948 24.61 18.03 22.29
N GLN C 949 24.92 19.26 21.86
CA GLN C 949 23.88 20.15 21.40
C GLN C 949 23.37 19.76 20.02
N ASP C 950 24.23 19.14 19.20
CA ASP C 950 23.78 18.68 17.89
C ASP C 950 22.93 17.42 18.00
N VAL C 951 23.11 16.66 19.08
CA VAL C 951 22.29 15.47 19.31
C VAL C 951 20.87 15.89 19.69
N VAL C 952 20.76 16.88 20.58
CA VAL C 952 19.46 17.35 21.05
C VAL C 952 18.71 18.10 19.96
N ASN C 953 19.43 18.93 19.20
CA ASN C 953 18.78 19.76 18.18
C ASN C 953 18.36 18.95 16.97
N GLN C 954 19.03 17.84 16.69
CA GLN C 954 18.59 16.96 15.61
C GLN C 954 17.34 16.20 16.00
N ASN C 955 17.28 15.74 17.25
CA ASN C 955 16.13 14.96 17.71
C ASN C 955 14.93 15.86 17.96
N ALA C 956 15.17 17.13 18.29
CA ALA C 956 14.05 18.06 18.47
C ALA C 956 13.47 18.45 17.12
N GLN C 957 14.33 18.70 16.12
CA GLN C 957 13.86 19.19 14.83
C GLN C 957 13.22 18.08 14.00
N ALA C 958 13.68 16.84 14.18
CA ALA C 958 13.03 15.70 13.52
C ALA C 958 11.66 15.45 14.13
N LEU C 959 11.53 15.70 15.44
CA LEU C 959 10.20 15.68 16.06
C LEU C 959 9.39 16.89 15.64
N ASN C 960 10.06 18.03 15.40
CA ASN C 960 9.37 19.24 14.99
C ASN C 960 8.86 19.12 13.55
N THR C 961 9.61 18.39 12.71
CA THR C 961 9.19 18.20 11.33
C THR C 961 7.99 17.26 11.24
N LEU C 962 7.91 16.30 12.17
CA LEU C 962 6.85 15.30 12.15
C LEU C 962 5.49 15.91 12.52
N VAL C 963 5.48 16.88 13.43
CA VAL C 963 4.25 17.58 13.74
C VAL C 963 3.85 18.51 12.60
N LYS C 964 4.84 19.10 11.92
CA LYS C 964 4.54 19.97 10.78
C LYS C 964 4.07 19.17 9.57
N GLN C 965 4.43 17.88 9.48
CA GLN C 965 3.82 17.03 8.48
C GLN C 965 2.37 16.70 8.79
N LEU C 966 1.97 16.76 10.06
CA LEU C 966 0.60 16.41 10.43
C LEU C 966 -0.39 17.49 10.00
N SER C 967 0.06 18.73 9.90
CA SER C 967 -0.78 19.81 9.40
C SER C 967 -0.70 19.97 7.90
N SER C 968 -0.07 19.04 7.19
CA SER C 968 0.05 19.12 5.74
C SER C 968 -1.13 18.46 5.05
N ASN C 969 -1.11 18.50 3.71
CA ASN C 969 -2.30 18.17 2.94
C ASN C 969 -2.22 16.76 2.36
N PHE C 970 -1.04 16.40 1.81
CA PHE C 970 -0.75 15.14 1.11
C PHE C 970 -1.69 14.87 -0.06
N GLY C 971 -2.09 15.92 -0.77
CA GLY C 971 -2.93 15.74 -1.92
C GLY C 971 -4.39 15.49 -1.62
N ALA C 972 -4.83 15.72 -0.38
CA ALA C 972 -6.22 15.54 -0.02
C ALA C 972 -7.01 16.83 -0.29
N ILE C 973 -8.24 16.87 0.21
CA ILE C 973 -9.04 18.07 0.06
C ILE C 973 -8.79 19.03 1.23
N SER C 974 -8.26 18.52 2.34
CA SER C 974 -8.02 19.33 3.53
C SER C 974 -6.96 18.67 4.38
N SER C 975 -6.28 19.49 5.19
CA SER C 975 -5.32 18.97 6.14
C SER C 975 -5.96 18.29 7.34
N VAL C 976 -7.03 18.88 7.88
CA VAL C 976 -7.67 18.38 9.08
C VAL C 976 -8.58 17.21 8.69
N LEU C 977 -8.58 16.17 9.52
CA LEU C 977 -9.22 14.91 9.16
C LEU C 977 -10.74 14.98 9.32
N ASN C 978 -11.22 15.74 10.30
CA ASN C 978 -12.64 15.71 10.64
C ASN C 978 -13.48 16.47 9.62
N ASP C 979 -12.90 17.46 8.95
CA ASP C 979 -13.66 18.24 7.98
C ASP C 979 -13.88 17.48 6.68
N ILE C 980 -13.05 16.48 6.41
CA ILE C 980 -13.33 15.56 5.29
C ILE C 980 -14.55 14.70 5.62
N LEU C 981 -14.64 14.24 6.88
CA LEU C 981 -15.79 13.47 7.30
C LEU C 981 -17.04 14.33 7.43
N SER C 982 -16.87 15.60 7.80
CA SER C 982 -18.02 16.46 8.04
C SER C 982 -18.60 17.00 6.74
N ARG C 983 -17.76 17.65 5.93
CA ARG C 983 -18.27 18.38 4.77
C ARG C 983 -18.62 17.46 3.61
N LEU C 984 -18.09 16.24 3.60
CA LEU C 984 -18.32 15.33 2.48
C LEU C 984 -18.96 14.04 2.97
N ASP C 985 -19.62 13.35 2.04
CA ASP C 985 -20.19 12.03 2.21
C ASP C 985 -19.12 10.97 2.48
N PRO C 986 -19.48 9.86 3.13
CA PRO C 986 -18.49 8.77 3.39
C PRO C 986 -17.90 8.12 2.14
N PRO C 987 -18.68 7.55 1.18
CA PRO C 987 -18.11 6.44 0.37
C PRO C 987 -17.11 6.86 -0.70
N GLU C 988 -16.96 8.14 -1.00
CA GLU C 988 -15.86 8.60 -1.84
C GLU C 988 -14.79 9.32 -1.05
N ALA C 989 -15.08 9.76 0.17
CA ALA C 989 -14.04 10.36 1.00
C ALA C 989 -13.25 9.33 1.78
N GLU C 990 -13.57 8.04 1.60
CA GLU C 990 -12.67 6.97 2.05
C GLU C 990 -11.37 7.00 1.28
N VAL C 991 -11.42 7.41 0.01
CA VAL C 991 -10.20 7.61 -0.78
C VAL C 991 -9.43 8.81 -0.27
N GLN C 992 -10.13 9.90 0.05
CA GLN C 992 -9.48 11.14 0.50
C GLN C 992 -8.88 10.98 1.90
N ILE C 993 -9.49 10.13 2.72
CA ILE C 993 -8.89 9.78 4.01
C ILE C 993 -7.64 8.92 3.79
N ASP C 994 -7.69 8.02 2.80
CA ASP C 994 -6.60 7.08 2.54
C ASP C 994 -5.35 7.78 1.99
N ARG C 995 -5.53 8.90 1.29
CA ARG C 995 -4.38 9.67 0.81
C ARG C 995 -3.69 10.40 1.95
N LEU C 996 -4.44 10.69 3.03
CA LEU C 996 -3.79 11.19 4.24
C LEU C 996 -3.11 10.07 5.01
N ILE C 997 -3.68 8.85 4.95
CA ILE C 997 -3.08 7.71 5.62
C ILE C 997 -1.79 7.30 4.90
N THR C 998 -1.81 7.33 3.58
CA THR C 998 -0.61 6.99 2.80
C THR C 998 0.47 8.07 2.95
N GLY C 999 0.05 9.32 3.15
CA GLY C 999 1.02 10.38 3.34
C GLY C 999 1.64 10.38 4.73
N ARG C 1000 0.82 10.20 5.76
CA ARG C 1000 1.31 10.33 7.13
C ARG C 1000 2.10 9.11 7.57
N LEU C 1001 1.76 7.92 7.06
CA LEU C 1001 2.51 6.72 7.40
C LEU C 1001 3.87 6.74 6.71
N GLN C 1002 3.94 7.31 5.51
CA GLN C 1002 5.23 7.46 4.84
C GLN C 1002 6.03 8.59 5.49
N SER C 1003 5.34 9.56 6.09
CA SER C 1003 6.02 10.60 6.86
C SER C 1003 6.57 10.07 8.17
N LEU C 1004 5.85 9.14 8.80
CA LEU C 1004 6.34 8.56 10.05
C LEU C 1004 7.45 7.55 9.77
N GLN C 1005 7.37 6.86 8.63
CA GLN C 1005 8.40 5.90 8.26
C GLN C 1005 9.69 6.60 7.85
N THR C 1006 9.58 7.83 7.35
CA THR C 1006 10.78 8.62 7.11
C THR C 1006 11.39 9.07 8.43
N TYR C 1007 10.55 9.32 9.44
CA TYR C 1007 11.04 9.75 10.74
C TYR C 1007 11.71 8.60 11.48
N VAL C 1008 11.13 7.39 11.40
CA VAL C 1008 11.67 6.24 12.12
C VAL C 1008 12.99 5.79 11.52
N THR C 1009 13.09 5.83 10.18
CA THR C 1009 14.35 5.54 9.50
C THR C 1009 15.42 6.59 9.82
N GLN C 1010 15.00 7.83 10.02
CA GLN C 1010 15.90 8.86 10.52
C GLN C 1010 16.34 8.58 11.96
N GLN C 1011 15.45 7.99 12.76
CA GLN C 1011 15.81 7.70 14.15
C GLN C 1011 16.72 6.48 14.24
N LEU C 1012 16.48 5.47 13.39
CA LEU C 1012 17.30 4.24 13.45
C LEU C 1012 18.71 4.47 12.93
N ILE C 1013 18.87 5.38 11.97
CA ILE C 1013 20.21 5.73 11.49
C ILE C 1013 20.96 6.52 12.56
N ARG C 1014 20.26 7.45 13.23
CA ARG C 1014 20.90 8.28 14.23
C ARG C 1014 21.18 7.51 15.52
N ALA C 1015 20.34 6.53 15.87
CA ALA C 1015 20.60 5.72 17.06
C ALA C 1015 21.76 4.76 16.83
N ALA C 1016 21.99 4.35 15.59
CA ALA C 1016 23.16 3.52 15.29
C ALA C 1016 24.43 4.34 15.36
N GLU C 1017 24.35 5.62 15.03
CA GLU C 1017 25.52 6.49 15.16
C GLU C 1017 25.77 6.84 16.62
N ILE C 1018 24.71 6.91 17.43
CA ILE C 1018 24.85 7.20 18.85
C ILE C 1018 25.46 6.00 19.58
N ARG C 1019 25.06 4.78 19.20
CA ARG C 1019 25.61 3.56 19.78
C ARG C 1019 27.08 3.37 19.40
N ALA C 1020 27.46 3.84 18.22
CA ALA C 1020 28.87 3.88 17.83
C ALA C 1020 29.64 4.88 18.68
N SER C 1021 28.99 5.99 19.05
CA SER C 1021 29.60 6.90 20.01
C SER C 1021 29.52 6.36 21.43
N ALA C 1022 28.49 5.55 21.72
CA ALA C 1022 28.36 4.99 23.06
C ALA C 1022 29.37 3.88 23.31
N ASN C 1023 29.63 3.07 22.28
CA ASN C 1023 30.64 2.02 22.43
C ASN C 1023 32.05 2.61 22.39
N LEU C 1024 32.22 3.77 21.76
CA LEU C 1024 33.49 4.47 21.86
C LEU C 1024 33.68 5.05 23.25
N ALA C 1025 32.60 5.52 23.87
CA ALA C 1025 32.69 6.07 25.22
C ALA C 1025 32.90 4.97 26.26
N ALA C 1026 32.31 3.79 26.02
CA ALA C 1026 32.55 2.67 26.92
C ALA C 1026 33.96 2.12 26.76
N THR C 1027 34.51 2.21 25.55
CA THR C 1027 35.93 1.92 25.34
C THR C 1027 36.80 2.97 26.02
N LYS C 1028 36.37 4.24 25.98
CA LYS C 1028 37.13 5.29 26.64
C LYS C 1028 36.83 5.34 28.13
N MET C 1029 35.82 4.60 28.60
CA MET C 1029 35.66 4.45 30.04
C MET C 1029 36.59 3.37 30.56
N SER C 1030 36.74 2.29 29.79
CA SER C 1030 37.50 1.14 30.25
C SER C 1030 38.99 1.39 30.12
N GLU C 1031 39.46 1.66 28.91
CA GLU C 1031 40.89 1.72 28.61
C GLU C 1031 41.54 3.01 29.05
N CYS C 1032 40.77 4.00 29.49
CA CYS C 1032 41.31 5.32 29.77
C CYS C 1032 41.07 5.82 31.18
N VAL C 1033 39.94 5.51 31.80
CA VAL C 1033 39.67 5.87 33.20
C VAL C 1033 40.13 4.75 34.12
N LEU C 1034 39.78 3.51 33.80
CA LEU C 1034 40.04 2.35 34.64
C LEU C 1034 41.46 1.83 34.45
N GLY C 1035 42.22 2.45 33.57
CA GLY C 1035 43.63 2.13 33.41
C GLY C 1035 44.30 3.15 32.53
N GLN C 1036 45.58 2.94 32.28
CA GLN C 1036 46.36 3.81 31.41
C GLN C 1036 46.58 3.11 30.09
N SER C 1037 46.26 3.79 28.99
CA SER C 1037 46.41 3.23 27.66
C SER C 1037 47.71 3.70 27.03
N LYS C 1038 48.37 2.79 26.33
CA LYS C 1038 49.56 3.12 25.54
C LYS C 1038 49.22 3.50 24.11
N ARG C 1039 47.93 3.61 23.79
CA ARG C 1039 47.50 4.03 22.46
C ARG C 1039 47.75 5.53 22.32
N VAL C 1040 48.60 5.89 21.36
CA VAL C 1040 49.01 7.28 21.20
C VAL C 1040 47.91 8.07 20.51
N ASP C 1041 47.64 9.27 21.05
CA ASP C 1041 46.63 10.24 20.62
C ASP C 1041 45.21 9.67 20.62
N PHE C 1042 44.96 8.74 21.53
CA PHE C 1042 43.61 8.21 21.73
C PHE C 1042 42.97 8.86 22.96
N CYS C 1043 43.72 8.94 24.04
CA CYS C 1043 43.28 9.63 25.25
C CYS C 1043 43.93 11.01 25.30
N GLY C 1044 43.59 11.84 24.32
CA GLY C 1044 44.12 13.18 24.25
C GLY C 1044 45.50 13.27 23.63
N LYS C 1045 45.88 14.45 23.16
CA LYS C 1045 47.18 14.61 22.51
C LYS C 1045 48.28 14.67 23.55
N GLY C 1046 49.26 13.79 23.39
CA GLY C 1046 50.36 13.67 24.32
C GLY C 1046 50.48 12.28 24.91
N TYR C 1047 51.49 12.10 25.73
CA TYR C 1047 51.62 10.87 26.49
C TYR C 1047 50.58 10.84 27.60
N HIS C 1048 49.80 9.77 27.66
CA HIS C 1048 48.62 9.73 28.50
C HIS C 1048 48.95 9.22 29.90
N LEU C 1049 48.40 9.89 30.91
CA LEU C 1049 48.58 9.47 32.29
C LEU C 1049 47.35 8.80 32.88
N MET C 1050 46.23 9.51 32.95
CA MET C 1050 44.97 9.07 33.53
C MET C 1050 43.90 10.07 33.13
N SER C 1051 42.64 9.70 33.33
CA SER C 1051 41.54 10.55 32.89
C SER C 1051 40.36 10.42 33.83
N PHE C 1052 39.53 11.46 33.84
CA PHE C 1052 38.42 11.57 34.79
C PHE C 1052 37.10 11.69 34.03
N PRO C 1053 36.09 10.89 34.36
CA PRO C 1053 34.79 11.04 33.71
C PRO C 1053 33.96 12.13 34.39
N GLN C 1054 33.13 12.79 33.59
CA GLN C 1054 32.17 13.74 34.12
C GLN C 1054 30.81 13.44 33.51
N SER C 1055 29.75 13.69 34.27
CA SER C 1055 28.42 13.56 33.73
C SER C 1055 28.12 14.74 32.80
N ALA C 1056 27.15 14.52 31.92
CA ALA C 1056 26.73 15.52 30.96
C ALA C 1056 25.29 15.23 30.59
N PRO C 1057 24.53 16.24 30.13
CA PRO C 1057 23.17 15.95 29.64
C PRO C 1057 23.19 15.16 28.34
N HIS C 1058 22.80 13.89 28.46
CA HIS C 1058 22.83 12.87 27.40
C HIS C 1058 24.23 12.72 26.80
N GLY C 1059 25.22 12.53 27.67
CA GLY C 1059 26.57 12.34 27.19
C GLY C 1059 27.55 12.19 28.32
N VAL C 1060 28.83 12.14 27.95
CA VAL C 1060 29.92 12.02 28.92
C VAL C 1060 31.00 13.01 28.50
N VAL C 1061 31.73 13.53 29.48
CA VAL C 1061 32.85 14.43 29.25
C VAL C 1061 34.06 13.87 29.99
N PHE C 1062 35.14 13.62 29.26
CA PHE C 1062 36.38 13.15 29.87
C PHE C 1062 37.34 14.30 30.06
N LEU C 1063 38.23 14.16 31.04
CA LEU C 1063 39.31 15.09 31.28
C LEU C 1063 40.62 14.30 31.18
N HIS C 1064 41.15 14.19 29.96
CA HIS C 1064 42.34 13.40 29.70
C HIS C 1064 43.57 14.15 30.22
N VAL C 1065 44.03 13.80 31.42
CA VAL C 1065 45.27 14.36 31.93
C VAL C 1065 46.44 13.71 31.20
N THR C 1066 47.21 14.52 30.50
CA THR C 1066 48.24 13.97 29.63
C THR C 1066 49.57 14.68 29.88
N TYR C 1067 50.64 14.01 29.49
CA TYR C 1067 52.00 14.48 29.73
C TYR C 1067 52.57 14.99 28.41
N VAL C 1068 52.78 16.29 28.31
CA VAL C 1068 53.31 16.92 27.11
C VAL C 1068 54.69 17.48 27.43
N PRO C 1069 55.75 16.99 26.79
CA PRO C 1069 57.08 17.56 27.05
C PRO C 1069 57.25 18.89 26.33
N ALA C 1070 57.95 19.82 26.98
CA ALA C 1070 57.96 21.21 26.51
C ALA C 1070 59.31 21.72 26.04
N GLN C 1071 60.33 21.73 26.88
CA GLN C 1071 61.55 22.48 26.60
C GLN C 1071 62.67 21.52 26.24
N GLU C 1072 63.02 21.47 24.96
CA GLU C 1072 64.04 20.56 24.46
C GLU C 1072 65.36 21.28 24.23
N LYS C 1073 66.44 20.52 24.26
CA LYS C 1073 67.75 20.96 23.84
C LYS C 1073 68.31 19.94 22.87
N ASN C 1074 69.05 20.41 21.87
CA ASN C 1074 69.66 19.50 20.91
C ASN C 1074 71.01 19.03 21.45
N PHE C 1075 71.31 17.75 21.24
CA PHE C 1075 72.54 17.14 21.71
C PHE C 1075 73.21 16.37 20.58
N THR C 1076 74.52 16.22 20.69
CA THR C 1076 75.28 15.36 19.79
C THR C 1076 75.31 13.97 20.39
N THR C 1077 74.80 12.99 19.66
CA THR C 1077 74.56 11.68 20.23
C THR C 1077 75.26 10.61 19.40
N ALA C 1078 75.22 9.37 19.90
CA ALA C 1078 75.88 8.23 19.25
C ALA C 1078 75.19 6.93 19.62
N PRO C 1079 75.02 6.00 18.67
CA PRO C 1079 74.22 4.80 18.94
C PRO C 1079 74.88 3.81 19.88
N ALA C 1080 76.21 3.76 19.90
CA ALA C 1080 76.92 2.90 20.82
C ALA C 1080 78.26 3.56 21.13
N ILE C 1081 78.83 3.17 22.26
CA ILE C 1081 80.20 3.55 22.57
C ILE C 1081 81.01 2.27 22.69
N CYS C 1082 82.30 2.36 22.42
CA CYS C 1082 83.16 1.18 22.41
C CYS C 1082 84.36 1.47 23.30
N HIS C 1083 84.50 0.70 24.37
CA HIS C 1083 85.42 1.03 25.44
C HIS C 1083 86.69 0.18 25.43
N ASP C 1084 86.56 -1.15 25.46
CA ASP C 1084 87.72 -2.02 25.51
C ASP C 1084 87.81 -2.87 24.26
N GLY C 1085 87.32 -2.35 23.15
CA GLY C 1085 87.17 -3.11 21.93
C GLY C 1085 85.82 -3.77 21.85
N LYS C 1086 85.00 -3.58 22.88
CA LYS C 1086 83.64 -4.11 22.89
C LYS C 1086 82.64 -2.97 22.89
N ALA C 1087 81.59 -3.13 22.09
CA ALA C 1087 80.55 -2.12 22.00
C ALA C 1087 79.68 -2.12 23.25
N HIS C 1088 79.18 -0.95 23.60
CA HIS C 1088 78.29 -0.77 24.74
C HIS C 1088 77.02 -0.09 24.26
N PHE C 1089 75.87 -0.68 24.58
CA PHE C 1089 74.58 -0.16 24.19
C PHE C 1089 73.81 0.24 25.45
N PRO C 1090 72.99 1.29 25.40
CA PRO C 1090 72.25 1.70 26.60
C PRO C 1090 71.14 0.73 26.94
N ARG C 1091 70.91 0.54 28.24
CA ARG C 1091 69.96 -0.46 28.69
C ARG C 1091 68.53 0.03 28.52
N GLU C 1092 68.20 1.17 29.10
CA GLU C 1092 66.87 1.76 28.97
C GLU C 1092 66.99 3.26 28.74
N GLY C 1093 67.93 3.67 27.90
CA GLY C 1093 68.18 5.08 27.65
C GLY C 1093 68.85 5.31 26.33
N VAL C 1094 69.56 6.42 26.22
CA VAL C 1094 70.22 6.83 24.99
C VAL C 1094 71.47 7.63 25.34
N PHE C 1095 72.55 7.40 24.61
CA PHE C 1095 73.78 8.12 24.84
C PHE C 1095 73.68 9.54 24.30
N VAL C 1096 74.15 10.51 25.09
CA VAL C 1096 74.22 11.90 24.67
C VAL C 1096 75.57 12.50 25.02
N SER C 1097 75.88 13.59 24.33
CA SER C 1097 76.98 14.46 24.71
C SER C 1097 76.46 15.88 24.74
N ASN C 1098 76.89 16.65 25.73
CA ASN C 1098 76.69 18.09 25.76
C ASN C 1098 77.69 18.84 24.89
N GLY C 1099 78.65 18.14 24.33
CA GLY C 1099 79.72 18.72 23.54
C GLY C 1099 81.05 18.33 24.14
N THR C 1100 81.13 18.40 25.48
CA THR C 1100 82.34 18.11 26.22
C THR C 1100 82.30 16.77 26.95
N HIS C 1101 81.22 16.40 27.64
CA HIS C 1101 81.30 15.13 28.34
C HIS C 1101 80.66 14.10 27.41
N TRP C 1102 80.38 12.95 27.97
CA TRP C 1102 79.32 12.09 27.48
C TRP C 1102 78.45 11.62 28.64
N PHE C 1103 77.17 11.43 28.37
CA PHE C 1103 76.23 10.89 29.32
C PHE C 1103 75.36 9.82 28.65
N VAL C 1104 74.65 9.08 29.50
CA VAL C 1104 73.46 8.34 29.10
C VAL C 1104 72.28 8.94 29.85
N THR C 1105 71.16 9.09 29.18
CA THR C 1105 69.96 9.61 29.82
C THR C 1105 68.73 8.93 29.24
N GLN C 1106 67.61 9.07 29.93
CA GLN C 1106 66.39 8.42 29.48
C GLN C 1106 65.77 9.18 28.32
N ARG C 1107 64.65 8.65 27.84
CA ARG C 1107 64.12 9.07 26.54
C ARG C 1107 63.38 10.41 26.64
N ASN C 1108 62.42 10.50 27.54
CA ASN C 1108 61.48 11.61 27.54
C ASN C 1108 61.84 12.72 28.53
N PHE C 1109 63.01 12.63 29.16
CA PHE C 1109 63.44 13.66 30.09
C PHE C 1109 64.95 13.69 30.11
N TYR C 1110 65.52 14.89 30.18
CA TYR C 1110 66.98 15.00 30.21
C TYR C 1110 67.45 14.82 31.64
N GLU C 1111 67.77 13.58 31.99
CA GLU C 1111 68.34 13.24 33.29
C GLU C 1111 69.66 12.53 33.07
N PRO C 1112 70.75 13.28 32.87
CA PRO C 1112 72.00 12.68 32.41
C PRO C 1112 72.74 11.95 33.51
N GLN C 1113 73.34 10.82 33.15
CA GLN C 1113 74.01 9.97 34.12
C GLN C 1113 75.41 9.63 33.62
N ILE C 1114 76.27 9.22 34.56
CA ILE C 1114 77.58 8.71 34.19
C ILE C 1114 77.41 7.33 33.56
N ILE C 1115 78.01 7.13 32.39
CA ILE C 1115 77.85 5.88 31.66
C ILE C 1115 78.62 4.77 32.36
N THR C 1116 77.90 3.87 33.00
CA THR C 1116 78.52 2.79 33.74
C THR C 1116 78.17 1.44 33.13
N THR C 1117 78.58 0.36 33.78
CA THR C 1117 78.12 -0.97 33.39
C THR C 1117 76.77 -1.32 33.98
N ASP C 1118 76.27 -0.51 34.91
CA ASP C 1118 74.97 -0.79 35.51
C ASP C 1118 73.83 -0.41 34.56
N ASN C 1119 74.04 0.61 33.73
CA ASN C 1119 73.02 1.07 32.80
C ASN C 1119 73.38 0.81 31.34
N THR C 1120 74.37 -0.04 31.10
CA THR C 1120 74.73 -0.45 29.74
C THR C 1120 74.85 -1.97 29.69
N PHE C 1121 74.81 -2.50 28.48
CA PHE C 1121 75.06 -3.92 28.26
C PHE C 1121 75.99 -4.09 27.06
N VAL C 1122 76.70 -5.20 27.06
CA VAL C 1122 77.83 -5.41 26.15
C VAL C 1122 77.48 -6.49 25.14
N SER C 1123 77.65 -6.16 23.87
CA SER C 1123 77.57 -7.14 22.77
C SER C 1123 78.37 -6.66 21.58
N GLY C 1124 79.06 -7.58 20.91
CA GLY C 1124 79.77 -7.22 19.70
C GLY C 1124 81.08 -6.50 19.96
N ASN C 1125 81.62 -5.91 18.90
CA ASN C 1125 82.87 -5.19 18.95
C ASN C 1125 82.69 -3.80 18.35
N CYS C 1126 83.81 -3.10 18.14
CA CYS C 1126 83.78 -1.74 17.60
C CYS C 1126 83.35 -1.71 16.13
N ASP C 1127 83.56 -2.80 15.39
CA ASP C 1127 83.57 -2.71 13.93
C ASP C 1127 82.17 -2.75 13.33
N VAL C 1128 81.25 -3.49 13.95
CA VAL C 1128 80.00 -3.82 13.28
C VAL C 1128 78.99 -2.68 13.39
N VAL C 1129 79.20 -1.75 14.32
CA VAL C 1129 78.21 -0.72 14.56
C VAL C 1129 78.54 0.53 13.75
N ILE C 1130 77.57 1.02 12.99
CA ILE C 1130 77.73 2.22 12.19
C ILE C 1130 77.45 3.43 13.07
N GLY C 1131 78.43 4.34 13.17
CA GLY C 1131 78.27 5.54 13.96
C GLY C 1131 78.78 5.45 15.38
N ILE C 1132 79.54 4.41 15.72
CA ILE C 1132 79.99 4.21 17.08
C ILE C 1132 81.15 5.16 17.39
N VAL C 1133 81.26 5.57 18.66
CA VAL C 1133 82.29 6.50 19.09
C VAL C 1133 83.10 5.86 20.20
N ASN C 1134 84.17 6.54 20.61
CA ASN C 1134 85.04 6.02 21.64
C ASN C 1134 84.79 6.75 22.95
N ASN C 1135 84.79 5.99 24.04
CA ASN C 1135 84.54 6.55 25.37
C ASN C 1135 85.16 5.63 26.41
N THR C 1136 85.11 6.07 27.66
CA THR C 1136 85.54 5.27 28.80
C THR C 1136 84.32 4.96 29.65
N VAL C 1137 84.01 3.67 29.80
CA VAL C 1137 82.90 3.22 30.63
C VAL C 1137 83.43 3.11 32.05
N TYR C 1138 82.82 3.88 32.95
CA TYR C 1138 83.21 3.84 34.36
C TYR C 1138 82.73 2.55 34.99
N ASP C 1139 83.63 1.88 35.72
CA ASP C 1139 83.29 0.63 36.38
C ASP C 1139 83.07 0.91 37.86
N PRO C 1140 81.87 0.67 38.41
CA PRO C 1140 81.65 0.95 39.84
C PRO C 1140 82.32 -0.03 40.78
N LEU C 1141 82.77 -1.18 40.29
CA LEU C 1141 83.50 -2.13 41.12
C LEU C 1141 84.91 -1.66 41.43
N GLN C 1142 85.47 -0.81 40.56
CA GLN C 1142 86.89 -0.42 40.67
C GLN C 1142 87.25 0.44 41.88
N PRO C 1143 86.44 1.40 42.38
CA PRO C 1143 86.76 1.95 43.72
C PRO C 1143 86.52 0.96 44.85
N GLU C 1144 85.58 0.02 44.67
CA GLU C 1144 85.40 -1.02 45.68
C GLU C 1144 86.51 -2.05 45.62
N LEU C 1145 87.15 -2.19 44.46
CA LEU C 1145 88.29 -3.09 44.31
C LEU C 1145 89.54 -2.55 45.00
N ASP C 1146 89.62 -1.24 45.20
CA ASP C 1146 90.78 -0.64 45.84
C ASP C 1146 90.87 -0.96 47.33
N SER C 1147 89.74 -1.20 47.97
CA SER C 1147 89.73 -1.57 49.38
C SER C 1147 90.16 -3.02 49.58
N GLN D 1 -28.92 -16.33 -16.95
CA GLN D 1 -29.54 -15.59 -15.85
C GLN D 1 -30.58 -14.62 -16.38
N VAL D 2 -30.27 -13.98 -17.50
CA VAL D 2 -31.21 -13.08 -18.16
C VAL D 2 -31.97 -13.85 -19.23
N GLN D 3 -33.29 -13.81 -19.17
CA GLN D 3 -34.11 -14.45 -20.19
C GLN D 3 -35.44 -13.73 -20.32
N LEU D 4 -35.83 -13.45 -21.57
CA LEU D 4 -37.12 -12.88 -21.91
C LEU D 4 -38.00 -13.99 -22.47
N VAL D 5 -39.24 -14.07 -22.01
CA VAL D 5 -40.21 -15.03 -22.51
C VAL D 5 -41.45 -14.25 -22.96
N GLU D 6 -42.04 -14.67 -24.07
CA GLU D 6 -43.17 -13.94 -24.64
C GLU D 6 -44.43 -14.80 -24.64
N SER D 7 -45.56 -14.18 -24.34
CA SER D 7 -46.86 -14.82 -24.32
C SER D 7 -47.93 -13.85 -24.81
N GLY D 8 -49.19 -14.31 -24.78
CA GLY D 8 -50.29 -13.45 -25.15
C GLY D 8 -50.61 -13.38 -26.63
N GLY D 9 -50.07 -14.30 -27.43
CA GLY D 9 -50.34 -14.28 -28.85
C GLY D 9 -51.50 -15.18 -29.24
N GLY D 10 -52.09 -14.87 -30.38
CA GLY D 10 -53.22 -15.64 -30.86
C GLY D 10 -53.64 -15.20 -32.25
N LEU D 11 -54.72 -15.78 -32.74
CA LEU D 11 -55.24 -15.50 -34.07
C LEU D 11 -56.40 -14.52 -33.97
N VAL D 12 -56.24 -13.39 -34.63
CA VAL D 12 -57.26 -12.33 -34.65
C VAL D 12 -57.57 -11.99 -36.10
N GLN D 13 -58.69 -11.30 -36.31
CA GLN D 13 -59.08 -10.84 -37.63
C GLN D 13 -58.63 -9.40 -37.84
N ALA D 14 -58.98 -8.86 -39.02
CA ALA D 14 -58.63 -7.49 -39.38
C ALA D 14 -59.43 -6.48 -38.58
N GLY D 15 -58.75 -5.77 -37.68
CA GLY D 15 -59.37 -4.84 -36.78
C GLY D 15 -59.54 -5.35 -35.36
N GLY D 16 -58.99 -6.52 -35.05
CA GLY D 16 -59.08 -7.08 -33.72
C GLY D 16 -58.08 -6.45 -32.76
N SER D 17 -58.17 -6.90 -31.51
CA SER D 17 -57.31 -6.37 -30.46
C SER D 17 -56.69 -7.52 -29.66
N LEU D 18 -55.45 -7.29 -29.22
CA LEU D 18 -54.69 -8.28 -28.47
C LEU D 18 -53.69 -7.54 -27.60
N ARG D 19 -53.12 -8.25 -26.63
CA ARG D 19 -52.14 -7.66 -25.73
C ARG D 19 -51.07 -8.69 -25.39
N LEU D 20 -49.83 -8.40 -25.81
CA LEU D 20 -48.71 -9.29 -25.57
C LEU D 20 -48.05 -9.01 -24.23
N SER D 21 -47.09 -9.85 -23.89
CA SER D 21 -46.29 -9.70 -22.68
C SER D 21 -44.85 -10.12 -22.95
N CYS D 22 -43.93 -9.57 -22.16
CA CYS D 22 -42.54 -9.99 -22.21
C CYS D 22 -42.04 -10.06 -20.77
N ALA D 23 -42.18 -11.24 -20.17
CA ALA D 23 -41.74 -11.44 -18.79
C ALA D 23 -40.23 -11.60 -18.76
N ALA D 24 -39.57 -10.89 -17.84
CA ALA D 24 -38.12 -10.84 -17.78
C ALA D 24 -37.64 -11.38 -16.44
N SER D 25 -36.44 -11.95 -16.46
CA SER D 25 -35.82 -12.46 -15.24
C SER D 25 -34.34 -12.08 -15.25
N GLY D 26 -33.78 -11.95 -14.06
CA GLY D 26 -32.35 -11.72 -13.90
C GLY D 26 -31.92 -10.27 -13.91
N PHE D 27 -32.81 -9.34 -14.20
CA PHE D 27 -32.47 -7.92 -14.22
C PHE D 27 -33.73 -7.11 -13.91
N PRO D 28 -33.59 -6.00 -13.20
CA PRO D 28 -34.71 -5.06 -13.06
C PRO D 28 -34.90 -4.22 -14.31
N VAL D 29 -36.15 -3.85 -14.56
CA VAL D 29 -36.50 -3.10 -15.77
C VAL D 29 -36.61 -1.60 -15.53
N LYS D 30 -36.08 -1.08 -14.43
CA LYS D 30 -36.03 0.35 -14.20
C LYS D 30 -34.70 0.96 -14.63
N ASN D 31 -33.83 0.18 -15.27
CA ASN D 31 -32.49 0.60 -15.58
C ASN D 31 -32.08 0.41 -17.04
N PHE D 32 -32.91 -0.25 -17.85
CA PHE D 32 -32.50 -0.58 -19.21
C PHE D 32 -33.59 -0.17 -20.19
N GLU D 33 -33.16 0.25 -21.38
CA GLU D 33 -34.10 0.61 -22.43
C GLU D 33 -34.71 -0.63 -23.06
N MET D 34 -35.99 -0.55 -23.40
CA MET D 34 -36.76 -1.70 -23.81
C MET D 34 -37.26 -1.50 -25.23
N GLU D 35 -37.23 -2.55 -26.04
CA GLU D 35 -37.69 -2.48 -27.42
C GLU D 35 -38.49 -3.73 -27.78
N TRP D 36 -39.19 -3.62 -28.91
CA TRP D 36 -39.84 -4.74 -29.56
C TRP D 36 -39.51 -4.73 -31.04
N TYR D 37 -39.28 -5.92 -31.60
CA TYR D 37 -39.08 -6.11 -33.02
C TYR D 37 -40.05 -7.16 -33.51
N ARG D 38 -40.30 -7.17 -34.82
CA ARG D 38 -41.19 -8.16 -35.42
C ARG D 38 -40.57 -8.71 -36.70
N LYS D 39 -40.90 -9.96 -37.00
CA LYS D 39 -40.41 -10.65 -38.20
C LYS D 39 -41.61 -11.15 -38.99
N ALA D 40 -41.96 -10.41 -40.03
CA ALA D 40 -42.93 -10.96 -40.96
C ALA D 40 -42.27 -12.02 -41.84
N PRO D 41 -43.02 -13.03 -42.27
CA PRO D 41 -42.45 -14.01 -43.21
C PRO D 41 -42.20 -13.39 -44.58
N GLY D 42 -40.97 -13.51 -45.05
CA GLY D 42 -40.56 -12.87 -46.28
C GLY D 42 -40.08 -11.44 -46.13
N LYS D 43 -40.09 -10.90 -44.91
CA LYS D 43 -39.63 -9.55 -44.64
C LYS D 43 -38.55 -9.58 -43.57
N GLU D 44 -37.75 -8.50 -43.54
CA GLU D 44 -36.67 -8.41 -42.57
C GLU D 44 -37.21 -8.04 -41.19
N ARG D 45 -36.36 -8.19 -40.17
CA ARG D 45 -36.75 -7.84 -38.82
C ARG D 45 -36.71 -6.32 -38.64
N GLU D 46 -37.84 -5.76 -38.21
CA GLU D 46 -37.99 -4.32 -38.11
C GLU D 46 -38.45 -3.93 -36.70
N TRP D 47 -37.95 -2.79 -36.25
CA TRP D 47 -38.25 -2.28 -34.91
C TRP D 47 -39.68 -1.76 -34.84
N VAL D 48 -40.34 -1.99 -33.69
CA VAL D 48 -41.72 -1.60 -33.48
C VAL D 48 -41.83 -0.39 -32.56
N ALA D 49 -41.41 -0.55 -31.30
CA ALA D 49 -41.66 0.50 -30.31
C ALA D 49 -40.55 0.48 -29.26
N ALA D 50 -40.44 1.60 -28.53
CA ALA D 50 -39.42 1.71 -27.49
C ALA D 50 -39.86 2.67 -26.40
N ILE D 51 -39.49 2.32 -25.16
CA ILE D 51 -39.51 3.21 -24.00
C ILE D 51 -38.12 3.19 -23.40
N GLN D 52 -37.60 4.37 -23.04
CA GLN D 52 -36.26 4.49 -22.48
C GLN D 52 -36.17 3.92 -21.06
N SER D 53 -34.94 3.97 -20.51
CA SER D 53 -34.65 3.33 -19.24
C SER D 53 -35.27 4.10 -18.06
N GLY D 54 -35.48 5.40 -18.23
CA GLY D 54 -36.15 6.17 -17.20
C GLY D 54 -37.65 5.95 -17.16
N GLY D 55 -38.22 5.43 -18.25
CA GLY D 55 -39.65 5.26 -18.35
C GLY D 55 -40.42 6.51 -18.70
N VAL D 56 -39.77 7.50 -19.34
CA VAL D 56 -40.41 8.79 -19.59
C VAL D 56 -40.92 8.94 -21.02
N GLU D 57 -40.11 8.64 -22.03
CA GLU D 57 -40.47 8.91 -23.41
C GLU D 57 -40.86 7.63 -24.12
N THR D 58 -41.75 7.77 -25.10
CA THR D 58 -42.23 6.66 -25.91
C THR D 58 -41.93 6.94 -27.37
N TYR D 59 -41.54 5.88 -28.09
CA TYR D 59 -41.26 5.98 -29.52
C TYR D 59 -41.89 4.79 -30.22
N TYR D 60 -42.19 5.00 -31.51
CA TYR D 60 -42.81 3.97 -32.35
C TYR D 60 -42.22 4.05 -33.75
N ALA D 61 -42.51 3.02 -34.56
CA ALA D 61 -42.11 3.04 -35.95
C ALA D 61 -43.09 3.87 -36.77
N ASP D 62 -42.75 4.08 -38.06
CA ASP D 62 -43.46 5.03 -38.91
C ASP D 62 -44.88 4.58 -39.23
N SER D 63 -45.07 3.30 -39.48
CA SER D 63 -46.39 2.81 -39.84
C SER D 63 -47.27 2.46 -38.63
N VAL D 64 -46.75 2.54 -37.42
CA VAL D 64 -47.50 2.08 -36.25
C VAL D 64 -47.71 3.22 -35.25
N LYS D 65 -47.46 4.46 -35.67
CA LYS D 65 -47.70 5.61 -34.81
C LYS D 65 -49.18 5.95 -34.74
N GLY D 66 -49.73 6.02 -33.53
CA GLY D 66 -51.12 6.36 -33.33
C GLY D 66 -52.03 5.18 -33.13
N ARG D 67 -51.53 3.98 -33.38
CA ARG D 67 -52.34 2.78 -33.29
C ARG D 67 -51.84 1.77 -32.25
N PHE D 68 -50.53 1.66 -32.05
CA PHE D 68 -50.00 0.72 -31.07
C PHE D 68 -49.67 1.43 -29.76
N THR D 69 -49.74 0.68 -28.66
CA THR D 69 -49.51 1.22 -27.32
C THR D 69 -48.54 0.32 -26.59
N ILE D 70 -47.44 0.89 -26.08
CA ILE D 70 -46.45 0.18 -25.29
C ILE D 70 -46.58 0.55 -23.82
N SER D 71 -46.57 -0.47 -22.96
CA SER D 71 -46.71 -0.24 -21.53
C SER D 71 -45.68 -1.08 -20.77
N ARG D 72 -45.29 -0.61 -19.60
CA ARG D 72 -44.29 -1.30 -18.80
C ARG D 72 -44.79 -1.48 -17.38
N ASP D 73 -44.44 -2.61 -16.79
CA ASP D 73 -44.77 -2.93 -15.40
C ASP D 73 -43.48 -3.30 -14.66
N ASN D 74 -43.02 -2.38 -13.81
CA ASN D 74 -41.78 -2.60 -13.08
C ASN D 74 -41.99 -3.51 -11.87
N ALA D 75 -43.23 -3.61 -11.38
CA ALA D 75 -43.50 -4.46 -10.23
C ALA D 75 -43.48 -5.94 -10.59
N LYS D 76 -44.06 -6.31 -11.73
CA LYS D 76 -44.16 -7.70 -12.13
C LYS D 76 -43.01 -8.16 -13.01
N ASN D 77 -42.07 -7.25 -13.33
CA ASN D 77 -40.89 -7.46 -14.19
C ASN D 77 -41.33 -7.93 -15.59
N THR D 78 -42.34 -7.23 -16.14
CA THR D 78 -42.97 -7.60 -17.40
C THR D 78 -43.24 -6.35 -18.23
N VAL D 79 -42.99 -6.43 -19.54
CA VAL D 79 -43.31 -5.37 -20.47
C VAL D 79 -44.37 -5.87 -21.44
N TYR D 80 -45.44 -5.08 -21.58
CA TYR D 80 -46.59 -5.46 -22.39
C TYR D 80 -46.66 -4.58 -23.63
N LEU D 81 -47.35 -5.08 -24.64
CA LEU D 81 -47.57 -4.35 -25.87
C LEU D 81 -49.01 -4.54 -26.28
N GLN D 82 -49.70 -3.45 -26.60
CA GLN D 82 -51.13 -3.43 -26.83
C GLN D 82 -51.39 -3.29 -28.33
N MET D 83 -52.38 -4.01 -28.84
CA MET D 83 -52.76 -3.95 -30.24
C MET D 83 -54.08 -3.19 -30.37
N ASN D 84 -54.10 -2.20 -31.26
CA ASN D 84 -55.33 -1.58 -31.71
C ASN D 84 -55.26 -1.37 -33.21
N SER D 85 -56.42 -1.58 -33.87
CA SER D 85 -56.64 -1.41 -35.31
C SER D 85 -55.68 -2.25 -36.15
N LEU D 86 -55.77 -3.57 -35.98
CA LEU D 86 -54.84 -4.49 -36.61
C LEU D 86 -55.13 -4.67 -38.08
N LYS D 87 -54.08 -4.60 -38.87
CA LYS D 87 -54.09 -4.84 -40.30
C LYS D 87 -53.29 -6.11 -40.63
N PRO D 88 -53.60 -6.79 -41.74
CA PRO D 88 -52.85 -8.03 -42.07
C PRO D 88 -51.42 -7.81 -42.54
N GLU D 89 -50.97 -6.57 -42.72
CA GLU D 89 -49.56 -6.30 -42.94
C GLU D 89 -48.71 -6.54 -41.70
N ASP D 90 -49.31 -6.53 -40.50
CA ASP D 90 -48.60 -6.79 -39.26
C ASP D 90 -48.58 -8.26 -38.87
N THR D 91 -48.74 -9.16 -39.84
CA THR D 91 -48.65 -10.60 -39.58
C THR D 91 -47.19 -10.99 -39.37
N ALA D 92 -46.80 -11.14 -38.10
CA ALA D 92 -45.39 -11.29 -37.76
C ALA D 92 -45.17 -12.01 -36.44
N VAL D 93 -43.94 -12.49 -36.22
CA VAL D 93 -43.52 -13.02 -34.93
C VAL D 93 -42.85 -11.90 -34.15
N TYR D 94 -43.43 -11.57 -33.00
CA TYR D 94 -43.04 -10.39 -32.24
C TYR D 94 -42.04 -10.78 -31.16
N TYR D 95 -40.85 -10.20 -31.21
CA TYR D 95 -39.80 -10.43 -30.22
C TYR D 95 -39.59 -9.17 -29.41
N CYS D 96 -39.46 -9.33 -28.09
CA CYS D 96 -39.13 -8.21 -27.24
C CYS D 96 -37.61 -8.11 -27.09
N PHE D 97 -37.12 -6.88 -27.01
CA PHE D 97 -35.70 -6.61 -27.11
C PHE D 97 -35.24 -5.74 -25.96
N VAL D 98 -34.11 -6.09 -25.35
CA VAL D 98 -33.50 -5.30 -24.30
C VAL D 98 -31.98 -5.46 -24.43
N TYR D 99 -31.25 -4.43 -24.02
CA TYR D 99 -29.79 -4.46 -23.99
C TYR D 99 -29.35 -4.47 -22.53
N VAL D 100 -29.07 -5.66 -22.00
CA VAL D 100 -28.55 -5.82 -20.64
C VAL D 100 -27.14 -6.38 -20.80
N GLY D 101 -26.16 -5.50 -20.91
CA GLY D 101 -24.81 -5.91 -21.20
C GLY D 101 -24.66 -6.23 -22.67
N ARG D 102 -25.12 -7.41 -23.07
CA ARG D 102 -25.33 -7.78 -24.45
C ARG D 102 -26.82 -7.97 -24.68
N SER D 103 -27.25 -7.81 -25.93
CA SER D 103 -28.68 -7.89 -26.23
C SER D 103 -29.14 -9.35 -26.24
N TYR D 104 -30.30 -9.61 -25.67
CA TYR D 104 -30.87 -10.95 -25.64
C TYR D 104 -32.19 -10.95 -26.37
N ILE D 105 -32.40 -11.99 -27.19
CA ILE D 105 -33.60 -12.13 -28.01
C ILE D 105 -34.37 -13.35 -27.52
N GLY D 106 -35.66 -13.15 -27.23
CA GLY D 106 -36.55 -14.23 -26.92
C GLY D 106 -37.00 -14.96 -28.17
N GLN D 107 -37.71 -16.09 -27.95
CA GLN D 107 -38.18 -16.88 -29.07
C GLN D 107 -39.41 -16.28 -29.74
N GLY D 108 -40.14 -15.41 -29.05
CA GLY D 108 -41.24 -14.69 -29.65
C GLY D 108 -42.52 -15.52 -29.70
N THR D 109 -43.60 -14.85 -30.10
CA THR D 109 -44.90 -15.49 -30.24
C THR D 109 -45.52 -15.04 -31.56
N GLN D 110 -46.09 -15.99 -32.29
CA GLN D 110 -46.73 -15.72 -33.58
C GLN D 110 -48.04 -14.97 -33.38
N VAL D 111 -48.14 -13.81 -34.02
CA VAL D 111 -49.38 -13.03 -34.06
C VAL D 111 -49.77 -12.88 -35.52
N THR D 112 -50.93 -13.40 -35.88
CA THR D 112 -51.43 -13.30 -37.25
C THR D 112 -52.72 -12.49 -37.26
N VAL D 113 -52.91 -11.70 -38.32
CA VAL D 113 -54.10 -10.89 -38.51
C VAL D 113 -54.72 -11.35 -39.83
N SER D 114 -55.93 -11.89 -39.76
CA SER D 114 -56.61 -12.39 -40.95
C SER D 114 -58.13 -12.29 -40.81
N GLN E 1 -66.56 -26.39 -39.21
CA GLN E 1 -65.93 -26.79 -40.46
C GLN E 1 -65.77 -28.31 -40.53
N VAL E 2 -65.31 -28.90 -39.43
CA VAL E 2 -65.11 -30.34 -39.37
C VAL E 2 -66.31 -30.98 -38.67
N GLN E 3 -66.90 -31.98 -39.32
CA GLN E 3 -68.13 -32.59 -38.83
C GLN E 3 -68.06 -34.09 -39.07
N LEU E 4 -68.51 -34.86 -38.07
CA LEU E 4 -68.66 -36.31 -38.20
C LEU E 4 -70.10 -36.69 -37.94
N VAL E 5 -70.62 -37.61 -38.76
CA VAL E 5 -71.96 -38.15 -38.59
C VAL E 5 -71.86 -39.65 -38.83
N GLU E 6 -72.62 -40.43 -38.07
CA GLU E 6 -72.59 -41.89 -38.19
C GLU E 6 -73.91 -42.39 -38.72
N SER E 7 -73.85 -43.35 -39.65
CA SER E 7 -75.01 -43.94 -40.28
C SER E 7 -74.83 -45.45 -40.42
N GLY E 8 -75.80 -46.09 -41.06
CA GLY E 8 -75.72 -47.52 -41.32
C GLY E 8 -76.08 -48.41 -40.15
N GLY E 9 -76.68 -47.86 -39.10
CA GLY E 9 -77.04 -48.66 -37.95
C GLY E 9 -78.29 -49.49 -38.17
N GLY E 10 -78.52 -50.40 -37.22
CA GLY E 10 -79.70 -51.24 -37.30
C GLY E 10 -79.73 -52.24 -36.16
N LEU E 11 -80.71 -53.14 -36.20
CA LEU E 11 -80.85 -54.18 -35.21
C LEU E 11 -80.75 -55.54 -35.90
N VAL E 12 -79.84 -56.38 -35.40
CA VAL E 12 -79.63 -57.71 -35.95
C VAL E 12 -79.76 -58.72 -34.81
N GLN E 13 -79.87 -59.99 -35.16
CA GLN E 13 -79.92 -61.07 -34.19
C GLN E 13 -78.51 -61.55 -33.85
N ALA E 14 -78.44 -62.63 -33.07
CA ALA E 14 -77.18 -63.25 -32.71
C ALA E 14 -76.54 -63.95 -33.90
N GLY E 15 -75.37 -63.46 -34.30
CA GLY E 15 -74.65 -63.97 -35.46
C GLY E 15 -74.81 -63.14 -36.70
N GLY E 16 -75.45 -61.99 -36.61
CA GLY E 16 -75.69 -61.14 -37.77
C GLY E 16 -74.48 -60.32 -38.17
N SER E 17 -74.65 -59.55 -39.23
CA SER E 17 -73.56 -58.75 -39.78
C SER E 17 -74.10 -57.37 -40.14
N LEU E 18 -73.22 -56.36 -40.02
CA LEU E 18 -73.57 -54.98 -40.29
C LEU E 18 -72.29 -54.25 -40.68
N ARG E 19 -72.45 -53.12 -41.37
CA ARG E 19 -71.31 -52.31 -41.77
C ARG E 19 -71.67 -50.84 -41.63
N LEU E 20 -70.99 -50.15 -40.72
CA LEU E 20 -71.30 -48.75 -40.43
C LEU E 20 -70.46 -47.82 -41.29
N SER E 21 -70.79 -46.54 -41.26
CA SER E 21 -70.05 -45.51 -41.96
C SER E 21 -69.95 -44.24 -41.12
N CYS E 22 -68.81 -43.56 -41.26
CA CYS E 22 -68.58 -42.29 -40.58
C CYS E 22 -68.17 -41.27 -41.64
N ALA E 23 -69.11 -40.43 -42.04
CA ALA E 23 -68.84 -39.42 -43.05
C ALA E 23 -68.03 -38.28 -42.45
N ALA E 24 -66.99 -37.86 -43.17
CA ALA E 24 -66.06 -36.85 -42.68
C ALA E 24 -65.97 -35.69 -43.67
N SER E 25 -65.74 -34.50 -43.15
CA SER E 25 -65.59 -33.30 -43.96
C SER E 25 -64.63 -32.35 -43.27
N GLY E 26 -63.96 -31.52 -44.07
CA GLY E 26 -63.06 -30.51 -43.57
C GLY E 26 -61.63 -30.95 -43.37
N PHE E 27 -61.33 -32.24 -43.53
CA PHE E 27 -59.98 -32.75 -43.34
C PHE E 27 -59.82 -34.01 -44.20
N PRO E 28 -58.61 -34.28 -44.70
CA PRO E 28 -58.36 -35.57 -45.35
C PRO E 28 -57.98 -36.64 -44.35
N VAL E 29 -58.36 -37.89 -44.67
CA VAL E 29 -58.12 -39.01 -43.76
C VAL E 29 -56.75 -39.66 -43.95
N LYS E 30 -55.89 -39.11 -44.80
CA LYS E 30 -54.54 -39.61 -44.98
C LYS E 30 -53.53 -38.92 -44.07
N ASN E 31 -53.99 -37.99 -43.23
CA ASN E 31 -53.09 -37.15 -42.44
C ASN E 31 -53.34 -37.21 -40.95
N PHE E 32 -54.43 -37.81 -40.48
CA PHE E 32 -54.75 -37.82 -39.06
C PHE E 32 -55.21 -39.21 -38.66
N GLU E 33 -55.12 -39.50 -37.37
CA GLU E 33 -55.51 -40.80 -36.85
C GLU E 33 -56.93 -40.73 -36.28
N MET E 34 -57.77 -41.66 -36.71
CA MET E 34 -59.16 -41.74 -36.27
C MET E 34 -59.35 -42.92 -35.34
N GLU E 35 -60.44 -42.89 -34.56
CA GLU E 35 -60.78 -43.96 -33.63
C GLU E 35 -62.28 -44.20 -33.63
N TRP E 36 -62.66 -45.42 -33.26
CA TRP E 36 -64.05 -45.80 -33.05
C TRP E 36 -64.30 -46.09 -31.58
N TYR E 37 -65.36 -45.52 -31.04
CA TYR E 37 -65.79 -45.78 -29.67
C TYR E 37 -67.24 -46.23 -29.68
N ARG E 38 -67.68 -46.79 -28.54
CA ARG E 38 -69.05 -47.22 -28.37
C ARG E 38 -69.49 -46.98 -26.94
N LYS E 39 -70.80 -46.86 -26.73
CA LYS E 39 -71.38 -46.65 -25.41
C LYS E 39 -72.50 -47.65 -25.17
N ALA E 40 -72.20 -48.70 -24.42
CA ALA E 40 -73.22 -49.63 -23.98
C ALA E 40 -74.08 -49.01 -22.89
N PRO E 41 -75.34 -49.41 -22.77
CA PRO E 41 -76.15 -48.96 -21.62
C PRO E 41 -75.67 -49.57 -20.32
N GLY E 42 -75.35 -48.71 -19.35
CA GLY E 42 -74.81 -49.16 -18.08
C GLY E 42 -73.32 -49.34 -18.06
N LYS E 43 -72.62 -49.12 -19.17
CA LYS E 43 -71.17 -49.26 -19.26
C LYS E 43 -70.55 -47.96 -19.75
N GLU E 44 -69.28 -47.78 -19.44
CA GLU E 44 -68.55 -46.59 -19.85
C GLU E 44 -68.15 -46.69 -21.32
N ARG E 45 -67.66 -45.58 -21.87
CA ARG E 45 -67.31 -45.54 -23.28
C ARG E 45 -65.99 -46.25 -23.54
N GLU E 46 -66.00 -47.12 -24.54
CA GLU E 46 -64.92 -48.07 -24.76
C GLU E 46 -64.48 -48.02 -26.23
N TRP E 47 -63.16 -47.99 -26.43
CA TRP E 47 -62.59 -47.87 -27.77
C TRP E 47 -62.71 -49.17 -28.53
N VAL E 48 -63.18 -49.09 -29.77
CA VAL E 48 -63.49 -50.26 -30.58
C VAL E 48 -62.33 -50.62 -31.51
N ALA E 49 -62.00 -49.73 -32.45
CA ALA E 49 -60.96 -49.99 -33.43
C ALA E 49 -60.43 -48.67 -33.95
N ALA E 50 -59.27 -48.72 -34.59
CA ALA E 50 -58.63 -47.51 -35.09
C ALA E 50 -57.74 -47.86 -36.29
N ILE E 51 -57.63 -46.90 -37.20
CA ILE E 51 -56.66 -46.95 -38.30
C ILE E 51 -55.71 -45.77 -38.13
N GLN E 52 -54.41 -46.03 -38.31
CA GLN E 52 -53.42 -44.96 -38.26
C GLN E 52 -53.48 -44.11 -39.53
N SER E 53 -52.74 -43.01 -39.50
CA SER E 53 -52.77 -42.05 -40.62
C SER E 53 -52.04 -42.57 -41.84
N GLY E 54 -51.06 -43.45 -41.64
CA GLY E 54 -50.36 -44.03 -42.78
C GLY E 54 -51.15 -45.11 -43.48
N GLY E 55 -52.14 -45.70 -42.81
CA GLY E 55 -52.93 -46.76 -43.37
C GLY E 55 -52.29 -48.13 -43.34
N VAL E 56 -51.22 -48.31 -42.55
CA VAL E 56 -50.49 -49.57 -42.52
C VAL E 56 -50.97 -50.53 -41.44
N GLU E 57 -51.20 -50.05 -40.22
CA GLU E 57 -51.51 -50.90 -39.09
C GLU E 57 -52.99 -50.78 -38.72
N THR E 58 -53.61 -51.93 -38.46
CA THR E 58 -54.99 -51.99 -38.04
C THR E 58 -55.05 -52.60 -36.64
N TYR E 59 -55.83 -51.95 -35.76
CA TYR E 59 -55.85 -52.30 -34.36
C TYR E 59 -57.28 -52.43 -33.87
N TYR E 60 -57.48 -53.34 -32.93
CA TYR E 60 -58.78 -53.61 -32.33
C TYR E 60 -58.62 -53.76 -30.82
N ALA E 61 -59.74 -53.71 -30.10
CA ALA E 61 -59.73 -53.94 -28.67
C ALA E 61 -59.61 -55.44 -28.36
N ASP E 62 -59.44 -55.75 -27.07
CA ASP E 62 -59.13 -57.12 -26.65
C ASP E 62 -60.31 -58.06 -26.81
N SER E 63 -61.53 -57.55 -26.64
CA SER E 63 -62.71 -58.40 -26.75
C SER E 63 -63.17 -58.58 -28.19
N VAL E 64 -62.63 -57.83 -29.15
CA VAL E 64 -63.15 -57.84 -30.51
C VAL E 64 -62.07 -58.24 -31.51
N LYS E 65 -60.99 -58.87 -31.04
CA LYS E 65 -59.98 -59.39 -31.95
C LYS E 65 -60.45 -60.66 -32.65
N GLY E 66 -60.24 -60.72 -33.97
CA GLY E 66 -60.57 -61.90 -34.75
C GLY E 66 -61.96 -61.88 -35.34
N ARG E 67 -62.76 -60.89 -34.98
CA ARG E 67 -64.13 -60.79 -35.44
C ARG E 67 -64.46 -59.48 -36.14
N PHE E 68 -63.83 -58.37 -35.76
CA PHE E 68 -64.08 -57.08 -36.40
C PHE E 68 -63.06 -56.78 -37.48
N THR E 69 -63.48 -55.96 -38.44
CA THR E 69 -62.64 -55.54 -39.56
C THR E 69 -62.92 -54.08 -39.83
N ILE E 70 -61.91 -53.23 -39.68
CA ILE E 70 -62.07 -51.81 -39.95
C ILE E 70 -61.37 -51.50 -41.27
N SER E 71 -61.97 -50.61 -42.06
CA SER E 71 -61.44 -50.24 -43.36
C SER E 71 -61.79 -48.79 -43.64
N ARG E 72 -61.06 -48.19 -44.58
CA ARG E 72 -61.26 -46.78 -44.90
C ARG E 72 -61.33 -46.62 -46.42
N ASP E 73 -62.01 -45.56 -46.84
CA ASP E 73 -62.06 -45.16 -48.24
C ASP E 73 -61.57 -43.72 -48.32
N ASN E 74 -60.41 -43.53 -48.95
CA ASN E 74 -59.79 -42.21 -49.00
C ASN E 74 -60.48 -41.29 -50.00
N ALA E 75 -61.11 -41.88 -51.03
CA ALA E 75 -61.73 -41.07 -52.07
C ALA E 75 -63.05 -40.46 -51.62
N LYS E 76 -63.86 -41.21 -50.88
CA LYS E 76 -65.19 -40.75 -50.49
C LYS E 76 -65.22 -40.07 -49.13
N ASN E 77 -64.07 -39.96 -48.46
CA ASN E 77 -63.88 -39.32 -47.14
C ASN E 77 -64.78 -39.96 -46.07
N THR E 78 -64.86 -41.29 -46.12
CA THR E 78 -65.70 -42.08 -45.22
C THR E 78 -64.93 -43.29 -44.73
N VAL E 79 -64.97 -43.54 -43.43
CA VAL E 79 -64.29 -44.68 -42.81
C VAL E 79 -65.35 -45.64 -42.30
N TYR E 80 -65.16 -46.93 -42.62
CA TYR E 80 -66.17 -47.95 -42.38
C TYR E 80 -65.72 -48.90 -41.28
N LEU E 81 -66.68 -49.69 -40.78
CA LEU E 81 -66.43 -50.66 -39.73
C LEU E 81 -67.35 -51.85 -39.95
N GLN E 82 -66.77 -53.01 -40.22
CA GLN E 82 -67.51 -54.23 -40.57
C GLN E 82 -67.72 -55.07 -39.32
N MET E 83 -68.95 -55.53 -39.12
CA MET E 83 -69.33 -56.33 -37.95
C MET E 83 -69.48 -57.79 -38.36
N ASN E 84 -68.80 -58.68 -37.63
CA ASN E 84 -68.99 -60.11 -37.81
C ASN E 84 -69.01 -60.79 -36.45
N SER E 85 -69.79 -61.88 -36.38
CA SER E 85 -69.96 -62.76 -35.20
C SER E 85 -70.46 -61.98 -33.98
N LEU E 86 -71.60 -61.30 -34.13
CA LEU E 86 -72.08 -60.37 -33.12
C LEU E 86 -72.73 -61.10 -31.95
N LYS E 87 -72.34 -60.69 -30.75
CA LYS E 87 -72.82 -61.15 -29.47
C LYS E 87 -73.73 -60.10 -28.84
N PRO E 88 -74.62 -60.48 -27.91
CA PRO E 88 -75.47 -59.45 -27.25
C PRO E 88 -74.73 -58.55 -26.27
N GLU E 89 -73.46 -58.82 -25.96
CA GLU E 89 -72.64 -57.90 -25.19
C GLU E 89 -72.30 -56.62 -25.95
N ASP E 90 -72.35 -56.64 -27.28
CA ASP E 90 -71.95 -55.51 -28.11
C ASP E 90 -73.11 -54.57 -28.43
N THR E 91 -74.18 -54.58 -27.62
CA THR E 91 -75.27 -53.64 -27.80
C THR E 91 -74.86 -52.27 -27.29
N ALA E 92 -74.62 -51.34 -28.23
CA ALA E 92 -74.04 -50.05 -27.87
C ALA E 92 -74.35 -48.97 -28.90
N VAL E 93 -74.12 -47.71 -28.52
CA VAL E 93 -74.22 -46.58 -29.45
C VAL E 93 -72.80 -46.18 -29.87
N TYR E 94 -72.52 -46.32 -31.16
CA TYR E 94 -71.17 -46.23 -31.69
C TYR E 94 -70.88 -44.81 -32.15
N TYR E 95 -69.69 -44.31 -31.80
CA TYR E 95 -69.22 -42.99 -32.22
C TYR E 95 -67.89 -43.14 -32.93
N CYS E 96 -67.67 -42.30 -33.95
CA CYS E 96 -66.35 -42.20 -34.56
C CYS E 96 -65.64 -40.94 -34.05
N PHE E 97 -64.31 -41.04 -33.93
CA PHE E 97 -63.53 -40.01 -33.28
C PHE E 97 -62.41 -39.55 -34.20
N VAL E 98 -62.00 -38.29 -34.04
CA VAL E 98 -60.82 -37.74 -34.70
C VAL E 98 -60.29 -36.64 -33.81
N TYR E 99 -58.98 -36.41 -33.87
CA TYR E 99 -58.31 -35.38 -33.07
C TYR E 99 -57.56 -34.43 -34.00
N VAL E 100 -58.28 -33.44 -34.53
CA VAL E 100 -57.68 -32.35 -35.31
C VAL E 100 -57.97 -31.07 -34.54
N GLY E 101 -57.05 -30.68 -33.66
CA GLY E 101 -57.23 -29.50 -32.85
C GLY E 101 -58.19 -29.72 -31.70
N ARG E 102 -59.47 -29.79 -32.01
CA ARG E 102 -60.52 -30.23 -31.10
C ARG E 102 -60.89 -31.67 -31.43
N SER E 103 -61.22 -32.45 -30.41
CA SER E 103 -61.79 -33.77 -30.64
C SER E 103 -63.21 -33.61 -31.17
N TYR E 104 -63.53 -34.34 -32.23
CA TYR E 104 -64.85 -34.27 -32.85
C TYR E 104 -65.61 -35.56 -32.60
N ILE E 105 -66.78 -35.42 -31.97
CA ILE E 105 -67.64 -36.54 -31.65
C ILE E 105 -68.93 -36.40 -32.45
N GLY E 106 -69.30 -37.48 -33.13
CA GLY E 106 -70.52 -37.52 -33.91
C GLY E 106 -71.75 -37.69 -33.03
N GLN E 107 -72.92 -37.67 -33.70
CA GLN E 107 -74.18 -37.81 -33.00
C GLN E 107 -74.46 -39.25 -32.58
N GLY E 108 -73.77 -40.22 -33.18
CA GLY E 108 -73.90 -41.60 -32.82
C GLY E 108 -74.91 -42.34 -33.68
N THR E 109 -74.76 -43.67 -33.70
CA THR E 109 -75.68 -44.55 -34.41
C THR E 109 -75.99 -45.75 -33.52
N GLN E 110 -77.13 -46.38 -33.76
CA GLN E 110 -77.61 -47.44 -32.89
C GLN E 110 -77.29 -48.81 -33.46
N VAL E 111 -76.58 -49.61 -32.67
CA VAL E 111 -76.31 -51.01 -32.99
C VAL E 111 -76.85 -51.85 -31.84
N THR E 112 -77.83 -52.70 -32.13
CA THR E 112 -78.51 -53.50 -31.11
C THR E 112 -78.49 -54.96 -31.52
N VAL E 113 -77.94 -55.81 -30.65
CA VAL E 113 -77.90 -57.25 -30.87
C VAL E 113 -78.77 -57.88 -29.78
N SER E 114 -79.85 -58.53 -30.18
CA SER E 114 -80.76 -59.18 -29.25
C SER E 114 -81.46 -60.37 -29.90
N GLN F 1 -64.01 31.44 -22.94
CA GLN F 1 -64.56 30.20 -22.41
C GLN F 1 -65.51 30.49 -21.25
N VAL F 2 -64.96 31.01 -20.15
CA VAL F 2 -65.75 31.34 -18.98
C VAL F 2 -66.46 32.66 -19.23
N GLN F 3 -67.79 32.67 -19.06
CA GLN F 3 -68.58 33.88 -19.29
C GLN F 3 -69.67 33.96 -18.23
N LEU F 4 -69.82 35.15 -17.66
CA LEU F 4 -70.90 35.45 -16.72
C LEU F 4 -71.80 36.51 -17.33
N VAL F 5 -73.11 36.31 -17.19
CA VAL F 5 -74.11 37.29 -17.63
C VAL F 5 -75.12 37.43 -16.50
N GLU F 6 -75.57 38.67 -16.26
CA GLU F 6 -76.51 38.92 -15.18
C GLU F 6 -77.90 39.23 -15.73
N SER F 7 -78.92 38.72 -15.05
CA SER F 7 -80.31 38.93 -15.40
C SER F 7 -81.15 39.06 -14.13
N GLY F 8 -82.43 39.35 -14.31
CA GLY F 8 -83.34 39.43 -13.18
C GLY F 8 -83.47 40.80 -12.56
N GLY F 9 -82.97 41.85 -13.20
CA GLY F 9 -83.08 43.18 -12.65
C GLY F 9 -84.40 43.86 -13.00
N GLY F 10 -84.62 45.01 -12.39
CA GLY F 10 -85.83 45.76 -12.65
C GLY F 10 -85.91 47.01 -11.80
N LEU F 11 -87.07 47.66 -11.84
CA LEU F 11 -87.33 48.85 -11.05
C LEU F 11 -88.31 48.50 -9.93
N VAL F 12 -87.90 48.79 -8.70
CA VAL F 12 -88.71 48.47 -7.52
C VAL F 12 -88.81 49.73 -6.67
N GLN F 13 -89.76 49.75 -5.75
CA GLN F 13 -89.93 50.83 -4.79
C GLN F 13 -89.36 50.41 -3.44
N ALA F 14 -89.52 51.27 -2.45
CA ALA F 14 -89.08 50.99 -1.09
C ALA F 14 -89.97 49.95 -0.44
N GLY F 15 -89.37 48.82 -0.04
CA GLY F 15 -90.10 47.72 0.54
C GLY F 15 -90.38 46.58 -0.41
N GLY F 16 -89.91 46.67 -1.65
CA GLY F 16 -90.14 45.63 -2.64
C GLY F 16 -89.13 44.50 -2.55
N SER F 17 -89.18 43.64 -3.56
CA SER F 17 -88.30 42.48 -3.61
C SER F 17 -87.98 42.16 -5.07
N LEU F 18 -86.86 41.48 -5.26
CA LEU F 18 -86.39 41.11 -6.58
C LEU F 18 -85.50 39.87 -6.42
N ARG F 19 -85.28 39.16 -7.52
CA ARG F 19 -84.44 37.97 -7.53
C ARG F 19 -83.51 38.03 -8.74
N LEU F 20 -82.25 38.37 -8.49
CA LEU F 20 -81.26 38.44 -9.56
C LEU F 20 -80.71 37.05 -9.87
N SER F 21 -80.17 36.90 -11.07
CA SER F 21 -79.53 35.67 -11.50
C SER F 21 -78.21 35.97 -12.18
N CYS F 22 -77.27 35.03 -12.06
CA CYS F 22 -75.99 35.11 -12.76
C CYS F 22 -75.74 33.76 -13.42
N ALA F 23 -76.03 33.66 -14.71
CA ALA F 23 -75.78 32.45 -15.45
C ALA F 23 -74.29 32.28 -15.67
N ALA F 24 -73.80 31.05 -15.49
CA ALA F 24 -72.38 30.76 -15.54
C ALA F 24 -72.11 29.64 -16.54
N SER F 25 -70.92 29.69 -17.14
CA SER F 25 -70.47 28.65 -18.05
C SER F 25 -68.95 28.56 -17.98
N GLY F 26 -68.42 27.40 -18.36
CA GLY F 26 -66.99 27.18 -18.40
C GLY F 26 -66.36 26.72 -17.10
N PHE F 27 -67.10 26.70 -16.01
CA PHE F 27 -66.58 26.24 -14.72
C PHE F 27 -67.73 25.63 -13.93
N PRO F 28 -67.44 24.66 -13.05
CA PRO F 28 -68.45 24.23 -12.08
C PRO F 28 -68.47 25.12 -10.84
N VAL F 29 -69.68 25.31 -10.30
CA VAL F 29 -69.85 26.15 -9.13
C VAL F 29 -69.45 25.47 -7.83
N LYS F 30 -69.29 24.15 -7.83
CA LYS F 30 -68.90 23.41 -6.64
C LYS F 30 -67.38 23.41 -6.44
N ASN F 31 -66.63 23.81 -7.47
CA ASN F 31 -65.18 23.83 -7.40
C ASN F 31 -64.59 25.24 -7.32
N PHE F 32 -65.44 26.28 -7.32
CA PHE F 32 -64.95 27.65 -7.25
C PHE F 32 -65.82 28.47 -6.32
N GLU F 33 -65.23 29.53 -5.79
CA GLU F 33 -65.98 30.48 -4.96
C GLU F 33 -66.40 31.68 -5.79
N MET F 34 -67.60 32.19 -5.51
CA MET F 34 -68.17 33.31 -6.23
C MET F 34 -68.46 34.45 -5.27
N GLU F 35 -68.47 35.68 -5.79
CA GLU F 35 -68.85 36.85 -5.03
C GLU F 35 -69.81 37.70 -5.84
N TRP F 36 -70.64 38.45 -5.12
CA TRP F 36 -71.54 39.43 -5.73
C TRP F 36 -71.08 40.83 -5.35
N TYR F 37 -70.99 41.71 -6.34
CA TYR F 37 -70.57 43.08 -6.14
C TYR F 37 -71.61 44.02 -6.74
N ARG F 38 -71.67 45.24 -6.23
CA ARG F 38 -72.60 46.23 -6.76
C ARG F 38 -71.90 47.57 -6.95
N LYS F 39 -72.42 48.36 -7.87
CA LYS F 39 -71.87 49.66 -8.22
C LYS F 39 -72.97 50.71 -8.19
N ALA F 40 -73.06 51.44 -7.09
CA ALA F 40 -73.96 52.58 -7.03
C ALA F 40 -73.42 53.72 -7.89
N PRO F 41 -74.29 54.55 -8.46
CA PRO F 41 -73.81 55.72 -9.22
C PRO F 41 -73.15 56.76 -8.32
N GLY F 42 -71.88 57.05 -8.61
CA GLY F 42 -71.11 57.96 -7.79
C GLY F 42 -70.42 57.32 -6.60
N LYS F 43 -70.59 56.03 -6.39
CA LYS F 43 -69.96 55.32 -5.27
C LYS F 43 -69.07 54.21 -5.80
N GLU F 44 -68.16 53.75 -4.94
CA GLU F 44 -67.22 52.72 -5.33
C GLU F 44 -67.88 51.35 -5.33
N ARG F 45 -67.22 50.38 -5.96
CA ARG F 45 -67.71 49.01 -6.00
C ARG F 45 -67.48 48.34 -4.65
N GLU F 46 -68.52 47.68 -4.13
CA GLU F 46 -68.47 47.04 -2.82
C GLU F 46 -69.03 45.63 -2.90
N TRP F 47 -68.54 44.76 -2.03
CA TRP F 47 -68.97 43.38 -1.99
C TRP F 47 -70.33 43.26 -1.31
N VAL F 48 -71.19 42.40 -1.86
CA VAL F 48 -72.55 42.22 -1.38
C VAL F 48 -72.72 40.87 -0.67
N ALA F 49 -72.54 39.78 -1.40
CA ALA F 49 -72.78 38.45 -0.86
C ALA F 49 -71.89 37.44 -1.57
N ALA F 50 -71.68 36.30 -0.92
CA ALA F 50 -70.80 35.27 -1.47
C ALA F 50 -71.20 33.90 -0.96
N ILE F 51 -70.94 32.88 -1.79
CA ILE F 51 -71.04 31.48 -1.41
C ILE F 51 -69.66 30.86 -1.59
N GLN F 52 -69.23 30.07 -0.59
CA GLN F 52 -68.02 29.28 -0.74
C GLN F 52 -68.23 28.11 -1.68
N SER F 53 -67.12 27.44 -2.01
CA SER F 53 -67.15 26.38 -3.03
C SER F 53 -67.87 25.12 -2.53
N GLY F 54 -67.79 24.85 -1.22
CA GLY F 54 -68.52 23.72 -0.68
C GLY F 54 -70.01 23.98 -0.57
N GLY F 55 -70.42 25.25 -0.52
CA GLY F 55 -71.81 25.62 -0.45
C GLY F 55 -72.42 25.60 0.93
N VAL F 56 -71.65 25.21 1.95
CA VAL F 56 -72.13 25.20 3.34
C VAL F 56 -72.30 26.61 3.90
N GLU F 57 -71.35 27.50 3.66
CA GLU F 57 -71.31 28.79 4.33
C GLU F 57 -71.55 29.91 3.34
N THR F 58 -72.50 30.79 3.69
CA THR F 58 -72.81 31.97 2.89
C THR F 58 -72.59 33.20 3.76
N TYR F 59 -72.10 34.27 3.14
CA TYR F 59 -71.71 35.47 3.86
C TYR F 59 -72.33 36.68 3.19
N TYR F 60 -72.58 37.72 4.00
CA TYR F 60 -73.22 38.94 3.53
C TYR F 60 -72.48 40.14 4.11
N ALA F 61 -72.62 41.29 3.45
CA ALA F 61 -71.99 42.51 3.93
C ALA F 61 -72.74 43.07 5.13
N ASP F 62 -72.10 44.05 5.79
CA ASP F 62 -72.57 44.53 7.10
C ASP F 62 -73.86 45.34 6.99
N SER F 63 -74.11 45.95 5.84
CA SER F 63 -75.35 46.69 5.66
C SER F 63 -76.52 45.82 5.23
N VAL F 64 -76.27 44.57 4.79
CA VAL F 64 -77.32 43.76 4.17
C VAL F 64 -77.54 42.44 4.91
N LYS F 65 -77.11 42.37 6.17
CA LYS F 65 -77.39 41.18 6.97
C LYS F 65 -78.84 41.18 7.46
N GLY F 66 -79.51 40.03 7.31
CA GLY F 66 -80.87 39.90 7.78
C GLY F 66 -81.92 40.18 6.72
N ARG F 67 -81.48 40.63 5.54
CA ARG F 67 -82.39 40.99 4.47
C ARG F 67 -82.09 40.32 3.14
N PHE F 68 -80.83 40.03 2.83
CA PHE F 68 -80.48 39.41 1.56
C PHE F 68 -80.29 37.91 1.73
N THR F 69 -80.41 37.18 0.63
CA THR F 69 -80.24 35.73 0.60
C THR F 69 -79.61 35.34 -0.73
N ILE F 70 -78.46 34.68 -0.68
CA ILE F 70 -77.76 34.24 -1.88
C ILE F 70 -77.92 32.72 -2.01
N SER F 71 -78.09 32.24 -3.25
CA SER F 71 -78.30 30.82 -3.49
C SER F 71 -77.67 30.45 -4.82
N ARG F 72 -77.42 29.14 -4.97
CA ARG F 72 -76.80 28.62 -6.18
C ARG F 72 -77.61 27.43 -6.69
N ASP F 73 -77.46 27.13 -7.97
CA ASP F 73 -78.04 25.96 -8.60
C ASP F 73 -76.94 25.18 -9.28
N ASN F 74 -76.78 23.91 -8.92
CA ASN F 74 -75.69 23.10 -9.45
C ASN F 74 -75.95 22.67 -10.89
N ALA F 75 -77.18 22.24 -11.19
CA ALA F 75 -77.47 21.67 -12.51
C ALA F 75 -77.62 22.74 -13.58
N LYS F 76 -78.28 23.85 -13.26
CA LYS F 76 -78.53 24.91 -14.23
C LYS F 76 -77.35 25.85 -14.42
N ASN F 77 -76.34 25.76 -13.53
CA ASN F 77 -75.11 26.57 -13.52
C ASN F 77 -75.43 28.07 -13.48
N THR F 78 -76.34 28.43 -12.58
CA THR F 78 -76.81 29.81 -12.45
C THR F 78 -76.77 30.22 -10.99
N VAL F 79 -76.19 31.38 -10.72
CA VAL F 79 -76.01 31.89 -9.36
C VAL F 79 -77.06 32.95 -9.09
N TYR F 80 -77.86 32.73 -8.05
CA TYR F 80 -79.00 33.59 -7.76
C TYR F 80 -78.72 34.48 -6.55
N LEU F 81 -79.51 35.54 -6.44
CA LEU F 81 -79.45 36.46 -5.32
C LEU F 81 -80.86 36.98 -5.03
N GLN F 82 -81.41 36.55 -3.90
CA GLN F 82 -82.75 36.99 -3.47
C GLN F 82 -82.59 38.17 -2.53
N MET F 83 -83.20 39.29 -2.88
CA MET F 83 -83.06 40.54 -2.14
C MET F 83 -84.42 41.00 -1.62
N ASN F 84 -84.47 41.35 -0.35
CA ASN F 84 -85.72 41.67 0.32
C ASN F 84 -85.54 42.91 1.19
N SER F 85 -86.69 43.56 1.49
CA SER F 85 -86.80 44.78 2.32
C SER F 85 -85.92 45.91 1.79
N LEU F 86 -86.20 46.34 0.56
CA LEU F 86 -85.27 47.18 -0.17
C LEU F 86 -85.37 48.65 0.23
N LYS F 87 -84.22 49.24 0.51
CA LYS F 87 -84.00 50.65 0.81
C LYS F 87 -83.52 51.38 -0.45
N PRO F 88 -83.75 52.70 -0.54
CA PRO F 88 -83.25 53.44 -1.71
C PRO F 88 -81.74 53.64 -1.75
N GLU F 89 -81.00 53.25 -0.71
CA GLU F 89 -79.54 53.23 -0.75
C GLU F 89 -78.98 52.08 -1.60
N ASP F 90 -79.82 51.09 -1.95
CA ASP F 90 -79.39 49.94 -2.74
C ASP F 90 -79.55 50.15 -4.25
N THR F 91 -79.63 51.40 -4.70
CA THR F 91 -79.68 51.69 -6.13
C THR F 91 -78.29 51.51 -6.72
N ALA F 92 -78.10 50.39 -7.44
CA ALA F 92 -76.78 50.02 -7.92
C ALA F 92 -76.83 49.09 -9.13
N VAL F 93 -75.71 48.96 -9.83
CA VAL F 93 -75.55 47.97 -10.89
C VAL F 93 -74.84 46.77 -10.32
N TYR F 94 -75.49 45.61 -10.38
CA TYR F 94 -75.04 44.41 -9.67
C TYR F 94 -74.23 43.52 -10.60
N TYR F 95 -73.05 43.11 -10.14
CA TYR F 95 -72.16 42.24 -10.90
C TYR F 95 -71.82 41.00 -10.08
N CYS F 96 -71.77 39.85 -10.76
CA CYS F 96 -71.31 38.62 -10.15
C CYS F 96 -69.85 38.36 -10.52
N PHE F 97 -69.10 37.82 -9.56
CA PHE F 97 -67.65 37.70 -9.67
C PHE F 97 -67.25 36.25 -9.49
N VAL F 98 -66.17 35.84 -10.16
CA VAL F 98 -65.56 34.54 -9.96
C VAL F 98 -64.09 34.66 -10.37
N TYR F 99 -63.24 33.81 -9.80
CA TYR F 99 -61.82 33.74 -10.12
C TYR F 99 -61.51 32.35 -10.68
N VAL F 100 -61.70 32.18 -11.99
CA VAL F 100 -61.35 30.93 -12.68
C VAL F 100 -60.21 31.28 -13.63
N GLY F 101 -58.98 31.09 -13.19
CA GLY F 101 -57.81 31.44 -13.97
C GLY F 101 -57.55 32.93 -13.95
N ARG F 102 -58.37 33.67 -14.69
CA ARG F 102 -58.47 35.12 -14.58
C ARG F 102 -59.82 35.48 -13.98
N SER F 103 -59.98 36.76 -13.66
CA SER F 103 -61.24 37.23 -13.12
C SER F 103 -62.20 37.54 -14.27
N TYR F 104 -63.45 37.10 -14.14
CA TYR F 104 -64.46 37.34 -15.14
C TYR F 104 -65.61 38.13 -14.54
N ILE F 105 -65.87 39.30 -15.12
CA ILE F 105 -66.91 40.21 -14.66
C ILE F 105 -67.94 40.35 -15.77
N GLY F 106 -69.21 40.16 -15.40
CA GLY F 106 -70.31 40.27 -16.32
C GLY F 106 -70.64 41.72 -16.66
N GLN F 107 -71.59 41.88 -17.58
CA GLN F 107 -71.98 43.21 -18.04
C GLN F 107 -72.82 43.95 -17.01
N GLY F 108 -73.55 43.24 -16.16
CA GLY F 108 -74.31 43.86 -15.10
C GLY F 108 -75.71 44.23 -15.53
N THR F 109 -76.60 44.34 -14.54
CA THR F 109 -77.99 44.71 -14.76
C THR F 109 -78.35 45.83 -13.80
N GLN F 110 -78.98 46.88 -14.34
CA GLN F 110 -79.34 48.04 -13.54
C GLN F 110 -80.54 47.74 -12.66
N VAL F 111 -80.36 47.94 -11.35
CA VAL F 111 -81.44 47.78 -10.37
C VAL F 111 -81.58 49.12 -9.63
N THR F 112 -82.75 49.73 -9.76
CA THR F 112 -83.04 51.00 -9.09
C THR F 112 -84.14 50.78 -8.06
N VAL F 113 -83.91 51.27 -6.85
CA VAL F 113 -84.89 51.21 -5.77
C VAL F 113 -85.34 52.63 -5.48
N SER F 114 -86.54 52.97 -5.93
CA SER F 114 -87.09 54.31 -5.73
C SER F 114 -88.60 54.28 -5.65
N GLN G 1 -24.93 -24.32 -39.35
CA GLN G 1 -23.61 -24.52 -38.76
C GLN G 1 -23.17 -25.99 -38.88
N VAL G 2 -24.13 -26.86 -39.20
CA VAL G 2 -23.88 -28.28 -39.39
C VAL G 2 -24.20 -28.62 -40.83
N GLN G 3 -23.20 -29.14 -41.55
CA GLN G 3 -23.33 -29.43 -42.97
C GLN G 3 -23.14 -30.93 -43.19
N LEU G 4 -24.03 -31.53 -43.97
CA LEU G 4 -23.99 -32.96 -44.26
C LEU G 4 -23.84 -33.18 -45.75
N VAL G 5 -22.94 -34.08 -46.13
CA VAL G 5 -22.72 -34.46 -47.52
C VAL G 5 -22.99 -35.95 -47.63
N GLU G 6 -23.94 -36.32 -48.49
CA GLU G 6 -24.40 -37.69 -48.66
C GLU G 6 -23.87 -38.28 -49.96
N SER G 7 -23.29 -39.47 -49.85
CA SER G 7 -22.77 -40.20 -51.01
C SER G 7 -23.02 -41.68 -50.80
N GLY G 8 -22.62 -42.48 -51.78
CA GLY G 8 -22.73 -43.93 -51.70
C GLY G 8 -23.94 -44.53 -52.37
N GLY G 9 -24.73 -43.74 -53.09
CA GLY G 9 -25.90 -44.26 -53.77
C GLY G 9 -25.56 -44.93 -55.09
N GLY G 10 -26.61 -45.41 -55.75
CA GLY G 10 -26.46 -46.06 -57.04
C GLY G 10 -27.56 -47.07 -57.25
N SER G 11 -27.46 -47.77 -58.38
CA SER G 11 -28.43 -48.78 -58.77
C SER G 11 -27.90 -50.18 -58.45
N VAL G 12 -28.82 -51.06 -58.07
CA VAL G 12 -28.47 -52.42 -57.66
C VAL G 12 -29.64 -53.32 -58.02
N GLN G 13 -29.37 -54.62 -58.17
CA GLN G 13 -30.39 -55.61 -58.46
C GLN G 13 -31.07 -56.07 -57.17
N ALA G 14 -32.15 -56.84 -57.32
CA ALA G 14 -32.96 -57.24 -56.18
C ALA G 14 -32.28 -58.35 -55.40
N GLY G 15 -31.95 -58.05 -54.13
CA GLY G 15 -31.19 -58.93 -53.30
C GLY G 15 -29.75 -58.53 -53.09
N GLY G 16 -29.34 -57.37 -53.61
CA GLY G 16 -27.99 -56.89 -53.44
C GLY G 16 -27.81 -56.11 -52.15
N SER G 17 -26.66 -55.46 -52.05
CA SER G 17 -26.31 -54.69 -50.86
C SER G 17 -25.71 -53.36 -51.28
N LEU G 18 -25.89 -52.36 -50.42
CA LEU G 18 -25.34 -51.02 -50.62
C LEU G 18 -24.91 -50.46 -49.27
N ARG G 19 -24.01 -49.47 -49.31
CA ARG G 19 -23.47 -48.88 -48.09
C ARG G 19 -23.40 -47.37 -48.30
N LEU G 20 -24.42 -46.67 -47.80
CA LEU G 20 -24.47 -45.22 -47.90
C LEU G 20 -23.52 -44.59 -46.88
N SER G 21 -23.11 -43.36 -47.15
CA SER G 21 -22.27 -42.60 -46.23
C SER G 21 -22.76 -41.16 -46.15
N CYS G 22 -22.66 -40.58 -44.96
CA CYS G 22 -23.05 -39.19 -44.72
C CYS G 22 -21.96 -38.53 -43.90
N ALA G 23 -21.22 -37.61 -44.54
CA ALA G 23 -20.06 -36.96 -43.92
C ALA G 23 -20.49 -35.62 -43.33
N ALA G 24 -20.03 -35.34 -42.11
CA ALA G 24 -20.42 -34.15 -41.38
C ALA G 24 -19.26 -33.17 -41.28
N SER G 25 -19.61 -31.89 -41.22
CA SER G 25 -18.63 -30.82 -41.03
C SER G 25 -19.28 -29.66 -40.31
N GLY G 26 -18.55 -29.05 -39.37
CA GLY G 26 -19.04 -27.93 -38.59
C GLY G 26 -19.02 -28.25 -37.10
N SER G 27 -20.17 -28.03 -36.45
CA SER G 27 -20.32 -28.30 -35.02
C SER G 27 -20.56 -29.80 -34.82
N ILE G 28 -19.45 -30.54 -34.75
CA ILE G 28 -19.50 -31.99 -34.63
C ILE G 28 -19.91 -32.39 -33.22
N SER G 29 -19.38 -31.69 -32.21
CA SER G 29 -19.59 -32.07 -30.81
C SER G 29 -21.00 -31.78 -30.31
N SER G 30 -21.74 -30.90 -30.99
CA SER G 30 -23.11 -30.64 -30.61
C SER G 30 -24.09 -31.69 -31.14
N ILE G 31 -23.67 -32.52 -32.09
CA ILE G 31 -24.55 -33.50 -32.71
C ILE G 31 -24.78 -34.67 -31.74
N THR G 32 -26.04 -34.90 -31.41
CA THR G 32 -26.41 -35.95 -30.46
C THR G 32 -27.19 -37.09 -31.09
N TYR G 33 -27.72 -36.91 -32.30
CA TYR G 33 -28.63 -37.90 -32.88
C TYR G 33 -28.59 -37.80 -34.40
N LEU G 34 -28.45 -38.95 -35.06
CA LEU G 34 -28.41 -39.03 -36.51
C LEU G 34 -29.51 -39.98 -36.97
N GLY G 35 -30.36 -39.51 -37.86
CA GLY G 35 -31.47 -40.30 -38.38
C GLY G 35 -31.41 -40.40 -39.89
N TRP G 36 -31.99 -41.48 -40.42
CA TRP G 36 -32.02 -41.73 -41.85
C TRP G 36 -33.47 -41.63 -42.35
N PHE G 37 -33.72 -40.71 -43.27
CA PHE G 37 -35.05 -40.50 -43.82
C PHE G 37 -35.16 -41.20 -45.17
N ARG G 38 -36.41 -41.36 -45.62
CA ARG G 38 -36.68 -42.03 -46.89
C ARG G 38 -37.98 -41.48 -47.45
N GLN G 39 -37.93 -41.00 -48.69
CA GLN G 39 -39.09 -40.43 -49.37
C GLN G 39 -39.41 -41.29 -50.58
N ALA G 40 -40.45 -42.13 -50.47
CA ALA G 40 -40.88 -43.00 -51.54
C ALA G 40 -41.64 -42.20 -52.59
N PRO G 41 -41.60 -42.63 -53.85
CA PRO G 41 -42.47 -42.02 -54.87
C PRO G 41 -43.93 -42.39 -54.63
N GLY G 42 -44.75 -41.36 -54.44
CA GLY G 42 -46.14 -41.57 -54.10
C GLY G 42 -46.44 -41.68 -52.62
N LYS G 43 -45.48 -41.37 -51.76
CA LYS G 43 -45.64 -41.44 -50.31
C LYS G 43 -44.95 -40.27 -49.65
N GLU G 44 -45.27 -40.04 -48.39
CA GLU G 44 -44.61 -39.01 -47.60
C GLU G 44 -43.23 -39.50 -47.15
N ARG G 45 -42.41 -38.56 -46.67
CA ARG G 45 -41.09 -38.90 -46.17
C ARG G 45 -41.21 -39.52 -44.80
N GLU G 46 -40.64 -40.72 -44.64
CA GLU G 46 -40.76 -41.51 -43.42
C GLU G 46 -39.41 -41.64 -42.73
N GLY G 47 -39.41 -42.38 -41.62
CA GLY G 47 -38.20 -42.65 -40.87
C GLY G 47 -37.83 -44.12 -40.96
N VAL G 48 -36.53 -44.38 -41.06
CA VAL G 48 -36.04 -45.74 -41.28
C VAL G 48 -35.06 -46.14 -40.17
N ALA G 49 -34.03 -45.33 -39.95
CA ALA G 49 -32.94 -45.74 -39.07
C ALA G 49 -32.65 -44.63 -38.06
N ALA G 50 -32.04 -45.04 -36.95
CA ALA G 50 -31.74 -44.12 -35.86
C ALA G 50 -30.42 -44.52 -35.20
N LEU G 51 -29.72 -43.52 -34.68
CA LEU G 51 -28.44 -43.73 -34.00
C LEU G 51 -28.17 -42.59 -33.04
N ILE G 52 -27.94 -42.92 -31.78
CA ILE G 52 -27.54 -41.94 -30.77
C ILE G 52 -26.02 -41.92 -30.70
N THR G 53 -25.43 -40.73 -30.84
CA THR G 53 -23.98 -40.62 -30.90
C THR G 53 -23.34 -40.80 -29.52
N VAL G 54 -24.04 -40.37 -28.47
CA VAL G 54 -23.53 -40.51 -27.11
C VAL G 54 -23.51 -41.96 -26.64
N ASN G 55 -24.59 -42.70 -26.90
CA ASN G 55 -24.77 -44.03 -26.35
C ASN G 55 -24.37 -45.15 -27.30
N GLY G 56 -24.54 -44.95 -28.60
CA GLY G 56 -24.47 -46.04 -29.55
C GLY G 56 -25.77 -46.81 -29.71
N HIS G 57 -26.85 -46.35 -29.10
CA HIS G 57 -28.13 -47.03 -29.20
C HIS G 57 -28.76 -46.83 -30.57
N THR G 58 -29.33 -47.91 -31.11
CA THR G 58 -29.92 -47.89 -32.43
C THR G 58 -31.41 -48.23 -32.34
N TYR G 59 -32.18 -47.63 -33.24
CA TYR G 59 -33.59 -47.95 -33.40
C TYR G 59 -33.89 -48.16 -34.89
N TYR G 60 -34.76 -49.13 -35.18
CA TYR G 60 -35.10 -49.48 -36.54
C TYR G 60 -36.61 -49.56 -36.70
N ALA G 61 -37.09 -49.26 -37.91
CA ALA G 61 -38.50 -49.43 -38.23
C ALA G 61 -38.81 -50.89 -38.53
N ASP G 62 -40.11 -51.21 -38.54
CA ASP G 62 -40.53 -52.58 -38.76
C ASP G 62 -40.38 -53.03 -40.22
N SER G 63 -40.39 -52.10 -41.17
CA SER G 63 -40.25 -52.45 -42.57
C SER G 63 -38.80 -52.70 -42.99
N VAL G 64 -37.84 -52.35 -42.14
CA VAL G 64 -36.42 -52.55 -42.44
C VAL G 64 -35.79 -53.41 -41.36
N LYS G 65 -36.63 -54.04 -40.53
CA LYS G 65 -36.12 -54.79 -39.39
C LYS G 65 -35.54 -56.13 -39.82
N GLY G 66 -34.31 -56.40 -39.40
CA GLY G 66 -33.60 -57.61 -39.76
C GLY G 66 -32.79 -57.52 -41.03
N ARG G 67 -32.93 -56.44 -41.80
CA ARG G 67 -32.20 -56.26 -43.05
C ARG G 67 -31.31 -55.03 -43.08
N PHE G 68 -31.58 -54.03 -42.25
CA PHE G 68 -30.85 -52.78 -42.29
C PHE G 68 -29.96 -52.63 -41.06
N THR G 69 -28.80 -52.02 -41.26
CA THR G 69 -27.79 -51.85 -40.22
C THR G 69 -27.20 -50.46 -40.32
N VAL G 70 -27.16 -49.74 -39.19
CA VAL G 70 -26.56 -48.42 -39.12
C VAL G 70 -25.30 -48.50 -38.26
N SER G 71 -24.25 -47.79 -38.68
CA SER G 71 -22.98 -47.81 -37.96
C SER G 71 -22.39 -46.40 -37.96
N LEU G 72 -21.64 -46.11 -36.90
CA LEU G 72 -21.04 -44.79 -36.69
C LEU G 72 -19.53 -44.88 -36.69
N ASP G 73 -18.89 -43.96 -37.41
CA ASP G 73 -17.43 -43.84 -37.41
C ASP G 73 -17.09 -42.42 -36.97
N ASN G 74 -16.67 -42.28 -35.71
CA ASN G 74 -16.36 -40.97 -35.16
C ASN G 74 -15.00 -40.44 -35.61
N ALA G 75 -14.13 -41.30 -36.15
CA ALA G 75 -12.82 -40.85 -36.59
C ALA G 75 -12.91 -40.04 -37.88
N LYS G 76 -13.79 -40.45 -38.79
CA LYS G 76 -14.01 -39.75 -40.05
C LYS G 76 -15.21 -38.82 -40.01
N ASN G 77 -15.94 -38.81 -38.87
CA ASN G 77 -17.21 -38.10 -38.65
C ASN G 77 -18.26 -38.46 -39.71
N THR G 78 -18.31 -39.74 -40.05
CA THR G 78 -19.18 -40.22 -41.12
C THR G 78 -20.00 -41.39 -40.62
N VAL G 79 -21.33 -41.24 -40.67
CA VAL G 79 -22.26 -42.30 -40.32
C VAL G 79 -22.51 -43.13 -41.57
N TYR G 80 -22.86 -44.40 -41.39
CA TYR G 80 -23.05 -45.32 -42.49
C TYR G 80 -24.40 -46.03 -42.35
N LEU G 81 -24.99 -46.38 -43.50
CA LEU G 81 -26.25 -47.11 -43.53
C LEU G 81 -26.06 -48.34 -44.40
N GLN G 82 -25.84 -49.49 -43.76
CA GLN G 82 -25.61 -50.75 -44.46
C GLN G 82 -26.96 -51.36 -44.78
N MET G 83 -27.35 -51.30 -46.05
CA MET G 83 -28.65 -51.80 -46.51
C MET G 83 -28.42 -53.10 -47.27
N ASN G 84 -28.59 -54.22 -46.58
CA ASN G 84 -28.41 -55.54 -47.17
C ASN G 84 -29.76 -56.20 -47.44
N SER G 85 -29.75 -57.13 -48.42
CA SER G 85 -30.91 -57.87 -48.94
C SER G 85 -32.02 -56.93 -49.41
N LEU G 86 -31.71 -56.14 -50.44
CA LEU G 86 -32.62 -55.11 -50.90
C LEU G 86 -33.72 -55.67 -51.78
N LYS G 87 -34.86 -54.99 -51.78
CA LYS G 87 -36.05 -55.31 -52.55
C LYS G 87 -36.49 -54.09 -53.32
N PRO G 88 -37.21 -54.24 -54.44
CA PRO G 88 -37.62 -53.06 -55.24
C PRO G 88 -38.66 -52.14 -54.59
N GLU G 89 -39.22 -52.49 -53.43
CA GLU G 89 -40.04 -51.55 -52.68
C GLU G 89 -39.23 -50.50 -51.93
N ASP G 90 -37.90 -50.68 -51.82
CA ASP G 90 -37.03 -49.71 -51.18
C ASP G 90 -36.45 -48.70 -52.15
N THR G 91 -36.95 -48.65 -53.39
CA THR G 91 -36.48 -47.67 -54.37
C THR G 91 -37.01 -46.29 -54.00
N ALA G 92 -36.16 -45.48 -53.38
CA ALA G 92 -36.55 -44.17 -52.86
C ALA G 92 -35.30 -43.32 -52.68
N LEU G 93 -35.53 -42.02 -52.50
CA LEU G 93 -34.46 -41.09 -52.13
C LEU G 93 -34.17 -41.24 -50.65
N TYR G 94 -32.90 -41.44 -50.30
CA TYR G 94 -32.49 -41.62 -48.92
C TYR G 94 -31.73 -40.39 -48.44
N TYR G 95 -32.15 -39.86 -47.29
CA TYR G 95 -31.60 -38.65 -46.72
C TYR G 95 -31.03 -38.92 -45.34
N CYS G 96 -29.88 -38.32 -45.05
CA CYS G 96 -29.29 -38.34 -43.72
C CYS G 96 -29.57 -37.00 -43.03
N ALA G 97 -29.78 -37.07 -41.72
CA ALA G 97 -30.13 -35.89 -40.93
C ALA G 97 -29.33 -35.87 -39.65
N ALA G 98 -29.15 -34.68 -39.09
CA ALA G 98 -28.40 -34.47 -37.86
C ALA G 98 -29.27 -33.70 -36.87
N ALA G 99 -29.21 -34.13 -35.60
CA ALA G 99 -29.92 -33.48 -34.51
C ALA G 99 -28.93 -33.04 -33.44
N ALA G 100 -29.26 -31.94 -32.78
CA ALA G 100 -28.42 -31.38 -31.74
C ALA G 100 -29.17 -31.10 -30.44
N TRP G 101 -30.49 -31.30 -30.41
CA TRP G 101 -31.29 -31.03 -29.22
C TRP G 101 -31.78 -32.31 -28.55
N GLY G 102 -31.25 -33.46 -28.95
CA GLY G 102 -31.69 -34.73 -28.39
C GLY G 102 -32.14 -35.74 -29.42
N TYR G 103 -32.73 -36.85 -28.98
CA TYR G 103 -33.13 -37.91 -29.89
C TYR G 103 -34.63 -38.16 -29.78
N ALA G 104 -35.25 -38.42 -30.93
CA ALA G 104 -36.68 -38.63 -30.99
C ALA G 104 -36.97 -39.81 -31.91
N TRP G 105 -37.70 -40.80 -31.41
CA TRP G 105 -38.11 -41.95 -32.18
C TRP G 105 -39.62 -42.13 -32.12
N PRO G 106 -40.31 -42.30 -33.27
CA PRO G 106 -39.84 -42.35 -34.66
C PRO G 106 -39.54 -40.98 -35.27
N LEU G 107 -38.93 -40.98 -36.46
CA LEU G 107 -38.51 -39.74 -37.10
C LEU G 107 -39.71 -38.94 -37.62
N HIS G 108 -39.63 -37.62 -37.46
CA HIS G 108 -40.68 -36.73 -37.95
C HIS G 108 -40.02 -35.55 -38.64
N GLN G 109 -40.68 -35.04 -39.69
CA GLN G 109 -40.11 -34.00 -40.54
C GLN G 109 -40.22 -32.61 -39.91
N ASP G 110 -41.12 -32.44 -38.95
CA ASP G 110 -41.45 -31.12 -38.41
C ASP G 110 -40.46 -30.63 -37.35
N ASP G 111 -39.50 -31.45 -36.94
CA ASP G 111 -38.53 -30.99 -35.95
C ASP G 111 -37.41 -30.21 -36.62
N TYR G 112 -36.46 -29.75 -35.80
CA TYR G 112 -35.32 -28.99 -36.29
C TYR G 112 -34.22 -29.95 -36.72
N TRP G 113 -33.90 -29.96 -38.01
CA TRP G 113 -32.92 -30.89 -38.55
C TRP G 113 -31.90 -30.15 -39.41
N TYR G 114 -30.72 -30.76 -39.53
CA TYR G 114 -29.74 -30.33 -40.51
C TYR G 114 -29.75 -31.31 -41.67
N TRP G 115 -30.27 -30.87 -42.82
CA TRP G 115 -30.62 -31.76 -43.91
C TRP G 115 -29.45 -31.96 -44.86
N GLY G 116 -29.36 -33.18 -45.40
CA GLY G 116 -28.40 -33.48 -46.44
C GLY G 116 -28.93 -33.14 -47.82
N GLN G 117 -28.18 -33.54 -48.84
CA GLN G 117 -28.62 -33.26 -50.21
C GLN G 117 -29.31 -34.46 -50.85
N GLY G 118 -29.14 -35.66 -50.29
CA GLY G 118 -29.83 -36.84 -50.79
C GLY G 118 -29.18 -37.49 -51.99
N THR G 119 -29.23 -38.82 -52.05
CA THR G 119 -28.71 -39.59 -53.17
C THR G 119 -29.80 -40.52 -53.68
N GLN G 120 -29.63 -41.03 -54.90
CA GLN G 120 -30.62 -41.91 -55.50
C GLN G 120 -30.20 -43.37 -55.36
N VAL G 121 -31.12 -44.17 -54.79
CA VAL G 121 -30.92 -45.61 -54.63
C VAL G 121 -32.05 -46.29 -55.38
N THR G 122 -31.71 -47.12 -56.36
CA THR G 122 -32.69 -47.81 -57.20
C THR G 122 -32.47 -49.31 -57.12
N VAL G 123 -33.50 -50.04 -56.70
CA VAL G 123 -33.47 -51.50 -56.65
C VAL G 123 -34.49 -52.02 -57.63
N SER G 124 -34.07 -52.93 -58.50
CA SER G 124 -34.96 -53.51 -59.49
C SER G 124 -34.77 -55.03 -59.61
N GLN H 1 -40.29 8.21 1.70
CA GLN H 1 -39.35 7.74 2.71
C GLN H 1 -40.03 7.59 4.06
N VAL H 2 -41.27 8.05 4.15
CA VAL H 2 -42.07 7.98 5.37
C VAL H 2 -43.27 7.08 5.11
N GLN H 3 -43.39 5.99 5.87
CA GLN H 3 -44.46 5.02 5.71
C GLN H 3 -45.42 5.16 6.88
N LEU H 4 -46.71 5.30 6.57
CA LEU H 4 -47.75 5.42 7.59
C LEU H 4 -48.60 4.15 7.59
N VAL H 5 -48.78 3.59 8.78
CA VAL H 5 -49.66 2.44 9.00
C VAL H 5 -50.75 2.87 9.96
N GLU H 6 -52.01 2.79 9.52
CA GLU H 6 -53.14 3.22 10.31
C GLU H 6 -54.06 2.06 10.65
N SER H 7 -54.68 2.14 11.82
CA SER H 7 -55.59 1.12 12.31
C SER H 7 -56.55 1.77 13.30
N GLY H 8 -57.26 0.92 14.06
CA GLY H 8 -58.20 1.39 15.05
C GLY H 8 -59.60 1.65 14.56
N GLY H 9 -59.90 1.31 13.30
CA GLY H 9 -61.24 1.51 12.78
C GLY H 9 -62.19 0.40 13.17
N GLY H 10 -63.43 0.55 12.75
CA GLY H 10 -64.47 -0.42 13.04
C GLY H 10 -65.82 0.24 13.05
N SER H 11 -66.83 -0.55 13.42
CA SER H 11 -68.20 -0.10 13.44
C SER H 11 -68.69 0.09 14.88
N VAL H 12 -69.35 1.22 15.10
CA VAL H 12 -69.88 1.57 16.41
C VAL H 12 -71.17 2.35 16.18
N GLN H 13 -72.06 2.34 17.17
CA GLN H 13 -73.35 3.02 17.05
C GLN H 13 -73.20 4.52 17.29
N ALA H 14 -74.31 5.24 17.13
CA ALA H 14 -74.32 6.67 17.33
C ALA H 14 -74.22 7.01 18.81
N GLY H 15 -73.37 7.99 19.13
CA GLY H 15 -73.06 8.33 20.49
C GLY H 15 -71.92 7.54 21.10
N GLY H 16 -71.35 6.58 20.36
CA GLY H 16 -70.29 5.75 20.87
C GLY H 16 -68.92 6.40 20.74
N SER H 17 -67.89 5.56 20.89
CA SER H 17 -66.53 6.04 20.90
C SER H 17 -65.65 5.17 20.01
N LEU H 18 -64.67 5.82 19.38
CA LEU H 18 -63.63 5.15 18.60
C LEU H 18 -62.32 5.88 18.85
N ARG H 19 -61.23 5.27 18.40
CA ARG H 19 -59.90 5.85 18.63
C ARG H 19 -58.98 5.35 17.52
N LEU H 20 -58.76 6.19 16.51
CA LEU H 20 -57.87 5.81 15.41
C LEU H 20 -56.41 6.03 15.80
N SER H 21 -55.53 5.36 15.07
CA SER H 21 -54.10 5.51 15.24
C SER H 21 -53.43 5.58 13.87
N CYS H 22 -52.22 6.12 13.83
CA CYS H 22 -51.42 6.19 12.61
C CYS H 22 -49.96 6.20 12.99
N ALA H 23 -49.28 5.07 12.85
CA ALA H 23 -47.89 4.90 13.23
C ALA H 23 -47.00 5.39 12.09
N ALA H 24 -45.86 5.99 12.44
CA ALA H 24 -44.93 6.51 11.46
C ALA H 24 -43.62 5.75 11.51
N SER H 25 -43.02 5.56 10.34
CA SER H 25 -41.73 4.89 10.21
C SER H 25 -40.94 5.54 9.08
N GLY H 26 -39.67 5.83 9.35
CA GLY H 26 -38.78 6.46 8.38
C GLY H 26 -38.08 7.66 8.98
N SER H 27 -38.11 8.77 8.23
CA SER H 27 -37.53 10.03 8.69
C SER H 27 -38.54 10.73 9.61
N ILE H 28 -38.41 10.44 10.90
CA ILE H 28 -39.42 10.86 11.87
C ILE H 28 -39.20 12.31 12.29
N SER H 29 -37.93 12.70 12.49
CA SER H 29 -37.61 14.04 12.96
C SER H 29 -37.84 15.11 11.90
N SER H 30 -37.86 14.75 10.62
CA SER H 30 -38.18 15.69 9.56
C SER H 30 -39.68 15.98 9.46
N ILE H 31 -40.52 15.10 9.98
CA ILE H 31 -41.97 15.28 9.88
C ILE H 31 -42.40 16.31 10.92
N THR H 32 -43.03 17.39 10.45
CA THR H 32 -43.41 18.49 11.31
C THR H 32 -44.91 18.62 11.53
N TYR H 33 -45.72 17.84 10.82
CA TYR H 33 -47.15 18.14 10.77
C TYR H 33 -47.93 16.89 10.39
N LEU H 34 -48.89 16.52 11.23
CA LEU H 34 -49.78 15.39 10.97
C LEU H 34 -51.21 15.88 10.91
N GLY H 35 -51.88 15.58 9.81
CA GLY H 35 -53.28 15.97 9.61
C GLY H 35 -54.13 14.76 9.28
N TRP H 36 -55.35 14.73 9.82
CA TRP H 36 -56.28 13.65 9.59
C TRP H 36 -57.33 14.11 8.58
N PHE H 37 -57.61 13.25 7.60
CA PHE H 37 -58.57 13.57 6.55
C PHE H 37 -59.80 12.69 6.67
N ARG H 38 -60.82 13.02 5.89
CA ARG H 38 -62.10 12.31 5.91
C ARG H 38 -62.79 12.51 4.57
N GLN H 39 -63.15 11.40 3.93
CA GLN H 39 -63.79 11.42 2.62
C GLN H 39 -65.10 10.64 2.70
N ALA H 40 -66.21 11.36 2.73
CA ALA H 40 -67.54 10.76 2.72
C ALA H 40 -67.89 10.25 1.34
N PRO H 41 -68.77 9.25 1.24
CA PRO H 41 -69.32 8.87 -0.07
C PRO H 41 -70.21 9.98 -0.63
N GLY H 42 -69.81 10.49 -1.79
CA GLY H 42 -70.49 11.62 -2.39
C GLY H 42 -70.00 12.98 -1.96
N LYS H 43 -68.86 13.05 -1.28
CA LYS H 43 -68.29 14.32 -0.83
C LYS H 43 -66.78 14.32 -1.03
N GLU H 44 -66.23 15.51 -1.15
CA GLU H 44 -64.79 15.68 -1.32
C GLU H 44 -64.07 15.42 0.00
N ARG H 45 -62.84 14.92 -0.10
CA ARG H 45 -61.99 14.71 1.07
C ARG H 45 -61.57 16.05 1.65
N GLU H 46 -61.99 16.32 2.89
CA GLU H 46 -61.76 17.60 3.54
C GLU H 46 -60.84 17.43 4.74
N GLY H 47 -60.54 18.55 5.39
CA GLY H 47 -59.67 18.55 6.55
C GLY H 47 -60.49 18.58 7.83
N VAL H 48 -60.12 17.70 8.76
CA VAL H 48 -60.86 17.52 10.01
C VAL H 48 -59.96 17.82 11.20
N ALA H 49 -58.84 17.12 11.30
CA ALA H 49 -57.96 17.27 12.45
C ALA H 49 -56.57 17.68 11.97
N ALA H 50 -55.86 18.38 12.84
CA ALA H 50 -54.54 18.91 12.51
C ALA H 50 -53.70 18.94 13.78
N LEU H 51 -52.40 18.68 13.63
CA LEU H 51 -51.49 18.62 14.76
C LEU H 51 -50.08 18.91 14.31
N ILE H 52 -49.50 19.98 14.86
CA ILE H 52 -48.08 20.27 14.68
C ILE H 52 -47.30 19.40 15.65
N THR H 53 -46.30 18.68 15.14
CA THR H 53 -45.53 17.77 16.00
C THR H 53 -44.57 18.55 16.88
N VAL H 54 -43.95 19.60 16.32
CA VAL H 54 -42.99 20.42 17.06
C VAL H 54 -43.67 21.27 18.12
N ASN H 55 -44.82 21.88 17.79
CA ASN H 55 -45.48 22.83 18.67
C ASN H 55 -46.51 22.20 19.59
N GLY H 56 -47.16 21.11 19.16
CA GLY H 56 -48.26 20.55 19.89
C GLY H 56 -49.59 21.24 19.67
N HIS H 57 -49.67 22.16 18.71
CA HIS H 57 -50.89 22.90 18.48
C HIS H 57 -51.92 22.06 17.73
N THR H 58 -53.16 22.11 18.18
CA THR H 58 -54.25 21.35 17.58
C THR H 58 -55.22 22.28 16.89
N TYR H 59 -55.66 21.87 15.69
CA TYR H 59 -56.63 22.63 14.91
C TYR H 59 -57.72 21.69 14.44
N TYR H 60 -58.97 22.11 14.62
CA TYR H 60 -60.12 21.26 14.34
C TYR H 60 -61.10 21.98 13.43
N ALA H 61 -61.82 21.22 12.62
CA ALA H 61 -62.83 21.78 11.74
C ALA H 61 -64.07 22.17 12.53
N ASP H 62 -64.93 22.99 11.90
CA ASP H 62 -66.11 23.51 12.56
C ASP H 62 -67.21 22.47 12.73
N SER H 63 -67.22 21.41 11.91
CA SER H 63 -68.20 20.35 12.06
C SER H 63 -67.84 19.35 13.15
N VAL H 64 -66.59 19.35 13.60
CA VAL H 64 -66.11 18.40 14.61
C VAL H 64 -65.62 19.16 15.83
N LYS H 65 -65.97 20.45 15.90
CA LYS H 65 -65.47 21.31 16.97
C LYS H 65 -66.16 20.99 18.29
N GLY H 66 -65.35 20.78 19.33
CA GLY H 66 -65.85 20.40 20.63
C GLY H 66 -66.06 18.91 20.84
N ARG H 67 -65.86 18.10 19.80
CA ARG H 67 -66.01 16.66 19.88
C ARG H 67 -64.72 15.89 19.63
N PHE H 68 -63.83 16.39 18.78
CA PHE H 68 -62.71 15.62 18.28
C PHE H 68 -61.42 16.08 18.95
N THR H 69 -60.57 15.12 19.30
CA THR H 69 -59.28 15.38 19.93
C THR H 69 -58.19 14.63 19.19
N VAL H 70 -57.06 15.29 18.96
CA VAL H 70 -55.87 14.68 18.36
C VAL H 70 -54.74 14.75 19.39
N SER H 71 -53.96 13.67 19.49
CA SER H 71 -52.87 13.62 20.45
C SER H 71 -51.67 12.94 19.81
N LEU H 72 -50.49 13.28 20.32
CA LEU H 72 -49.23 12.76 19.81
C LEU H 72 -48.55 11.92 20.88
N ASP H 73 -48.04 10.76 20.47
CA ASP H 73 -47.28 9.88 21.36
C ASP H 73 -45.93 9.67 20.69
N ASN H 74 -44.91 10.40 21.15
CA ASN H 74 -43.57 10.32 20.58
C ASN H 74 -42.85 9.03 20.96
N ALA H 75 -43.22 8.41 22.08
CA ALA H 75 -42.55 7.18 22.50
C ALA H 75 -42.97 6.00 21.64
N LYS H 76 -44.27 5.90 21.34
CA LYS H 76 -44.78 4.83 20.49
C LYS H 76 -44.79 5.21 19.01
N ASN H 77 -44.42 6.46 18.68
CA ASN H 77 -44.28 7.00 17.32
C ASN H 77 -45.59 6.90 16.53
N THR H 78 -46.68 7.28 17.19
CA THR H 78 -48.01 7.09 16.64
C THR H 78 -48.91 8.24 17.07
N VAL H 79 -49.55 8.89 16.08
CA VAL H 79 -50.53 9.94 16.33
C VAL H 79 -51.90 9.27 16.52
N TYR H 80 -52.73 9.85 17.38
CA TYR H 80 -54.02 9.30 17.73
C TYR H 80 -55.13 10.25 17.29
N LEU H 81 -56.34 9.72 17.18
CA LEU H 81 -57.54 10.51 16.90
C LEU H 81 -58.71 9.88 17.64
N GLN H 82 -59.06 10.46 18.79
CA GLN H 82 -60.13 9.94 19.63
C GLN H 82 -61.47 10.47 19.13
N MET H 83 -62.43 9.57 18.94
CA MET H 83 -63.75 9.90 18.43
C MET H 83 -64.72 9.98 19.60
N ASN H 84 -65.18 11.19 19.91
CA ASN H 84 -66.19 11.39 20.94
C ASN H 84 -67.45 12.02 20.35
N SER H 85 -68.60 11.56 20.88
CA SER H 85 -69.96 12.02 20.52
C SER H 85 -70.25 11.87 19.02
N LEU H 86 -70.21 10.63 18.55
CA LEU H 86 -70.33 10.38 17.12
C LEU H 86 -71.78 10.47 16.65
N LYS H 87 -71.96 11.00 15.45
CA LYS H 87 -73.22 11.16 14.74
C LYS H 87 -73.11 10.44 13.40
N PRO H 88 -74.24 10.01 12.81
CA PRO H 88 -74.15 9.22 11.56
C PRO H 88 -73.74 9.97 10.30
N GLU H 89 -73.33 11.24 10.37
CA GLU H 89 -72.69 11.90 9.24
C GLU H 89 -71.19 11.61 9.15
N ASP H 90 -70.64 10.87 10.13
CA ASP H 90 -69.22 10.54 10.17
C ASP H 90 -68.87 9.22 9.47
N THR H 91 -69.83 8.61 8.79
CA THR H 91 -69.55 7.37 8.05
C THR H 91 -68.73 7.68 6.80
N ALA H 92 -67.42 7.45 6.88
CA ALA H 92 -66.50 7.90 5.84
C ALA H 92 -65.22 7.08 5.92
N LEU H 93 -64.39 7.26 4.89
CA LEU H 93 -63.03 6.74 4.89
C LEU H 93 -62.08 7.81 5.43
N TYR H 94 -61.34 7.48 6.48
CA TYR H 94 -60.43 8.41 7.13
C TYR H 94 -59.00 8.12 6.71
N TYR H 95 -58.22 9.18 6.51
CA TYR H 95 -56.84 9.08 6.07
C TYR H 95 -55.95 9.93 6.97
N CYS H 96 -54.78 9.39 7.31
CA CYS H 96 -53.77 10.13 8.05
C CYS H 96 -52.66 10.55 7.09
N ALA H 97 -52.20 11.79 7.24
CA ALA H 97 -51.21 12.36 6.34
C ALA H 97 -50.11 13.02 7.15
N ALA H 98 -48.89 12.96 6.61
CA ALA H 98 -47.71 13.51 7.26
C ALA H 98 -47.07 14.54 6.35
N ALA H 99 -46.52 15.60 6.95
CA ALA H 99 -45.85 16.66 6.21
C ALA H 99 -44.46 16.90 6.77
N ALA H 100 -43.50 17.09 5.86
CA ALA H 100 -42.12 17.41 6.21
C ALA H 100 -41.71 18.79 5.74
N TRP H 101 -42.67 19.69 5.55
CA TRP H 101 -42.44 21.05 5.05
C TRP H 101 -43.04 22.12 5.94
N GLY H 102 -43.87 21.75 6.91
CA GLY H 102 -44.54 22.74 7.73
C GLY H 102 -46.04 22.54 7.83
N TYR H 103 -46.76 23.54 8.33
CA TYR H 103 -48.16 23.35 8.67
C TYR H 103 -49.02 24.31 7.86
N ALA H 104 -50.21 23.83 7.50
CA ALA H 104 -51.14 24.61 6.70
C ALA H 104 -52.57 24.31 7.14
N TRP H 105 -53.19 25.29 7.78
CA TRP H 105 -54.60 25.24 8.13
C TRP H 105 -55.37 26.22 7.25
N PRO H 106 -56.37 25.75 6.48
CA PRO H 106 -56.98 24.42 6.39
C PRO H 106 -56.18 23.40 5.58
N LEU H 107 -56.49 22.12 5.80
CA LEU H 107 -55.87 21.03 5.05
C LEU H 107 -56.30 21.06 3.60
N HIS H 108 -55.37 20.75 2.71
CA HIS H 108 -55.65 20.74 1.27
C HIS H 108 -55.12 19.45 0.68
N GLN H 109 -55.87 18.89 -0.27
CA GLN H 109 -55.54 17.61 -0.88
C GLN H 109 -54.38 17.76 -1.88
N ASP H 110 -54.28 18.93 -2.50
CA ASP H 110 -53.30 19.16 -3.55
C ASP H 110 -51.89 19.44 -3.04
N ASP H 111 -51.70 19.55 -1.73
CA ASP H 111 -50.36 19.69 -1.18
C ASP H 111 -49.66 18.34 -1.16
N TYR H 112 -48.36 18.36 -0.85
CA TYR H 112 -47.57 17.15 -0.82
C TYR H 112 -47.66 16.51 0.56
N TRP H 113 -48.32 15.35 0.63
CA TRP H 113 -48.48 14.62 1.88
C TRP H 113 -47.99 13.19 1.69
N TYR H 114 -47.60 12.57 2.80
CA TYR H 114 -47.40 11.12 2.82
C TYR H 114 -48.72 10.44 3.15
N TRP H 115 -49.29 9.75 2.16
CA TRP H 115 -50.63 9.19 2.28
C TRP H 115 -50.57 7.75 2.75
N GLY H 116 -51.55 7.38 3.57
CA GLY H 116 -51.67 6.01 4.04
C GLY H 116 -52.61 5.19 3.17
N GLN H 117 -53.11 4.09 3.76
CA GLN H 117 -54.00 3.20 3.03
C GLN H 117 -55.47 3.48 3.35
N GLY H 118 -55.75 4.18 4.45
CA GLY H 118 -57.12 4.52 4.79
C GLY H 118 -57.82 3.49 5.65
N THR H 119 -58.67 3.94 6.57
CA THR H 119 -59.45 3.07 7.44
C THR H 119 -60.93 3.41 7.28
N GLN H 120 -61.76 2.38 7.23
CA GLN H 120 -63.20 2.56 7.16
C GLN H 120 -63.78 2.73 8.56
N VAL H 121 -64.48 3.86 8.76
CA VAL H 121 -65.22 4.11 9.99
C VAL H 121 -66.69 4.22 9.62
N THR H 122 -67.50 3.31 10.14
CA THR H 122 -68.92 3.24 9.82
C THR H 122 -69.72 3.42 11.10
N VAL H 123 -70.56 4.46 11.14
CA VAL H 123 -71.43 4.72 12.27
C VAL H 123 -72.88 4.78 11.77
N SER H 124 -73.81 4.38 12.64
CA SER H 124 -75.22 4.34 12.28
C SER H 124 -76.11 4.51 13.52
#